data_3IWP
#
_entry.id   3IWP
#
_cell.length_a   78.160
_cell.length_b   78.406
_cell.length_c   170.349
_cell.angle_alpha   76.84
_cell.angle_beta   87.88
_cell.angle_gamma   71.86
#
_symmetry.space_group_name_H-M   'P 1'
#
loop_
_entity.id
_entity.type
_entity.pdbx_description
1 polymer 'Copper homeostasis protein cutC homolog'
2 water water
#
_entity_poly.entity_id   1
_entity_poly.type   'polypeptide(L)'
_entity_poly.pdbx_seq_one_letter_code
;MRGSHHHHHHGSACMKRQGASSERKRARIPSGKAGAANGFLMEVCVDSVESAVNAERGGADRIELCSGLSEGGTTPSMGV
LQVVKQSVQIPVFVMIRPRGGDFLYSDREIEVMKADIRLAKLYGADGLVFGALTEDGHIDKELCMSLMAICRPLPVTFHR
AFDMVHDPMAALETLLTLGFERVLTSGCDSSALEGLPLIKRLIEQAKGRIVVMPGGGITDRNLQRILEGSGATEFHCSAR
STRDSGMKFRNSSVAMGASLSCSEYSLKVTDVTKVRTLNAIAKNILV
;
_entity_poly.pdbx_strand_id   A,B,C,D,E,F,G,H,I,J,K,L
#
# COMPACT_ATOMS: atom_id res chain seq x y z
N ASN A 38 -3.03 -38.83 58.88
CA ASN A 38 -4.09 -39.35 59.79
C ASN A 38 -5.11 -40.22 59.06
N GLY A 39 -5.18 -40.06 57.74
CA GLY A 39 -6.16 -40.72 56.89
C GLY A 39 -6.90 -39.66 56.11
N PHE A 40 -6.15 -38.98 55.24
CA PHE A 40 -6.54 -37.72 54.64
C PHE A 40 -7.25 -36.78 55.63
N LEU A 41 -6.43 -36.00 56.33
CA LEU A 41 -6.91 -34.98 57.20
C LEU A 41 -6.94 -33.67 56.42
N MET A 42 -8.07 -32.97 56.40
CA MET A 42 -8.18 -31.70 55.67
C MET A 42 -8.23 -30.44 56.54
N GLU A 43 -7.29 -29.50 56.31
CA GLU A 43 -7.34 -28.18 56.93
C GLU A 43 -7.62 -27.00 55.99
N VAL A 44 -8.54 -26.14 56.43
CA VAL A 44 -8.98 -24.97 55.70
C VAL A 44 -8.59 -23.79 56.53
N CYS A 45 -7.99 -22.78 55.92
CA CYS A 45 -7.78 -21.56 56.65
C CYS A 45 -8.94 -20.58 56.37
N VAL A 46 -9.35 -19.84 57.40
CA VAL A 46 -10.61 -19.10 57.39
C VAL A 46 -10.48 -17.67 58.00
N ASP A 47 -11.36 -16.75 57.53
CA ASP A 47 -11.42 -15.29 57.78
C ASP A 47 -12.38 -14.99 58.95
N SER A 48 -13.43 -15.79 59.05
CA SER A 48 -14.59 -15.39 59.79
C SER A 48 -15.21 -16.59 60.43
N VAL A 49 -16.33 -16.34 61.12
CA VAL A 49 -17.05 -17.42 61.80
C VAL A 49 -17.86 -18.22 60.81
N GLU A 50 -18.57 -17.53 59.92
CA GLU A 50 -19.40 -18.16 58.91
C GLU A 50 -18.56 -19.15 58.12
N SER A 51 -17.38 -18.71 57.68
CA SER A 51 -16.43 -19.57 57.00
C SER A 51 -15.93 -20.70 57.88
N ALA A 52 -15.70 -20.43 59.16
CA ALA A 52 -15.29 -21.49 60.09
C ALA A 52 -16.38 -22.52 60.25
N VAL A 53 -17.62 -22.04 60.27
CA VAL A 53 -18.76 -22.91 60.49
C VAL A 53 -18.96 -23.70 59.22
N ASN A 54 -19.00 -23.03 58.08
CA ASN A 54 -19.00 -23.71 56.79
C ASN A 54 -17.93 -24.80 56.64
N ALA A 55 -16.68 -24.50 57.00
CA ALA A 55 -15.64 -25.52 56.88
C ALA A 55 -15.93 -26.76 57.72
N GLU A 56 -16.38 -26.55 58.97
CA GLU A 56 -16.74 -27.67 59.86
C GLU A 56 -17.83 -28.50 59.21
N ARG A 57 -18.91 -27.82 58.81
CA ARG A 57 -20.07 -28.47 58.18
C ARG A 57 -19.73 -29.21 56.87
N GLY A 58 -18.69 -28.79 56.17
CA GLY A 58 -18.34 -29.41 54.91
C GLY A 58 -17.48 -30.65 55.09
N GLY A 59 -16.99 -30.85 56.30
CA GLY A 59 -16.15 -32.00 56.63
C GLY A 59 -14.70 -31.68 56.90
N ALA A 60 -14.36 -30.41 57.07
CA ALA A 60 -13.00 -30.03 57.41
C ALA A 60 -12.67 -30.60 58.77
N ASP A 61 -11.45 -31.09 58.91
CA ASP A 61 -10.97 -31.67 60.15
C ASP A 61 -10.33 -30.68 61.11
N ARG A 62 -9.92 -29.54 60.61
CA ARG A 62 -9.10 -28.62 61.37
C ARG A 62 -9.23 -27.32 60.65
N ILE A 63 -9.13 -26.19 61.36
CA ILE A 63 -9.11 -24.92 60.67
C ILE A 63 -7.94 -24.09 61.16
N GLU A 64 -7.35 -23.33 60.24
CA GLU A 64 -6.33 -22.37 60.59
C GLU A 64 -7.05 -21.05 60.51
N LEU A 65 -6.94 -20.25 61.57
CA LEU A 65 -7.60 -18.99 61.60
C LEU A 65 -6.67 -17.97 61.03
N CYS A 66 -7.16 -17.23 60.04
CA CYS A 66 -6.34 -16.22 59.39
C CYS A 66 -7.01 -14.85 59.40
N SER A 67 -6.19 -13.83 59.53
CA SER A 67 -6.54 -12.52 59.01
C SER A 67 -5.85 -12.39 57.63
N GLY A 68 -6.22 -11.37 56.87
CA GLY A 68 -5.46 -10.99 55.67
C GLY A 68 -5.08 -12.10 54.71
N LEU A 69 -6.09 -12.84 54.24
CA LEU A 69 -5.89 -13.95 53.33
C LEU A 69 -5.35 -13.52 51.97
N SER A 70 -5.73 -12.31 51.55
CA SER A 70 -5.22 -11.73 50.30
C SER A 70 -3.74 -11.42 50.42
N GLU A 71 -3.16 -11.57 51.61
CA GLU A 71 -1.71 -11.43 51.74
C GLU A 71 -1.03 -12.72 52.19
N GLY A 72 -1.75 -13.85 52.10
CA GLY A 72 -1.21 -15.14 52.51
C GLY A 72 -1.35 -15.45 54.01
N GLY A 73 -2.19 -14.69 54.71
CA GLY A 73 -2.43 -15.02 56.12
C GLY A 73 -1.74 -14.08 57.08
N THR A 74 -2.54 -13.37 57.85
CA THR A 74 -2.03 -12.47 58.91
C THR A 74 -2.66 -12.95 60.21
N THR A 75 -2.09 -12.54 61.34
CA THR A 75 -2.61 -12.92 62.64
C THR A 75 -3.96 -12.29 62.85
N PRO A 76 -4.95 -13.10 63.20
CA PRO A 76 -6.33 -12.66 63.27
C PRO A 76 -6.64 -11.91 64.56
N SER A 77 -7.75 -11.17 64.59
CA SER A 77 -8.09 -10.46 65.80
C SER A 77 -8.36 -11.53 66.82
N MET A 78 -8.27 -11.17 68.08
CA MET A 78 -8.53 -12.17 69.11
C MET A 78 -10.04 -12.40 69.31
N GLY A 79 -10.83 -11.44 68.84
CA GLY A 79 -12.28 -11.57 68.88
C GLY A 79 -12.84 -12.59 67.90
N VAL A 80 -12.15 -12.83 66.76
CA VAL A 80 -12.63 -13.89 65.85
C VAL A 80 -12.42 -15.20 66.53
N LEU A 81 -11.25 -15.38 67.14
CA LEU A 81 -10.92 -16.64 67.78
C LEU A 81 -11.99 -17.00 68.81
N GLN A 82 -12.36 -16.05 69.68
CA GLN A 82 -13.35 -16.28 70.72
C GLN A 82 -14.66 -16.77 70.15
N VAL A 83 -15.20 -16.04 69.18
CA VAL A 83 -16.48 -16.45 68.61
C VAL A 83 -16.35 -17.76 67.81
N VAL A 84 -15.26 -17.88 67.04
CA VAL A 84 -15.04 -19.09 66.26
C VAL A 84 -15.02 -20.25 67.24
N LYS A 85 -14.35 -20.02 68.36
CA LYS A 85 -14.22 -21.05 69.38
C LYS A 85 -15.55 -21.42 70.05
N GLN A 86 -16.54 -20.54 70.01
CA GLN A 86 -17.85 -20.89 70.55
C GLN A 86 -18.78 -21.42 69.48
N SER A 87 -18.32 -21.51 68.23
CA SER A 87 -19.18 -21.99 67.12
C SER A 87 -18.73 -23.30 66.49
N VAL A 88 -17.58 -23.82 66.89
CA VAL A 88 -17.01 -24.94 66.17
C VAL A 88 -16.34 -25.93 67.12
N GLN A 89 -16.42 -27.21 66.82
CA GLN A 89 -15.80 -28.22 67.68
C GLN A 89 -14.43 -28.73 67.20
N ILE A 90 -14.08 -28.45 65.95
CA ILE A 90 -12.84 -29.01 65.40
C ILE A 90 -11.66 -28.17 65.88
N PRO A 91 -10.45 -28.76 65.92
CA PRO A 91 -9.34 -27.91 66.38
C PRO A 91 -9.23 -26.62 65.55
N VAL A 92 -8.82 -25.53 66.19
CA VAL A 92 -8.66 -24.25 65.58
C VAL A 92 -7.21 -23.78 65.78
N PHE A 93 -6.44 -23.76 64.68
CA PHE A 93 -5.05 -23.29 64.73
C PHE A 93 -5.01 -21.81 64.36
N VAL A 94 -3.94 -21.13 64.76
CA VAL A 94 -3.95 -19.69 64.70
C VAL A 94 -2.69 -19.18 64.07
N MET A 95 -2.82 -18.34 63.05
CA MET A 95 -1.68 -17.74 62.39
C MET A 95 -0.99 -16.71 63.26
N ILE A 96 0.32 -16.83 63.34
CA ILE A 96 1.13 -15.83 64.04
C ILE A 96 2.04 -15.33 62.94
N ARG A 97 1.64 -14.23 62.34
CA ARG A 97 2.37 -13.54 61.30
C ARG A 97 2.01 -12.03 61.38
N PRO A 98 2.97 -11.17 61.72
CA PRO A 98 2.63 -9.77 62.02
C PRO A 98 2.36 -8.86 60.79
N ARG A 99 2.68 -9.35 59.59
CA ARG A 99 2.49 -8.61 58.33
C ARG A 99 2.76 -9.54 57.12
N GLY A 100 2.36 -9.07 55.93
CA GLY A 100 2.74 -9.72 54.70
C GLY A 100 4.23 -9.52 54.43
N GLY A 101 4.68 -10.00 53.27
CA GLY A 101 6.07 -9.85 52.88
C GLY A 101 6.92 -10.97 53.44
N ASP A 102 8.21 -10.73 53.61
CA ASP A 102 9.14 -11.76 54.07
C ASP A 102 8.90 -12.22 55.52
N PHE A 103 9.75 -13.17 55.94
CA PHE A 103 9.70 -13.76 57.27
C PHE A 103 11.05 -13.49 57.92
N LEU A 104 11.55 -12.28 57.67
CA LEU A 104 12.75 -11.69 58.25
C LEU A 104 12.32 -10.64 59.27
N TYR A 105 12.01 -11.11 60.47
CA TYR A 105 11.40 -10.32 61.49
C TYR A 105 12.37 -9.54 62.34
N SER A 106 12.07 -8.28 62.57
CA SER A 106 12.86 -7.45 63.47
C SER A 106 12.47 -7.77 64.92
N ASP A 107 13.14 -7.13 65.88
CA ASP A 107 12.89 -7.36 67.30
C ASP A 107 11.51 -6.97 67.75
N ARG A 108 11.05 -5.80 67.34
CA ARG A 108 9.68 -5.39 67.66
C ARG A 108 8.60 -6.26 67.01
N GLU A 109 8.89 -6.76 65.81
CA GLU A 109 7.96 -7.67 65.16
C GLU A 109 7.89 -8.97 65.94
N ILE A 110 9.03 -9.52 66.33
CA ILE A 110 8.96 -10.73 67.14
C ILE A 110 8.33 -10.48 68.53
N GLU A 111 8.59 -9.32 69.13
CA GLU A 111 7.93 -9.11 70.41
C GLU A 111 6.42 -9.01 70.28
N VAL A 112 5.95 -8.66 69.09
CA VAL A 112 4.50 -8.73 68.78
C VAL A 112 4.06 -10.18 68.56
N MET A 113 4.91 -10.98 67.91
CA MET A 113 4.58 -12.40 67.70
C MET A 113 4.48 -13.17 69.02
N LYS A 114 5.42 -12.89 69.93
CA LYS A 114 5.40 -13.49 71.26
C LYS A 114 4.12 -13.12 72.02
N ALA A 115 3.72 -11.85 71.96
CA ALA A 115 2.51 -11.44 72.65
C ALA A 115 1.31 -12.09 72.02
N ASP A 116 1.24 -12.16 70.68
CA ASP A 116 0.10 -12.83 70.04
C ASP A 116 0.02 -14.34 70.31
N ILE A 117 1.17 -15.01 70.42
CA ILE A 117 1.19 -16.42 70.79
C ILE A 117 0.58 -16.57 72.19
N ARG A 118 1.12 -15.81 73.14
CA ARG A 118 0.56 -15.81 74.49
C ARG A 118 -0.94 -15.50 74.47
N LEU A 119 -1.34 -14.47 73.74
CA LEU A 119 -2.77 -14.10 73.71
C LEU A 119 -3.64 -15.17 73.07
N ALA A 120 -3.12 -15.79 72.01
CA ALA A 120 -3.87 -16.84 71.30
C ALA A 120 -4.08 -18.11 72.13
N LYS A 121 -3.08 -18.48 72.92
CA LYS A 121 -3.22 -19.61 73.85
C LYS A 121 -4.35 -19.31 74.83
N LEU A 122 -4.26 -18.12 75.42
CA LEU A 122 -5.22 -17.66 76.38
C LEU A 122 -6.66 -17.77 75.85
N TYR A 123 -6.86 -17.56 74.55
CA TYR A 123 -8.24 -17.57 74.02
C TYR A 123 -8.70 -18.85 73.28
N GLY A 124 -7.95 -19.94 73.42
CA GLY A 124 -8.41 -21.23 72.95
C GLY A 124 -7.72 -21.81 71.72
N ALA A 125 -6.64 -21.21 71.24
CA ALA A 125 -5.95 -21.83 70.12
C ALA A 125 -5.59 -23.27 70.46
N ASP A 126 -5.86 -24.16 69.51
CA ASP A 126 -5.50 -25.58 69.64
C ASP A 126 -4.18 -25.87 68.97
N GLY A 127 -3.58 -24.83 68.38
CA GLY A 127 -2.31 -24.97 67.71
C GLY A 127 -1.74 -23.64 67.26
N LEU A 128 -0.51 -23.66 66.77
CA LEU A 128 0.15 -22.44 66.31
C LEU A 128 0.90 -22.69 65.01
N VAL A 129 1.13 -21.62 64.24
CA VAL A 129 1.83 -21.71 62.98
C VAL A 129 2.41 -20.36 62.57
N PHE A 130 3.74 -20.27 62.53
CA PHE A 130 4.42 -19.04 62.15
C PHE A 130 5.48 -19.29 61.09
N GLY A 131 6.73 -19.41 61.53
CA GLY A 131 7.84 -19.66 60.62
C GLY A 131 8.65 -18.41 60.35
N ALA A 132 9.97 -18.53 60.48
CA ALA A 132 10.86 -17.40 60.26
C ALA A 132 12.07 -17.81 59.41
N LEU A 133 12.74 -16.82 58.83
CA LEU A 133 13.92 -17.07 58.00
C LEU A 133 15.05 -16.12 58.27
N THR A 134 16.26 -16.53 57.90
CA THR A 134 17.46 -15.69 57.86
C THR A 134 17.54 -15.01 56.50
N GLU A 135 18.41 -14.00 56.37
CA GLU A 135 18.62 -13.32 55.08
C GLU A 135 19.06 -14.31 53.98
N ASP A 136 19.83 -15.31 54.38
CA ASP A 136 20.37 -16.35 53.49
C ASP A 136 19.38 -17.40 52.98
N GLY A 137 18.15 -17.39 53.47
CA GLY A 137 17.16 -18.38 53.08
C GLY A 137 17.23 -19.64 53.92
N HIS A 138 17.80 -19.53 55.12
CA HIS A 138 17.72 -20.63 56.05
C HIS A 138 16.61 -20.38 57.03
N ILE A 139 16.04 -21.44 57.59
CA ILE A 139 15.15 -21.23 58.71
C ILE A 139 16.01 -20.69 59.86
N ASP A 140 15.47 -19.72 60.60
CA ASP A 140 16.17 -19.08 61.74
C ASP A 140 16.00 -19.91 63.01
N LYS A 141 16.93 -20.84 63.25
CA LYS A 141 16.90 -21.75 64.41
C LYS A 141 16.68 -21.06 65.77
N GLU A 142 17.49 -20.06 66.09
CA GLU A 142 17.36 -19.43 67.38
C GLU A 142 15.95 -18.88 67.59
N LEU A 143 15.48 -18.10 66.63
CA LEU A 143 14.16 -17.46 66.72
C LEU A 143 13.04 -18.47 66.83
N CYS A 144 13.16 -19.56 66.08
CA CYS A 144 12.19 -20.64 66.13
C CYS A 144 12.15 -21.30 67.49
N MET A 145 13.30 -21.38 68.16
CA MET A 145 13.35 -21.95 69.49
C MET A 145 12.58 -21.06 70.50
N SER A 146 12.85 -19.75 70.47
CA SER A 146 12.12 -18.78 71.29
C SER A 146 10.63 -18.90 71.10
N LEU A 147 10.18 -18.83 69.84
CA LEU A 147 8.74 -18.86 69.57
C LEU A 147 8.13 -20.19 69.97
N MET A 148 8.88 -21.26 69.72
CA MET A 148 8.49 -22.61 70.14
C MET A 148 8.33 -22.72 71.65
N ALA A 149 9.30 -22.22 72.39
CA ALA A 149 9.25 -22.26 73.84
C ALA A 149 7.91 -21.72 74.35
N ILE A 150 7.47 -20.62 73.76
CA ILE A 150 6.25 -19.95 74.16
C ILE A 150 4.98 -20.66 73.71
N CYS A 151 4.99 -21.30 72.54
CA CYS A 151 3.80 -22.04 72.03
C CYS A 151 3.46 -23.32 72.81
N ARG A 152 4.50 -23.95 73.36
CA ARG A 152 4.35 -25.20 74.08
C ARG A 152 3.30 -25.03 75.19
N PRO A 153 2.47 -26.05 75.41
CA PRO A 153 2.60 -27.40 74.86
C PRO A 153 1.91 -27.61 73.50
N LEU A 154 1.36 -26.56 72.91
CA LEU A 154 0.51 -26.71 71.71
C LEU A 154 1.26 -27.16 70.46
N PRO A 155 0.61 -27.90 69.57
CA PRO A 155 1.29 -28.18 68.28
C PRO A 155 1.52 -26.91 67.45
N VAL A 156 2.65 -26.88 66.74
CA VAL A 156 2.97 -25.79 65.83
C VAL A 156 3.17 -26.33 64.42
N THR A 157 2.71 -25.58 63.41
CA THR A 157 3.09 -25.90 62.06
C THR A 157 4.04 -24.81 61.51
N PHE A 158 5.09 -25.22 60.80
CA PHE A 158 5.90 -24.26 60.07
C PHE A 158 5.19 -23.93 58.73
N HIS A 159 4.90 -22.66 58.45
CA HIS A 159 4.05 -22.37 57.27
C HIS A 159 4.87 -22.17 55.99
N ARG A 160 4.27 -21.54 54.99
CA ARG A 160 4.89 -21.47 53.67
C ARG A 160 6.13 -20.53 53.57
N ALA A 161 6.64 -20.03 54.70
CA ALA A 161 8.01 -19.50 54.75
C ALA A 161 8.97 -20.58 54.24
N PHE A 162 8.65 -21.83 54.54
CA PHE A 162 9.38 -22.97 54.02
C PHE A 162 9.60 -22.97 52.48
N ASP A 163 8.64 -22.45 51.71
CA ASP A 163 8.80 -22.40 50.27
C ASP A 163 9.81 -21.34 49.81
N MET A 164 10.25 -20.48 50.74
CA MET A 164 11.10 -19.37 50.37
C MET A 164 12.52 -19.66 50.81
N VAL A 165 12.80 -20.94 51.04
CA VAL A 165 14.03 -21.37 51.65
C VAL A 165 15.02 -21.75 50.53
N HIS A 166 16.32 -21.58 50.81
CA HIS A 166 17.38 -21.89 49.87
C HIS A 166 17.47 -23.38 49.58
N ASP A 167 17.55 -24.21 50.62
CA ASP A 167 17.67 -25.64 50.46
C ASP A 167 16.66 -26.38 51.36
N PRO A 168 15.53 -26.78 50.75
CA PRO A 168 14.37 -27.37 51.40
C PRO A 168 14.64 -28.70 52.11
N MET A 169 15.54 -29.52 51.57
CA MET A 169 15.93 -30.78 52.24
C MET A 169 16.59 -30.51 53.58
N ALA A 170 17.52 -29.57 53.58
CA ALA A 170 18.25 -29.19 54.78
C ALA A 170 17.30 -28.49 55.73
N ALA A 171 16.42 -27.66 55.19
CA ALA A 171 15.42 -26.99 55.99
C ALA A 171 14.52 -28.02 56.66
N LEU A 172 14.16 -29.07 55.93
CA LEU A 172 13.31 -30.09 56.51
C LEU A 172 14.01 -30.75 57.70
N GLU A 173 15.32 -30.91 57.62
CA GLU A 173 16.06 -31.53 58.68
C GLU A 173 15.98 -30.66 59.92
N THR A 174 16.30 -29.37 59.78
CA THR A 174 16.32 -28.50 60.95
C THR A 174 14.95 -28.30 61.60
N LEU A 175 13.88 -28.30 60.82
CA LEU A 175 12.53 -28.28 61.39
C LEU A 175 12.24 -29.55 62.20
N LEU A 176 12.79 -30.65 61.71
CA LEU A 176 12.69 -31.96 62.34
C LEU A 176 13.46 -31.93 63.65
N THR A 177 14.66 -31.35 63.61
CA THR A 177 15.48 -31.19 64.79
C THR A 177 14.80 -30.29 65.84
N LEU A 178 13.99 -29.32 65.40
CA LEU A 178 13.35 -28.37 66.32
C LEU A 178 12.02 -28.85 66.87
N GLY A 179 11.43 -29.85 66.23
CA GLY A 179 10.22 -30.44 66.77
C GLY A 179 8.89 -29.90 66.28
N PHE A 180 8.89 -29.26 65.10
CA PHE A 180 7.62 -28.89 64.45
C PHE A 180 6.91 -30.18 64.04
N GLU A 181 5.61 -30.24 64.27
CA GLU A 181 4.88 -31.43 63.92
C GLU A 181 4.39 -31.39 62.48
N ARG A 182 4.29 -30.18 61.92
CA ARG A 182 3.71 -29.99 60.59
C ARG A 182 4.48 -28.89 59.86
N VAL A 183 4.63 -29.05 58.52
CA VAL A 183 5.09 -27.99 57.61
C VAL A 183 4.03 -27.82 56.53
N LEU A 184 3.70 -26.57 56.21
CA LEU A 184 2.82 -26.27 55.08
C LEU A 184 3.71 -25.94 53.87
N THR A 185 3.51 -26.64 52.75
CA THR A 185 4.39 -26.45 51.61
C THR A 185 3.85 -26.67 50.20
N SER A 186 4.42 -25.90 49.28
CA SER A 186 4.14 -25.92 47.84
C SER A 186 5.29 -26.52 47.06
N GLY A 187 6.18 -27.23 47.74
CA GLY A 187 7.41 -27.69 47.08
C GLY A 187 8.14 -26.52 46.44
N CYS A 188 8.14 -25.39 47.14
CA CYS A 188 8.93 -24.22 46.79
C CYS A 188 8.59 -23.66 45.41
N ASP A 189 7.34 -23.79 45.00
CA ASP A 189 6.96 -23.34 43.67
C ASP A 189 5.66 -22.58 43.84
N SER A 190 5.01 -22.23 42.74
CA SER A 190 3.89 -21.31 42.77
C SER A 190 2.61 -22.01 43.20
N SER A 191 2.65 -23.34 43.29
CA SER A 191 1.47 -24.10 43.70
C SER A 191 1.84 -25.53 44.03
N ALA A 192 0.96 -26.19 44.79
CA ALA A 192 1.28 -27.55 45.21
C ALA A 192 1.51 -28.49 44.03
N LEU A 193 0.72 -28.35 42.96
CA LEU A 193 0.86 -29.22 41.79
C LEU A 193 2.24 -29.01 41.17
N GLU A 194 2.60 -27.73 41.01
CA GLU A 194 3.87 -27.36 40.39
C GLU A 194 5.01 -27.95 41.18
N GLY A 195 4.87 -27.95 42.50
CA GLY A 195 5.93 -28.40 43.39
C GLY A 195 5.71 -29.83 43.83
N LEU A 196 4.75 -30.53 43.24
CA LEU A 196 4.51 -31.93 43.59
C LEU A 196 5.78 -32.76 43.64
N PRO A 197 6.63 -32.69 42.62
CA PRO A 197 7.75 -33.65 42.78
C PRO A 197 8.58 -33.43 44.04
N LEU A 198 8.74 -32.19 44.45
CA LEU A 198 9.57 -31.89 45.61
C LEU A 198 8.82 -32.23 46.90
N ILE A 199 7.53 -31.94 46.97
CA ILE A 199 6.79 -32.43 48.11
C ILE A 199 6.87 -33.97 48.24
N LYS A 200 6.91 -34.70 47.12
CA LYS A 200 7.06 -36.17 47.18
C LYS A 200 8.37 -36.56 47.87
N ARG A 201 9.47 -35.98 47.41
CA ARG A 201 10.78 -36.27 48.01
C ARG A 201 10.86 -35.88 49.49
N LEU A 202 10.19 -34.80 49.88
CA LEU A 202 10.15 -34.33 51.29
C LEU A 202 9.43 -35.33 52.18
N ILE A 203 8.24 -35.78 51.77
CA ILE A 203 7.53 -36.84 52.48
C ILE A 203 8.37 -38.12 52.54
N GLU A 204 9.13 -38.39 51.47
CA GLU A 204 9.99 -39.58 51.44
C GLU A 204 11.06 -39.44 52.50
N GLN A 205 11.73 -38.29 52.59
CA GLN A 205 12.74 -38.09 53.62
C GLN A 205 12.22 -37.85 55.05
N ALA A 206 11.04 -37.30 55.19
CA ALA A 206 10.50 -37.04 56.51
C ALA A 206 10.25 -38.35 57.25
N LYS A 207 9.82 -39.38 56.52
CA LYS A 207 9.63 -40.72 57.06
C LYS A 207 8.65 -40.73 58.21
N GLY A 208 7.62 -39.89 58.12
CA GLY A 208 6.60 -39.82 59.14
C GLY A 208 7.00 -39.04 60.39
N ARG A 209 8.27 -38.67 60.53
CA ARG A 209 8.72 -37.90 61.69
C ARG A 209 8.09 -36.47 61.80
N ILE A 210 7.83 -35.83 60.68
CA ILE A 210 7.12 -34.54 60.62
C ILE A 210 6.03 -34.64 59.57
N VAL A 211 4.92 -33.97 59.77
CA VAL A 211 3.83 -33.99 58.78
C VAL A 211 4.09 -32.97 57.68
N VAL A 212 4.36 -33.46 56.47
CA VAL A 212 4.51 -32.59 55.28
C VAL A 212 3.16 -32.35 54.63
N MET A 213 2.62 -31.17 54.81
CA MET A 213 1.26 -30.85 54.35
C MET A 213 1.32 -29.94 53.08
N PRO A 214 0.92 -30.46 51.92
CA PRO A 214 0.89 -29.61 50.71
C PRO A 214 -0.23 -28.58 50.82
N GLY A 215 -0.04 -27.40 50.22
CA GLY A 215 -1.01 -26.31 50.28
C GLY A 215 -1.38 -25.42 49.08
N GLY A 216 -0.40 -24.89 48.36
CA GLY A 216 -0.81 -23.88 47.33
C GLY A 216 -1.87 -24.29 46.28
N GLY A 217 -2.93 -23.49 46.11
CA GLY A 217 -3.95 -23.69 45.10
C GLY A 217 -4.60 -25.07 44.94
N ILE A 218 -4.75 -25.81 46.03
CA ILE A 218 -5.36 -27.13 45.93
C ILE A 218 -6.80 -26.93 45.71
N THR A 219 -7.41 -27.74 44.86
CA THR A 219 -8.83 -27.63 44.56
C THR A 219 -9.47 -29.00 44.40
N ASP A 220 -10.72 -29.02 43.94
CA ASP A 220 -11.44 -30.27 43.75
C ASP A 220 -11.13 -30.88 42.39
N ARG A 221 -10.32 -30.18 41.59
CA ARG A 221 -9.94 -30.66 40.27
C ARG A 221 -8.45 -30.96 40.21
N ASN A 222 -7.80 -31.00 41.36
CA ASN A 222 -6.37 -31.27 41.43
C ASN A 222 -5.98 -31.93 42.74
N LEU A 223 -6.97 -32.25 43.57
CA LEU A 223 -6.72 -32.90 44.90
C LEU A 223 -6.19 -34.32 44.70
N GLN A 224 -6.87 -35.10 43.85
CA GLN A 224 -6.49 -36.48 43.66
C GLN A 224 -5.02 -36.62 43.17
N ARG A 225 -4.63 -35.83 42.16
CA ARG A 225 -3.27 -35.91 41.66
C ARG A 225 -2.28 -35.65 42.77
N ILE A 226 -2.60 -34.64 43.57
CA ILE A 226 -1.70 -34.20 44.63
C ILE A 226 -1.55 -35.26 45.70
N LEU A 227 -2.65 -35.82 46.17
CA LEU A 227 -2.55 -36.92 47.14
C LEU A 227 -1.84 -38.13 46.52
N GLU A 228 -2.37 -38.61 45.40
CA GLU A 228 -1.75 -39.74 44.70
C GLU A 228 -0.27 -39.60 44.34
N GLY A 229 0.20 -38.40 44.03
CA GLY A 229 1.57 -38.23 43.59
C GLY A 229 2.52 -37.75 44.66
N SER A 230 2.05 -37.64 45.90
CA SER A 230 2.90 -37.23 47.01
C SER A 230 2.89 -38.20 48.19
N GLY A 231 1.77 -38.92 48.40
CA GLY A 231 1.67 -39.85 49.51
C GLY A 231 1.29 -39.15 50.82
N ALA A 232 0.93 -37.86 50.69
CA ALA A 232 0.62 -37.02 51.79
C ALA A 232 -0.67 -37.47 52.43
N THR A 233 -0.76 -37.26 53.74
CA THR A 233 -1.91 -37.69 54.49
C THR A 233 -2.71 -36.49 54.98
N GLU A 234 -2.07 -35.33 55.10
CA GLU A 234 -2.76 -34.10 55.46
C GLU A 234 -2.57 -33.04 54.40
N PHE A 235 -3.61 -32.27 54.11
CA PHE A 235 -3.49 -31.26 53.09
C PHE A 235 -4.26 -29.99 53.43
N HIS A 236 -3.80 -28.88 52.88
CA HIS A 236 -4.34 -27.58 53.18
C HIS A 236 -4.93 -26.95 51.91
N CYS A 237 -6.15 -26.46 52.04
CA CYS A 237 -6.82 -25.82 50.94
C CYS A 237 -7.57 -24.58 51.38
N SER A 238 -8.25 -23.96 50.42
CA SER A 238 -8.92 -22.69 50.71
C SER A 238 -10.43 -22.85 50.58
N ALA A 239 -10.89 -23.42 49.47
CA ALA A 239 -12.30 -23.74 49.26
C ALA A 239 -13.28 -22.56 49.34
N ARG A 240 -12.87 -21.44 48.80
CA ARG A 240 -13.68 -20.25 48.87
C ARG A 240 -14.41 -20.00 47.55
N SER A 241 -15.54 -19.32 47.67
CA SER A 241 -16.17 -18.76 46.52
C SER A 241 -16.54 -17.35 46.86
N THR A 242 -16.82 -16.57 45.82
CA THR A 242 -16.96 -15.14 45.94
C THR A 242 -18.43 -14.76 45.74
N ARG A 243 -18.95 -13.96 46.66
CA ARG A 243 -20.34 -13.53 46.59
C ARG A 243 -20.47 -12.04 46.36
N ASP A 244 -21.57 -11.64 45.73
CA ASP A 244 -21.91 -10.24 45.61
C ASP A 244 -22.43 -9.74 46.97
N SER A 245 -22.07 -8.52 47.33
CA SER A 245 -22.55 -7.89 48.53
C SER A 245 -24.03 -7.72 48.46
N GLY A 246 -24.66 -7.60 49.62
CA GLY A 246 -26.08 -7.27 49.76
C GLY A 246 -26.36 -5.78 49.64
N MET A 247 -25.31 -4.99 49.47
CA MET A 247 -25.48 -3.53 49.30
C MET A 247 -26.31 -3.20 48.06
N LYS A 248 -27.38 -2.46 48.27
CA LYS A 248 -28.24 -2.08 47.16
C LYS A 248 -27.81 -0.74 46.60
N PHE A 249 -27.52 0.23 47.47
CA PHE A 249 -26.93 1.49 47.00
C PHE A 249 -25.44 1.33 46.92
N ARG A 250 -24.87 1.65 45.76
CA ARG A 250 -23.42 1.51 45.52
C ARG A 250 -22.76 2.78 45.03
N ASN A 251 -21.54 3.04 45.48
CA ASN A 251 -20.75 4.18 45.03
C ASN A 251 -19.42 3.71 44.44
N SER A 252 -19.34 3.71 43.11
CA SER A 252 -18.20 3.15 42.38
C SER A 252 -16.95 4.02 42.50
N SER A 253 -17.14 5.31 42.79
CA SER A 253 -15.99 6.20 42.84
C SER A 253 -15.04 5.99 44.02
N VAL A 254 -15.45 5.24 45.05
CA VAL A 254 -14.60 5.01 46.24
C VAL A 254 -13.85 3.69 46.20
N ALA A 255 -12.58 3.75 46.58
CA ALA A 255 -11.76 2.57 46.84
C ALA A 255 -11.18 2.69 48.24
N MET A 256 -11.41 1.67 49.06
CA MET A 256 -10.95 1.67 50.45
C MET A 256 -9.45 1.47 50.60
N GLY A 257 -8.88 0.54 49.82
CA GLY A 257 -7.48 0.13 50.03
C GLY A 257 -6.60 -0.13 48.82
N ALA A 258 -5.30 -0.35 49.10
CA ALA A 258 -4.23 -0.54 48.10
C ALA A 258 -4.20 0.68 47.19
N SER A 259 -4.20 0.47 45.88
CA SER A 259 -4.26 1.56 44.91
C SER A 259 -5.26 1.50 43.74
N LEU A 260 -6.50 1.90 44.02
CA LEU A 260 -7.55 1.90 43.00
C LEU A 260 -8.02 0.48 42.70
N SER A 261 -7.51 -0.48 43.46
CA SER A 261 -7.89 -1.87 43.27
C SER A 261 -9.34 -2.13 43.68
N CYS A 262 -10.23 -1.24 43.24
CA CYS A 262 -11.64 -1.35 43.56
C CYS A 262 -12.08 -2.82 43.59
N SER A 263 -13.21 -3.07 44.24
CA SER A 263 -13.74 -4.43 44.34
C SER A 263 -15.18 -4.50 43.84
N GLU A 264 -16.12 -4.07 44.69
CA GLU A 264 -15.77 -3.55 46.01
C GLU A 264 -16.77 -4.02 47.06
N TYR A 265 -17.87 -4.60 46.60
CA TYR A 265 -18.91 -5.09 47.50
C TYR A 265 -18.88 -6.62 47.59
N SER A 266 -17.96 -7.23 46.86
CA SER A 266 -17.82 -8.68 46.85
C SER A 266 -17.24 -9.19 48.17
N LEU A 267 -17.49 -10.46 48.46
CA LEU A 267 -16.99 -11.07 49.69
C LEU A 267 -16.64 -12.54 49.47
N LYS A 268 -15.48 -12.96 49.97
CA LYS A 268 -15.02 -14.33 49.82
C LYS A 268 -15.30 -15.14 51.09
N VAL A 269 -16.07 -16.21 50.93
CA VAL A 269 -16.53 -17.01 52.04
C VAL A 269 -16.23 -18.46 51.75
N THR A 270 -15.75 -19.20 52.74
CA THR A 270 -15.46 -20.59 52.46
C THR A 270 -16.76 -21.30 52.24
N ASP A 271 -16.77 -22.14 51.20
CA ASP A 271 -17.98 -22.67 50.62
C ASP A 271 -18.24 -24.10 51.07
N VAL A 272 -19.34 -24.27 51.78
CA VAL A 272 -19.76 -25.58 52.32
C VAL A 272 -19.69 -26.69 51.30
N THR A 273 -20.26 -26.45 50.12
CA THR A 273 -20.31 -27.49 49.14
C THR A 273 -18.94 -27.79 48.49
N LYS A 274 -18.13 -26.74 48.26
CA LYS A 274 -16.73 -26.94 47.84
C LYS A 274 -15.88 -27.81 48.79
N VAL A 275 -16.10 -27.62 50.09
CA VAL A 275 -15.36 -28.33 51.12
C VAL A 275 -15.88 -29.77 51.14
N ARG A 276 -17.19 -29.90 50.99
CA ARG A 276 -17.83 -31.21 50.94
C ARG A 276 -17.32 -32.06 49.77
N THR A 277 -17.19 -31.44 48.58
CA THR A 277 -16.73 -32.20 47.43
C THR A 277 -15.25 -32.59 47.56
N LEU A 278 -14.45 -31.68 48.11
CA LEU A 278 -13.05 -31.98 48.40
C LEU A 278 -12.96 -33.18 49.35
N ASN A 279 -13.87 -33.25 50.29
CA ASN A 279 -13.84 -34.31 51.28
C ASN A 279 -14.23 -35.65 50.63
N ALA A 280 -15.26 -35.64 49.82
CA ALA A 280 -15.67 -36.81 49.07
C ALA A 280 -14.52 -37.33 48.18
N ILE A 281 -13.81 -36.42 47.53
CA ILE A 281 -12.64 -36.82 46.76
C ILE A 281 -11.59 -37.46 47.65
N ALA A 282 -11.26 -36.85 48.77
CA ALA A 282 -10.34 -37.49 49.70
C ALA A 282 -10.80 -38.92 50.11
N LYS A 283 -12.03 -39.06 50.60
CA LYS A 283 -12.59 -40.36 50.99
C LYS A 283 -12.58 -41.37 49.85
N ASN A 284 -12.73 -40.91 48.62
CA ASN A 284 -12.74 -41.78 47.44
C ASN A 284 -11.38 -42.41 47.08
N ILE A 285 -10.29 -41.69 47.33
CA ILE A 285 -8.93 -42.14 46.94
C ILE A 285 -8.61 -43.52 47.52
N LEU A 286 -8.48 -43.56 48.85
CA LEU A 286 -8.21 -44.78 49.60
C LEU A 286 -8.81 -44.62 51.00
N ASN B 38 -0.92 26.50 67.76
CA ASN B 38 -1.22 25.87 66.43
C ASN B 38 -2.72 25.59 66.25
N GLY B 39 -3.13 24.32 66.41
CA GLY B 39 -4.52 23.92 66.23
C GLY B 39 -4.72 23.06 65.00
N PHE B 40 -4.03 21.92 64.97
CA PHE B 40 -4.28 20.85 63.99
C PHE B 40 -3.88 19.52 64.66
N LEU B 41 -4.74 18.52 64.56
CA LEU B 41 -4.32 17.20 65.01
C LEU B 41 -4.10 16.29 63.81
N MET B 42 -2.98 15.59 63.81
CA MET B 42 -2.64 14.67 62.76
C MET B 42 -2.83 13.23 63.24
N GLU B 43 -3.69 12.51 62.53
CA GLU B 43 -3.93 11.09 62.75
C GLU B 43 -3.29 10.27 61.65
N VAL B 44 -2.69 9.14 62.02
CA VAL B 44 -1.99 8.23 61.09
C VAL B 44 -2.40 6.79 61.33
N CYS B 45 -2.82 6.09 60.28
CA CYS B 45 -2.99 4.62 60.35
C CYS B 45 -1.63 3.94 60.39
N VAL B 46 -1.54 2.86 61.15
CA VAL B 46 -0.31 2.18 61.44
C VAL B 46 -0.60 0.69 61.60
N ASP B 47 0.42 -0.13 61.31
CA ASP B 47 0.35 -1.58 61.12
C ASP B 47 1.23 -2.32 62.16
N SER B 48 2.24 -1.61 62.64
CA SER B 48 3.32 -2.23 63.38
C SER B 48 3.83 -1.24 64.39
N VAL B 49 4.65 -1.75 65.31
CA VAL B 49 5.24 -0.90 66.35
C VAL B 49 6.18 0.09 65.74
N GLU B 50 6.93 -0.37 64.74
CA GLU B 50 7.89 0.48 64.06
C GLU B 50 7.19 1.70 63.44
N SER B 51 6.01 1.46 62.87
CA SER B 51 5.25 2.53 62.24
C SER B 51 4.66 3.49 63.27
N ALA B 52 4.10 2.92 64.32
CA ALA B 52 3.64 3.62 65.51
C ALA B 52 4.75 4.54 66.08
N VAL B 53 5.93 3.98 66.32
CA VAL B 53 7.00 4.80 66.86
C VAL B 53 7.32 5.90 65.88
N ASN B 54 7.55 5.51 64.62
CA ASN B 54 7.86 6.48 63.57
C ASN B 54 6.87 7.62 63.56
N ALA B 55 5.58 7.29 63.58
CA ALA B 55 4.51 8.28 63.58
C ALA B 55 4.69 9.32 64.68
N GLU B 56 4.76 8.83 65.92
CA GLU B 56 4.93 9.67 67.09
C GLU B 56 6.20 10.50 66.98
N ARG B 57 7.28 9.84 66.57
CA ARG B 57 8.58 10.50 66.41
C ARG B 57 8.57 11.60 65.33
N GLY B 58 7.62 11.53 64.42
CA GLY B 58 7.49 12.53 63.36
C GLY B 58 6.57 13.69 63.70
N GLY B 59 5.87 13.59 64.83
CA GLY B 59 4.93 14.64 65.22
C GLY B 59 3.46 14.26 65.17
N ALA B 60 3.13 13.01 64.93
CA ALA B 60 1.70 12.66 64.91
C ALA B 60 1.08 12.85 66.29
N ASP B 61 -0.15 13.32 66.30
CA ASP B 61 -0.89 13.51 67.54
C ASP B 61 -1.72 12.28 67.93
N ARG B 62 -2.00 11.40 66.97
CA ARG B 62 -2.86 10.28 67.26
C ARG B 62 -2.54 9.20 66.26
N ILE B 63 -2.64 7.95 66.67
CA ILE B 63 -2.51 6.85 65.72
C ILE B 63 -3.69 5.91 65.81
N GLU B 64 -4.05 5.39 64.64
CA GLU B 64 -5.05 4.34 64.48
C GLU B 64 -4.29 3.03 64.21
N LEU B 65 -4.65 1.96 64.90
CA LEU B 65 -4.07 0.65 64.60
C LEU B 65 -4.98 -0.08 63.62
N CYS B 66 -4.54 -0.21 62.38
CA CYS B 66 -5.41 -0.64 61.29
C CYS B 66 -4.73 -1.75 60.52
N SER B 67 -4.64 -2.97 61.08
CA SER B 67 -4.22 -4.13 60.24
C SER B 67 -4.89 -4.11 58.84
N GLY B 68 -4.36 -4.91 57.91
CA GLY B 68 -4.96 -5.06 56.58
C GLY B 68 -5.13 -3.74 55.83
N LEU B 69 -4.08 -2.93 55.83
CA LEU B 69 -4.10 -1.66 55.11
C LEU B 69 -4.36 -1.83 53.62
N SER B 70 -3.88 -2.94 53.06
CA SER B 70 -4.22 -3.38 51.70
C SER B 70 -5.69 -3.20 51.41
N GLU B 71 -6.53 -3.46 52.42
CA GLU B 71 -7.96 -3.52 52.21
C GLU B 71 -8.75 -2.41 52.91
N GLY B 72 -8.06 -1.31 53.23
CA GLY B 72 -8.69 -0.18 53.90
C GLY B 72 -8.66 -0.29 55.43
N GLY B 73 -7.96 -1.30 55.98
CA GLY B 73 -7.92 -1.46 57.44
C GLY B 73 -8.87 -2.52 57.99
N THR B 74 -8.31 -3.49 58.71
CA THR B 74 -9.11 -4.44 59.47
C THR B 74 -8.61 -4.37 60.93
N THR B 75 -9.33 -5.04 61.83
CA THR B 75 -9.04 -4.95 63.23
C THR B 75 -7.73 -5.65 63.57
N PRO B 76 -6.80 -4.95 64.22
CA PRO B 76 -5.44 -5.49 64.42
C PRO B 76 -5.41 -6.62 65.45
N SER B 77 -4.30 -7.34 65.54
CA SER B 77 -4.10 -8.31 66.63
C SER B 77 -4.02 -7.59 67.97
N MET B 78 -4.51 -8.21 69.04
CA MET B 78 -4.32 -7.65 70.39
C MET B 78 -2.84 -7.55 70.80
N GLY B 79 -1.99 -8.36 70.21
CA GLY B 79 -0.57 -8.31 70.50
C GLY B 79 0.15 -7.09 69.97
N VAL B 80 -0.38 -6.48 68.91
CA VAL B 80 0.23 -5.27 68.37
C VAL B 80 -0.23 -4.12 69.23
N LEU B 81 -1.47 -4.17 69.71
CA LEU B 81 -1.96 -3.12 70.64
C LEU B 81 -1.02 -3.04 71.83
N GLN B 82 -0.82 -4.20 72.47
CA GLN B 82 0.01 -4.28 73.67
C GLN B 82 1.39 -3.71 73.47
N VAL B 83 2.10 -4.15 72.44
CA VAL B 83 3.45 -3.64 72.25
C VAL B 83 3.44 -2.14 71.86
N VAL B 84 2.53 -1.75 70.98
CA VAL B 84 2.41 -0.33 70.63
C VAL B 84 2.07 0.51 71.86
N LYS B 85 1.09 0.05 72.62
CA LYS B 85 0.71 0.69 73.87
C LYS B 85 1.90 0.78 74.84
N GLN B 86 2.85 -0.13 74.73
CA GLN B 86 4.04 -0.04 75.58
C GLN B 86 5.21 0.69 74.94
N SER B 87 5.00 1.36 73.81
CA SER B 87 6.09 1.98 73.06
C SER B 87 5.82 3.43 72.70
N VAL B 88 4.61 3.87 72.97
CA VAL B 88 4.17 5.16 72.45
C VAL B 88 3.29 5.84 73.49
N GLN B 89 3.40 7.16 73.53
CA GLN B 89 2.70 7.98 74.52
C GLN B 89 1.42 8.57 73.97
N ILE B 90 1.32 8.66 72.65
CA ILE B 90 0.17 9.33 72.03
C ILE B 90 -1.03 8.40 72.03
N PRO B 91 -2.23 8.98 71.96
CA PRO B 91 -3.41 8.12 71.98
C PRO B 91 -3.40 7.13 70.79
N VAL B 92 -3.77 5.87 71.07
CA VAL B 92 -3.89 4.81 70.09
C VAL B 92 -5.37 4.38 69.91
N PHE B 93 -5.99 4.77 68.79
CA PHE B 93 -7.35 4.37 68.45
C PHE B 93 -7.30 3.08 67.68
N VAL B 94 -8.25 2.18 67.91
CA VAL B 94 -8.16 0.82 67.36
C VAL B 94 -9.23 0.61 66.32
N MET B 95 -8.90 -0.03 65.21
CA MET B 95 -9.92 -0.22 64.15
C MET B 95 -10.73 -1.48 64.39
N ILE B 96 -12.04 -1.35 64.24
CA ILE B 96 -12.97 -2.46 64.49
C ILE B 96 -13.67 -2.74 63.18
N ARG B 97 -13.07 -3.60 62.37
CA ARG B 97 -13.56 -4.00 61.05
C ARG B 97 -13.22 -5.46 60.85
N PRO B 98 -14.25 -6.33 60.80
CA PRO B 98 -14.02 -7.78 60.75
C PRO B 98 -13.50 -8.23 59.40
N ARG B 99 -13.55 -7.33 58.40
CA ARG B 99 -13.14 -7.69 57.03
C ARG B 99 -13.24 -6.54 56.04
N GLY B 100 -12.59 -6.72 54.89
CA GLY B 100 -12.70 -5.84 53.77
C GLY B 100 -14.11 -5.82 53.25
N GLY B 101 -14.36 -4.97 52.25
CA GLY B 101 -15.65 -4.94 51.57
C GLY B 101 -16.64 -4.01 52.23
N ASP B 102 -17.92 -4.31 52.03
CA ASP B 102 -18.98 -3.48 52.57
C ASP B 102 -18.98 -3.44 54.10
N PHE B 103 -19.88 -2.61 54.61
CA PHE B 103 -20.13 -2.47 56.02
C PHE B 103 -21.57 -2.94 56.37
N LEU B 104 -21.99 -4.01 55.68
CA LEU B 104 -23.30 -4.65 55.92
C LEU B 104 -23.03 -5.91 56.72
N TYR B 105 -23.00 -5.76 58.03
CA TYR B 105 -22.50 -6.82 58.86
C TYR B 105 -23.60 -7.77 59.23
N SER B 106 -23.27 -9.06 59.15
CA SER B 106 -24.16 -10.10 59.61
C SER B 106 -24.05 -10.22 61.15
N ASP B 107 -24.96 -10.98 61.76
CA ASP B 107 -24.90 -11.25 63.20
C ASP B 107 -23.57 -11.82 63.69
N ARG B 108 -23.04 -12.82 63.00
CA ARG B 108 -21.78 -13.45 63.41
C ARG B 108 -20.64 -12.44 63.36
N GLU B 109 -20.72 -11.54 62.37
CA GLU B 109 -19.71 -10.50 62.22
C GLU B 109 -19.85 -9.46 63.33
N ILE B 110 -21.11 -9.13 63.65
CA ILE B 110 -21.40 -8.20 64.73
C ILE B 110 -20.92 -8.75 66.06
N GLU B 111 -21.14 -10.05 66.26
CA GLU B 111 -20.67 -10.76 67.42
C GLU B 111 -19.15 -10.63 67.56
N VAL B 112 -18.44 -10.76 66.44
CA VAL B 112 -16.98 -10.61 66.39
C VAL B 112 -16.56 -9.17 66.69
N MET B 113 -17.25 -8.20 66.11
CA MET B 113 -16.98 -6.77 66.39
C MET B 113 -17.15 -6.41 67.87
N LYS B 114 -18.18 -6.95 68.52
CA LYS B 114 -18.40 -6.69 69.95
C LYS B 114 -17.29 -7.31 70.78
N ALA B 115 -16.93 -8.55 70.46
CA ALA B 115 -15.89 -9.18 71.24
C ALA B 115 -14.61 -8.39 71.11
N ASP B 116 -14.22 -8.02 69.87
CA ASP B 116 -13.02 -7.21 69.65
C ASP B 116 -13.07 -5.83 70.30
N ILE B 117 -14.25 -5.21 70.32
CA ILE B 117 -14.40 -3.95 71.08
C ILE B 117 -14.12 -4.17 72.56
N ARG B 118 -14.66 -5.25 73.15
CA ARG B 118 -14.33 -5.54 74.56
C ARG B 118 -12.84 -5.77 74.73
N LEU B 119 -12.20 -6.49 73.81
CA LEU B 119 -10.76 -6.77 73.95
C LEU B 119 -9.87 -5.54 73.77
N ALA B 120 -10.20 -4.69 72.80
CA ALA B 120 -9.42 -3.46 72.59
C ALA B 120 -9.41 -2.57 73.85
N LYS B 121 -10.59 -2.41 74.45
CA LYS B 121 -10.69 -1.67 75.73
C LYS B 121 -9.69 -2.20 76.76
N LEU B 122 -9.82 -3.49 77.03
CA LEU B 122 -8.98 -4.23 77.92
C LEU B 122 -7.50 -4.04 77.68
N TYR B 123 -7.07 -3.96 76.42
CA TYR B 123 -5.64 -3.95 76.20
C TYR B 123 -5.07 -2.57 75.97
N GLY B 124 -5.89 -1.56 76.32
CA GLY B 124 -5.47 -0.16 76.42
C GLY B 124 -5.75 0.78 75.25
N ALA B 125 -6.73 0.45 74.40
CA ALA B 125 -7.12 1.38 73.32
C ALA B 125 -7.64 2.67 73.93
N ASP B 126 -7.26 3.79 73.35
CA ASP B 126 -7.76 5.07 73.80
C ASP B 126 -9.00 5.48 73.02
N GLY B 127 -9.33 4.71 72.00
CA GLY B 127 -10.38 5.09 71.08
C GLY B 127 -10.76 3.91 70.22
N LEU B 128 -11.96 3.92 69.66
CA LEU B 128 -12.35 2.87 68.74
C LEU B 128 -12.86 3.47 67.44
N VAL B 129 -12.70 2.74 66.35
CA VAL B 129 -13.06 3.20 65.01
C VAL B 129 -13.90 2.13 64.31
N PHE B 130 -15.07 2.50 63.81
CA PHE B 130 -15.85 1.55 63.05
C PHE B 130 -16.89 2.28 62.22
N GLY B 131 -17.72 1.53 61.52
CA GLY B 131 -18.79 2.13 60.70
C GLY B 131 -19.71 1.05 60.20
N ALA B 132 -21.00 1.38 60.08
CA ALA B 132 -21.99 0.37 59.73
C ALA B 132 -23.16 0.98 58.98
N LEU B 133 -23.47 0.34 57.85
CA LEU B 133 -24.42 0.85 56.91
C LEU B 133 -25.50 -0.16 56.66
N THR B 134 -26.60 0.36 56.17
CA THR B 134 -27.82 -0.35 55.80
C THR B 134 -27.71 -0.68 54.28
N GLU B 135 -28.54 -1.61 53.80
CA GLU B 135 -28.59 -1.96 52.36
C GLU B 135 -28.82 -0.78 51.41
N ASP B 136 -29.60 0.21 51.87
CA ASP B 136 -29.87 1.40 51.08
C ASP B 136 -28.84 2.54 51.28
N GLY B 137 -27.71 2.23 51.88
CA GLY B 137 -26.65 3.23 52.12
C GLY B 137 -27.00 4.29 53.15
N HIS B 138 -27.89 3.95 54.07
CA HIS B 138 -28.11 4.74 55.25
C HIS B 138 -27.21 4.18 56.32
N ILE B 139 -26.72 5.05 57.20
CA ILE B 139 -25.98 4.57 58.35
C ILE B 139 -26.94 3.75 59.18
N ASP B 140 -26.47 2.65 59.74
CA ASP B 140 -27.31 1.74 60.55
C ASP B 140 -27.41 2.20 62.01
N LYS B 141 -28.39 3.04 62.27
CA LYS B 141 -28.68 3.61 63.60
C LYS B 141 -28.63 2.60 64.74
N GLU B 142 -29.44 1.55 64.64
CA GLU B 142 -29.61 0.60 65.73
C GLU B 142 -28.33 -0.16 66.04
N LEU B 143 -27.62 -0.61 65.00
CA LEU B 143 -26.32 -1.28 65.20
C LEU B 143 -25.24 -0.32 65.71
N CYS B 144 -25.23 0.92 65.20
CA CYS B 144 -24.31 1.93 65.73
C CYS B 144 -24.54 2.21 67.23
N MET B 145 -25.78 2.13 67.70
CA MET B 145 -26.13 2.40 69.11
C MET B 145 -25.66 1.26 69.96
N SER B 146 -25.85 0.06 69.43
CA SER B 146 -25.46 -1.18 70.08
C SER B 146 -23.95 -1.32 70.24
N LEU B 147 -23.19 -1.03 69.19
CA LEU B 147 -21.72 -0.98 69.30
C LEU B 147 -21.22 0.22 70.13
N MET B 148 -21.86 1.38 69.96
CA MET B 148 -21.53 2.55 70.77
C MET B 148 -21.59 2.27 72.28
N ALA B 149 -22.68 1.62 72.71
CA ALA B 149 -22.91 1.35 74.11
C ALA B 149 -21.78 0.54 74.69
N ILE B 150 -21.19 -0.33 73.88
CA ILE B 150 -20.07 -1.16 74.32
C ILE B 150 -18.73 -0.42 74.28
N CYS B 151 -18.59 0.55 73.37
CA CYS B 151 -17.34 1.34 73.26
C CYS B 151 -17.11 2.32 74.41
N ARG B 152 -18.20 2.88 74.93
CA ARG B 152 -18.16 3.85 76.02
C ARG B 152 -17.26 3.41 77.19
N PRO B 153 -16.52 4.36 77.77
CA PRO B 153 -16.50 5.80 77.53
C PRO B 153 -15.52 6.31 76.44
N LEU B 154 -14.84 5.42 75.73
CA LEU B 154 -13.85 5.85 74.75
C LEU B 154 -14.49 6.65 73.60
N PRO B 155 -13.77 7.65 73.09
CA PRO B 155 -14.24 8.30 71.87
C PRO B 155 -14.29 7.32 70.71
N VAL B 156 -15.25 7.54 69.84
CA VAL B 156 -15.44 6.70 68.68
C VAL B 156 -15.40 7.55 67.42
N THR B 157 -14.74 7.06 66.39
CA THR B 157 -14.84 7.74 65.12
C THR B 157 -15.51 6.85 64.10
N PHE B 158 -16.45 7.44 63.39
CA PHE B 158 -17.11 6.72 62.32
C PHE B 158 -16.21 6.88 61.08
N HIS B 159 -15.86 5.77 60.42
CA HIS B 159 -14.81 5.82 59.37
C HIS B 159 -15.34 5.87 57.95
N ARG B 160 -14.50 5.49 57.01
CA ARG B 160 -14.77 5.67 55.59
C ARG B 160 -16.06 5.03 55.07
N ALA B 161 -16.68 4.11 55.82
CA ALA B 161 -18.01 3.66 55.48
C ALA B 161 -18.88 4.86 55.11
N PHE B 162 -18.63 5.99 55.79
CA PHE B 162 -19.36 7.21 55.56
C PHE B 162 -19.32 7.61 54.07
N ASP B 163 -18.22 7.33 53.41
CA ASP B 163 -18.09 7.69 52.02
C ASP B 163 -19.01 6.88 51.09
N MET B 164 -19.60 5.80 51.60
CA MET B 164 -20.46 4.93 50.80
C MET B 164 -21.94 5.18 51.05
N VAL B 165 -22.26 6.30 51.67
CA VAL B 165 -23.61 6.67 52.05
C VAL B 165 -24.38 7.33 50.87
N HIS B 166 -25.71 7.19 50.82
CA HIS B 166 -26.50 7.82 49.77
C HIS B 166 -26.74 9.32 49.94
N ASP B 167 -26.89 9.77 51.17
CA ASP B 167 -27.01 11.20 51.45
C ASP B 167 -26.13 11.58 52.62
N PRO B 168 -24.95 12.13 52.34
CA PRO B 168 -23.97 12.45 53.39
C PRO B 168 -24.40 13.53 54.36
N MET B 169 -25.23 14.48 53.93
CA MET B 169 -25.71 15.55 54.84
C MET B 169 -26.66 14.97 55.89
N ALA B 170 -27.49 14.02 55.47
CA ALA B 170 -28.41 13.38 56.37
C ALA B 170 -27.64 12.42 57.30
N ALA B 171 -26.67 11.70 56.71
CA ALA B 171 -25.83 10.78 57.47
C ALA B 171 -25.09 11.50 58.62
N LEU B 172 -24.52 12.66 58.33
CA LEU B 172 -23.84 13.52 59.30
C LEU B 172 -24.70 13.88 60.52
N GLU B 173 -25.94 14.29 60.23
CA GLU B 173 -26.92 14.63 61.24
C GLU B 173 -27.22 13.42 62.12
N THR B 174 -27.31 12.26 61.49
CA THR B 174 -27.51 11.00 62.19
C THR B 174 -26.33 10.65 63.10
N LEU B 175 -25.11 10.92 62.65
CA LEU B 175 -23.92 10.53 63.39
C LEU B 175 -23.77 11.38 64.63
N LEU B 176 -24.14 12.66 64.52
CA LEU B 176 -24.04 13.53 65.68
C LEU B 176 -25.20 13.29 66.64
N THR B 177 -26.38 13.00 66.11
CA THR B 177 -27.50 12.56 66.94
C THR B 177 -27.10 11.33 67.78
N LEU B 178 -26.22 10.49 67.26
CA LEU B 178 -25.76 9.28 67.98
C LEU B 178 -24.53 9.50 68.84
N GLY B 179 -23.82 10.60 68.63
CA GLY B 179 -22.66 10.93 69.46
C GLY B 179 -21.28 10.46 69.03
N PHE B 180 -21.08 10.18 67.76
CA PHE B 180 -19.75 9.91 67.30
C PHE B 180 -18.97 11.22 67.44
N GLU B 181 -17.76 11.15 68.02
CA GLU B 181 -16.95 12.34 68.13
C GLU B 181 -16.39 12.76 66.77
N ARG B 182 -16.10 11.80 65.91
CA ARG B 182 -15.40 12.07 64.66
C ARG B 182 -15.99 11.25 63.52
N VAL B 183 -15.75 11.74 62.30
CA VAL B 183 -16.03 11.01 61.05
C VAL B 183 -14.82 11.20 60.18
N LEU B 184 -14.40 10.09 59.59
CA LEU B 184 -13.33 10.07 58.61
C LEU B 184 -14.05 10.10 57.26
N THR B 185 -13.66 10.99 56.37
CA THR B 185 -14.37 11.12 55.09
C THR B 185 -13.51 11.67 53.98
N SER B 186 -13.75 11.19 52.77
CA SER B 186 -13.10 11.78 51.61
C SER B 186 -14.15 12.40 50.73
N GLY B 187 -15.18 13.00 51.35
CA GLY B 187 -16.22 13.64 50.59
C GLY B 187 -16.95 12.70 49.65
N CYS B 188 -17.06 11.43 50.03
CA CYS B 188 -17.77 10.45 49.20
C CYS B 188 -17.16 10.29 47.81
N ASP B 189 -15.87 10.60 47.66
CA ASP B 189 -15.21 10.54 46.35
C ASP B 189 -13.85 9.81 46.38
N SER B 190 -13.11 9.87 45.29
CA SER B 190 -11.93 9.00 45.14
C SER B 190 -10.82 9.34 46.15
N SER B 191 -10.83 10.57 46.69
CA SER B 191 -9.79 11.04 47.60
C SER B 191 -10.26 12.35 48.29
N ALA B 192 -9.54 12.82 49.32
CA ALA B 192 -10.01 14.03 50.03
C ALA B 192 -9.94 15.30 49.18
N LEU B 193 -8.88 15.44 48.38
CA LEU B 193 -8.82 16.57 47.41
C LEU B 193 -10.01 16.52 46.46
N GLU B 194 -10.32 15.33 46.01
CA GLU B 194 -11.41 15.14 45.05
C GLU B 194 -12.76 15.44 45.67
N GLY B 195 -12.96 14.99 46.91
CA GLY B 195 -14.20 15.25 47.62
C GLY B 195 -14.19 16.54 48.42
N LEU B 196 -13.11 17.32 48.35
CA LEU B 196 -13.01 18.56 49.08
C LEU B 196 -14.26 19.46 49.09
N PRO B 197 -14.94 19.69 47.96
CA PRO B 197 -16.05 20.64 48.18
C PRO B 197 -17.16 20.18 49.13
N LEU B 198 -17.46 18.89 49.14
CA LEU B 198 -18.43 18.32 50.08
C LEU B 198 -17.87 18.26 51.52
N ILE B 199 -16.58 17.93 51.66
CA ILE B 199 -15.96 18.01 52.99
C ILE B 199 -16.16 19.40 53.58
N LYS B 200 -15.91 20.44 52.79
CA LYS B 200 -16.21 21.82 53.21
C LYS B 200 -17.65 22.03 53.66
N ARG B 201 -18.62 21.49 52.91
CA ARG B 201 -20.02 21.65 53.30
C ARG B 201 -20.40 20.89 54.55
N LEU B 202 -19.69 19.80 54.83
CA LEU B 202 -19.96 18.97 55.99
C LEU B 202 -19.47 19.66 57.26
N ILE B 203 -18.25 20.21 57.19
CA ILE B 203 -17.71 21.01 58.26
C ILE B 203 -18.57 22.25 58.58
N GLU B 204 -19.11 22.92 57.56
CA GLU B 204 -20.06 24.02 57.81
C GLU B 204 -21.35 23.52 58.49
N GLN B 205 -21.86 22.36 58.09
CA GLN B 205 -23.06 21.79 58.72
C GLN B 205 -22.82 21.35 60.16
N ALA B 206 -21.63 20.82 60.43
CA ALA B 206 -21.29 20.26 61.73
C ALA B 206 -21.29 21.34 62.82
N LYS B 207 -20.82 22.52 62.47
CA LYS B 207 -20.74 23.62 63.42
C LYS B 207 -19.90 23.24 64.64
N GLY B 208 -18.91 22.39 64.42
CA GLY B 208 -18.00 21.97 65.47
C GLY B 208 -18.62 21.08 66.52
N ARG B 209 -19.76 20.44 66.20
CA ARG B 209 -20.43 19.49 67.07
C ARG B 209 -19.86 18.07 66.85
N ILE B 210 -19.21 17.86 65.72
CA ILE B 210 -18.55 16.59 65.43
C ILE B 210 -17.30 16.91 64.62
N VAL B 211 -16.20 16.19 64.86
CA VAL B 211 -15.01 16.44 64.05
C VAL B 211 -15.15 15.72 62.71
N VAL B 212 -15.16 16.51 61.64
CA VAL B 212 -15.17 15.98 60.28
C VAL B 212 -13.74 15.95 59.83
N MET B 213 -13.18 14.74 59.74
CA MET B 213 -11.77 14.52 59.44
C MET B 213 -11.58 14.13 57.97
N PRO B 214 -10.94 14.99 57.17
CA PRO B 214 -10.59 14.55 55.82
C PRO B 214 -9.54 13.44 55.87
N GLY B 215 -9.61 12.52 54.89
CA GLY B 215 -8.77 11.34 54.89
C GLY B 215 -8.32 10.78 53.55
N GLY B 216 -9.21 10.52 52.63
CA GLY B 216 -8.66 9.86 51.41
C GLY B 216 -7.42 10.51 50.76
N GLY B 217 -6.30 9.77 50.77
CA GLY B 217 -5.11 10.06 49.98
C GLY B 217 -4.37 11.37 50.21
N ILE B 218 -4.41 11.90 51.42
CA ILE B 218 -3.75 13.18 51.64
C ILE B 218 -2.26 13.00 51.80
N THR B 219 -1.49 13.91 51.20
CA THR B 219 -0.03 13.88 51.25
C THR B 219 0.51 15.29 51.52
N ASP B 220 1.82 15.43 51.41
CA ASP B 220 2.49 16.70 51.61
C ASP B 220 2.22 17.66 50.45
N ARG B 221 1.97 17.12 49.27
CA ARG B 221 1.75 17.95 48.10
C ARG B 221 0.36 18.54 48.10
N ASN B 222 -0.57 17.90 48.81
CA ASN B 222 -1.92 18.45 48.90
C ASN B 222 -2.49 18.84 50.29
N LEU B 223 -1.69 18.67 51.34
CA LEU B 223 -2.12 18.99 52.69
C LEU B 223 -2.67 20.42 52.77
N GLN B 224 -1.80 21.39 52.51
CA GLN B 224 -2.20 22.79 52.55
C GLN B 224 -3.56 23.00 51.89
N ARG B 225 -3.67 22.61 50.63
CA ARG B 225 -4.92 22.75 49.89
C ARG B 225 -6.10 22.19 50.68
N ILE B 226 -5.95 20.95 51.15
CA ILE B 226 -7.00 20.30 51.92
C ILE B 226 -7.47 21.17 53.07
N LEU B 227 -6.56 21.49 53.98
CA LEU B 227 -6.89 22.32 55.14
C LEU B 227 -7.46 23.68 54.73
N GLU B 228 -6.74 24.43 53.89
CA GLU B 228 -7.19 25.78 53.50
C GLU B 228 -8.52 25.79 52.79
N GLY B 229 -8.79 24.75 52.02
CA GLY B 229 -10.07 24.65 51.33
C GLY B 229 -11.17 23.96 52.07
N SER B 230 -10.93 23.42 53.26
CA SER B 230 -12.04 22.75 53.95
C SER B 230 -12.33 23.37 55.31
N GLY B 231 -11.32 23.96 55.93
CA GLY B 231 -11.50 24.46 57.28
C GLY B 231 -11.50 23.37 58.35
N ALA B 232 -10.98 22.19 58.02
CA ALA B 232 -10.77 21.08 58.95
C ALA B 232 -9.63 21.35 59.94
N THR B 233 -9.74 20.80 61.15
CA THR B 233 -8.68 20.98 62.17
C THR B 233 -7.98 19.67 62.54
N GLU B 234 -8.65 18.53 62.28
CA GLU B 234 -8.06 17.21 62.41
C GLU B 234 -8.06 16.54 61.04
N PHE B 235 -6.96 15.89 60.69
CA PHE B 235 -6.86 15.26 59.37
C PHE B 235 -6.21 13.90 59.47
N HIS B 236 -6.45 13.05 58.48
CA HIS B 236 -5.99 11.68 58.52
C HIS B 236 -5.12 11.31 57.29
N CYS B 237 -3.95 10.73 57.55
CA CYS B 237 -3.06 10.29 56.47
C CYS B 237 -2.32 8.98 56.72
N SER B 238 -1.64 8.53 55.67
CA SER B 238 -0.74 7.38 55.79
C SER B 238 0.52 7.80 55.10
N ALA B 239 1.52 8.17 55.90
CA ALA B 239 2.78 8.67 55.38
C ALA B 239 3.79 7.52 55.29
N ARG B 240 3.49 6.57 54.40
CA ARG B 240 4.31 5.37 54.30
C ARG B 240 5.20 5.42 53.07
N SER B 241 6.34 4.73 53.18
CA SER B 241 7.21 4.54 52.04
C SER B 241 7.60 3.08 51.94
N THR B 242 7.96 2.67 50.72
CA THR B 242 8.39 1.30 50.47
C THR B 242 9.85 1.15 50.82
N ARG B 243 10.19 0.02 51.42
CA ARG B 243 11.57 -0.38 51.56
C ARG B 243 11.76 -1.73 50.89
N ASP B 244 12.97 -1.99 50.43
CA ASP B 244 13.32 -3.30 49.94
C ASP B 244 13.41 -4.23 51.16
N SER B 245 12.98 -5.48 51.02
CA SER B 245 13.28 -6.51 52.01
C SER B 245 14.79 -6.67 52.24
N GLY B 246 15.21 -7.13 53.42
CA GLY B 246 16.60 -7.53 53.67
C GLY B 246 17.02 -8.95 53.22
N MET B 247 16.08 -9.69 52.63
CA MET B 247 16.37 -11.03 52.14
C MET B 247 17.37 -10.96 51.01
N LYS B 248 18.48 -11.69 51.21
CA LYS B 248 19.48 -11.86 50.19
C LYS B 248 19.06 -12.98 49.24
N PHE B 249 18.65 -14.14 49.79
CA PHE B 249 18.09 -15.21 48.97
C PHE B 249 16.60 -15.00 48.61
N ARG B 250 16.28 -14.98 47.31
CA ARG B 250 14.89 -14.79 46.84
C ARG B 250 14.37 -15.86 45.88
N ASN B 251 13.13 -16.30 46.11
CA ASN B 251 12.42 -17.28 45.27
C ASN B 251 11.26 -16.59 44.58
N SER B 252 11.44 -16.25 43.31
CA SER B 252 10.44 -15.48 42.55
C SER B 252 9.19 -16.27 42.19
N SER B 253 9.29 -17.59 42.13
CA SER B 253 8.14 -18.42 41.74
C SER B 253 7.04 -18.48 42.80
N VAL B 254 7.39 -18.27 44.06
CA VAL B 254 6.40 -18.36 45.13
C VAL B 254 5.61 -17.06 45.29
N ALA B 255 4.31 -17.20 45.55
CA ALA B 255 3.49 -16.07 46.01
C ALA B 255 2.94 -16.33 47.43
N MET B 256 2.18 -15.36 47.97
CA MET B 256 1.47 -15.52 49.25
C MET B 256 0.04 -14.98 49.13
N GLY B 257 -0.93 -15.89 49.10
CA GLY B 257 -2.34 -15.52 49.01
C GLY B 257 -2.68 -14.56 47.87
N CYS B 262 2.43 -6.27 43.00
CA CYS B 262 2.83 -6.51 44.38
C CYS B 262 4.25 -7.10 44.42
N SER B 263 4.64 -7.61 45.59
CA SER B 263 5.92 -8.26 45.79
C SER B 263 5.96 -8.98 47.14
N GLU B 264 6.57 -10.16 47.16
CA GLU B 264 6.85 -10.90 48.38
C GLU B 264 8.11 -10.36 49.10
N TYR B 265 8.74 -9.33 48.53
CA TYR B 265 10.00 -8.80 49.04
C TYR B 265 10.04 -7.26 49.20
N SER B 266 8.90 -6.64 49.49
CA SER B 266 8.88 -5.23 49.89
C SER B 266 8.11 -4.97 51.20
N LEU B 267 8.37 -3.81 51.81
CA LEU B 267 7.69 -3.40 53.05
C LEU B 267 7.22 -1.95 52.92
N LYS B 268 5.99 -1.69 53.34
CA LYS B 268 5.49 -0.33 53.49
C LYS B 268 5.55 0.06 54.97
N VAL B 269 6.14 1.22 55.25
CA VAL B 269 6.43 1.61 56.61
C VAL B 269 6.22 3.10 56.81
N THR B 270 5.49 3.44 57.86
CA THR B 270 5.27 4.82 58.19
C THR B 270 6.63 5.49 58.29
N ASP B 271 6.76 6.62 57.57
CA ASP B 271 8.01 7.27 57.36
C ASP B 271 8.15 8.52 58.22
N VAL B 272 9.12 8.48 59.12
CA VAL B 272 9.40 9.60 60.01
C VAL B 272 9.55 10.93 59.27
N THR B 273 10.35 10.95 58.20
CA THR B 273 10.58 12.20 57.49
C THR B 273 9.31 12.65 56.78
N LYS B 274 8.55 11.73 56.20
CA LYS B 274 7.25 12.09 55.63
C LYS B 274 6.32 12.72 56.66
N VAL B 275 6.29 12.17 57.86
CA VAL B 275 5.36 12.59 58.91
C VAL B 275 5.79 13.96 59.42
N ARG B 276 7.10 14.15 59.52
CA ARG B 276 7.64 15.41 59.95
C ARG B 276 7.25 16.50 58.97
N THR B 277 7.41 16.25 57.67
CA THR B 277 7.06 17.30 56.72
C THR B 277 5.57 17.68 56.72
N LEU B 278 4.69 16.70 56.94
CA LEU B 278 3.25 16.95 57.06
C LEU B 278 2.98 17.76 58.31
N ASN B 279 3.75 17.51 59.35
CA ASN B 279 3.64 18.28 60.58
C ASN B 279 4.13 19.73 60.34
N ALA B 280 5.21 19.85 59.59
CA ALA B 280 5.72 21.18 59.28
C ALA B 280 4.69 21.93 58.38
N ILE B 281 4.18 21.28 57.34
CA ILE B 281 3.17 21.97 56.56
C ILE B 281 2.03 22.43 57.47
N ALA B 282 1.56 21.54 58.34
CA ALA B 282 0.50 21.91 59.28
C ALA B 282 0.87 23.09 60.19
N LYS B 283 2.00 23.04 60.88
CA LYS B 283 2.40 24.13 61.80
C LYS B 283 2.50 25.50 61.15
N ASN B 284 2.65 25.54 59.83
CA ASN B 284 2.93 26.79 59.13
C ASN B 284 1.77 27.37 58.31
N ILE B 285 0.58 26.82 58.49
CA ILE B 285 -0.63 27.36 57.86
C ILE B 285 -1.31 28.34 58.82
N ASN C 38 15.78 -31.92 17.84
CA ASN C 38 14.51 -31.68 17.09
C ASN C 38 13.47 -32.78 17.35
N GLY C 39 12.23 -32.51 16.96
CA GLY C 39 11.11 -33.40 17.24
C GLY C 39 9.96 -32.60 17.84
N PHE C 40 10.30 -31.63 18.68
CA PHE C 40 9.33 -30.71 19.31
C PHE C 40 9.45 -29.32 18.66
N LEU C 41 8.37 -28.54 18.66
CA LEU C 41 8.43 -27.12 18.25
C LEU C 41 8.07 -26.16 19.38
N MET C 42 8.90 -25.14 19.57
CA MET C 42 8.61 -24.13 20.58
C MET C 42 8.13 -22.81 20.02
N GLU C 43 6.95 -22.38 20.48
CA GLU C 43 6.33 -21.09 20.22
C GLU C 43 6.51 -20.16 21.42
N VAL C 44 6.91 -18.93 21.16
CA VAL C 44 6.96 -17.86 22.19
C VAL C 44 6.15 -16.65 21.73
N CYS C 45 5.13 -16.26 22.50
CA CYS C 45 4.43 -14.96 22.32
C CYS C 45 5.41 -13.83 22.62
N VAL C 46 5.35 -12.77 21.85
CA VAL C 46 6.33 -11.71 21.95
C VAL C 46 5.69 -10.36 21.62
N ASP C 47 6.27 -9.26 22.11
CA ASP C 47 5.66 -7.94 21.94
C ASP C 47 6.62 -6.88 21.42
N SER C 48 7.87 -7.27 21.19
CA SER C 48 8.86 -6.27 20.82
C SER C 48 9.90 -6.87 19.89
N VAL C 49 10.71 -6.04 19.25
CA VAL C 49 11.74 -6.59 18.37
C VAL C 49 12.85 -7.25 19.18
N GLU C 50 13.12 -6.76 20.38
CA GLU C 50 14.16 -7.36 21.22
C GLU C 50 13.74 -8.75 21.70
N SER C 51 12.48 -8.89 22.07
CA SER C 51 11.96 -10.17 22.52
C SER C 51 11.94 -11.23 21.40
N ALA C 52 11.48 -10.83 20.22
CA ALA C 52 11.52 -11.66 19.04
C ALA C 52 12.93 -12.17 18.76
N VAL C 53 13.87 -11.24 18.66
CA VAL C 53 15.25 -11.61 18.42
C VAL C 53 15.80 -12.56 19.49
N ASN C 54 15.50 -12.24 20.75
CA ASN C 54 15.94 -13.06 21.88
C ASN C 54 15.37 -14.45 21.74
N ALA C 55 14.08 -14.54 21.44
CA ALA C 55 13.41 -15.81 21.33
C ALA C 55 14.01 -16.69 20.22
N GLU C 56 14.34 -16.09 19.06
CA GLU C 56 15.02 -16.79 17.96
C GLU C 56 16.41 -17.20 18.38
N ARG C 57 17.12 -16.28 19.02
CA ARG C 57 18.46 -16.52 19.57
C ARG C 57 18.51 -17.74 20.48
N GLY C 58 17.49 -17.90 21.31
CA GLY C 58 17.50 -18.96 22.32
C GLY C 58 16.88 -20.27 21.88
N GLY C 59 16.50 -20.39 20.60
CA GLY C 59 15.98 -21.63 20.05
C GLY C 59 14.48 -21.77 19.77
N ALA C 60 13.74 -20.68 19.86
CA ALA C 60 12.35 -20.71 19.46
C ALA C 60 12.23 -21.03 17.99
N ASP C 61 11.19 -21.77 17.64
CA ASP C 61 10.95 -22.17 16.27
C ASP C 61 9.92 -21.27 15.61
N ARG C 62 9.12 -20.60 16.42
CA ARG C 62 8.05 -19.76 15.93
C ARG C 62 7.75 -18.71 16.97
N ILE C 63 7.35 -17.52 16.50
CA ILE C 63 6.91 -16.50 17.41
C ILE C 63 5.51 -16.02 17.07
N GLU C 64 4.76 -15.77 18.15
CA GLU C 64 3.47 -15.17 18.06
C GLU C 64 3.67 -13.72 18.49
N LEU C 65 3.22 -12.79 17.64
CA LEU C 65 3.36 -11.38 17.93
C LEU C 65 2.12 -10.84 18.60
N CYS C 66 2.30 -10.48 19.86
CA CYS C 66 1.19 -10.10 20.68
C CYS C 66 1.44 -8.61 21.01
N SER C 67 0.35 -7.89 21.20
CA SER C 67 0.38 -6.66 21.97
C SER C 67 -0.38 -7.05 23.24
N GLY C 68 -0.49 -6.13 24.20
CA GLY C 68 -1.33 -6.33 25.37
C GLY C 68 -1.23 -7.70 26.03
N LEU C 69 -0.01 -8.21 26.22
CA LEU C 69 0.12 -9.54 26.79
C LEU C 69 -0.27 -9.58 28.27
N SER C 70 -0.13 -8.44 28.95
CA SER C 70 -0.62 -8.30 30.30
C SER C 70 -2.13 -8.52 30.34
N GLU C 71 -2.76 -8.52 29.16
CA GLU C 71 -4.20 -8.81 29.07
C GLU C 71 -4.47 -10.08 28.27
N GLY C 72 -3.45 -10.90 28.05
CA GLY C 72 -3.58 -12.13 27.25
C GLY C 72 -3.26 -11.92 25.77
N GLY C 73 -2.89 -10.70 25.38
CA GLY C 73 -2.53 -10.52 23.98
C GLY C 73 -3.63 -9.91 23.14
N THR C 74 -3.30 -8.79 22.54
CA THR C 74 -4.22 -8.15 21.60
C THR C 74 -3.43 -7.96 20.33
N THR C 75 -4.11 -7.48 19.30
CA THR C 75 -3.50 -7.45 17.98
C THR C 75 -2.44 -6.36 17.96
N PRO C 76 -1.19 -6.73 17.63
CA PRO C 76 -0.03 -5.82 17.57
C PRO C 76 -0.12 -4.77 16.48
N SER C 77 0.75 -3.76 16.54
CA SER C 77 0.77 -2.72 15.52
C SER C 77 1.53 -3.21 14.31
N MET C 78 1.20 -2.68 13.13
CA MET C 78 1.81 -3.21 11.91
C MET C 78 3.30 -2.86 11.87
N GLY C 79 3.68 -1.81 12.62
CA GLY C 79 5.05 -1.43 12.74
C GLY C 79 5.92 -2.44 13.47
N VAL C 80 5.45 -3.07 14.55
CA VAL C 80 6.31 -4.11 15.12
C VAL C 80 6.46 -5.27 14.17
N LEU C 81 5.37 -5.64 13.51
CA LEU C 81 5.41 -6.72 12.53
C LEU C 81 6.50 -6.45 11.50
N GLN C 82 6.48 -5.26 10.92
CA GLN C 82 7.42 -4.88 9.87
C GLN C 82 8.86 -5.01 10.31
N VAL C 83 9.19 -4.47 11.49
CA VAL C 83 10.59 -4.52 11.93
C VAL C 83 11.00 -5.94 12.36
N VAL C 84 10.06 -6.68 12.95
CA VAL C 84 10.35 -8.04 13.40
C VAL C 84 10.65 -8.89 12.18
N LYS C 85 9.78 -8.78 11.19
CA LYS C 85 9.97 -9.49 9.92
C LYS C 85 11.33 -9.19 9.29
N GLN C 86 11.84 -7.98 9.47
CA GLN C 86 13.14 -7.66 8.94
C GLN C 86 14.27 -7.93 9.94
N SER C 87 13.97 -8.69 10.99
CA SER C 87 14.93 -8.93 12.09
C SER C 87 15.08 -10.39 12.45
N VAL C 88 14.29 -11.25 11.85
CA VAL C 88 14.20 -12.61 12.32
C VAL C 88 13.80 -13.45 11.12
N GLN C 89 14.24 -14.71 11.11
CA GLN C 89 13.96 -15.59 10.00
C GLN C 89 12.87 -16.58 10.34
N ILE C 90 12.63 -16.81 11.63
CA ILE C 90 11.60 -17.78 12.01
C ILE C 90 10.21 -17.23 11.71
N PRO C 91 9.21 -18.13 11.52
CA PRO C 91 7.87 -17.67 11.20
C PRO C 91 7.37 -16.72 12.30
N VAL C 92 6.54 -15.74 11.92
CA VAL C 92 5.99 -14.78 12.82
C VAL C 92 4.47 -14.89 12.62
N PHE C 93 3.78 -15.48 13.61
CA PHE C 93 2.34 -15.59 13.62
C PHE C 93 1.80 -14.36 14.31
N VAL C 94 0.62 -13.89 13.91
CA VAL C 94 0.12 -12.60 14.37
C VAL C 94 -1.24 -12.76 15.06
N MET C 95 -1.33 -12.23 16.26
CA MET C 95 -2.52 -12.31 17.09
C MET C 95 -3.62 -11.38 16.60
N ILE C 96 -4.85 -11.88 16.50
CA ILE C 96 -5.94 -11.04 16.05
C ILE C 96 -7.00 -11.00 17.17
N ARG C 97 -6.80 -10.11 18.14
CA ARG C 97 -7.73 -9.89 19.25
C ARG C 97 -7.91 -8.41 19.42
N PRO C 98 -9.11 -7.89 19.16
CA PRO C 98 -9.32 -6.44 19.18
C PRO C 98 -9.45 -5.83 20.57
N ARG C 99 -9.31 -6.64 21.63
CA ARG C 99 -9.35 -6.20 23.04
C ARG C 99 -9.28 -7.42 23.92
N GLY C 100 -9.04 -7.19 25.22
CA GLY C 100 -9.13 -8.24 26.23
C GLY C 100 -10.57 -8.61 26.50
N GLY C 101 -10.79 -9.54 27.42
CA GLY C 101 -12.14 -9.91 27.79
C GLY C 101 -12.58 -11.15 27.05
N ASP C 102 -13.88 -11.26 26.83
CA ASP C 102 -14.46 -12.41 26.17
C ASP C 102 -14.18 -12.42 24.66
N PHE C 103 -14.72 -13.43 23.99
CA PHE C 103 -14.51 -13.59 22.58
C PHE C 103 -15.87 -13.63 21.90
N LEU C 104 -16.74 -12.73 22.37
CA LEU C 104 -18.08 -12.54 21.80
C LEU C 104 -18.02 -11.18 21.15
N TYR C 105 -17.74 -11.20 19.85
CA TYR C 105 -17.41 -10.01 19.14
C TYR C 105 -18.64 -9.41 18.49
N SER C 106 -18.81 -8.11 18.62
CA SER C 106 -19.83 -7.38 17.90
C SER C 106 -19.41 -7.15 16.42
N ASP C 107 -20.37 -6.69 15.62
CA ASP C 107 -20.12 -6.50 14.19
C ASP C 107 -18.98 -5.54 13.95
N ARG C 108 -18.86 -4.55 14.83
CA ARG C 108 -17.81 -3.56 14.65
C ARG C 108 -16.43 -4.07 15.01
N GLU C 109 -16.39 -5.01 15.94
CA GLU C 109 -15.18 -5.69 16.33
C GLU C 109 -14.82 -6.73 15.27
N ILE C 110 -15.82 -7.37 14.71
CA ILE C 110 -15.58 -8.30 13.62
C ILE C 110 -14.95 -7.58 12.41
N GLU C 111 -15.45 -6.39 12.10
CA GLU C 111 -14.91 -5.53 11.04
C GLU C 111 -13.45 -5.18 11.28
N VAL C 112 -13.11 -4.84 12.53
CA VAL C 112 -11.74 -4.50 12.89
C VAL C 112 -10.86 -5.74 12.73
N MET C 113 -11.36 -6.89 13.18
CA MET C 113 -10.58 -8.15 13.03
C MET C 113 -10.23 -8.43 11.56
N LYS C 114 -11.21 -8.27 10.68
CA LYS C 114 -11.00 -8.59 9.28
C LYS C 114 -9.97 -7.64 8.66
N ALA C 115 -10.01 -6.37 9.04
CA ALA C 115 -9.10 -5.41 8.44
C ALA C 115 -7.71 -5.80 8.88
N ASP C 116 -7.58 -6.13 10.17
CA ASP C 116 -6.31 -6.51 10.76
C ASP C 116 -5.75 -7.81 10.14
N ILE C 117 -6.60 -8.78 9.85
CA ILE C 117 -6.16 -9.95 9.09
C ILE C 117 -5.51 -9.50 7.78
N ARG C 118 -6.25 -8.72 7.00
CA ARG C 118 -5.80 -8.28 5.68
C ARG C 118 -4.46 -7.57 5.75
N LEU C 119 -4.28 -6.70 6.76
CA LEU C 119 -3.03 -5.95 6.91
C LEU C 119 -1.91 -6.83 7.42
N ALA C 120 -2.22 -7.80 8.26
CA ALA C 120 -1.16 -8.69 8.79
C ALA C 120 -0.53 -9.49 7.65
N LYS C 121 -1.36 -9.97 6.74
CA LYS C 121 -0.87 -10.61 5.50
C LYS C 121 0.03 -9.68 4.71
N LEU C 122 -0.52 -8.53 4.34
CA LEU C 122 0.21 -7.52 3.61
C LEU C 122 1.61 -7.33 4.16
N TYR C 123 1.75 -7.23 5.49
CA TYR C 123 3.07 -6.87 6.05
C TYR C 123 3.91 -8.06 6.48
N GLY C 124 3.45 -9.27 6.18
CA GLY C 124 4.30 -10.47 6.24
C GLY C 124 3.97 -11.56 7.25
N ALA C 125 2.80 -11.51 7.88
CA ALA C 125 2.50 -12.56 8.84
C ALA C 125 2.70 -13.89 8.14
N ASP C 126 3.23 -14.87 8.88
CA ASP C 126 3.39 -16.23 8.36
C ASP C 126 2.27 -17.08 8.88
N GLY C 127 1.46 -16.51 9.76
CA GLY C 127 0.34 -17.23 10.38
C GLY C 127 -0.61 -16.28 11.10
N LEU C 128 -1.78 -16.77 11.46
CA LEU C 128 -2.72 -15.98 12.23
C LEU C 128 -3.33 -16.75 13.42
N VAL C 129 -3.66 -16.02 14.49
CA VAL C 129 -4.16 -16.58 15.74
C VAL C 129 -5.40 -15.80 16.17
N PHE C 130 -6.50 -16.50 16.42
CA PHE C 130 -7.74 -15.87 16.88
C PHE C 130 -8.67 -16.87 17.52
N GLY C 131 -9.81 -16.40 17.99
CA GLY C 131 -10.87 -17.29 18.54
C GLY C 131 -12.17 -16.57 18.79
N ALA C 132 -13.30 -17.25 18.55
CA ALA C 132 -14.64 -16.63 18.64
C ALA C 132 -15.61 -17.60 19.22
N LEU C 133 -16.33 -17.18 20.25
CA LEU C 133 -17.31 -18.02 20.93
C LEU C 133 -18.70 -17.43 20.82
N THR C 134 -19.72 -18.27 20.92
CA THR C 134 -21.10 -17.85 21.14
C THR C 134 -21.29 -17.68 22.64
N GLU C 135 -22.40 -17.04 23.00
CA GLU C 135 -22.72 -16.81 24.42
C GLU C 135 -22.85 -18.09 25.26
N ASP C 136 -23.06 -19.22 24.61
CA ASP C 136 -23.22 -20.52 25.31
C ASP C 136 -21.91 -21.28 25.48
N GLY C 137 -20.79 -20.68 25.11
CA GLY C 137 -19.50 -21.31 25.29
C GLY C 137 -19.22 -22.30 24.19
N HIS C 138 -19.83 -22.08 23.02
CA HIS C 138 -19.59 -22.90 21.84
C HIS C 138 -18.75 -22.09 20.88
N ILE C 139 -17.85 -22.74 20.14
CA ILE C 139 -17.12 -22.01 19.14
C ILE C 139 -18.14 -21.47 18.14
N ASP C 140 -17.91 -20.27 17.60
CA ASP C 140 -18.86 -19.66 16.67
C ASP C 140 -18.57 -20.04 15.21
N LYS C 141 -19.13 -21.16 14.75
CA LYS C 141 -18.82 -21.73 13.41
C LYS C 141 -18.82 -20.67 12.32
N GLU C 142 -19.96 -20.01 12.14
CA GLU C 142 -20.16 -18.98 11.11
C GLU C 142 -19.08 -17.89 11.10
N LEU C 143 -18.70 -17.38 12.26
CA LEU C 143 -17.67 -16.32 12.36
C LEU C 143 -16.28 -16.87 12.08
N CYS C 144 -16.02 -18.06 12.63
CA CYS C 144 -14.79 -18.74 12.33
C CYS C 144 -14.69 -19.00 10.85
N MET C 145 -15.81 -19.30 10.21
CA MET C 145 -15.81 -19.56 8.78
C MET C 145 -15.35 -18.35 8.00
N SER C 146 -15.96 -17.19 8.27
CA SER C 146 -15.62 -15.99 7.51
C SER C 146 -14.26 -15.38 7.83
N LEU C 147 -13.79 -15.53 9.06
CA LEU C 147 -12.43 -15.12 9.40
C LEU C 147 -11.36 -16.03 8.76
N MET C 148 -11.59 -17.35 8.77
CA MET C 148 -10.69 -18.31 8.08
C MET C 148 -10.55 -18.02 6.58
N ALA C 149 -11.64 -17.60 5.96
CA ALA C 149 -11.69 -17.37 4.52
C ALA C 149 -10.78 -16.22 4.14
N ILE C 150 -10.57 -15.31 5.09
CA ILE C 150 -9.79 -14.11 4.84
C ILE C 150 -8.36 -14.39 5.23
N CYS C 151 -8.15 -15.37 6.10
CA CYS C 151 -6.78 -15.80 6.50
C CYS C 151 -6.07 -16.68 5.46
N ARG C 152 -6.83 -17.56 4.79
CA ARG C 152 -6.21 -18.48 3.82
C ARG C 152 -5.35 -17.68 2.84
N PRO C 153 -4.20 -18.24 2.42
CA PRO C 153 -3.53 -19.55 2.61
C PRO C 153 -2.80 -19.76 3.96
N LEU C 154 -2.70 -18.73 4.79
CA LEU C 154 -1.88 -18.81 6.02
C LEU C 154 -2.44 -19.77 7.06
N PRO C 155 -1.58 -20.50 7.75
CA PRO C 155 -2.10 -21.34 8.85
C PRO C 155 -2.77 -20.50 10.00
N VAL C 156 -3.75 -21.08 10.64
CA VAL C 156 -4.48 -20.34 11.65
C VAL C 156 -4.54 -21.18 12.92
N THR C 157 -4.10 -20.64 14.05
CA THR C 157 -4.31 -21.37 15.30
C THR C 157 -5.43 -20.76 16.10
N PHE C 158 -6.30 -21.63 16.60
CA PHE C 158 -7.39 -21.19 17.44
C PHE C 158 -6.84 -21.08 18.89
N HIS C 159 -6.94 -19.90 19.51
CA HIS C 159 -6.24 -19.66 20.80
C HIS C 159 -7.01 -20.02 22.09
N ARG C 160 -6.64 -19.40 23.19
CA ARG C 160 -7.16 -19.79 24.50
C ARG C 160 -8.64 -19.57 24.70
N ALA C 161 -9.29 -18.92 23.74
CA ALA C 161 -10.75 -18.87 23.76
C ALA C 161 -11.25 -20.28 23.94
N PHE C 162 -10.41 -21.24 23.55
CA PHE C 162 -10.77 -22.63 23.62
C PHE C 162 -10.96 -23.08 25.06
N ASP C 163 -10.22 -22.47 25.97
CA ASP C 163 -10.33 -22.80 27.36
C ASP C 163 -11.64 -22.33 27.97
N MET C 164 -12.30 -21.40 27.32
CA MET C 164 -13.55 -20.84 27.83
C MET C 164 -14.77 -21.54 27.26
N VAL C 165 -14.56 -22.67 26.60
CA VAL C 165 -15.64 -23.42 25.95
C VAL C 165 -16.40 -24.35 26.94
N HIS C 166 -17.69 -24.57 26.71
CA HIS C 166 -18.47 -25.47 27.56
C HIS C 166 -18.12 -26.95 27.33
N ASP C 167 -18.20 -27.39 26.07
CA ASP C 167 -17.88 -28.77 25.70
C ASP C 167 -16.61 -28.83 24.84
N PRO C 168 -15.45 -29.04 25.48
CA PRO C 168 -14.20 -29.00 24.74
C PRO C 168 -14.02 -30.12 23.67
N MET C 169 -14.45 -31.34 24.00
CA MET C 169 -14.31 -32.44 23.05
C MET C 169 -15.09 -32.14 21.79
N ALA C 170 -16.29 -31.59 21.95
CA ALA C 170 -17.08 -31.17 20.81
C ALA C 170 -16.40 -29.98 20.15
N ALA C 171 -15.90 -29.04 20.96
CA ALA C 171 -15.21 -27.90 20.43
C ALA C 171 -14.05 -28.33 19.50
N LEU C 172 -13.23 -29.27 19.97
CA LEU C 172 -12.14 -29.82 19.17
C LEU C 172 -12.64 -30.35 17.82
N GLU C 173 -13.75 -31.08 17.86
CA GLU C 173 -14.34 -31.58 16.64
C GLU C 173 -14.67 -30.45 15.68
N THR C 174 -15.43 -29.45 16.13
CA THR C 174 -15.71 -28.28 15.30
C THR C 174 -14.44 -27.60 14.79
N LEU C 175 -13.39 -27.53 15.59
CA LEU C 175 -12.20 -26.88 15.11
C LEU C 175 -11.60 -27.59 13.90
N LEU C 176 -11.55 -28.92 13.92
CA LEU C 176 -10.91 -29.61 12.80
C LEU C 176 -11.77 -29.66 11.53
N THR C 177 -13.07 -29.94 11.64
CA THR C 177 -13.97 -29.76 10.49
C THR C 177 -13.82 -28.38 9.88
N LEU C 178 -13.47 -27.40 10.70
CA LEU C 178 -13.23 -26.05 10.20
C LEU C 178 -11.84 -25.85 9.63
N GLY C 179 -10.90 -26.73 9.95
CA GLY C 179 -9.57 -26.68 9.35
C GLY C 179 -8.48 -25.87 10.03
N PHE C 180 -8.67 -25.53 11.30
CA PHE C 180 -7.59 -24.92 12.06
C PHE C 180 -6.44 -25.93 12.17
N GLU C 181 -5.23 -25.50 11.80
CA GLU C 181 -4.02 -26.30 11.97
C GLU C 181 -3.71 -26.58 13.46
N ARG C 182 -4.02 -25.61 14.32
CA ARG C 182 -3.57 -25.61 15.70
C ARG C 182 -4.58 -25.02 16.66
N VAL C 183 -4.49 -25.49 17.92
CA VAL C 183 -5.28 -24.97 19.05
C VAL C 183 -4.33 -24.76 20.22
N LEU C 184 -4.49 -23.65 20.91
CA LEU C 184 -3.65 -23.31 22.05
C LEU C 184 -4.55 -23.53 23.25
N THR C 185 -4.11 -24.35 24.19
CA THR C 185 -4.98 -24.70 25.30
C THR C 185 -4.19 -25.04 26.57
N SER C 186 -4.82 -24.69 27.69
CA SER C 186 -4.36 -25.05 29.01
C SER C 186 -5.38 -26.02 29.60
N GLY C 187 -6.10 -26.73 28.71
CA GLY C 187 -7.09 -27.73 29.12
C GLY C 187 -8.26 -27.18 29.91
N CYS C 188 -8.73 -25.98 29.57
CA CYS C 188 -9.86 -25.34 30.22
C CYS C 188 -9.64 -25.11 31.72
N ASP C 189 -8.39 -24.94 32.13
CA ASP C 189 -8.04 -24.75 33.52
C ASP C 189 -7.04 -23.62 33.69
N SER C 190 -6.58 -23.40 34.91
CA SER C 190 -5.87 -22.19 35.23
C SER C 190 -4.49 -22.19 34.56
N SER C 191 -4.04 -23.37 34.13
CA SER C 191 -2.73 -23.50 33.49
C SER C 191 -2.55 -24.87 32.85
N ALA C 192 -1.52 -25.02 31.99
CA ALA C 192 -1.32 -26.31 31.27
C ALA C 192 -1.13 -27.48 32.21
N LEU C 193 -0.25 -27.36 33.19
CA LEU C 193 -0.06 -28.45 34.15
C LEU C 193 -1.36 -28.84 34.81
N GLU C 194 -2.16 -27.86 35.20
CA GLU C 194 -3.41 -28.13 35.90
C GLU C 194 -4.38 -28.77 34.94
N GLY C 195 -4.36 -28.33 33.68
CA GLY C 195 -5.26 -28.89 32.70
C GLY C 195 -4.73 -30.13 31.97
N LEU C 196 -3.53 -30.62 32.35
CA LEU C 196 -2.95 -31.79 31.69
C LEU C 196 -3.92 -32.94 31.40
N PRO C 197 -4.71 -33.39 32.37
CA PRO C 197 -5.42 -34.56 31.90
C PRO C 197 -6.30 -34.29 30.70
N LEU C 198 -6.88 -33.11 30.59
CA LEU C 198 -7.73 -32.85 29.43
C LEU C 198 -6.87 -32.64 28.17
N ILE C 199 -5.71 -32.00 28.31
CA ILE C 199 -4.82 -31.86 27.17
C ILE C 199 -4.53 -33.26 26.59
N LYS C 200 -4.17 -34.19 27.47
CA LYS C 200 -3.86 -35.55 27.09
C LYS C 200 -5.01 -36.14 26.28
N ARG C 201 -6.23 -36.00 26.80
CA ARG C 201 -7.36 -36.61 26.13
C ARG C 201 -7.58 -35.98 24.76
N LEU C 202 -7.28 -34.68 24.67
CA LEU C 202 -7.51 -33.90 23.47
C LEU C 202 -6.58 -34.35 22.38
N ILE C 203 -5.29 -34.48 22.69
CA ILE C 203 -4.30 -35.07 21.81
C ILE C 203 -4.69 -36.45 21.29
N GLU C 204 -5.25 -37.29 22.16
CA GLU C 204 -5.76 -38.61 21.76
C GLU C 204 -6.93 -38.49 20.77
N GLN C 205 -7.89 -37.60 21.04
CA GLN C 205 -9.03 -37.39 20.14
C GLN C 205 -8.64 -36.83 18.76
N ALA C 206 -7.58 -36.03 18.77
CA ALA C 206 -7.12 -35.29 17.63
C ALA C 206 -6.49 -36.24 16.60
N LYS C 207 -5.68 -37.18 17.09
CA LYS C 207 -5.01 -38.16 16.24
C LYS C 207 -4.15 -37.50 15.18
N GLY C 208 -3.43 -36.46 15.56
CA GLY C 208 -2.62 -35.75 14.62
C GLY C 208 -3.33 -34.92 13.56
N ARG C 209 -4.66 -34.99 13.49
CA ARG C 209 -5.39 -34.14 12.55
C ARG C 209 -5.22 -32.63 12.85
N ILE C 210 -5.03 -32.28 14.13
CA ILE C 210 -4.86 -30.90 14.57
C ILE C 210 -3.77 -30.87 15.63
N VAL C 211 -2.89 -29.86 15.60
CA VAL C 211 -1.88 -29.73 16.65
C VAL C 211 -2.50 -29.07 17.89
N VAL C 212 -2.76 -29.89 18.90
CA VAL C 212 -3.18 -29.41 20.21
C VAL C 212 -1.90 -28.95 20.91
N MET C 213 -1.80 -27.67 21.21
CA MET C 213 -0.64 -27.02 21.81
C MET C 213 -0.95 -26.65 23.26
N PRO C 214 -0.25 -27.26 24.23
CA PRO C 214 -0.39 -26.79 25.63
C PRO C 214 0.16 -25.40 25.72
N GLY C 215 -0.53 -24.55 26.49
CA GLY C 215 -0.05 -23.18 26.78
C GLY C 215 -0.54 -22.76 28.15
N GLY C 216 0.14 -21.78 28.76
CA GLY C 216 -0.33 -21.23 30.04
C GLY C 216 0.51 -21.83 31.14
N GLY C 217 1.52 -21.06 31.57
CA GLY C 217 2.33 -21.33 32.73
C GLY C 217 3.46 -22.32 32.57
N ILE C 218 3.92 -22.54 31.34
CA ILE C 218 4.97 -23.50 31.09
C ILE C 218 6.26 -22.84 31.46
N THR C 219 7.07 -23.50 32.30
CA THR C 219 8.33 -22.96 32.78
C THR C 219 9.35 -24.05 32.61
N ASP C 220 10.61 -23.76 32.95
CA ASP C 220 11.67 -24.77 33.12
C ASP C 220 11.23 -25.90 34.00
N ARG C 221 10.64 -25.56 35.15
CA ARG C 221 10.28 -26.53 36.18
C ARG C 221 9.14 -27.42 35.69
N ASN C 222 8.41 -26.92 34.70
CA ASN C 222 7.19 -27.53 34.15
C ASN C 222 7.25 -28.42 32.92
N LEU C 223 8.12 -28.06 31.98
CA LEU C 223 7.99 -28.50 30.60
C LEU C 223 7.97 -30.01 30.51
N GLN C 224 8.93 -30.66 31.16
CA GLN C 224 9.01 -32.12 30.99
C GLN C 224 7.70 -32.83 31.36
N ARG C 225 7.10 -32.45 32.49
CA ARG C 225 5.89 -33.06 32.94
C ARG C 225 4.76 -32.84 31.98
N ILE C 226 4.67 -31.63 31.45
CA ILE C 226 3.65 -31.28 30.47
C ILE C 226 3.89 -32.03 29.15
N LEU C 227 5.14 -32.17 28.73
CA LEU C 227 5.40 -32.96 27.52
C LEU C 227 5.15 -34.45 27.74
N GLU C 228 5.87 -35.05 28.68
CA GLU C 228 5.71 -36.49 28.92
C GLU C 228 4.30 -36.94 29.30
N GLY C 229 3.51 -36.02 29.83
CA GLY C 229 2.17 -36.34 30.30
C GLY C 229 1.09 -36.08 29.28
N SER C 230 1.43 -35.49 28.14
CA SER C 230 0.39 -35.21 27.15
C SER C 230 0.62 -35.86 25.78
N GLY C 231 1.89 -36.02 25.41
CA GLY C 231 2.21 -36.49 24.07
C GLY C 231 2.26 -35.35 23.05
N ALA C 232 2.12 -34.11 23.52
CA ALA C 232 2.17 -32.94 22.64
C ALA C 232 3.52 -32.81 21.96
N THR C 233 3.54 -32.25 20.74
CA THR C 233 4.83 -32.00 20.08
C THR C 233 5.12 -30.53 19.94
N GLU C 234 4.07 -29.72 19.95
CA GLU C 234 4.24 -28.26 19.90
C GLU C 234 3.76 -27.65 21.20
N PHE C 235 4.49 -26.67 21.70
CA PHE C 235 4.11 -25.99 22.94
C PHE C 235 4.38 -24.51 22.92
N HIS C 236 3.62 -23.81 23.73
CA HIS C 236 3.66 -22.35 23.77
C HIS C 236 4.10 -21.92 25.16
N CYS C 237 5.10 -21.05 25.23
CA CYS C 237 5.54 -20.54 26.52
C CYS C 237 5.85 -19.07 26.50
N SER C 238 6.16 -18.53 27.67
CA SER C 238 6.29 -17.08 27.79
C SER C 238 7.76 -16.67 27.94
N ALA C 239 8.42 -17.23 28.95
CA ALA C 239 9.88 -17.06 29.15
C ALA C 239 10.35 -15.61 29.24
N ARG C 240 9.55 -14.79 29.90
CA ARG C 240 9.91 -13.42 30.11
C ARG C 240 10.54 -13.28 31.48
N SER C 241 11.37 -12.25 31.62
CA SER C 241 11.91 -11.90 32.89
C SER C 241 11.77 -10.39 32.97
N THR C 242 11.74 -9.85 34.18
CA THR C 242 11.62 -8.42 34.34
C THR C 242 13.02 -7.83 34.33
N ARG C 243 13.12 -6.59 33.90
CA ARG C 243 14.38 -5.89 33.95
C ARG C 243 14.05 -4.47 34.30
N ASP C 244 14.82 -3.88 35.22
CA ASP C 244 14.59 -2.51 35.64
C ASP C 244 14.87 -1.53 34.51
N SER C 245 14.15 -0.43 34.50
CA SER C 245 14.38 0.66 33.54
C SER C 245 15.76 1.29 33.69
N GLY C 246 16.28 1.86 32.61
CA GLY C 246 17.48 2.72 32.65
C GLY C 246 17.32 4.14 33.25
N MET C 247 16.10 4.55 33.54
CA MET C 247 15.88 5.92 34.03
C MET C 247 16.58 6.17 35.37
N LYS C 248 17.28 7.29 35.44
CA LYS C 248 17.94 7.72 36.67
C LYS C 248 16.99 8.62 37.45
N PHE C 249 16.18 9.43 36.77
CA PHE C 249 15.18 10.24 37.47
C PHE C 249 13.80 9.56 37.52
N ARG C 250 13.30 9.26 38.71
CA ARG C 250 12.00 8.61 38.84
C ARG C 250 10.99 9.46 39.63
N ASN C 251 9.74 9.44 39.18
CA ASN C 251 8.68 10.19 39.83
C ASN C 251 7.61 9.20 40.26
N SER C 252 7.73 8.76 41.51
CA SER C 252 6.82 7.77 42.08
C SER C 252 5.37 8.24 42.11
N SER C 253 5.15 9.55 42.08
CA SER C 253 3.79 10.09 42.10
C SER C 253 2.92 9.68 40.91
N VAL C 254 3.52 9.43 39.74
CA VAL C 254 2.74 9.22 38.51
C VAL C 254 2.37 7.75 38.24
N ALA C 255 1.08 7.49 38.08
CA ALA C 255 0.58 6.21 37.60
C ALA C 255 -0.17 6.48 36.29
N MET C 256 0.39 5.96 35.19
CA MET C 256 -0.19 6.20 33.87
C MET C 256 -1.15 5.11 33.44
N GLY C 257 -0.74 3.86 33.67
CA GLY C 257 -1.55 2.68 33.36
C GLY C 257 -2.98 2.68 33.85
N ALA C 258 -3.23 1.92 34.91
CA ALA C 258 -4.53 1.82 35.59
C ALA C 258 -4.30 1.06 36.88
N SER C 259 -4.32 1.77 38.00
CA SER C 259 -4.06 1.23 39.34
C SER C 259 -2.73 0.48 39.42
N CYS C 262 2.28 -1.65 39.03
CA CYS C 262 3.19 -1.87 40.16
C CYS C 262 4.42 -1.00 40.14
N SER C 263 4.98 -0.78 38.95
CA SER C 263 6.02 0.22 38.73
C SER C 263 6.06 0.65 37.27
N GLU C 264 6.29 1.93 37.06
CA GLU C 264 6.39 2.52 35.74
C GLU C 264 7.84 2.43 35.23
N TYR C 265 8.65 1.64 35.93
CA TYR C 265 10.09 1.60 35.71
C TYR C 265 10.65 0.20 35.67
N SER C 266 9.83 -0.76 35.26
CA SER C 266 10.30 -2.11 34.98
C SER C 266 9.85 -2.53 33.57
N LEU C 267 10.60 -3.45 32.95
CA LEU C 267 10.29 -3.95 31.60
C LEU C 267 10.23 -5.47 31.63
N LYS C 268 9.27 -6.05 30.92
CA LYS C 268 9.24 -7.50 30.67
C LYS C 268 9.77 -7.86 29.27
N VAL C 269 10.85 -8.62 29.27
CA VAL C 269 11.57 -8.97 28.06
C VAL C 269 11.79 -10.47 28.00
N THR C 270 11.50 -11.04 26.83
CA THR C 270 11.74 -12.43 26.56
C THR C 270 13.23 -12.67 26.82
N ASP C 271 13.51 -13.67 27.63
CA ASP C 271 14.86 -13.91 28.14
C ASP C 271 15.55 -15.03 27.35
N VAL C 272 16.67 -14.73 26.67
CA VAL C 272 17.39 -15.74 25.88
C VAL C 272 17.74 -16.94 26.74
N THR C 273 18.35 -16.70 27.90
CA THR C 273 18.76 -17.84 28.72
C THR C 273 17.57 -18.73 29.09
N LYS C 274 16.43 -18.14 29.44
CA LYS C 274 15.22 -18.95 29.69
C LYS C 274 14.76 -19.73 28.48
N VAL C 275 14.86 -19.11 27.31
CA VAL C 275 14.43 -19.75 26.07
C VAL C 275 15.36 -20.91 25.76
N ARG C 276 16.66 -20.69 25.91
CA ARG C 276 17.67 -21.78 25.85
C ARG C 276 17.34 -23.00 26.73
N THR C 277 17.04 -22.79 28.01
CA THR C 277 16.86 -23.94 28.90
C THR C 277 15.57 -24.70 28.58
N LEU C 278 14.54 -23.97 28.19
CA LEU C 278 13.37 -24.63 27.65
C LEU C 278 13.71 -25.55 26.44
N ASN C 279 14.58 -25.09 25.55
CA ASN C 279 14.94 -25.91 24.40
C ASN C 279 15.81 -27.13 24.76
N ALA C 280 16.68 -26.97 25.76
CA ALA C 280 17.55 -28.04 26.20
C ALA C 280 16.72 -29.11 26.92
N ILE C 281 15.66 -28.68 27.60
CA ILE C 281 14.72 -29.64 28.19
C ILE C 281 13.99 -30.42 27.12
N ALA C 282 13.41 -29.71 26.15
CA ALA C 282 12.78 -30.38 25.00
C ALA C 282 13.73 -31.38 24.30
N LYS C 283 14.97 -30.99 24.00
CA LYS C 283 15.87 -31.96 23.35
C LYS C 283 16.40 -33.09 24.24
N ASN C 284 16.16 -33.02 25.54
CA ASN C 284 16.65 -34.09 26.40
C ASN C 284 15.66 -35.20 26.67
N ILE C 285 14.41 -35.02 26.29
CA ILE C 285 13.42 -36.05 26.55
C ILE C 285 13.25 -36.99 25.34
N LEU C 286 13.63 -36.50 24.16
CA LEU C 286 13.52 -37.24 22.90
C LEU C 286 14.01 -38.69 22.99
N GLY D 39 -15.12 28.79 23.68
CA GLY D 39 -15.25 27.34 23.34
C GLY D 39 -14.11 26.50 23.92
N PHE D 40 -14.45 25.36 24.49
CA PHE D 40 -13.44 24.40 24.92
C PHE D 40 -13.31 23.34 23.82
N LEU D 41 -12.22 22.58 23.82
CA LEU D 41 -12.25 21.30 23.11
C LEU D 41 -11.86 20.12 23.95
N MET D 42 -12.66 19.08 23.82
CA MET D 42 -12.53 17.89 24.63
C MET D 42 -11.93 16.77 23.78
N GLU D 43 -10.95 16.08 24.36
CA GLU D 43 -10.28 14.92 23.76
C GLU D 43 -10.61 13.65 24.54
N VAL D 44 -10.69 12.51 23.86
CA VAL D 44 -10.96 11.23 24.53
C VAL D 44 -10.12 10.13 23.93
N CYS D 45 -9.34 9.42 24.74
CA CYS D 45 -8.72 8.14 24.34
C CYS D 45 -9.78 7.05 24.15
N VAL D 46 -9.58 6.21 23.15
CA VAL D 46 -10.56 5.23 22.77
C VAL D 46 -9.82 3.99 22.28
N ASP D 47 -10.48 2.84 22.42
CA ASP D 47 -9.91 1.49 22.32
C ASP D 47 -10.50 0.72 21.11
N SER D 48 -11.69 1.13 20.69
CA SER D 48 -12.48 0.33 19.78
C SER D 48 -13.33 1.27 18.93
N VAL D 49 -13.99 0.75 17.92
CA VAL D 49 -14.90 1.57 17.14
C VAL D 49 -16.09 2.02 17.98
N GLU D 50 -16.62 1.15 18.84
CA GLU D 50 -17.82 1.48 19.63
C GLU D 50 -17.60 2.74 20.45
N SER D 51 -16.45 2.76 21.12
CA SER D 51 -16.03 3.86 21.95
C SER D 51 -15.89 5.13 21.17
N ALA D 52 -15.17 5.06 20.05
CA ALA D 52 -14.99 6.19 19.16
C ALA D 52 -16.34 6.78 18.79
N VAL D 53 -17.26 5.92 18.36
CA VAL D 53 -18.60 6.35 17.99
C VAL D 53 -19.28 7.05 19.17
N ASN D 54 -19.36 6.34 20.30
CA ASN D 54 -19.90 6.86 21.56
C ASN D 54 -19.28 8.19 21.91
N ALA D 55 -17.96 8.29 21.83
CA ALA D 55 -17.28 9.52 22.17
C ALA D 55 -17.83 10.63 21.28
N GLU D 56 -17.88 10.36 19.96
CA GLU D 56 -18.32 11.37 19.01
C GLU D 56 -19.73 11.87 19.31
N ARG D 57 -20.65 10.93 19.53
CA ARG D 57 -22.04 11.28 19.75
C ARG D 57 -22.31 11.94 21.10
N GLY D 58 -21.40 11.72 22.05
CA GLY D 58 -21.47 12.36 23.34
C GLY D 58 -20.88 13.76 23.30
N GLY D 59 -20.40 14.16 22.12
CA GLY D 59 -19.91 15.51 21.89
C GLY D 59 -18.41 15.75 21.94
N ALA D 60 -17.59 14.72 21.80
CA ALA D 60 -16.14 14.92 21.84
C ALA D 60 -15.65 15.60 20.56
N ASP D 61 -14.61 16.42 20.72
CA ASP D 61 -14.10 17.21 19.62
C ASP D 61 -12.96 16.50 18.88
N ARG D 62 -12.33 15.53 19.54
CA ARG D 62 -11.20 14.84 18.99
C ARG D 62 -11.05 13.56 19.78
N ILE D 63 -10.71 12.46 19.10
CA ILE D 63 -10.39 11.22 19.81
C ILE D 63 -8.95 10.85 19.58
N GLU D 64 -8.36 10.27 20.60
CA GLU D 64 -7.06 9.67 20.51
C GLU D 64 -7.32 8.17 20.48
N LEU D 65 -6.61 7.48 19.60
CA LEU D 65 -6.75 6.05 19.44
C LEU D 65 -5.62 5.40 20.18
N CYS D 66 -5.97 4.60 21.15
CA CYS D 66 -4.98 4.05 22.02
C CYS D 66 -5.26 2.53 21.95
N SER D 67 -4.22 1.73 22.05
CA SER D 67 -4.36 0.34 22.46
C SER D 67 -3.88 0.38 23.90
N GLY D 68 -4.07 -0.71 24.65
CA GLY D 68 -3.46 -0.86 25.96
C GLY D 68 -3.72 0.28 26.97
N LEU D 69 -4.98 0.71 27.06
CA LEU D 69 -5.39 1.75 27.99
C LEU D 69 -4.95 1.42 29.43
N SER D 70 -5.16 0.17 29.84
CA SER D 70 -4.76 -0.29 31.18
C SER D 70 -3.28 -0.04 31.46
N GLU D 71 -2.50 0.30 30.43
CA GLU D 71 -1.07 0.62 30.62
C GLU D 71 -0.76 2.07 30.23
N GLY D 72 -1.80 2.91 30.13
CA GLY D 72 -1.64 4.30 29.75
C GLY D 72 -1.67 4.53 28.23
N GLY D 73 -1.85 3.47 27.44
CA GLY D 73 -1.97 3.66 26.00
C GLY D 73 -0.75 3.12 25.27
N THR D 74 -1.02 2.16 24.39
CA THR D 74 -0.02 1.63 23.49
C THR D 74 -0.45 1.91 22.05
N THR D 75 0.48 1.82 21.10
CA THR D 75 0.08 2.06 19.72
C THR D 75 -0.90 1.03 19.18
N PRO D 76 -2.07 1.48 18.69
CA PRO D 76 -3.16 0.58 18.30
C PRO D 76 -2.95 -0.07 16.94
N SER D 77 -3.72 -1.12 16.66
CA SER D 77 -3.56 -1.83 15.41
C SER D 77 -3.95 -0.91 14.29
N MET D 78 -3.65 -1.29 13.07
CA MET D 78 -4.00 -0.40 11.98
C MET D 78 -5.43 -0.59 11.48
N GLY D 79 -6.02 -1.74 11.80
CA GLY D 79 -7.41 -2.00 11.54
C GLY D 79 -8.39 -1.23 12.39
N VAL D 80 -8.07 -0.90 13.64
CA VAL D 80 -9.02 -0.14 14.41
C VAL D 80 -9.03 1.18 13.74
N LEU D 81 -7.84 1.71 13.44
CA LEU D 81 -7.72 3.00 12.78
C LEU D 81 -8.65 3.04 11.58
N GLN D 82 -8.50 2.09 10.66
CA GLN D 82 -9.22 2.12 9.40
C GLN D 82 -10.71 2.14 9.64
N VAL D 83 -11.20 1.23 10.46
CA VAL D 83 -12.64 1.20 10.69
C VAL D 83 -13.09 2.47 11.43
N VAL D 84 -12.34 2.87 12.45
CA VAL D 84 -12.72 4.04 13.25
C VAL D 84 -12.79 5.19 12.29
N LYS D 85 -11.80 5.24 11.39
CA LYS D 85 -11.71 6.33 10.45
C LYS D 85 -12.88 6.31 9.48
N GLN D 86 -13.60 5.20 9.39
CA GLN D 86 -14.78 5.16 8.53
C GLN D 86 -16.07 5.41 9.29
N SER D 87 -16.01 5.46 10.63
CA SER D 87 -17.24 5.52 11.43
C SER D 87 -17.46 6.89 12.06
N VAL D 88 -16.53 7.79 11.83
CA VAL D 88 -16.43 8.99 12.65
C VAL D 88 -15.88 10.13 11.81
N GLN D 89 -16.44 11.32 12.02
CA GLN D 89 -16.08 12.51 11.25
C GLN D 89 -15.08 13.38 12.01
N ILE D 90 -14.88 13.09 13.30
CA ILE D 90 -14.00 13.95 14.13
C ILE D 90 -12.52 13.60 13.96
N PRO D 91 -11.64 14.56 14.21
CA PRO D 91 -10.23 14.24 14.04
C PRO D 91 -9.87 13.03 14.92
N VAL D 92 -8.95 12.18 14.47
CA VAL D 92 -8.60 10.96 15.17
C VAL D 92 -7.07 10.98 15.34
N PHE D 93 -6.56 11.25 16.55
CA PHE D 93 -5.11 11.27 16.78
C PHE D 93 -4.66 9.87 17.12
N VAL D 94 -3.42 9.52 16.77
CA VAL D 94 -2.98 8.13 16.96
C VAL D 94 -1.80 8.08 17.88
N MET D 95 -1.84 7.12 18.81
CA MET D 95 -0.81 6.96 19.82
C MET D 95 0.37 6.20 19.29
N ILE D 96 1.56 6.68 19.60
CA ILE D 96 2.74 6.00 19.15
C ILE D 96 3.61 5.71 20.34
N ARG D 97 3.50 4.48 20.80
CA ARG D 97 4.09 4.03 22.05
C ARG D 97 4.23 2.51 21.98
N PRO D 98 5.47 2.00 21.91
CA PRO D 98 5.62 0.58 21.53
C PRO D 98 5.49 -0.41 22.70
N ARG D 99 5.29 0.13 23.90
CA ARG D 99 5.04 -0.65 25.11
C ARG D 99 4.75 0.33 26.27
N GLY D 100 4.21 -0.22 27.37
CA GLY D 100 4.06 0.54 28.61
C GLY D 100 5.41 0.70 29.27
N GLY D 101 5.45 1.27 30.47
CA GLY D 101 6.74 1.57 31.10
C GLY D 101 7.35 2.91 30.73
N ASP D 102 8.66 3.02 30.86
CA ASP D 102 9.33 4.28 30.62
C ASP D 102 9.30 4.75 29.14
N PHE D 103 9.91 5.90 28.90
CA PHE D 103 9.92 6.49 27.59
C PHE D 103 11.35 6.74 27.19
N LEU D 104 12.20 5.79 27.58
CA LEU D 104 13.62 5.78 27.22
C LEU D 104 13.76 4.67 26.23
N TYR D 105 13.67 4.98 24.94
CA TYR D 105 13.53 3.94 23.93
C TYR D 105 14.85 3.50 23.30
N SER D 106 14.98 2.21 23.09
CA SER D 106 16.15 1.69 22.42
C SER D 106 16.05 1.91 20.89
N ASP D 107 17.13 1.62 20.18
CA ASP D 107 17.16 1.84 18.74
C ASP D 107 16.05 1.05 18.03
N ARG D 108 15.88 -0.20 18.44
CA ARG D 108 14.85 -1.07 17.84
C ARG D 108 13.44 -0.64 18.18
N GLU D 109 13.29 0.05 19.30
CA GLU D 109 12.03 0.63 19.66
C GLU D 109 11.75 1.90 18.90
N ILE D 110 12.76 2.73 18.70
CA ILE D 110 12.50 3.94 17.91
C ILE D 110 12.24 3.60 16.45
N GLU D 111 12.88 2.55 15.93
CA GLU D 111 12.57 2.14 14.57
C GLU D 111 11.16 1.54 14.40
N VAL D 112 10.60 1.00 15.48
CA VAL D 112 9.19 0.56 15.51
C VAL D 112 8.25 1.75 15.51
N MET D 113 8.56 2.74 16.34
CA MET D 113 7.80 3.97 16.36
C MET D 113 7.80 4.65 14.95
N LYS D 114 8.97 4.75 14.31
CA LYS D 114 9.05 5.37 12.99
C LYS D 114 8.21 4.67 11.95
N ALA D 115 8.16 3.35 12.01
CA ALA D 115 7.41 2.57 11.04
C ALA D 115 5.92 2.80 11.26
N ASP D 116 5.48 2.78 12.52
CA ASP D 116 4.10 3.02 12.91
C ASP D 116 3.62 4.40 12.57
N ILE D 117 4.50 5.39 12.70
CA ILE D 117 4.11 6.73 12.31
C ILE D 117 3.76 6.79 10.83
N ARG D 118 4.59 6.19 9.98
CA ARG D 118 4.33 6.20 8.52
C ARG D 118 3.04 5.48 8.18
N LEU D 119 2.83 4.33 8.80
CA LEU D 119 1.62 3.54 8.60
C LEU D 119 0.35 4.28 9.08
N ALA D 120 0.48 5.01 10.19
CA ALA D 120 -0.63 5.80 10.71
C ALA D 120 -1.00 6.96 9.77
N LYS D 121 0.01 7.60 9.19
CA LYS D 121 -0.27 8.62 8.17
C LYS D 121 -1.00 7.92 7.05
N LEU D 122 -0.38 6.87 6.51
CA LEU D 122 -0.97 6.08 5.44
C LEU D 122 -2.42 5.79 5.72
N TYR D 123 -2.75 5.36 6.94
CA TYR D 123 -4.13 4.90 7.20
C TYR D 123 -5.14 5.97 7.70
N GLY D 124 -4.72 7.24 7.79
CA GLY D 124 -5.68 8.33 7.98
C GLY D 124 -5.63 9.12 9.27
N ALA D 125 -4.59 8.93 10.07
CA ALA D 125 -4.43 9.69 11.32
C ALA D 125 -4.45 11.19 11.06
N ASP D 126 -5.02 11.94 12.01
CA ASP D 126 -5.13 13.38 11.88
C ASP D 126 -4.17 14.06 12.82
N GLY D 127 -3.43 13.27 13.59
CA GLY D 127 -2.43 13.78 14.53
C GLY D 127 -1.68 12.61 15.12
N LEU D 128 -0.52 12.85 15.74
CA LEU D 128 0.19 11.77 16.43
C LEU D 128 0.55 12.18 17.84
N VAL D 129 0.63 11.18 18.73
CA VAL D 129 0.95 11.42 20.12
C VAL D 129 2.13 10.55 20.51
N PHE D 130 3.12 11.12 21.21
CA PHE D 130 4.23 10.32 21.67
C PHE D 130 5.05 11.14 22.63
N GLY D 131 6.07 10.52 23.23
CA GLY D 131 6.93 11.20 24.20
C GLY D 131 8.24 10.44 24.37
N ALA D 132 9.34 11.16 24.62
CA ALA D 132 10.64 10.52 24.77
C ALA D 132 11.52 11.31 25.69
N LEU D 133 12.19 10.62 26.59
CA LEU D 133 12.96 11.25 27.65
C LEU D 133 14.30 10.59 27.67
N THR D 134 15.28 11.32 28.20
CA THR D 134 16.62 10.84 28.40
C THR D 134 16.64 10.20 29.79
N GLU D 135 17.74 9.55 30.17
CA GLU D 135 17.87 8.98 31.53
C GLU D 135 17.66 10.03 32.65
N ASP D 136 18.17 11.24 32.43
CA ASP D 136 18.12 12.32 33.44
C ASP D 136 16.72 12.85 33.65
N GLY D 137 15.77 12.38 32.86
CA GLY D 137 14.41 12.87 32.95
C GLY D 137 14.19 14.18 32.24
N HIS D 138 14.99 14.44 31.21
CA HIS D 138 14.81 15.61 30.37
C HIS D 138 14.16 15.14 29.10
N ILE D 139 13.51 16.04 28.37
CA ILE D 139 13.01 15.60 27.09
C ILE D 139 14.17 15.34 26.14
N ASP D 140 14.07 14.25 25.39
CA ASP D 140 15.10 13.89 24.43
C ASP D 140 14.91 14.62 23.11
N LYS D 141 15.49 15.82 23.01
CA LYS D 141 15.41 16.65 21.81
C LYS D 141 15.74 15.93 20.50
N GLU D 142 16.88 15.25 20.45
CA GLU D 142 17.34 14.63 19.22
C GLU D 142 16.26 13.73 18.64
N LEU D 143 15.74 12.83 19.48
CA LEU D 143 14.75 11.84 19.07
C LEU D 143 13.43 12.49 18.73
N CYS D 144 13.02 13.45 19.55
CA CYS D 144 11.80 14.19 19.28
C CYS D 144 11.90 14.82 17.90
N MET D 145 13.05 15.39 17.59
CA MET D 145 13.32 15.96 16.28
C MET D 145 13.17 14.95 15.17
N SER D 146 13.86 13.80 15.28
CA SER D 146 13.73 12.67 14.36
C SER D 146 12.31 12.30 14.14
N LEU D 147 11.58 12.01 15.22
CA LEU D 147 10.18 11.57 15.15
C LEU D 147 9.32 12.68 14.57
N MET D 148 9.54 13.92 15.02
CA MET D 148 8.79 15.07 14.51
C MET D 148 8.88 15.10 12.97
N ALA D 149 10.08 14.92 12.45
CA ALA D 149 10.35 15.01 11.02
C ALA D 149 9.47 14.08 10.20
N ILE D 150 9.09 12.93 10.79
CA ILE D 150 8.30 11.94 10.09
C ILE D 150 6.81 12.14 10.28
N CYS D 151 6.42 12.78 11.38
CA CYS D 151 5.02 13.19 11.61
C CYS D 151 4.55 14.32 10.67
N ARG D 152 5.41 15.30 10.39
CA ARG D 152 5.01 16.44 9.54
C ARG D 152 4.31 15.98 8.25
N PRO D 153 3.20 16.65 7.86
CA PRO D 153 2.60 17.88 8.39
C PRO D 153 1.63 17.71 9.59
N LEU D 154 1.29 16.49 10.01
CA LEU D 154 0.29 16.30 11.10
C LEU D 154 0.66 16.98 12.41
N PRO D 155 -0.31 17.52 13.15
CA PRO D 155 0.02 18.07 14.48
C PRO D 155 0.40 16.95 15.45
N VAL D 156 1.37 17.21 16.31
CA VAL D 156 1.79 16.23 17.28
C VAL D 156 1.51 16.76 18.71
N THR D 157 1.14 15.85 19.58
CA THR D 157 1.00 16.19 21.00
C THR D 157 2.05 15.41 21.76
N PHE D 158 2.85 16.09 22.57
CA PHE D 158 3.80 15.35 23.42
C PHE D 158 3.01 14.79 24.64
N HIS D 159 2.94 13.46 24.85
CA HIS D 159 2.00 12.91 25.89
C HIS D 159 2.47 12.97 27.39
N ARG D 160 1.95 12.06 28.23
CA ARG D 160 2.20 12.07 29.69
C ARG D 160 3.66 11.77 30.06
N ALA D 161 4.47 11.40 29.08
CA ALA D 161 5.90 11.32 29.34
C ALA D 161 6.31 12.59 30.07
N PHE D 162 5.60 13.69 29.79
CA PHE D 162 5.97 15.00 30.30
C PHE D 162 5.89 15.03 31.83
N ASP D 163 4.96 14.27 32.38
CA ASP D 163 4.74 14.22 33.81
C ASP D 163 5.88 13.53 34.56
N MET D 164 6.76 12.86 33.80
CA MET D 164 7.91 12.15 34.31
C MET D 164 9.20 12.94 34.17
N VAL D 165 9.10 14.22 33.84
CA VAL D 165 10.30 15.09 33.68
C VAL D 165 10.86 15.61 35.03
N HIS D 166 12.18 15.85 35.07
CA HIS D 166 12.82 16.55 36.21
C HIS D 166 12.44 18.03 36.25
N ASP D 167 12.52 18.72 35.11
CA ASP D 167 12.24 20.16 35.07
C ASP D 167 11.15 20.55 34.05
N PRO D 168 9.89 20.52 34.47
CA PRO D 168 8.72 20.82 33.61
C PRO D 168 8.75 22.19 32.91
N MET D 169 9.05 23.27 33.63
CA MET D 169 9.18 24.60 33.01
C MET D 169 10.22 24.62 31.87
N ALA D 170 11.35 23.96 32.08
CA ALA D 170 12.35 23.83 31.02
C ALA D 170 11.82 22.92 29.92
N ALA D 171 11.28 21.75 30.32
CA ALA D 171 10.68 20.80 29.40
C ALA D 171 9.73 21.53 28.48
N LEU D 172 8.81 22.30 29.06
CA LEU D 172 7.79 23.01 28.30
C LEU D 172 8.45 23.91 27.27
N GLU D 173 9.49 24.61 27.71
CA GLU D 173 10.30 25.44 26.83
C GLU D 173 10.84 24.66 25.64
N THR D 174 11.43 23.49 25.87
CA THR D 174 12.00 22.75 24.74
C THR D 174 10.94 22.11 23.82
N LEU D 175 9.81 21.69 24.38
CA LEU D 175 8.69 21.27 23.52
C LEU D 175 8.22 22.43 22.66
N LEU D 176 8.19 23.60 23.25
CA LEU D 176 7.85 24.84 22.59
C LEU D 176 8.82 25.12 21.41
N THR D 177 10.14 25.13 21.67
CA THR D 177 11.11 25.32 20.60
C THR D 177 11.12 24.19 19.56
N LEU D 178 10.65 23.00 19.94
CA LEU D 178 10.58 21.90 19.00
C LEU D 178 9.36 21.96 18.12
N GLY D 179 8.33 22.67 18.56
CA GLY D 179 7.14 22.82 17.72
C GLY D 179 5.97 21.88 17.95
N PHE D 180 5.98 21.14 19.06
CA PHE D 180 4.78 20.38 19.43
C PHE D 180 3.60 21.34 19.64
N GLU D 181 2.46 21.02 19.06
CA GLU D 181 1.23 21.79 19.23
C GLU D 181 0.64 21.62 20.64
N ARG D 182 0.78 20.43 21.22
CA ARG D 182 0.12 20.10 22.47
C ARG D 182 0.95 19.26 23.40
N VAL D 183 0.71 19.44 24.70
CA VAL D 183 1.25 18.57 25.74
C VAL D 183 0.11 18.12 26.63
N LEU D 184 0.11 16.84 26.95
CA LEU D 184 -0.87 16.23 27.84
C LEU D 184 -0.18 16.09 29.17
N THR D 185 -0.80 16.54 30.25
CA THR D 185 -0.15 16.61 31.54
C THR D 185 -1.08 16.68 32.75
N SER D 186 -0.63 16.01 33.83
CA SER D 186 -1.32 16.04 35.11
C SER D 186 -0.48 16.81 36.10
N GLY D 187 0.36 17.72 35.60
CA GLY D 187 1.20 18.52 36.48
C GLY D 187 2.20 17.73 37.31
N CYS D 188 2.78 16.70 36.70
CA CYS D 188 3.77 15.83 37.31
C CYS D 188 3.27 15.13 38.57
N ASP D 189 1.95 15.08 38.76
CA ASP D 189 1.35 14.43 39.94
C ASP D 189 0.42 13.32 39.50
N SER D 190 -0.33 12.76 40.44
CA SER D 190 -0.99 11.49 40.18
C SER D 190 -2.27 11.73 39.42
N SER D 191 -2.65 13.00 39.24
CA SER D 191 -3.86 13.31 38.52
C SER D 191 -3.91 14.79 38.28
N ALA D 192 -4.70 15.24 37.29
CA ALA D 192 -4.88 16.67 37.00
C ALA D 192 -5.27 17.53 38.22
N LEU D 193 -6.17 17.04 39.06
CA LEU D 193 -6.53 17.81 40.26
C LEU D 193 -5.31 17.94 41.15
N GLU D 194 -4.60 16.84 41.34
CA GLU D 194 -3.45 16.90 42.24
C GLU D 194 -2.39 17.83 41.68
N GLY D 195 -2.23 17.84 40.35
CA GLY D 195 -1.18 18.60 39.71
C GLY D 195 -1.62 19.98 39.29
N LEU D 196 -2.88 20.33 39.55
CA LEU D 196 -3.41 21.65 39.20
C LEU D 196 -2.47 22.89 39.42
N PRO D 197 -1.79 22.99 40.55
CA PRO D 197 -0.98 24.23 40.56
C PRO D 197 0.09 24.30 39.46
N LEU D 198 0.73 23.17 39.15
CA LEU D 198 1.76 23.23 38.15
C LEU D 198 1.17 23.41 36.72
N ILE D 199 0.05 22.76 36.45
CA ILE D 199 -0.57 22.98 35.16
C ILE D 199 -0.90 24.44 35.00
N LYS D 200 -1.53 25.03 36.01
CA LYS D 200 -1.79 26.48 35.96
C LYS D 200 -0.49 27.24 35.62
N ARG D 201 0.59 26.99 36.36
CA ARG D 201 1.83 27.71 36.07
C ARG D 201 2.31 27.48 34.63
N LEU D 202 2.08 26.28 34.09
CA LEU D 202 2.54 25.92 32.75
C LEU D 202 1.79 26.72 31.71
N ILE D 203 0.47 26.78 31.87
CA ILE D 203 -0.38 27.56 30.99
C ILE D 203 0.01 29.00 31.05
N GLU D 204 0.38 29.48 32.24
CA GLU D 204 0.90 30.83 32.29
C GLU D 204 2.15 30.97 31.48
N GLN D 205 3.07 30.00 31.59
CA GLN D 205 4.36 30.07 30.91
C GLN D 205 4.24 29.96 29.38
N ALA D 206 3.23 29.22 28.91
CA ALA D 206 3.06 28.89 27.52
C ALA D 206 2.60 30.10 26.74
N LYS D 207 1.79 30.93 27.38
CA LYS D 207 1.25 32.14 26.74
C LYS D 207 0.58 31.81 25.43
N GLY D 208 -0.25 30.77 25.41
CA GLY D 208 -0.84 30.28 24.16
C GLY D 208 0.11 29.75 23.07
N ARG D 209 1.43 29.84 23.23
CA ARG D 209 2.35 29.34 22.20
C ARG D 209 2.19 27.81 22.02
N ILE D 210 1.80 27.12 23.09
CA ILE D 210 1.52 25.69 23.07
C ILE D 210 0.29 25.40 23.94
N VAL D 211 -0.52 24.43 23.51
CA VAL D 211 -1.74 24.10 24.23
C VAL D 211 -1.41 23.11 25.33
N VAL D 212 -1.43 23.57 26.57
CA VAL D 212 -1.24 22.69 27.76
C VAL D 212 -2.59 22.04 28.07
N MET D 213 -2.69 20.74 27.82
CA MET D 213 -3.92 19.94 28.03
C MET D 213 -3.84 19.12 29.33
N PRO D 214 -4.62 19.50 30.35
CA PRO D 214 -4.66 18.71 31.58
C PRO D 214 -5.24 17.36 31.23
N GLY D 215 -4.73 16.31 31.86
CA GLY D 215 -5.27 14.96 31.71
C GLY D 215 -4.91 14.21 32.98
N GLY D 216 -5.61 13.09 33.22
CA GLY D 216 -5.32 12.25 34.37
C GLY D 216 -6.47 12.34 35.34
N GLY D 217 -7.33 11.32 35.31
CA GLY D 217 -8.44 11.21 36.21
C GLY D 217 -9.43 12.34 36.17
N ILE D 218 -9.61 12.95 35.00
CA ILE D 218 -10.58 14.01 34.91
C ILE D 218 -11.99 13.42 34.84
N THR D 219 -12.86 13.86 35.74
CA THR D 219 -14.21 13.32 35.78
C THR D 219 -15.21 14.44 35.72
N ASP D 220 -16.50 14.09 35.64
CA ASP D 220 -17.56 15.06 35.73
C ASP D 220 -17.60 15.78 37.06
N ARG D 221 -16.95 15.19 38.06
CA ARG D 221 -16.93 15.74 39.42
C ARG D 221 -15.81 16.77 39.63
N ASN D 222 -14.71 16.68 38.88
CA ASN D 222 -13.61 17.64 39.03
C ASN D 222 -13.33 18.56 37.83
N LEU D 223 -14.06 18.35 36.73
CA LEU D 223 -13.81 19.11 35.49
C LEU D 223 -13.89 20.61 35.74
N GLN D 224 -15.02 21.06 36.28
CA GLN D 224 -15.14 22.49 36.50
C GLN D 224 -13.95 23.05 37.26
N ARG D 225 -13.51 22.36 38.32
CA ARG D 225 -12.40 22.90 39.10
C ARG D 225 -11.14 22.94 38.32
N ILE D 226 -10.94 21.92 37.49
CA ILE D 226 -9.71 21.78 36.73
C ILE D 226 -9.66 22.90 35.69
N LEU D 227 -10.79 23.13 35.03
CA LEU D 227 -10.89 24.22 34.08
C LEU D 227 -10.79 25.60 34.75
N GLU D 228 -11.60 25.86 35.76
CA GLU D 228 -11.53 27.17 36.42
C GLU D 228 -10.19 27.44 37.10
N GLY D 229 -9.56 26.39 37.61
CA GLY D 229 -8.27 26.57 38.28
C GLY D 229 -7.04 26.52 37.40
N SER D 230 -7.18 26.23 36.11
CA SER D 230 -6.00 26.22 35.23
C SER D 230 -6.06 27.25 34.10
N GLY D 231 -7.25 27.62 33.65
CA GLY D 231 -7.39 28.46 32.47
C GLY D 231 -7.23 27.65 31.18
N ALA D 232 -7.13 26.32 31.31
CA ALA D 232 -7.00 25.44 30.16
C ALA D 232 -8.13 25.58 29.16
N THR D 233 -7.80 25.40 27.88
CA THR D 233 -8.84 25.41 26.85
C THR D 233 -9.15 24.02 26.30
N GLU D 234 -8.17 23.11 26.32
CA GLU D 234 -8.42 21.74 25.83
C GLU D 234 -8.19 20.80 27.01
N PHE D 235 -8.84 19.65 27.03
CA PHE D 235 -8.64 18.72 28.14
C PHE D 235 -8.88 17.27 27.72
N HIS D 236 -8.20 16.36 28.41
CA HIS D 236 -8.22 14.96 28.04
C HIS D 236 -8.90 14.18 29.15
N CYS D 237 -9.90 13.38 28.79
CA CYS D 237 -10.49 12.46 29.75
C CYS D 237 -10.70 11.03 29.18
N SER D 238 -11.17 10.10 29.99
CA SER D 238 -11.43 8.75 29.46
C SER D 238 -12.93 8.44 29.34
N ALA D 239 -13.69 8.82 30.36
CA ALA D 239 -15.16 8.68 30.36
C ALA D 239 -15.65 7.26 30.04
N ARG D 240 -15.07 6.29 30.73
CA ARG D 240 -15.46 4.90 30.50
C ARG D 240 -16.37 4.38 31.60
N SER D 241 -17.22 3.44 31.24
CA SER D 241 -17.87 2.66 32.27
C SER D 241 -17.70 1.18 31.96
N THR D 242 -17.59 0.39 33.02
CA THR D 242 -17.36 -1.02 32.87
C THR D 242 -18.71 -1.71 32.78
N ARG D 243 -18.87 -2.55 31.77
CA ARG D 243 -20.12 -3.24 31.53
C ARG D 243 -19.88 -4.74 31.51
N ASP D 244 -20.93 -5.52 31.71
CA ASP D 244 -20.78 -6.96 31.81
C ASP D 244 -20.79 -7.62 30.43
N SER D 245 -19.98 -8.67 30.28
CA SER D 245 -20.01 -9.50 29.09
C SER D 245 -21.38 -10.10 28.81
N GLY D 246 -21.66 -10.38 27.53
CA GLY D 246 -22.89 -11.08 27.14
C GLY D 246 -22.81 -12.59 27.31
N MET D 247 -21.64 -13.10 27.72
CA MET D 247 -21.43 -14.54 27.85
C MET D 247 -22.33 -15.15 28.90
N LYS D 248 -23.09 -16.16 28.50
CA LYS D 248 -23.89 -16.94 29.45
C LYS D 248 -23.05 -18.05 30.08
N PHE D 249 -22.23 -18.75 29.30
CA PHE D 249 -21.33 -19.74 29.89
C PHE D 249 -20.04 -19.10 30.40
N ARG D 250 -19.75 -19.32 31.67
CA ARG D 250 -18.55 -18.75 32.30
C ARG D 250 -17.68 -19.81 32.96
N ASN D 251 -16.37 -19.61 32.89
CA ASN D 251 -15.40 -20.47 33.56
C ASN D 251 -14.45 -19.57 34.31
N SER D 252 -14.61 -19.57 35.63
CA SER D 252 -13.84 -18.70 36.51
C SER D 252 -12.42 -19.18 36.76
N SER D 253 -12.13 -20.41 36.36
CA SER D 253 -10.82 -20.97 36.62
C SER D 253 -9.69 -20.45 35.73
N VAL D 254 -10.00 -19.99 34.52
CA VAL D 254 -8.91 -19.54 33.65
C VAL D 254 -8.70 -18.02 33.71
N ALA D 255 -7.43 -17.64 33.66
CA ALA D 255 -7.05 -16.25 33.55
C ALA D 255 -6.18 -16.06 32.27
N MET D 256 -6.69 -15.29 31.30
CA MET D 256 -5.93 -15.02 30.05
C MET D 256 -4.66 -14.29 30.36
N GLY D 257 -4.82 -13.22 31.15
CA GLY D 257 -3.73 -12.38 31.65
C GLY D 257 -2.32 -12.86 31.39
N SER D 261 -5.24 -8.86 36.53
CA SER D 261 -6.60 -8.73 36.03
C SER D 261 -7.65 -9.25 37.04
N CYS D 262 -8.76 -8.51 37.14
CA CYS D 262 -9.84 -8.82 38.09
C CYS D 262 -10.99 -9.65 37.53
N SER D 263 -11.07 -9.74 36.20
CA SER D 263 -12.15 -10.49 35.54
C SER D 263 -11.91 -10.65 34.04
N GLU D 264 -12.43 -11.74 33.48
CA GLU D 264 -12.38 -12.01 32.04
C GLU D 264 -13.76 -11.82 31.39
N TYR D 265 -14.72 -11.30 32.16
CA TYR D 265 -16.09 -11.18 31.69
C TYR D 265 -16.66 -9.77 31.82
N SER D 266 -15.79 -8.78 31.87
CA SER D 266 -16.20 -7.39 31.98
C SER D 266 -15.57 -6.57 30.87
N LEU D 267 -16.30 -5.56 30.41
CA LEU D 267 -15.88 -4.68 29.31
C LEU D 267 -15.97 -3.22 29.70
N LYS D 268 -14.92 -2.45 29.41
CA LYS D 268 -15.06 -1.01 29.55
C LYS D 268 -15.12 -0.31 28.22
N VAL D 269 -16.12 0.55 28.12
CA VAL D 269 -16.54 1.21 26.90
C VAL D 269 -16.75 2.67 27.23
N THR D 270 -16.31 3.53 26.32
CA THR D 270 -16.56 4.95 26.41
C THR D 270 -18.06 5.19 26.50
N ASP D 271 -18.50 5.79 27.61
CA ASP D 271 -19.93 5.97 27.90
C ASP D 271 -20.44 7.29 27.33
N VAL D 272 -21.49 7.22 26.53
CA VAL D 272 -22.05 8.39 25.86
C VAL D 272 -22.56 9.38 26.89
N THR D 273 -23.29 8.86 27.89
CA THR D 273 -23.82 9.68 28.98
C THR D 273 -22.71 10.44 29.64
N LYS D 274 -21.63 9.75 29.99
CA LYS D 274 -20.50 10.40 30.65
C LYS D 274 -19.80 11.46 29.80
N VAL D 275 -19.69 11.20 28.49
CA VAL D 275 -19.06 12.13 27.57
C VAL D 275 -19.98 13.34 27.46
N ARG D 276 -21.29 13.08 27.33
CA ARG D 276 -22.33 14.11 27.26
C ARG D 276 -22.32 15.11 28.44
N THR D 277 -22.26 14.61 29.67
CA THR D 277 -22.27 15.50 30.84
C THR D 277 -20.93 16.23 31.00
N LEU D 278 -19.83 15.57 30.65
CA LEU D 278 -18.56 16.29 30.64
C LEU D 278 -18.64 17.44 29.64
N ASN D 279 -19.37 17.24 28.55
CA ASN D 279 -19.52 18.29 27.58
C ASN D 279 -20.46 19.41 28.08
N ALA D 280 -21.52 19.02 28.79
CA ALA D 280 -22.43 19.97 29.42
C ALA D 280 -21.66 20.82 30.44
N ILE D 281 -20.77 20.18 31.20
CA ILE D 281 -20.03 20.96 32.19
C ILE D 281 -19.18 22.01 31.50
N ALA D 282 -18.58 21.64 30.36
CA ALA D 282 -17.77 22.57 29.56
C ALA D 282 -18.56 23.75 28.97
N LYS D 283 -19.83 23.57 28.64
CA LYS D 283 -20.63 24.72 28.19
C LYS D 283 -21.39 25.46 29.29
N ASN D 284 -21.01 25.22 30.55
CA ASN D 284 -21.47 26.04 31.67
C ASN D 284 -20.37 26.95 32.19
N ILE D 285 -19.13 26.67 31.79
CA ILE D 285 -17.97 27.50 32.14
C ILE D 285 -17.68 28.48 30.99
N LEU D 286 -18.58 29.43 30.81
CA LEU D 286 -18.37 30.53 29.87
C LEU D 286 -19.17 31.73 30.37
N ASN E 38 -30.56 27.13 -46.24
CA ASN E 38 -31.07 26.21 -45.18
C ASN E 38 -30.53 26.57 -43.79
N GLY E 39 -31.35 26.29 -42.76
CA GLY E 39 -30.94 26.55 -41.38
C GLY E 39 -31.47 25.53 -40.39
N PHE E 40 -31.73 24.31 -40.85
CA PHE E 40 -32.32 23.27 -40.00
C PHE E 40 -31.36 22.11 -39.77
N LEU E 41 -31.31 21.62 -38.53
CA LEU E 41 -30.45 20.47 -38.22
C LEU E 41 -31.25 19.20 -37.93
N MET E 42 -30.85 18.11 -38.58
CA MET E 42 -31.48 16.79 -38.41
C MET E 42 -30.65 15.79 -37.59
N GLU E 43 -31.21 15.37 -36.47
CA GLU E 43 -30.60 14.37 -35.60
C GLU E 43 -31.36 13.04 -35.73
N VAL E 44 -30.61 11.94 -35.72
CA VAL E 44 -31.16 10.59 -35.90
C VAL E 44 -30.66 9.66 -34.78
N CYS E 45 -31.60 8.96 -34.13
CA CYS E 45 -31.26 7.91 -33.17
C CYS E 45 -30.85 6.69 -33.97
N VAL E 46 -29.77 6.04 -33.55
CA VAL E 46 -29.23 4.91 -34.29
C VAL E 46 -28.58 3.84 -33.40
N ASP E 47 -28.72 2.58 -33.81
CA ASP E 47 -28.23 1.45 -32.99
C ASP E 47 -27.13 0.58 -33.63
N SER E 48 -27.16 0.41 -34.95
CA SER E 48 -26.10 -0.33 -35.64
C SER E 48 -25.15 0.65 -36.31
N VAL E 49 -24.04 0.14 -36.82
CA VAL E 49 -23.08 0.97 -37.54
C VAL E 49 -23.59 1.25 -38.95
N GLU E 50 -24.27 0.26 -39.54
CA GLU E 50 -24.89 0.40 -40.86
C GLU E 50 -25.85 1.59 -40.86
N SER E 51 -26.73 1.58 -39.86
CA SER E 51 -27.74 2.62 -39.74
C SER E 51 -27.13 4.00 -39.50
N ALA E 52 -26.00 4.03 -38.78
CA ALA E 52 -25.26 5.27 -38.55
C ALA E 52 -24.69 5.80 -39.85
N VAL E 53 -24.18 4.88 -40.67
CA VAL E 53 -23.57 5.23 -41.95
C VAL E 53 -24.66 5.72 -42.91
N ASN E 54 -25.82 5.08 -42.85
CA ASN E 54 -26.96 5.43 -43.70
C ASN E 54 -27.54 6.79 -43.38
N ALA E 55 -27.52 7.15 -42.11
CA ALA E 55 -27.95 8.48 -41.67
C ALA E 55 -27.06 9.62 -42.21
N GLU E 56 -25.74 9.40 -42.20
CA GLU E 56 -24.79 10.34 -42.79
C GLU E 56 -24.88 10.29 -44.32
N ARG E 57 -25.08 9.08 -44.85
CA ARG E 57 -25.27 8.84 -46.29
C ARG E 57 -26.48 9.59 -46.84
N GLY E 58 -27.39 9.99 -45.95
CA GLY E 58 -28.60 10.70 -46.34
C GLY E 58 -28.64 12.16 -45.94
N GLY E 59 -27.54 12.64 -45.35
CA GLY E 59 -27.39 14.06 -45.05
C GLY E 59 -27.56 14.50 -43.60
N ALA E 60 -27.85 13.54 -42.71
CA ALA E 60 -28.00 13.83 -41.29
C ALA E 60 -26.82 14.66 -40.77
N ASP E 61 -27.16 15.61 -39.92
CA ASP E 61 -26.24 16.61 -39.38
C ASP E 61 -25.58 16.13 -38.07
N ARG E 62 -26.27 15.20 -37.40
CA ARG E 62 -25.89 14.72 -36.08
C ARG E 62 -26.54 13.37 -35.89
N ILE E 63 -25.96 12.60 -34.99
CA ILE E 63 -26.40 11.24 -34.73
C ILE E 63 -26.43 11.00 -33.23
N GLU E 64 -27.46 10.32 -32.78
CA GLU E 64 -27.55 9.82 -31.42
C GLU E 64 -27.37 8.31 -31.43
N LEU E 65 -26.35 7.81 -30.71
CA LEU E 65 -26.20 6.37 -30.51
C LEU E 65 -27.11 5.91 -29.40
N CYS E 66 -27.98 4.97 -29.71
CA CYS E 66 -29.06 4.60 -28.80
C CYS E 66 -28.97 3.13 -28.39
N SER E 67 -29.06 2.20 -29.34
CA SER E 67 -29.02 0.76 -29.03
C SER E 67 -29.88 0.33 -27.82
N GLY E 68 -31.19 0.27 -28.05
CA GLY E 68 -32.20 -0.04 -27.05
C GLY E 68 -33.49 0.67 -27.42
N LEU E 69 -33.75 0.75 -28.73
CA LEU E 69 -34.80 1.58 -29.29
C LEU E 69 -36.22 1.26 -28.80
N SER E 70 -36.55 -0.02 -28.67
CA SER E 70 -37.83 -0.47 -28.11
C SER E 70 -38.12 0.19 -26.76
N GLU E 71 -37.10 0.25 -25.92
CA GLU E 71 -37.22 0.84 -24.60
C GLU E 71 -37.10 2.36 -24.67
N GLY E 72 -36.94 2.87 -25.89
CA GLY E 72 -36.81 4.31 -26.10
C GLY E 72 -35.36 4.74 -26.20
N GLY E 73 -34.45 3.79 -26.00
CA GLY E 73 -33.03 4.08 -26.06
C GLY E 73 -32.32 3.85 -24.74
N THR E 74 -31.20 3.13 -24.79
CA THR E 74 -30.43 2.84 -23.59
C THR E 74 -28.94 2.79 -23.89
N THR E 75 -28.16 3.59 -23.16
CA THR E 75 -26.72 3.64 -23.35
C THR E 75 -26.24 2.46 -24.19
N PRO E 76 -25.54 2.77 -25.29
CA PRO E 76 -25.01 1.72 -26.19
C PRO E 76 -23.71 1.10 -25.67
N SER E 77 -23.24 0.06 -26.35
CA SER E 77 -21.95 -0.56 -25.97
C SER E 77 -20.87 0.40 -26.41
N MET E 78 -19.70 0.34 -25.79
CA MET E 78 -18.63 1.23 -26.24
C MET E 78 -18.05 0.77 -27.55
N GLY E 79 -18.22 -0.51 -27.84
CA GLY E 79 -17.86 -1.07 -29.15
C GLY E 79 -18.46 -0.27 -30.30
N VAL E 80 -19.80 -0.27 -30.39
CA VAL E 80 -20.50 0.51 -31.39
C VAL E 80 -19.85 1.89 -31.45
N LEU E 81 -19.83 2.56 -30.30
CA LEU E 81 -19.29 3.91 -30.19
C LEU E 81 -17.95 4.08 -30.86
N GLN E 82 -17.03 3.13 -30.65
CA GLN E 82 -15.69 3.14 -31.24
C GLN E 82 -15.70 2.97 -32.76
N VAL E 83 -16.40 1.92 -33.21
CA VAL E 83 -16.45 1.57 -34.62
C VAL E 83 -17.24 2.63 -35.40
N VAL E 84 -18.28 3.17 -34.77
CA VAL E 84 -19.05 4.23 -35.39
C VAL E 84 -18.19 5.49 -35.51
N LYS E 85 -17.59 5.90 -34.38
CA LYS E 85 -16.80 7.12 -34.29
C LYS E 85 -15.76 7.16 -35.39
N GLN E 86 -15.43 5.97 -35.91
CA GLN E 86 -14.42 5.82 -36.96
C GLN E 86 -14.99 5.30 -38.30
N SER E 87 -16.20 5.73 -38.64
CA SER E 87 -16.77 5.41 -39.95
C SER E 87 -17.72 6.52 -40.38
N VAL E 88 -17.76 7.55 -39.54
CA VAL E 88 -18.68 8.67 -39.67
C VAL E 88 -17.97 9.90 -39.13
N GLN E 89 -18.13 11.01 -39.83
CA GLN E 89 -17.44 12.23 -39.48
C GLN E 89 -18.39 13.25 -38.85
N ILE E 90 -19.69 12.99 -38.95
CA ILE E 90 -20.70 13.85 -38.28
C ILE E 90 -20.77 13.54 -36.78
N PRO E 91 -20.99 14.60 -35.96
CA PRO E 91 -21.02 14.55 -34.48
C PRO E 91 -21.92 13.47 -33.84
N VAL E 92 -21.29 12.50 -33.19
CA VAL E 92 -21.97 11.41 -32.52
C VAL E 92 -22.27 11.75 -31.03
N PHE E 93 -23.54 11.94 -30.73
CA PHE E 93 -23.94 12.09 -29.34
C PHE E 93 -24.17 10.68 -28.79
N VAL E 94 -24.32 10.55 -27.47
CA VAL E 94 -24.42 9.24 -26.85
C VAL E 94 -25.43 9.23 -25.72
N MET E 95 -26.48 8.44 -25.93
CA MET E 95 -27.50 8.24 -24.93
C MET E 95 -26.87 7.75 -23.63
N ILE E 96 -27.27 8.36 -22.51
CA ILE E 96 -26.85 7.87 -21.23
C ILE E 96 -28.09 7.58 -20.42
N ARG E 97 -28.67 6.40 -20.67
CA ARG E 97 -29.83 5.92 -19.93
C ARG E 97 -29.67 4.45 -19.49
N PRO E 98 -29.55 4.23 -18.18
CA PRO E 98 -29.26 2.88 -17.66
C PRO E 98 -30.39 1.85 -17.84
N ARG E 99 -31.52 2.25 -18.43
CA ARG E 99 -32.69 1.39 -18.55
C ARG E 99 -33.85 2.19 -19.12
N GLY E 100 -34.94 1.51 -19.45
CA GLY E 100 -36.15 2.19 -19.86
C GLY E 100 -36.92 2.62 -18.64
N GLY E 101 -38.17 3.03 -18.85
CA GLY E 101 -39.01 3.52 -17.75
C GLY E 101 -38.63 4.90 -17.24
N ASP E 102 -38.89 5.13 -15.95
CA ASP E 102 -38.80 6.45 -15.34
C ASP E 102 -37.38 6.96 -15.21
N PHE E 103 -37.27 8.25 -14.96
CA PHE E 103 -35.98 8.92 -14.82
C PHE E 103 -35.75 9.27 -13.35
N LEU E 104 -36.38 8.49 -12.48
CA LEU E 104 -36.12 8.52 -11.05
C LEU E 104 -35.04 7.48 -10.77
N TYR E 105 -33.79 7.94 -10.68
CA TYR E 105 -32.67 7.02 -10.56
C TYR E 105 -32.22 6.75 -9.15
N SER E 106 -31.86 5.50 -8.89
CA SER E 106 -31.31 5.09 -7.61
C SER E 106 -29.82 5.36 -7.60
N ASP E 107 -29.23 5.34 -6.41
CA ASP E 107 -27.83 5.60 -6.22
C ASP E 107 -26.93 4.72 -7.09
N ARG E 108 -27.27 3.43 -7.17
CA ARG E 108 -26.46 2.52 -7.94
C ARG E 108 -26.60 2.82 -9.43
N GLU E 109 -27.80 3.17 -9.85
CA GLU E 109 -28.06 3.57 -11.24
C GLU E 109 -27.27 4.82 -11.63
N ILE E 110 -27.34 5.85 -10.80
CA ILE E 110 -26.63 7.12 -11.06
C ILE E 110 -25.11 6.89 -11.18
N GLU E 111 -24.61 5.90 -10.45
CA GLU E 111 -23.21 5.49 -10.51
C GLU E 111 -22.83 4.94 -11.89
N VAL E 112 -23.72 4.12 -12.45
CA VAL E 112 -23.53 3.56 -13.80
C VAL E 112 -23.56 4.66 -14.85
N MET E 113 -24.47 5.62 -14.66
CA MET E 113 -24.52 6.80 -15.53
C MET E 113 -23.17 7.51 -15.51
N LYS E 114 -22.63 7.73 -14.31
CA LYS E 114 -21.30 8.34 -14.12
C LYS E 114 -20.20 7.55 -14.81
N ALA E 115 -20.15 6.25 -14.54
CA ALA E 115 -19.14 5.40 -15.17
C ALA E 115 -19.23 5.50 -16.69
N ASP E 116 -20.45 5.37 -17.22
CA ASP E 116 -20.68 5.45 -18.66
C ASP E 116 -20.41 6.83 -19.23
N ILE E 117 -20.68 7.88 -18.45
CA ILE E 117 -20.33 9.24 -18.87
C ILE E 117 -18.83 9.33 -19.21
N ARG E 118 -17.97 8.95 -18.27
CA ARG E 118 -16.50 9.13 -18.44
C ARG E 118 -15.87 8.12 -19.40
N LEU E 119 -16.55 7.00 -19.58
CA LEU E 119 -16.24 6.03 -20.61
C LEU E 119 -16.61 6.55 -21.98
N ALA E 120 -17.83 7.12 -22.10
CA ALA E 120 -18.32 7.61 -23.39
C ALA E 120 -17.44 8.76 -23.87
N LYS E 121 -17.12 9.67 -22.95
CA LYS E 121 -16.15 10.76 -23.21
C LYS E 121 -14.90 10.14 -23.80
N LEU E 122 -14.34 9.19 -23.05
CA LEU E 122 -13.04 8.59 -23.37
C LEU E 122 -12.97 7.93 -24.73
N TYR E 123 -14.08 7.40 -25.22
CA TYR E 123 -14.07 6.67 -26.47
C TYR E 123 -14.53 7.49 -27.69
N GLY E 124 -14.67 8.81 -27.50
CA GLY E 124 -14.89 9.76 -28.61
C GLY E 124 -16.22 10.48 -28.75
N ALA E 125 -17.08 10.35 -27.73
CA ALA E 125 -18.39 11.04 -27.73
C ALA E 125 -18.31 12.56 -27.93
N ASP E 126 -19.16 13.08 -28.82
CA ASP E 126 -19.22 14.52 -29.09
C ASP E 126 -20.26 15.20 -28.21
N GLY E 127 -21.22 14.39 -27.76
CA GLY E 127 -22.28 14.87 -26.89
C GLY E 127 -22.82 13.75 -26.02
N LEU E 128 -23.53 14.18 -24.99
CA LEU E 128 -24.14 13.32 -23.99
C LEU E 128 -25.61 13.67 -23.86
N VAL E 129 -26.45 12.63 -23.85
CA VAL E 129 -27.89 12.79 -23.78
C VAL E 129 -28.40 12.11 -22.51
N PHE E 130 -29.06 12.87 -21.66
CA PHE E 130 -29.63 12.30 -20.46
C PHE E 130 -30.78 13.13 -19.92
N GLY E 131 -31.43 12.59 -18.89
CA GLY E 131 -32.45 13.30 -18.13
C GLY E 131 -32.62 12.65 -16.78
N ALA E 132 -32.64 13.45 -15.72
CA ALA E 132 -32.97 12.94 -14.40
C ALA E 132 -34.18 13.69 -13.86
N LEU E 133 -34.95 13.03 -13.00
CA LEU E 133 -36.25 13.52 -12.59
C LEU E 133 -36.53 13.29 -11.10
N THR E 134 -37.42 14.10 -10.52
CA THR E 134 -37.86 13.95 -9.13
C THR E 134 -39.25 13.29 -9.06
N GLU E 135 -39.61 12.80 -7.88
CA GLU E 135 -40.90 12.15 -7.64
C GLU E 135 -42.09 13.11 -7.88
N ASP E 136 -41.89 14.39 -7.56
CA ASP E 136 -42.88 15.43 -7.75
C ASP E 136 -43.14 15.73 -9.22
N GLY E 137 -42.25 15.26 -10.09
CA GLY E 137 -42.37 15.50 -11.52
C GLY E 137 -41.64 16.75 -11.97
N HIS E 138 -40.67 17.18 -11.17
CA HIS E 138 -39.75 18.28 -11.50
C HIS E 138 -38.39 17.71 -11.91
N ILE E 139 -37.58 18.51 -12.59
CA ILE E 139 -36.24 18.07 -12.91
C ILE E 139 -35.41 18.08 -11.61
N ASP E 140 -34.61 17.05 -11.38
CA ASP E 140 -33.76 16.99 -10.19
C ASP E 140 -32.45 17.73 -10.39
N LYS E 141 -32.35 18.89 -9.74
CA LYS E 141 -31.33 19.88 -10.00
C LYS E 141 -29.92 19.41 -9.65
N GLU E 142 -29.71 19.04 -8.38
CA GLU E 142 -28.38 18.65 -7.92
C GLU E 142 -27.87 17.38 -8.61
N LEU E 143 -28.80 16.52 -9.01
CA LEU E 143 -28.50 15.32 -9.79
C LEU E 143 -28.02 15.70 -11.19
N CYS E 144 -28.75 16.61 -11.83
CA CYS E 144 -28.36 17.15 -13.13
C CYS E 144 -27.06 17.95 -13.06
N MET E 145 -26.92 18.72 -11.98
CA MET E 145 -25.73 19.49 -11.68
C MET E 145 -24.48 18.64 -11.73
N SER E 146 -24.55 17.51 -11.02
CA SER E 146 -23.37 16.67 -10.84
C SER E 146 -23.03 15.87 -12.09
N LEU E 147 -24.07 15.35 -12.75
CA LEU E 147 -23.88 14.71 -14.06
C LEU E 147 -23.36 15.72 -15.06
N MET E 148 -23.99 16.90 -15.09
CA MET E 148 -23.53 18.02 -15.88
C MET E 148 -22.05 18.30 -15.65
N ALA E 149 -21.61 18.17 -14.39
CA ALA E 149 -20.20 18.43 -14.04
C ALA E 149 -19.22 17.41 -14.64
N ILE E 150 -19.62 16.14 -14.63
CA ILE E 150 -18.82 15.06 -15.21
C ILE E 150 -18.83 15.11 -16.76
N CYS E 151 -19.86 15.74 -17.30
CA CYS E 151 -20.12 15.79 -18.74
C CYS E 151 -19.28 16.82 -19.50
N ARG E 152 -19.02 17.95 -18.85
CA ARG E 152 -18.27 19.03 -19.47
C ARG E 152 -16.84 18.57 -19.80
N PRO E 153 -16.27 19.07 -20.93
CA PRO E 153 -16.74 20.16 -21.79
C PRO E 153 -17.78 19.78 -22.85
N LEU E 154 -18.27 18.55 -22.83
CA LEU E 154 -19.20 18.08 -23.87
C LEU E 154 -20.55 18.80 -23.84
N PRO E 155 -21.14 19.03 -25.02
CA PRO E 155 -22.55 19.45 -25.05
C PRO E 155 -23.50 18.38 -24.48
N VAL E 156 -24.47 18.82 -23.70
CA VAL E 156 -25.45 17.93 -23.09
C VAL E 156 -26.85 18.28 -23.56
N THR E 157 -27.67 17.27 -23.79
CA THR E 157 -29.07 17.49 -24.14
C THR E 157 -29.98 16.77 -23.16
N PHE E 158 -30.90 17.51 -22.57
CA PHE E 158 -31.90 16.92 -21.70
C PHE E 158 -32.93 16.31 -22.63
N HIS E 159 -33.06 14.98 -22.60
CA HIS E 159 -33.95 14.27 -23.52
C HIS E 159 -35.42 14.26 -23.09
N ARG E 160 -36.17 13.29 -23.58
CA ARG E 160 -37.61 13.33 -23.52
C ARG E 160 -38.19 13.09 -22.12
N ALA E 161 -37.31 13.03 -21.12
CA ALA E 161 -37.68 13.12 -19.72
C ALA E 161 -38.41 14.44 -19.46
N PHE E 162 -38.27 15.37 -20.40
CA PHE E 162 -38.95 16.65 -20.36
C PHE E 162 -40.48 16.48 -20.40
N ASP E 163 -40.94 15.70 -21.37
CA ASP E 163 -42.36 15.51 -21.63
C ASP E 163 -43.06 14.88 -20.44
N MET E 164 -42.26 14.42 -19.48
CA MET E 164 -42.73 13.69 -18.32
C MET E 164 -42.78 14.60 -17.10
N VAL E 165 -42.47 15.87 -17.31
CA VAL E 165 -42.42 16.85 -16.24
C VAL E 165 -43.84 17.37 -15.96
N HIS E 166 -44.03 18.01 -14.80
CA HIS E 166 -45.32 18.58 -14.41
C HIS E 166 -45.46 20.05 -14.85
N ASP E 167 -44.37 20.81 -14.73
CA ASP E 167 -44.35 22.23 -15.11
C ASP E 167 -43.34 22.53 -16.23
N PRO E 168 -43.72 22.29 -17.52
CA PRO E 168 -42.78 22.41 -18.65
C PRO E 168 -42.24 23.81 -18.90
N MET E 169 -42.53 24.73 -17.99
CA MET E 169 -42.17 26.14 -18.14
C MET E 169 -41.04 26.50 -17.19
N ALA E 170 -41.28 26.24 -15.91
CA ALA E 170 -40.27 26.34 -14.86
C ALA E 170 -39.13 25.33 -15.10
N ALA E 171 -39.49 24.14 -15.62
CA ALA E 171 -38.53 23.10 -16.01
C ALA E 171 -37.57 23.56 -17.12
N LEU E 172 -38.11 24.16 -18.19
CA LEU E 172 -37.29 24.80 -19.22
C LEU E 172 -36.35 25.86 -18.62
N GLU E 173 -36.92 26.71 -17.77
CA GLU E 173 -36.17 27.72 -17.05
C GLU E 173 -35.08 27.07 -16.19
N THR E 174 -35.39 25.91 -15.59
CA THR E 174 -34.41 25.15 -14.79
C THR E 174 -33.33 24.54 -15.68
N LEU E 175 -33.72 24.10 -16.87
CA LEU E 175 -32.79 23.50 -17.81
C LEU E 175 -31.79 24.53 -18.39
N LEU E 176 -32.28 25.69 -18.78
CA LEU E 176 -31.37 26.73 -19.24
C LEU E 176 -30.41 27.25 -18.15
N THR E 177 -30.92 27.43 -16.93
CA THR E 177 -30.07 27.89 -15.80
C THR E 177 -28.99 26.88 -15.39
N LEU E 178 -29.25 25.59 -15.60
CA LEU E 178 -28.25 24.54 -15.39
C LEU E 178 -27.32 24.37 -16.62
N GLY E 179 -27.73 24.93 -17.74
CA GLY E 179 -26.85 25.13 -18.88
C GLY E 179 -26.78 24.01 -19.90
N PHE E 180 -27.86 23.24 -20.00
CA PHE E 180 -27.98 22.23 -21.07
C PHE E 180 -28.13 22.99 -22.36
N GLU E 181 -27.48 22.50 -23.42
CA GLU E 181 -27.57 23.13 -24.74
C GLU E 181 -28.93 22.90 -25.43
N ARG E 182 -29.50 21.71 -25.24
CA ARG E 182 -30.68 21.27 -25.98
C ARG E 182 -31.72 20.58 -25.09
N VAL E 183 -32.96 20.50 -25.59
CA VAL E 183 -34.03 19.72 -24.97
C VAL E 183 -34.85 19.03 -26.07
N LEU E 184 -34.80 17.71 -26.11
CA LEU E 184 -35.63 16.93 -27.04
C LEU E 184 -37.03 16.83 -26.44
N THR E 185 -38.04 17.07 -27.28
CA THR E 185 -39.40 17.18 -26.77
C THR E 185 -40.47 16.99 -27.83
N SER E 186 -41.56 16.32 -27.43
CA SER E 186 -42.77 16.24 -28.22
C SER E 186 -43.82 17.15 -27.61
N GLY E 187 -43.38 18.01 -26.69
CA GLY E 187 -44.29 18.91 -25.99
C GLY E 187 -45.34 18.18 -25.17
N CYS E 188 -44.88 17.31 -24.27
CA CYS E 188 -45.74 16.60 -23.32
C CYS E 188 -46.92 15.82 -23.92
N ASP E 189 -46.74 15.34 -25.15
CA ASP E 189 -47.79 14.59 -25.83
C ASP E 189 -47.24 13.44 -26.66
N SER E 190 -48.14 12.60 -27.17
CA SER E 190 -47.80 11.35 -27.87
C SER E 190 -46.95 11.52 -29.11
N SER E 191 -46.94 12.73 -29.67
CA SER E 191 -46.20 13.00 -30.88
C SER E 191 -45.74 14.45 -30.88
N ALA E 192 -44.87 14.80 -31.82
CA ALA E 192 -44.40 16.17 -31.95
C ALA E 192 -45.49 17.02 -32.60
N LEU E 193 -46.25 16.39 -33.52
CA LEU E 193 -47.43 17.02 -34.10
C LEU E 193 -48.55 17.21 -33.07
N GLU E 194 -48.63 16.32 -32.09
CA GLU E 194 -49.65 16.42 -31.04
C GLU E 194 -49.37 17.53 -30.02
N GLY E 195 -48.08 17.79 -29.76
CA GLY E 195 -47.69 18.77 -28.75
C GLY E 195 -47.07 20.03 -29.33
N LEU E 196 -47.21 20.20 -30.65
CA LEU E 196 -46.67 21.35 -31.38
C LEU E 196 -47.02 22.74 -30.80
N PRO E 197 -48.30 22.98 -30.43
CA PRO E 197 -48.65 24.21 -29.72
C PRO E 197 -47.88 24.44 -28.41
N LEU E 198 -47.31 23.39 -27.83
CA LEU E 198 -46.52 23.55 -26.60
C LEU E 198 -45.04 23.85 -26.89
N ILE E 199 -44.53 23.36 -28.01
CA ILE E 199 -43.13 23.61 -28.38
C ILE E 199 -42.96 24.94 -29.11
N LYS E 200 -44.02 25.39 -29.77
CA LYS E 200 -44.09 26.73 -30.35
C LYS E 200 -43.83 27.75 -29.25
N ARG E 201 -44.66 27.66 -28.21
CA ARG E 201 -44.63 28.50 -27.00
C ARG E 201 -43.34 28.32 -26.17
N LEU E 202 -42.62 27.24 -26.45
CA LEU E 202 -41.42 26.91 -25.69
C LEU E 202 -40.17 27.52 -26.32
N ILE E 203 -40.18 27.64 -27.65
CA ILE E 203 -39.10 28.30 -28.41
C ILE E 203 -39.14 29.81 -28.20
N GLU E 204 -40.34 30.37 -28.29
CA GLU E 204 -40.55 31.81 -28.09
C GLU E 204 -40.22 32.25 -26.67
N GLN E 205 -40.31 31.32 -25.73
CA GLN E 205 -39.92 31.56 -24.36
C GLN E 205 -38.41 31.42 -24.24
N ALA E 206 -37.83 30.51 -25.03
CA ALA E 206 -36.40 30.22 -24.99
C ALA E 206 -35.54 31.35 -25.59
N LYS E 207 -35.87 31.73 -26.83
CA LYS E 207 -35.13 32.77 -27.56
C LYS E 207 -33.67 32.40 -27.79
N GLY E 208 -33.44 31.26 -28.41
CA GLY E 208 -32.10 30.80 -28.76
C GLY E 208 -31.13 30.61 -27.60
N ARG E 209 -31.64 30.67 -26.37
CA ARG E 209 -30.87 30.38 -25.16
C ARG E 209 -30.53 28.88 -25.07
N ILE E 210 -31.55 28.04 -24.96
CA ILE E 210 -31.42 26.59 -25.17
C ILE E 210 -32.18 26.21 -26.44
N VAL E 211 -31.65 25.23 -27.18
CA VAL E 211 -32.33 24.75 -28.36
C VAL E 211 -33.49 23.84 -27.95
N VAL E 212 -34.70 24.19 -28.39
CA VAL E 212 -35.85 23.36 -28.16
C VAL E 212 -36.07 22.46 -29.40
N MET E 213 -35.70 21.19 -29.24
CA MET E 213 -35.76 20.16 -30.29
C MET E 213 -37.07 19.34 -30.30
N PRO E 214 -37.93 19.57 -31.31
CA PRO E 214 -39.11 18.72 -31.51
C PRO E 214 -38.73 17.27 -31.78
N GLY E 215 -39.35 16.36 -31.04
CA GLY E 215 -39.20 14.92 -31.25
C GLY E 215 -40.46 14.13 -30.92
N GLY E 216 -40.63 13.00 -31.60
CA GLY E 216 -41.80 12.14 -31.37
C GLY E 216 -42.44 11.78 -32.67
N GLY E 217 -41.98 10.66 -33.23
CA GLY E 217 -42.50 10.13 -34.48
C GLY E 217 -42.68 11.19 -35.55
N ILE E 218 -41.57 11.70 -36.06
CA ILE E 218 -41.66 12.62 -37.18
C ILE E 218 -41.20 11.91 -38.46
N THR E 219 -42.01 12.07 -39.50
CA THR E 219 -41.81 11.41 -40.78
C THR E 219 -41.89 12.48 -41.87
N ASP E 220 -41.56 12.11 -43.10
CA ASP E 220 -41.64 13.02 -44.24
C ASP E 220 -43.04 13.66 -44.39
N ARG E 221 -44.07 12.89 -44.05
CA ARG E 221 -45.46 13.32 -44.20
C ARG E 221 -45.87 14.41 -43.21
N ASN E 222 -45.06 14.66 -42.18
CA ASN E 222 -45.38 15.71 -41.20
C ASN E 222 -44.23 16.65 -40.76
N LEU E 223 -43.14 16.67 -41.53
CA LEU E 223 -42.01 17.55 -41.20
C LEU E 223 -42.37 19.02 -41.38
N GLN E 224 -43.03 19.32 -42.50
CA GLN E 224 -43.43 20.69 -42.85
C GLN E 224 -44.28 21.32 -41.76
N ARG E 225 -45.35 20.64 -41.39
CA ARG E 225 -46.30 21.14 -40.40
C ARG E 225 -45.63 21.41 -39.06
N ILE E 226 -44.56 20.68 -38.75
CA ILE E 226 -43.87 20.81 -37.46
C ILE E 226 -42.85 21.96 -37.48
N LEU E 227 -42.06 22.07 -38.56
CA LEU E 227 -41.13 23.19 -38.73
C LEU E 227 -41.92 24.49 -38.89
N GLU E 228 -42.65 24.59 -39.99
CA GLU E 228 -43.51 25.74 -40.28
C GLU E 228 -44.71 25.69 -39.35
N GLY E 229 -44.46 25.63 -38.05
CA GLY E 229 -45.53 25.47 -37.06
C GLY E 229 -45.05 25.63 -35.63
N SER E 230 -43.74 25.60 -35.43
CA SER E 230 -43.16 25.74 -34.11
C SER E 230 -42.09 26.82 -34.08
N GLY E 231 -41.46 27.04 -35.24
CA GLY E 231 -40.32 27.94 -35.33
C GLY E 231 -39.03 27.32 -34.80
N ALA E 232 -38.91 26.00 -34.90
CA ALA E 232 -37.71 25.26 -34.50
C ALA E 232 -36.74 25.10 -35.66
N THR E 233 -35.46 24.95 -35.34
CA THR E 233 -34.42 24.76 -36.36
C THR E 233 -33.67 23.43 -36.24
N GLU E 234 -33.76 22.80 -35.08
CA GLU E 234 -33.17 21.47 -34.90
C GLU E 234 -34.27 20.47 -34.53
N PHE E 235 -34.33 19.39 -35.30
CA PHE E 235 -35.36 18.36 -35.12
C PHE E 235 -34.76 16.95 -35.06
N HIS E 236 -35.49 16.05 -34.42
CA HIS E 236 -35.02 14.71 -34.13
C HIS E 236 -35.98 13.66 -34.70
N CYS E 237 -35.47 12.77 -35.56
CA CYS E 237 -36.29 11.75 -36.19
C CYS E 237 -35.64 10.36 -36.24
N SER E 238 -36.43 9.34 -36.60
CA SER E 238 -35.95 7.95 -36.60
C SER E 238 -35.67 7.44 -38.01
N ALA E 239 -36.65 7.61 -38.90
CA ALA E 239 -36.55 7.19 -40.30
C ALA E 239 -36.00 5.75 -40.51
N ARG E 240 -36.67 4.78 -39.91
CA ARG E 240 -36.27 3.36 -40.03
C ARG E 240 -37.14 2.61 -41.04
N SER E 241 -36.75 1.38 -41.37
CA SER E 241 -37.59 0.47 -42.13
C SER E 241 -37.41 -0.98 -41.69
N THR E 242 -38.53 -1.72 -41.61
CA THR E 242 -38.50 -3.15 -41.27
C THR E 242 -37.99 -3.96 -42.47
N ARG E 243 -36.85 -4.61 -42.28
CA ARG E 243 -36.24 -5.45 -43.32
C ARG E 243 -36.15 -6.88 -42.83
N ASP E 244 -36.44 -7.83 -43.72
CA ASP E 244 -36.46 -9.26 -43.39
C ASP E 244 -35.05 -9.82 -43.20
N SER E 245 -34.91 -10.81 -42.33
CA SER E 245 -33.60 -11.40 -42.05
C SER E 245 -33.14 -12.33 -43.18
N GLY E 246 -31.84 -12.36 -43.41
CA GLY E 246 -31.24 -13.21 -44.44
C GLY E 246 -31.25 -14.71 -44.18
N MET E 247 -31.79 -15.12 -43.03
CA MET E 247 -31.88 -16.54 -42.67
C MET E 247 -32.77 -17.26 -43.67
N LYS E 248 -32.36 -18.48 -44.04
CA LYS E 248 -33.18 -19.30 -44.92
C LYS E 248 -33.91 -20.41 -44.17
N PHE E 249 -33.25 -20.98 -43.16
CA PHE E 249 -33.91 -21.92 -42.24
C PHE E 249 -34.43 -21.18 -41.01
N ARG E 250 -35.68 -21.48 -40.63
CA ARG E 250 -36.33 -20.77 -39.52
C ARG E 250 -36.92 -21.76 -38.52
N ASN E 251 -37.35 -21.25 -37.37
CA ASN E 251 -37.89 -22.10 -36.29
C ASN E 251 -39.00 -21.37 -35.55
N SER E 252 -40.23 -21.72 -35.90
CA SER E 252 -41.42 -21.06 -35.36
C SER E 252 -41.88 -21.74 -34.07
N SER E 253 -41.09 -21.55 -33.01
CA SER E 253 -41.45 -22.08 -31.70
C SER E 253 -40.84 -21.24 -30.58
N VAL E 254 -39.64 -20.74 -30.82
CA VAL E 254 -38.89 -19.99 -29.82
C VAL E 254 -39.08 -18.49 -30.01
N ALA E 255 -39.00 -17.74 -28.92
CA ALA E 255 -39.08 -16.27 -28.95
C ALA E 255 -37.86 -15.63 -28.29
N CYS E 262 -43.54 -9.71 -31.78
CA CYS E 262 -42.65 -9.69 -32.94
C CYS E 262 -41.98 -11.03 -33.16
N SER E 263 -41.66 -11.33 -34.43
CA SER E 263 -40.90 -12.53 -34.77
C SER E 263 -39.40 -12.28 -34.66
N GLU E 264 -38.62 -13.36 -34.66
CA GLU E 264 -37.17 -13.30 -34.51
C GLU E 264 -36.45 -13.08 -35.85
N TYR E 265 -37.23 -12.93 -36.93
CA TYR E 265 -36.66 -12.89 -38.28
C TYR E 265 -36.91 -11.58 -39.04
N SER E 266 -37.12 -10.50 -38.29
CA SER E 266 -37.25 -9.16 -38.87
C SER E 266 -36.30 -8.17 -38.19
N LEU E 267 -35.73 -7.27 -38.99
CA LEU E 267 -34.73 -6.31 -38.51
C LEU E 267 -35.10 -4.87 -38.86
N LYS E 268 -34.82 -3.96 -37.94
CA LYS E 268 -35.00 -2.52 -38.18
C LYS E 268 -33.70 -1.90 -38.64
N VAL E 269 -33.75 -1.11 -39.71
CA VAL E 269 -32.58 -0.41 -40.23
C VAL E 269 -32.94 1.03 -40.63
N THR E 270 -32.20 2.01 -40.13
CA THR E 270 -32.49 3.42 -40.48
C THR E 270 -32.23 3.63 -41.97
N ASP E 271 -33.31 3.94 -42.69
CA ASP E 271 -33.34 3.92 -44.15
C ASP E 271 -32.62 5.09 -44.78
N VAL E 272 -31.93 4.82 -45.88
CA VAL E 272 -31.20 5.85 -46.63
C VAL E 272 -32.16 6.80 -47.38
N THR E 273 -33.20 6.23 -47.99
CA THR E 273 -34.17 7.04 -48.72
C THR E 273 -34.94 7.98 -47.79
N LYS E 274 -35.41 7.45 -46.66
CA LYS E 274 -36.24 8.21 -45.73
C LYS E 274 -35.57 9.45 -45.14
N VAL E 275 -34.27 9.37 -44.88
CA VAL E 275 -33.52 10.53 -44.39
C VAL E 275 -33.28 11.57 -45.50
N ARG E 276 -33.19 11.12 -46.75
CA ARG E 276 -33.02 11.98 -47.92
C ARG E 276 -34.19 12.93 -48.09
N THR E 277 -35.40 12.35 -48.08
CA THR E 277 -36.62 13.09 -48.32
C THR E 277 -36.85 14.08 -47.18
N LEU E 278 -36.73 13.60 -45.94
CA LEU E 278 -36.80 14.46 -44.77
C LEU E 278 -35.84 15.64 -44.90
N ASN E 279 -34.61 15.36 -45.34
CA ASN E 279 -33.58 16.39 -45.58
C ASN E 279 -33.99 17.36 -46.69
N ALA E 280 -34.50 16.82 -47.80
CA ALA E 280 -35.04 17.63 -48.89
C ALA E 280 -36.09 18.58 -48.35
N ILE E 281 -37.03 18.05 -47.58
CA ILE E 281 -38.14 18.84 -47.05
C ILE E 281 -37.67 20.01 -46.19
N ALA E 282 -36.56 19.85 -45.48
CA ALA E 282 -36.00 20.91 -44.63
C ALA E 282 -35.43 22.10 -45.43
N LYS E 283 -34.60 21.78 -46.43
CA LYS E 283 -33.95 22.78 -47.28
C LYS E 283 -34.91 23.41 -48.29
N ASN E 284 -35.93 22.64 -48.68
CA ASN E 284 -36.84 23.01 -49.74
C ASN E 284 -38.07 23.77 -49.26
N ILE E 285 -37.90 24.59 -48.22
CA ILE E 285 -38.99 25.44 -47.73
C ILE E 285 -38.65 26.94 -47.78
N GLY F 39 -21.52 -30.62 -7.11
CA GLY F 39 -22.60 -29.69 -6.69
C GLY F 39 -23.56 -29.36 -7.82
N PHE F 40 -23.60 -28.08 -8.19
CA PHE F 40 -24.44 -27.56 -9.28
C PHE F 40 -24.13 -26.06 -9.44
N LEU F 41 -24.48 -25.49 -10.60
CA LEU F 41 -24.33 -24.05 -10.81
C LEU F 41 -25.58 -23.41 -11.41
N MET F 42 -26.00 -22.31 -10.79
CA MET F 42 -27.11 -21.50 -11.26
C MET F 42 -26.64 -20.15 -11.81
N GLU F 43 -26.98 -19.92 -13.07
CA GLU F 43 -26.71 -18.69 -13.80
C GLU F 43 -27.98 -17.84 -13.98
N VAL F 44 -27.88 -16.58 -13.56
CA VAL F 44 -28.99 -15.66 -13.65
C VAL F 44 -28.61 -14.48 -14.51
N CYS F 45 -29.41 -14.22 -15.53
CA CYS F 45 -29.20 -13.09 -16.42
C CYS F 45 -29.70 -11.79 -15.80
N VAL F 46 -28.87 -10.77 -15.88
CA VAL F 46 -29.10 -9.54 -15.13
C VAL F 46 -28.99 -8.27 -15.97
N ASP F 47 -29.64 -7.23 -15.49
CA ASP F 47 -29.91 -6.03 -16.24
C ASP F 47 -29.17 -4.85 -15.62
N SER F 48 -29.05 -4.88 -14.30
CA SER F 48 -28.60 -3.73 -13.54
C SER F 48 -27.75 -4.17 -12.36
N VAL F 49 -27.18 -3.19 -11.68
CA VAL F 49 -26.36 -3.39 -10.51
C VAL F 49 -27.19 -3.99 -9.36
N GLU F 50 -28.31 -3.33 -9.04
CA GLU F 50 -29.26 -3.84 -8.05
C GLU F 50 -29.66 -5.29 -8.34
N SER F 51 -29.93 -5.57 -9.60
CA SER F 51 -30.31 -6.91 -10.02
C SER F 51 -29.17 -7.91 -9.80
N ALA F 52 -27.95 -7.48 -10.14
CA ALA F 52 -26.74 -8.27 -9.89
C ALA F 52 -26.51 -8.53 -8.40
N VAL F 53 -26.64 -7.48 -7.59
CA VAL F 53 -26.45 -7.63 -6.16
C VAL F 53 -27.49 -8.59 -5.60
N ASN F 54 -28.74 -8.44 -6.03
CA ASN F 54 -29.83 -9.32 -5.60
C ASN F 54 -29.62 -10.77 -6.01
N ALA F 55 -29.06 -10.96 -7.21
CA ALA F 55 -28.75 -12.29 -7.71
C ALA F 55 -27.75 -13.00 -6.80
N GLU F 56 -26.78 -12.24 -6.31
CA GLU F 56 -25.71 -12.79 -5.51
C GLU F 56 -26.15 -12.97 -4.06
N ARG F 57 -26.79 -11.96 -3.49
CA ARG F 57 -27.30 -12.08 -2.13
C ARG F 57 -28.46 -13.07 -2.07
N GLY F 58 -28.77 -13.68 -3.21
CA GLY F 58 -29.83 -14.66 -3.33
C GLY F 58 -29.34 -16.07 -3.62
N GLY F 59 -28.02 -16.19 -3.85
CA GLY F 59 -27.39 -17.51 -4.00
C GLY F 59 -26.94 -17.93 -5.39
N ALA F 60 -27.06 -17.04 -6.37
CA ALA F 60 -26.56 -17.34 -7.71
C ALA F 60 -25.04 -17.51 -7.74
N ASP F 61 -24.61 -18.47 -8.53
CA ASP F 61 -23.20 -18.79 -8.68
C ASP F 61 -22.53 -17.90 -9.71
N ARG F 62 -23.29 -17.50 -10.73
CA ARG F 62 -22.83 -16.46 -11.64
C ARG F 62 -23.95 -15.68 -12.31
N ILE F 63 -23.57 -14.52 -12.85
CA ILE F 63 -24.51 -13.67 -13.55
C ILE F 63 -24.01 -13.41 -14.95
N GLU F 64 -24.96 -13.31 -15.87
CA GLU F 64 -24.67 -12.87 -17.21
C GLU F 64 -25.17 -11.43 -17.35
N LEU F 65 -24.30 -10.53 -17.83
CA LEU F 65 -24.72 -9.15 -18.06
C LEU F 65 -25.37 -9.01 -19.42
N CYS F 66 -26.66 -8.70 -19.40
CA CYS F 66 -27.50 -8.77 -20.58
C CYS F 66 -28.40 -7.55 -20.66
N SER F 67 -27.95 -6.50 -21.34
CA SER F 67 -28.85 -5.37 -21.67
C SER F 67 -29.91 -5.80 -22.69
N GLY F 68 -30.89 -4.94 -22.94
CA GLY F 68 -31.94 -5.23 -23.95
C GLY F 68 -32.66 -6.56 -23.72
N LEU F 69 -32.93 -6.86 -22.45
CA LEU F 69 -33.51 -8.13 -22.06
C LEU F 69 -34.80 -8.49 -22.81
N SER F 70 -35.69 -7.51 -22.97
CA SER F 70 -36.93 -7.64 -23.74
C SER F 70 -36.70 -8.06 -25.20
N GLU F 71 -35.45 -8.33 -25.56
CA GLU F 71 -35.13 -8.87 -26.88
C GLU F 71 -34.16 -10.03 -26.82
N GLY F 72 -34.16 -10.71 -25.68
CA GLY F 72 -33.38 -11.93 -25.50
C GLY F 72 -31.92 -11.66 -25.15
N GLY F 73 -31.56 -10.39 -24.99
CA GLY F 73 -30.21 -10.01 -24.59
C GLY F 73 -29.38 -9.35 -25.67
N THR F 74 -28.96 -8.12 -25.37
CA THR F 74 -28.06 -7.31 -26.19
C THR F 74 -26.79 -7.00 -25.40
N THR F 75 -25.73 -6.65 -26.10
CA THR F 75 -24.46 -6.35 -25.47
C THR F 75 -24.52 -5.12 -24.53
N PRO F 76 -24.26 -5.33 -23.23
CA PRO F 76 -24.49 -4.28 -22.22
C PRO F 76 -23.46 -3.15 -22.28
N SER F 77 -23.71 -2.10 -21.51
CA SER F 77 -22.81 -0.96 -21.48
C SER F 77 -21.61 -1.27 -20.59
N MET F 78 -20.47 -0.68 -20.90
CA MET F 78 -19.29 -1.02 -20.15
C MET F 78 -19.28 -0.39 -18.74
N GLY F 79 -20.09 0.64 -18.56
CA GLY F 79 -20.28 1.25 -17.26
C GLY F 79 -20.98 0.37 -16.23
N VAL F 80 -21.89 -0.50 -16.68
CA VAL F 80 -22.60 -1.41 -15.78
C VAL F 80 -21.68 -2.54 -15.36
N LEU F 81 -20.87 -3.01 -16.32
CA LEU F 81 -19.86 -4.02 -16.05
C LEU F 81 -19.05 -3.54 -14.85
N GLN F 82 -18.53 -2.31 -14.96
CA GLN F 82 -17.67 -1.71 -13.96
C GLN F 82 -18.35 -1.61 -12.61
N VAL F 83 -19.57 -1.10 -12.57
CA VAL F 83 -20.19 -0.93 -11.28
C VAL F 83 -20.57 -2.29 -10.71
N VAL F 84 -21.15 -3.14 -11.54
CA VAL F 84 -21.49 -4.51 -11.13
C VAL F 84 -20.23 -5.16 -10.56
N LYS F 85 -19.14 -5.00 -11.31
CA LYS F 85 -17.84 -5.53 -10.92
C LYS F 85 -17.36 -5.07 -9.54
N GLN F 86 -17.73 -3.85 -9.15
CA GLN F 86 -17.29 -3.26 -7.88
C GLN F 86 -18.15 -3.73 -6.72
N SER F 87 -19.34 -4.25 -7.02
CA SER F 87 -20.30 -4.54 -5.99
C SER F 87 -20.65 -6.02 -5.86
N VAL F 88 -20.06 -6.84 -6.72
CA VAL F 88 -20.36 -8.27 -6.73
C VAL F 88 -19.06 -9.06 -6.89
N GLN F 89 -19.00 -10.22 -6.24
CA GLN F 89 -17.78 -11.03 -6.26
C GLN F 89 -17.86 -12.23 -7.19
N ILE F 90 -19.06 -12.80 -7.35
CA ILE F 90 -19.31 -13.90 -8.28
C ILE F 90 -18.92 -13.57 -9.75
N PRO F 91 -18.56 -14.60 -10.54
CA PRO F 91 -18.14 -14.32 -11.90
C PRO F 91 -19.23 -13.63 -12.73
N VAL F 92 -18.81 -12.62 -13.50
CA VAL F 92 -19.68 -11.87 -14.38
C VAL F 92 -19.40 -12.20 -15.86
N PHE F 93 -20.35 -12.85 -16.52
CA PHE F 93 -20.24 -13.25 -17.94
C PHE F 93 -20.98 -12.21 -18.77
N VAL F 94 -20.37 -11.74 -19.86
CA VAL F 94 -20.94 -10.63 -20.61
C VAL F 94 -21.54 -11.09 -21.94
N MET F 95 -22.76 -10.63 -22.22
CA MET F 95 -23.44 -10.90 -23.49
C MET F 95 -22.80 -10.14 -24.64
N ILE F 96 -22.46 -10.83 -25.71
CA ILE F 96 -21.97 -10.17 -26.90
C ILE F 96 -22.94 -10.45 -28.04
N ARG F 97 -23.81 -9.48 -28.28
CA ARG F 97 -24.83 -9.57 -29.31
C ARG F 97 -25.19 -8.15 -29.70
N PRO F 98 -24.89 -7.76 -30.95
CA PRO F 98 -24.92 -6.34 -31.27
C PRO F 98 -26.32 -5.79 -31.61
N ARG F 99 -27.32 -6.67 -31.57
CA ARG F 99 -28.73 -6.31 -31.78
C ARG F 99 -29.60 -7.56 -31.63
N GLY F 100 -30.92 -7.34 -31.55
CA GLY F 100 -31.88 -8.42 -31.34
C GLY F 100 -32.27 -9.21 -32.57
N GLY F 101 -33.03 -10.27 -32.33
CA GLY F 101 -33.48 -11.18 -33.37
C GLY F 101 -32.37 -12.00 -34.01
N ASP F 102 -32.31 -11.90 -35.33
CA ASP F 102 -31.42 -12.65 -36.20
C ASP F 102 -29.97 -12.85 -35.73
N PHE F 103 -29.40 -14.00 -36.06
CA PHE F 103 -28.01 -14.31 -35.70
C PHE F 103 -27.03 -14.41 -36.89
N LEU F 104 -27.26 -13.63 -37.95
CA LEU F 104 -26.39 -13.59 -39.12
C LEU F 104 -25.73 -12.21 -39.25
N TYR F 105 -24.45 -12.14 -38.93
CA TYR F 105 -23.82 -10.84 -38.72
C TYR F 105 -23.00 -10.30 -39.89
N SER F 106 -23.20 -9.01 -40.19
CA SER F 106 -22.47 -8.32 -41.22
C SER F 106 -21.07 -7.93 -40.72
N ASP F 107 -20.21 -7.52 -41.63
CA ASP F 107 -18.84 -7.17 -41.27
C ASP F 107 -18.74 -6.10 -40.18
N ARG F 108 -19.61 -5.09 -40.25
CA ARG F 108 -19.61 -4.04 -39.24
C ARG F 108 -20.19 -4.56 -37.92
N GLU F 109 -21.12 -5.50 -38.02
CA GLU F 109 -21.66 -6.13 -36.83
C GLU F 109 -20.58 -6.95 -36.09
N ILE F 110 -19.80 -7.74 -36.83
CA ILE F 110 -18.74 -8.57 -36.24
C ILE F 110 -17.61 -7.76 -35.57
N GLU F 111 -17.27 -6.61 -36.15
CA GLU F 111 -16.20 -5.79 -35.59
C GLU F 111 -16.66 -4.98 -34.40
N VAL F 112 -17.98 -4.75 -34.30
CA VAL F 112 -18.60 -4.23 -33.10
C VAL F 112 -18.48 -5.29 -31.99
N MET F 113 -18.73 -6.53 -32.35
CA MET F 113 -18.57 -7.62 -31.43
C MET F 113 -17.11 -7.72 -30.96
N LYS F 114 -16.18 -7.72 -31.92
CA LYS F 114 -14.77 -7.83 -31.60
C LYS F 114 -14.37 -6.71 -30.65
N ALA F 115 -14.83 -5.50 -30.92
CA ALA F 115 -14.55 -4.38 -30.04
C ALA F 115 -15.16 -4.57 -28.64
N ASP F 116 -16.34 -5.18 -28.59
CA ASP F 116 -17.03 -5.43 -27.33
C ASP F 116 -16.40 -6.57 -26.51
N ILE F 117 -15.99 -7.64 -27.17
CA ILE F 117 -15.19 -8.66 -26.49
C ILE F 117 -14.02 -7.99 -25.74
N ARG F 118 -13.24 -7.20 -26.48
CA ARG F 118 -12.00 -6.61 -25.99
C ARG F 118 -12.26 -5.69 -24.82
N LEU F 119 -13.27 -4.84 -24.99
CA LEU F 119 -13.66 -3.91 -23.93
C LEU F 119 -14.15 -4.65 -22.69
N ALA F 120 -14.88 -5.74 -22.92
CA ALA F 120 -15.42 -6.59 -21.87
C ALA F 120 -14.29 -7.26 -21.08
N LYS F 121 -13.30 -7.77 -21.81
CA LYS F 121 -12.10 -8.37 -21.19
C LYS F 121 -11.49 -7.34 -20.24
N LEU F 122 -11.24 -6.14 -20.75
CA LEU F 122 -10.50 -5.17 -19.95
C LEU F 122 -11.34 -4.45 -18.89
N TYR F 123 -12.67 -4.49 -19.00
CA TYR F 123 -13.44 -3.86 -17.93
C TYR F 123 -13.99 -4.87 -16.93
N GLY F 124 -13.39 -6.07 -16.89
CA GLY F 124 -13.62 -6.99 -15.79
C GLY F 124 -14.37 -8.28 -16.07
N ALA F 125 -14.78 -8.50 -17.33
CA ALA F 125 -15.56 -9.69 -17.67
C ALA F 125 -14.83 -10.96 -17.24
N ASP F 126 -15.58 -11.88 -16.64
CA ASP F 126 -15.06 -13.14 -16.19
C ASP F 126 -15.29 -14.17 -17.28
N GLY F 127 -16.33 -13.95 -18.09
CA GLY F 127 -16.65 -14.81 -19.22
C GLY F 127 -17.41 -14.03 -20.27
N LEU F 128 -17.58 -14.65 -21.44
CA LEU F 128 -18.26 -14.01 -22.55
C LEU F 128 -19.31 -14.96 -23.15
N VAL F 129 -20.37 -14.38 -23.70
CA VAL F 129 -21.47 -15.17 -24.27
C VAL F 129 -21.79 -14.63 -25.67
N PHE F 130 -21.95 -15.51 -26.65
CA PHE F 130 -22.40 -15.11 -27.99
C PHE F 130 -22.90 -16.31 -28.80
N GLY F 131 -23.31 -16.03 -30.03
CA GLY F 131 -23.84 -17.05 -30.94
C GLY F 131 -23.93 -16.52 -32.36
N ALA F 132 -23.51 -17.35 -33.32
CA ALA F 132 -23.50 -16.95 -34.72
C ALA F 132 -23.80 -18.14 -35.63
N LEU F 133 -24.65 -17.88 -36.62
CA LEU F 133 -25.14 -18.91 -37.52
C LEU F 133 -25.01 -18.49 -38.98
N THR F 134 -25.05 -19.47 -39.87
CA THR F 134 -25.05 -19.23 -41.31
C THR F 134 -26.49 -19.28 -41.83
N GLU F 135 -26.70 -18.77 -43.05
CA GLU F 135 -28.03 -18.72 -43.70
C GLU F 135 -28.75 -20.06 -43.60
N ASP F 136 -27.98 -21.13 -43.78
CA ASP F 136 -28.48 -22.49 -43.88
C ASP F 136 -28.88 -23.08 -42.52
N GLY F 137 -28.49 -22.40 -41.43
CA GLY F 137 -28.79 -22.86 -40.08
C GLY F 137 -27.70 -23.74 -39.47
N HIS F 138 -26.45 -23.41 -39.80
CA HIS F 138 -25.28 -24.06 -39.22
C HIS F 138 -24.51 -23.05 -38.39
N ILE F 139 -23.66 -23.53 -37.47
CA ILE F 139 -22.73 -22.68 -36.73
C ILE F 139 -21.76 -21.98 -37.70
N ASP F 140 -21.64 -20.66 -37.61
CA ASP F 140 -20.66 -19.94 -38.44
C ASP F 140 -19.23 -20.07 -37.87
N LYS F 141 -18.58 -21.17 -38.24
CA LYS F 141 -17.24 -21.52 -37.74
C LYS F 141 -16.24 -20.40 -37.98
N GLU F 142 -16.31 -19.79 -39.15
CA GLU F 142 -15.40 -18.70 -39.52
C GLU F 142 -15.55 -17.49 -38.61
N LEU F 143 -16.75 -17.32 -38.04
CA LEU F 143 -16.97 -16.24 -37.10
C LEU F 143 -16.50 -16.66 -35.72
N CYS F 144 -16.85 -17.88 -35.33
CA CYS F 144 -16.53 -18.38 -34.01
C CYS F 144 -15.05 -18.24 -33.72
N MET F 145 -14.23 -18.68 -34.67
CA MET F 145 -12.79 -18.72 -34.51
C MET F 145 -12.25 -17.32 -34.29
N SER F 146 -12.56 -16.42 -35.21
CA SER F 146 -12.09 -15.03 -35.12
C SER F 146 -12.32 -14.49 -33.71
N LEU F 147 -13.50 -14.78 -33.17
CA LEU F 147 -13.96 -14.24 -31.88
C LEU F 147 -13.43 -15.01 -30.67
N MET F 148 -13.39 -16.33 -30.77
CA MET F 148 -12.82 -17.18 -29.72
C MET F 148 -11.35 -16.85 -29.48
N ALA F 149 -10.68 -16.46 -30.56
CA ALA F 149 -9.30 -16.02 -30.49
C ALA F 149 -9.24 -14.78 -29.60
N ILE F 150 -10.19 -13.87 -29.80
CA ILE F 150 -10.22 -12.67 -28.98
C ILE F 150 -10.71 -12.97 -27.57
N CYS F 151 -11.49 -14.03 -27.42
CA CYS F 151 -12.08 -14.39 -26.13
C CYS F 151 -11.08 -15.00 -25.17
N ARG F 152 -10.21 -15.85 -25.71
CA ARG F 152 -9.25 -16.62 -24.92
C ARG F 152 -8.35 -15.68 -24.10
N PRO F 153 -8.09 -16.03 -22.82
CA PRO F 153 -8.40 -17.26 -22.10
C PRO F 153 -9.74 -17.33 -21.32
N LEU F 154 -10.64 -16.36 -21.55
CA LEU F 154 -11.94 -16.41 -20.87
C LEU F 154 -12.80 -17.62 -21.26
N PRO F 155 -13.58 -18.13 -20.29
CA PRO F 155 -14.62 -19.11 -20.64
C PRO F 155 -15.65 -18.44 -21.55
N VAL F 156 -16.15 -19.20 -22.52
CA VAL F 156 -17.09 -18.71 -23.50
C VAL F 156 -18.29 -19.64 -23.55
N THR F 157 -19.48 -19.07 -23.42
CA THR F 157 -20.66 -19.91 -23.63
C THR F 157 -21.42 -19.49 -24.87
N PHE F 158 -22.06 -20.48 -25.48
CA PHE F 158 -22.76 -20.30 -26.73
C PHE F 158 -24.23 -20.33 -26.38
N HIS F 159 -24.94 -19.26 -26.71
CA HIS F 159 -26.31 -19.05 -26.18
C HIS F 159 -27.39 -19.68 -27.04
N ARG F 160 -28.61 -19.17 -26.87
CA ARG F 160 -29.82 -19.75 -27.43
C ARG F 160 -29.94 -19.59 -28.93
N ALA F 161 -28.92 -19.01 -29.56
CA ALA F 161 -28.81 -19.03 -31.01
C ALA F 161 -28.79 -20.48 -31.46
N PHE F 162 -28.36 -21.35 -30.54
CA PHE F 162 -28.36 -22.80 -30.73
C PHE F 162 -29.72 -23.37 -31.12
N ASP F 163 -30.77 -22.86 -30.50
CA ASP F 163 -32.12 -23.36 -30.72
C ASP F 163 -32.72 -22.97 -32.07
N MET F 164 -31.88 -22.46 -32.96
CA MET F 164 -32.31 -22.07 -34.30
C MET F 164 -31.55 -22.85 -35.39
N VAL F 165 -30.71 -23.80 -34.97
CA VAL F 165 -29.91 -24.60 -35.91
C VAL F 165 -30.73 -25.70 -36.59
N HIS F 166 -30.28 -26.13 -37.78
CA HIS F 166 -30.93 -27.22 -38.50
C HIS F 166 -30.80 -28.56 -37.75
N ASP F 167 -29.57 -29.07 -37.65
CA ASP F 167 -29.29 -30.28 -36.87
C ASP F 167 -28.49 -29.95 -35.61
N PRO F 168 -29.17 -29.96 -34.44
CA PRO F 168 -28.56 -29.74 -33.12
C PRO F 168 -27.33 -30.60 -32.85
N MET F 169 -27.44 -31.90 -33.11
CA MET F 169 -26.38 -32.85 -32.82
C MET F 169 -25.06 -32.50 -33.49
N ALA F 170 -25.08 -32.38 -34.82
CA ALA F 170 -23.90 -31.99 -35.59
C ALA F 170 -23.37 -30.60 -35.18
N ALA F 171 -24.29 -29.71 -34.81
CA ALA F 171 -23.97 -28.38 -34.30
C ALA F 171 -23.25 -28.47 -32.96
N LEU F 172 -23.77 -29.31 -32.07
CA LEU F 172 -23.16 -29.51 -30.76
C LEU F 172 -21.71 -29.95 -30.92
N GLU F 173 -21.50 -30.90 -31.82
CA GLU F 173 -20.20 -31.38 -32.23
C GLU F 173 -19.26 -30.22 -32.54
N THR F 174 -19.57 -29.46 -33.59
CA THR F 174 -18.73 -28.34 -34.01
C THR F 174 -18.52 -27.26 -32.93
N LEU F 175 -19.35 -27.31 -31.88
CA LEU F 175 -19.23 -26.37 -30.75
C LEU F 175 -18.11 -26.72 -29.76
N LEU F 176 -18.00 -28.01 -29.43
CA LEU F 176 -16.93 -28.43 -28.53
C LEU F 176 -15.57 -28.54 -29.23
N THR F 177 -15.57 -28.54 -30.57
CA THR F 177 -14.31 -28.54 -31.31
C THR F 177 -13.72 -27.12 -31.38
N LEU F 178 -14.59 -26.12 -31.25
CA LEU F 178 -14.18 -24.72 -31.39
C LEU F 178 -13.76 -24.02 -30.08
N GLY F 179 -14.15 -24.60 -28.93
CA GLY F 179 -13.71 -24.10 -27.63
C GLY F 179 -14.77 -23.54 -26.68
N PHE F 180 -16.04 -23.80 -26.97
CA PHE F 180 -17.12 -23.35 -26.11
C PHE F 180 -17.29 -24.31 -24.92
N GLU F 181 -17.11 -23.79 -23.72
CA GLU F 181 -17.28 -24.56 -22.48
C GLU F 181 -18.73 -24.82 -22.13
N ARG F 182 -19.64 -24.07 -22.75
CA ARG F 182 -21.06 -24.08 -22.39
C ARG F 182 -21.96 -23.77 -23.58
N VAL F 183 -23.15 -24.41 -23.58
CA VAL F 183 -24.21 -24.12 -24.53
C VAL F 183 -25.52 -23.89 -23.81
N LEU F 184 -26.13 -22.75 -24.04
CA LEU F 184 -27.43 -22.46 -23.45
C LEU F 184 -28.49 -22.98 -24.42
N THR F 185 -29.51 -23.64 -23.87
CA THR F 185 -30.52 -24.25 -24.73
C THR F 185 -31.87 -24.44 -24.06
N SER F 186 -32.94 -24.32 -24.85
CA SER F 186 -34.28 -24.71 -24.42
C SER F 186 -34.66 -25.95 -25.23
N GLY F 187 -33.68 -26.42 -26.00
CA GLY F 187 -33.81 -27.67 -26.74
C GLY F 187 -34.61 -27.45 -28.00
N CYS F 188 -34.14 -26.52 -28.82
CA CYS F 188 -34.80 -26.16 -30.08
C CYS F 188 -36.34 -26.00 -29.99
N ASP F 189 -36.84 -25.58 -28.82
CA ASP F 189 -38.28 -25.47 -28.56
C ASP F 189 -38.67 -24.17 -27.82
N SER F 190 -39.94 -24.04 -27.45
CA SER F 190 -40.47 -22.84 -26.78
C SER F 190 -39.83 -22.54 -25.44
N SER F 191 -39.88 -23.51 -24.53
CA SER F 191 -39.28 -23.34 -23.22
C SER F 191 -38.44 -24.56 -22.84
N ALA F 192 -37.82 -24.49 -21.66
CA ALA F 192 -37.01 -25.59 -21.15
C ALA F 192 -37.86 -26.83 -20.84
N LEU F 193 -39.01 -26.64 -20.21
CA LEU F 193 -39.93 -27.76 -19.98
C LEU F 193 -40.39 -28.35 -21.30
N GLU F 194 -40.59 -27.50 -22.30
CA GLU F 194 -41.08 -27.95 -23.61
C GLU F 194 -40.06 -28.83 -24.35
N GLY F 195 -38.87 -28.28 -24.59
CA GLY F 195 -37.81 -28.98 -25.34
C GLY F 195 -36.95 -29.89 -24.50
N LEU F 196 -37.41 -30.20 -23.29
CA LEU F 196 -36.70 -31.08 -22.35
C LEU F 196 -36.14 -32.36 -23.00
N PRO F 197 -37.00 -33.22 -23.57
CA PRO F 197 -36.50 -34.49 -24.11
C PRO F 197 -35.25 -34.39 -24.99
N LEU F 198 -35.05 -33.26 -25.67
CA LEU F 198 -33.91 -33.15 -26.57
C LEU F 198 -32.64 -32.54 -25.93
N ILE F 199 -32.79 -31.92 -24.77
CA ILE F 199 -31.63 -31.45 -24.00
C ILE F 199 -30.97 -32.64 -23.30
N LYS F 200 -31.80 -33.52 -22.73
CA LYS F 200 -31.39 -34.81 -22.18
C LYS F 200 -30.60 -35.57 -23.22
N ARG F 201 -31.11 -35.58 -24.45
CA ARG F 201 -30.43 -36.20 -25.59
C ARG F 201 -29.12 -35.47 -25.94
N LEU F 202 -29.13 -34.14 -25.86
CA LEU F 202 -27.94 -33.33 -26.14
C LEU F 202 -26.86 -33.52 -25.11
N ILE F 203 -27.25 -33.76 -23.85
CA ILE F 203 -26.34 -34.05 -22.74
C ILE F 203 -25.63 -35.39 -22.96
N GLU F 204 -26.42 -36.41 -23.32
CA GLU F 204 -25.93 -37.73 -23.72
C GLU F 204 -24.76 -37.62 -24.66
N GLN F 205 -25.00 -37.01 -25.82
CA GLN F 205 -23.96 -36.69 -26.79
C GLN F 205 -22.95 -35.76 -26.13
N ALA F 206 -21.66 -35.96 -26.43
CA ALA F 206 -20.58 -35.38 -25.62
C ALA F 206 -20.82 -35.75 -24.17
N LYS F 207 -20.42 -36.95 -23.80
CA LYS F 207 -20.74 -37.49 -22.47
C LYS F 207 -20.41 -36.50 -21.34
N GLY F 208 -19.49 -35.57 -21.64
CA GLY F 208 -19.12 -34.48 -20.76
C GLY F 208 -17.96 -33.70 -21.32
N ARG F 209 -18.06 -33.33 -22.60
CA ARG F 209 -17.01 -32.57 -23.30
C ARG F 209 -17.41 -31.11 -23.44
N ILE F 210 -18.66 -30.82 -23.09
CA ILE F 210 -19.21 -29.46 -23.09
C ILE F 210 -20.39 -29.46 -22.13
N VAL F 211 -20.69 -28.29 -21.57
CA VAL F 211 -21.81 -28.18 -20.66
C VAL F 211 -23.06 -27.76 -21.42
N VAL F 212 -24.05 -28.65 -21.40
CA VAL F 212 -25.38 -28.36 -21.92
C VAL F 212 -26.18 -27.80 -20.76
N MET F 213 -26.50 -26.51 -20.90
CA MET F 213 -27.15 -25.74 -19.85
C MET F 213 -28.53 -25.32 -20.35
N PRO F 214 -29.59 -25.81 -19.68
CA PRO F 214 -30.95 -25.51 -20.06
C PRO F 214 -31.34 -24.10 -19.71
N GLY F 215 -32.11 -23.47 -20.59
CA GLY F 215 -32.67 -22.16 -20.33
C GLY F 215 -33.93 -21.89 -21.12
N GLY F 216 -34.81 -21.08 -20.54
CA GLY F 216 -36.06 -20.70 -21.17
C GLY F 216 -37.25 -21.03 -20.31
N GLY F 217 -37.76 -20.01 -19.63
CA GLY F 217 -38.99 -20.16 -18.85
C GLY F 217 -38.79 -20.93 -17.56
N ILE F 218 -37.53 -21.12 -17.19
CA ILE F 218 -37.18 -21.85 -15.97
C ILE F 218 -37.59 -21.09 -14.70
N THR F 219 -38.68 -21.56 -14.09
CA THR F 219 -39.22 -21.02 -12.84
C THR F 219 -39.12 -22.08 -11.74
N ASP F 220 -39.34 -21.69 -10.49
CA ASP F 220 -39.40 -22.64 -9.38
C ASP F 220 -40.33 -23.82 -9.67
N ARG F 221 -41.46 -23.52 -10.31
CA ARG F 221 -42.49 -24.50 -10.61
C ARG F 221 -42.10 -25.51 -11.69
N ASN F 222 -40.84 -25.50 -12.12
CA ASN F 222 -40.35 -26.46 -13.11
C ASN F 222 -38.85 -26.78 -13.02
N LEU F 223 -38.20 -26.23 -12.00
CA LEU F 223 -36.79 -26.52 -11.74
C LEU F 223 -36.52 -28.01 -11.63
N GLN F 224 -37.09 -28.62 -10.60
CA GLN F 224 -36.81 -30.02 -10.31
C GLN F 224 -37.06 -30.88 -11.53
N ARG F 225 -38.15 -30.60 -12.24
CA ARG F 225 -38.51 -31.39 -13.41
C ARG F 225 -37.49 -31.31 -14.54
N ILE F 226 -36.95 -30.12 -14.79
CA ILE F 226 -36.00 -29.98 -15.88
C ILE F 226 -34.61 -30.53 -15.51
N LEU F 227 -34.27 -30.47 -14.22
CA LEU F 227 -33.05 -31.10 -13.74
C LEU F 227 -33.18 -32.64 -13.67
N GLU F 228 -34.25 -33.14 -13.05
CA GLU F 228 -34.54 -34.58 -13.03
C GLU F 228 -34.71 -35.14 -14.45
N GLY F 229 -35.23 -34.32 -15.36
CA GLY F 229 -35.53 -34.76 -16.72
C GLY F 229 -34.35 -34.80 -17.67
N SER F 230 -33.21 -34.24 -17.26
CA SER F 230 -32.08 -34.10 -18.19
C SER F 230 -30.72 -34.48 -17.61
N GLY F 231 -30.61 -34.47 -16.29
CA GLY F 231 -29.31 -34.67 -15.64
C GLY F 231 -28.33 -33.57 -16.04
N ALA F 232 -28.74 -32.32 -15.85
CA ALA F 232 -27.92 -31.18 -16.18
C ALA F 232 -27.29 -30.65 -14.91
N THR F 233 -26.04 -30.20 -15.03
CA THR F 233 -25.27 -29.74 -13.89
C THR F 233 -25.49 -28.23 -13.65
N GLU F 234 -25.48 -27.47 -14.74
CA GLU F 234 -25.64 -26.01 -14.72
C GLU F 234 -26.89 -25.59 -15.46
N PHE F 235 -27.57 -24.56 -14.95
CA PHE F 235 -28.81 -24.08 -15.56
C PHE F 235 -28.96 -22.56 -15.54
N HIS F 236 -29.76 -22.04 -16.46
CA HIS F 236 -29.90 -20.60 -16.66
C HIS F 236 -31.34 -20.19 -16.44
N CYS F 237 -31.56 -19.17 -15.61
CA CYS F 237 -32.91 -18.71 -15.34
C CYS F 237 -33.03 -17.23 -15.01
N SER F 238 -34.27 -16.74 -15.01
CA SER F 238 -34.55 -15.38 -14.64
C SER F 238 -35.46 -15.39 -13.43
N ALA F 239 -35.02 -14.74 -12.36
CA ALA F 239 -35.86 -14.56 -11.19
C ALA F 239 -36.45 -13.16 -11.29
N ARG F 240 -37.26 -13.01 -12.34
CA ARG F 240 -37.91 -11.76 -12.71
C ARG F 240 -39.00 -11.34 -11.74
N SER F 241 -38.99 -10.07 -11.35
CA SER F 241 -40.03 -9.50 -10.51
C SER F 241 -40.26 -8.03 -10.86
N THR F 242 -41.37 -7.77 -11.54
CA THR F 242 -41.79 -6.42 -11.91
C THR F 242 -42.18 -5.58 -10.69
N ARG F 243 -41.42 -4.51 -10.45
CA ARG F 243 -41.72 -3.55 -9.39
C ARG F 243 -42.34 -2.30 -10.00
N ASP F 244 -42.92 -1.46 -9.15
CA ASP F 244 -43.51 -0.20 -9.58
C ASP F 244 -42.60 0.97 -9.21
N SER F 245 -42.55 1.98 -10.07
CA SER F 245 -41.74 3.17 -9.79
C SER F 245 -42.37 4.03 -8.70
N GLY F 246 -41.50 4.69 -7.93
CA GLY F 246 -41.92 5.61 -6.89
C GLY F 246 -42.15 7.01 -7.43
N MET F 247 -42.44 7.10 -8.72
CA MET F 247 -42.76 8.36 -9.36
C MET F 247 -44.22 8.75 -9.04
N LYS F 248 -44.38 9.87 -8.33
CA LYS F 248 -45.69 10.32 -7.85
C LYS F 248 -46.55 10.94 -8.95
N PHE F 249 -46.10 12.08 -9.50
CA PHE F 249 -46.71 12.65 -10.70
C PHE F 249 -46.43 11.77 -11.94
N ARG F 250 -47.42 11.62 -12.84
CA ARG F 250 -47.21 10.85 -14.08
C ARG F 250 -48.13 11.23 -15.25
N ASN F 251 -47.53 11.57 -16.39
CA ASN F 251 -48.28 11.97 -17.58
C ASN F 251 -48.72 10.77 -18.43
N SER F 252 -50.02 10.72 -18.70
CA SER F 252 -50.67 9.57 -19.30
C SER F 252 -50.33 9.33 -20.78
N SER F 253 -49.86 10.37 -21.46
CA SER F 253 -49.72 10.32 -22.92
C SER F 253 -48.30 10.63 -23.43
N VAL F 254 -47.34 9.77 -23.11
CA VAL F 254 -45.97 9.87 -23.63
C VAL F 254 -45.42 8.47 -23.92
N ALA F 255 -44.89 8.28 -25.13
CA ALA F 255 -44.33 6.97 -25.52
C ALA F 255 -42.81 6.99 -25.74
N MET F 256 -42.12 6.04 -25.10
CA MET F 256 -40.67 5.83 -25.28
C MET F 256 -40.39 4.69 -26.27
N GLY F 257 -40.56 4.97 -27.56
CA GLY F 257 -40.34 3.98 -28.61
C GLY F 257 -41.60 3.70 -29.43
N GLU F 264 -43.40 4.59 -19.87
CA GLU F 264 -43.98 3.68 -18.89
C GLU F 264 -43.42 3.88 -17.47
N TYR F 265 -44.03 3.19 -16.51
CA TYR F 265 -43.77 3.37 -15.09
C TYR F 265 -43.61 2.06 -14.37
N SER F 266 -43.31 1.02 -15.13
CA SER F 266 -43.10 -0.33 -14.60
C SER F 266 -41.63 -0.70 -14.77
N LEU F 267 -41.05 -1.34 -13.76
CA LEU F 267 -39.64 -1.71 -13.77
C LEU F 267 -39.45 -3.17 -13.44
N LYS F 268 -38.65 -3.87 -14.24
CA LYS F 268 -38.33 -5.27 -13.98
C LYS F 268 -36.98 -5.39 -13.28
N VAL F 269 -37.00 -5.91 -12.05
CA VAL F 269 -35.80 -6.08 -11.21
C VAL F 269 -35.68 -7.54 -10.74
N THR F 270 -34.44 -8.01 -10.54
CA THR F 270 -34.18 -9.40 -10.11
C THR F 270 -34.54 -9.58 -8.63
N ASP F 271 -35.20 -10.70 -8.34
CA ASP F 271 -35.83 -10.94 -7.05
C ASP F 271 -34.98 -11.78 -6.11
N VAL F 272 -34.65 -11.23 -4.94
CA VAL F 272 -33.82 -11.90 -3.93
C VAL F 272 -34.43 -13.23 -3.50
N THR F 273 -35.75 -13.25 -3.35
CA THR F 273 -36.44 -14.42 -2.81
C THR F 273 -36.73 -15.48 -3.88
N LYS F 274 -37.09 -15.05 -5.08
CA LYS F 274 -37.27 -15.98 -6.19
C LYS F 274 -35.97 -16.73 -6.48
N VAL F 275 -34.85 -16.01 -6.38
CA VAL F 275 -33.51 -16.59 -6.53
C VAL F 275 -33.17 -17.55 -5.37
N ARG F 276 -33.48 -17.13 -4.15
CA ARG F 276 -33.21 -17.95 -2.98
C ARG F 276 -34.02 -19.23 -3.06
N THR F 277 -35.33 -19.09 -3.32
CA THR F 277 -36.24 -20.23 -3.39
C THR F 277 -35.81 -21.23 -4.46
N LEU F 278 -35.26 -20.73 -5.56
CA LEU F 278 -34.92 -21.62 -6.66
C LEU F 278 -33.45 -22.08 -6.63
N ASN F 279 -32.62 -21.36 -5.88
CA ASN F 279 -31.32 -21.88 -5.46
C ASN F 279 -31.53 -23.10 -4.54
N ALA F 280 -32.45 -22.97 -3.58
CA ALA F 280 -32.93 -24.11 -2.82
C ALA F 280 -33.61 -25.08 -3.80
N ILE F 281 -33.90 -26.28 -3.34
CA ILE F 281 -34.57 -27.31 -4.16
C ILE F 281 -33.66 -27.79 -5.29
N ALA F 282 -32.64 -26.99 -5.58
CA ALA F 282 -31.49 -27.41 -6.38
C ALA F 282 -30.42 -27.96 -5.44
N LYS F 283 -30.50 -27.53 -4.17
CA LYS F 283 -29.66 -28.04 -3.10
C LYS F 283 -30.23 -29.35 -2.56
N ASN F 284 -31.53 -29.54 -2.75
CA ASN F 284 -32.26 -30.66 -2.15
C ASN F 284 -32.49 -31.82 -3.10
N ILE F 285 -31.90 -31.74 -4.30
CA ILE F 285 -31.94 -32.85 -5.26
C ILE F 285 -30.74 -33.78 -5.09
N ASN G 38 -72.77 25.86 -32.66
CA ASN G 38 -72.67 24.37 -32.74
C ASN G 38 -73.26 23.81 -34.03
N GLY G 39 -73.21 22.49 -34.17
CA GLY G 39 -73.73 21.80 -35.36
C GLY G 39 -72.86 20.63 -35.78
N PHE G 40 -72.18 20.02 -34.81
CA PHE G 40 -71.35 18.84 -35.03
C PHE G 40 -71.97 17.58 -34.45
N LEU G 41 -71.56 16.41 -34.95
CA LEU G 41 -72.01 15.14 -34.38
C LEU G 41 -70.89 14.31 -33.74
N MET G 42 -71.29 13.51 -32.74
CA MET G 42 -70.37 12.73 -31.93
C MET G 42 -70.62 11.24 -32.06
N GLU G 43 -69.71 10.56 -32.74
CA GLU G 43 -69.79 9.11 -32.92
C GLU G 43 -68.71 8.39 -32.12
N VAL G 44 -69.11 7.74 -31.04
CA VAL G 44 -68.20 7.01 -30.15
C VAL G 44 -68.23 5.51 -30.49
N CYS G 45 -67.15 4.78 -30.18
CA CYS G 45 -67.16 3.30 -30.20
C CYS G 45 -67.29 2.77 -28.78
N VAL G 46 -68.06 1.70 -28.62
CA VAL G 46 -68.32 1.12 -27.31
C VAL G 46 -68.30 -0.42 -27.36
N ASP G 47 -67.88 -1.04 -26.25
CA ASP G 47 -67.86 -2.50 -26.11
C ASP G 47 -68.79 -2.93 -24.98
N SER G 48 -68.86 -2.09 -23.94
CA SER G 48 -69.64 -2.36 -22.75
C SER G 48 -70.88 -1.47 -22.73
N VAL G 49 -72.01 -2.04 -22.31
CA VAL G 49 -73.25 -1.29 -22.14
C VAL G 49 -73.01 -0.04 -21.29
N GLU G 50 -72.14 -0.18 -20.28
CA GLU G 50 -71.74 0.92 -19.42
C GLU G 50 -71.00 2.02 -20.19
N SER G 51 -70.14 1.62 -21.12
CA SER G 51 -69.43 2.55 -21.98
C SER G 51 -70.39 3.23 -22.97
N ALA G 52 -71.58 2.66 -23.12
CA ALA G 52 -72.62 3.22 -23.98
C ALA G 52 -73.48 4.25 -23.24
N VAL G 53 -73.84 3.95 -21.99
CA VAL G 53 -74.65 4.84 -21.17
C VAL G 53 -73.87 6.11 -20.85
N ASN G 54 -72.65 5.92 -20.37
CA ASN G 54 -71.72 7.03 -20.13
C ASN G 54 -71.54 7.90 -21.37
N ALA G 55 -71.44 7.26 -22.53
CA ALA G 55 -71.32 7.95 -23.82
C ALA G 55 -72.56 8.80 -24.10
N GLU G 56 -73.73 8.21 -23.90
CA GLU G 56 -74.99 8.94 -23.98
C GLU G 56 -74.99 10.11 -22.99
N ARG G 57 -74.72 9.81 -21.72
CA ARG G 57 -74.74 10.79 -20.63
C ARG G 57 -73.67 11.87 -20.81
N GLY G 58 -72.58 11.50 -21.48
CA GLY G 58 -71.48 12.42 -21.72
C GLY G 58 -71.77 13.44 -22.79
N GLY G 59 -72.39 13.00 -23.88
CA GLY G 59 -72.76 13.92 -24.95
C GLY G 59 -72.68 13.33 -26.34
N ALA G 60 -72.48 12.02 -26.43
CA ALA G 60 -72.44 11.34 -27.71
C ALA G 60 -73.77 11.52 -28.43
N ASP G 61 -73.69 11.79 -29.72
CA ASP G 61 -74.88 11.99 -30.54
C ASP G 61 -75.29 10.68 -31.19
N ARG G 62 -74.35 9.75 -31.28
CA ARG G 62 -74.58 8.45 -31.89
C ARG G 62 -73.42 7.51 -31.57
N ILE G 63 -73.72 6.41 -30.88
CA ILE G 63 -72.70 5.42 -30.55
C ILE G 63 -72.62 4.29 -31.59
N GLU G 64 -71.40 3.89 -31.88
CA GLU G 64 -71.13 2.73 -32.73
C GLU G 64 -70.83 1.56 -31.81
N LEU G 65 -71.38 0.38 -32.13
CA LEU G 65 -71.11 -0.84 -31.35
C LEU G 65 -70.00 -1.67 -31.98
N CYS G 66 -68.93 -1.81 -31.20
CA CYS G 66 -67.66 -2.31 -31.68
C CYS G 66 -67.11 -3.31 -30.65
N SER G 67 -67.08 -4.59 -31.03
CA SER G 67 -66.33 -5.60 -30.27
C SER G 67 -64.94 -5.71 -30.88
N GLY G 68 -64.07 -6.51 -30.29
CA GLY G 68 -62.68 -6.65 -30.77
C GLY G 68 -62.00 -5.30 -30.84
N LEU G 69 -62.34 -4.48 -29.86
CA LEU G 69 -61.87 -3.11 -29.67
C LEU G 69 -60.37 -2.90 -29.95
N SER G 70 -59.54 -3.53 -29.14
CA SER G 70 -58.09 -3.48 -29.27
C SER G 70 -57.56 -4.24 -30.49
N GLU G 71 -58.48 -4.75 -31.31
CA GLU G 71 -58.12 -5.54 -32.47
C GLU G 71 -58.49 -4.81 -33.77
N GLY G 72 -59.13 -3.66 -33.64
CA GLY G 72 -59.50 -2.85 -34.80
C GLY G 72 -61.00 -2.60 -34.93
N GLY G 73 -61.79 -3.37 -34.17
CA GLY G 73 -63.25 -3.30 -34.23
C GLY G 73 -63.81 -4.48 -35.01
N THR G 74 -64.44 -5.40 -34.30
CA THR G 74 -65.08 -6.58 -34.91
C THR G 74 -66.56 -6.65 -34.55
N THR G 75 -67.32 -7.39 -35.37
CA THR G 75 -68.76 -7.55 -35.16
C THR G 75 -69.12 -7.91 -33.71
N PRO G 76 -69.93 -7.06 -33.05
CA PRO G 76 -70.21 -7.33 -31.66
C PRO G 76 -71.29 -8.40 -31.51
N SER G 77 -71.58 -8.79 -30.28
CA SER G 77 -72.62 -9.79 -30.03
C SER G 77 -73.98 -9.12 -29.96
N MET G 78 -75.01 -9.82 -30.43
CA MET G 78 -76.39 -9.35 -30.42
C MET G 78 -76.90 -9.09 -29.00
N GLY G 79 -76.38 -9.86 -28.04
CA GLY G 79 -76.71 -9.67 -26.63
C GLY G 79 -76.34 -8.29 -26.10
N VAL G 80 -75.18 -7.78 -26.53
CA VAL G 80 -74.80 -6.42 -26.18
C VAL G 80 -75.74 -5.47 -26.91
N LEU G 81 -75.93 -5.70 -28.22
CA LEU G 81 -76.86 -4.90 -29.02
C LEU G 81 -78.25 -4.82 -28.39
N GLN G 82 -78.60 -5.83 -27.60
CA GLN G 82 -79.90 -5.86 -26.96
C GLN G 82 -79.99 -4.96 -25.71
N VAL G 83 -79.00 -5.07 -24.83
CA VAL G 83 -79.02 -4.33 -23.57
C VAL G 83 -78.66 -2.86 -23.81
N VAL G 84 -77.92 -2.59 -24.88
CA VAL G 84 -77.59 -1.22 -25.29
C VAL G 84 -78.86 -0.49 -25.75
N LYS G 85 -79.54 -1.04 -26.76
CA LYS G 85 -80.77 -0.45 -27.30
C LYS G 85 -81.89 -0.35 -26.26
N GLN G 86 -81.70 -1.02 -25.12
CA GLN G 86 -82.64 -1.02 -24.02
C GLN G 86 -82.26 0.06 -22.97
N SER G 87 -81.00 0.47 -22.97
CA SER G 87 -80.51 1.41 -21.95
C SER G 87 -80.12 2.78 -22.51
N VAL G 88 -80.08 2.87 -23.84
CA VAL G 88 -79.70 4.10 -24.53
C VAL G 88 -80.73 4.47 -25.59
N GLN G 89 -81.13 5.74 -25.61
CA GLN G 89 -82.12 6.26 -26.56
C GLN G 89 -81.45 6.78 -27.83
N ILE G 90 -80.23 7.27 -27.68
CA ILE G 90 -79.39 7.73 -28.78
C ILE G 90 -79.14 6.62 -29.80
N PRO G 91 -79.14 6.95 -31.12
CA PRO G 91 -78.98 5.91 -32.16
C PRO G 91 -77.71 5.05 -32.01
N VAL G 92 -77.76 3.82 -32.54
CA VAL G 92 -76.72 2.80 -32.35
C VAL G 92 -76.40 2.11 -33.69
N PHE G 93 -75.19 2.33 -34.18
CA PHE G 93 -74.74 1.71 -35.42
C PHE G 93 -73.93 0.44 -35.10
N VAL G 94 -73.91 -0.52 -36.03
CA VAL G 94 -73.34 -1.84 -35.72
C VAL G 94 -72.15 -2.18 -36.60
N MET G 95 -71.07 -2.63 -35.96
CA MET G 95 -69.86 -2.98 -36.69
C MET G 95 -70.03 -4.33 -37.36
N ILE G 96 -69.73 -4.39 -38.65
CA ILE G 96 -69.76 -5.64 -39.40
C ILE G 96 -68.35 -5.95 -39.90
N ARG G 97 -67.56 -6.51 -38.98
CA ARG G 97 -66.22 -7.01 -39.24
C ARG G 97 -66.11 -8.39 -38.60
N PRO G 98 -65.97 -9.44 -39.45
CA PRO G 98 -65.93 -10.82 -38.95
C PRO G 98 -64.61 -11.18 -38.25
N ARG G 99 -63.53 -10.56 -38.69
CA ARG G 99 -62.21 -10.78 -38.12
C ARG G 99 -61.39 -9.52 -38.33
N GLY G 100 -60.31 -9.40 -37.56
CA GLY G 100 -59.31 -8.35 -37.78
C GLY G 100 -58.52 -8.64 -39.04
N GLY G 101 -57.57 -7.76 -39.34
CA GLY G 101 -56.73 -7.94 -40.51
C GLY G 101 -57.29 -7.23 -41.72
N ASP G 102 -56.96 -7.77 -42.90
CA ASP G 102 -57.29 -7.14 -44.17
C ASP G 102 -58.79 -7.08 -44.48
N PHE G 103 -59.11 -6.57 -45.66
CA PHE G 103 -60.50 -6.42 -46.09
C PHE G 103 -60.75 -7.16 -47.40
N LEU G 104 -59.96 -8.19 -47.62
CA LEU G 104 -60.23 -9.21 -48.62
C LEU G 104 -61.02 -10.29 -47.90
N TYR G 105 -62.33 -10.27 -48.10
CA TYR G 105 -63.19 -11.26 -47.46
C TYR G 105 -63.50 -12.40 -48.40
N SER G 106 -63.24 -13.61 -47.92
CA SER G 106 -63.58 -14.82 -48.66
C SER G 106 -65.08 -15.07 -48.60
N ASP G 107 -65.57 -15.98 -49.42
CA ASP G 107 -67.00 -16.26 -49.57
C ASP G 107 -67.69 -16.65 -48.27
N ARG G 108 -67.01 -17.48 -47.48
CA ARG G 108 -67.54 -17.91 -46.18
C ARG G 108 -67.64 -16.73 -45.21
N GLU G 109 -66.66 -15.82 -45.28
CA GLU G 109 -66.66 -14.62 -44.44
C GLU G 109 -67.80 -13.68 -44.78
N ILE G 110 -67.98 -13.40 -46.09
CA ILE G 110 -69.06 -12.51 -46.55
C ILE G 110 -70.42 -13.06 -46.14
N GLU G 111 -70.52 -14.39 -46.13
CA GLU G 111 -71.72 -15.10 -45.74
C GLU G 111 -72.04 -14.83 -44.26
N VAL G 112 -71.00 -14.74 -43.43
CA VAL G 112 -71.17 -14.45 -42.00
C VAL G 112 -71.55 -12.99 -41.80
N MET G 113 -70.97 -12.13 -42.64
CA MET G 113 -71.28 -10.71 -42.62
C MET G 113 -72.73 -10.46 -43.00
N LYS G 114 -73.16 -11.09 -44.09
CA LYS G 114 -74.56 -11.03 -44.55
C LYS G 114 -75.54 -11.41 -43.43
N ALA G 115 -75.28 -12.54 -42.77
CA ALA G 115 -76.13 -13.01 -41.68
C ALA G 115 -76.02 -12.14 -40.44
N ASP G 116 -74.88 -11.47 -40.27
CA ASP G 116 -74.73 -10.56 -39.14
C ASP G 116 -75.43 -9.21 -39.38
N ILE G 117 -75.50 -8.80 -40.64
CA ILE G 117 -76.29 -7.61 -41.03
C ILE G 117 -77.72 -7.82 -40.57
N ARG G 118 -78.38 -8.82 -41.17
CA ARG G 118 -79.77 -9.21 -40.89
C ARG G 118 -80.07 -9.33 -39.39
N LEU G 119 -79.16 -9.97 -38.67
CA LEU G 119 -79.33 -10.20 -37.24
C LEU G 119 -79.25 -8.91 -36.43
N ALA G 120 -78.40 -7.99 -36.88
CA ALA G 120 -78.26 -6.67 -36.25
C ALA G 120 -79.55 -5.88 -36.41
N LYS G 121 -80.11 -5.92 -37.62
CA LYS G 121 -81.44 -5.37 -37.88
C LYS G 121 -82.45 -5.93 -36.89
N LEU G 122 -82.56 -7.27 -36.84
CA LEU G 122 -83.55 -7.93 -35.99
C LEU G 122 -83.60 -7.39 -34.57
N TYR G 123 -82.45 -7.06 -34.00
CA TYR G 123 -82.42 -6.54 -32.63
C TYR G 123 -82.16 -5.03 -32.60
N GLY G 124 -82.58 -4.34 -33.66
CA GLY G 124 -82.54 -2.89 -33.73
C GLY G 124 -81.61 -2.37 -34.81
N ALA G 125 -80.54 -1.70 -34.38
CA ALA G 125 -79.47 -1.23 -35.26
C ALA G 125 -79.90 -0.18 -36.26
N ASP G 126 -79.65 1.07 -35.91
CA ASP G 126 -80.06 2.20 -36.74
C ASP G 126 -79.17 2.43 -37.96
N GLY G 127 -78.10 1.63 -38.08
CA GLY G 127 -77.17 1.72 -39.20
C GLY G 127 -76.08 0.66 -39.12
N LEU G 128 -75.38 0.47 -40.23
CA LEU G 128 -74.40 -0.61 -40.34
C LEU G 128 -73.06 -0.14 -40.92
N VAL G 129 -71.98 -0.49 -40.22
CA VAL G 129 -70.61 -0.09 -40.57
C VAL G 129 -69.86 -1.31 -41.12
N PHE G 130 -69.12 -1.11 -42.21
CA PHE G 130 -68.31 -2.17 -42.82
C PHE G 130 -67.42 -1.59 -43.93
N GLY G 131 -66.42 -2.35 -44.36
CA GLY G 131 -65.57 -1.95 -45.48
C GLY G 131 -65.00 -3.16 -46.18
N ALA G 132 -64.72 -3.03 -47.48
CA ALA G 132 -64.13 -4.13 -48.22
C ALA G 132 -63.20 -3.66 -49.33
N LEU G 133 -62.15 -4.44 -49.58
CA LEU G 133 -61.11 -4.07 -50.53
C LEU G 133 -60.80 -5.18 -51.54
N THR G 134 -60.11 -4.80 -52.61
CA THR G 134 -59.65 -5.71 -53.64
C THR G 134 -58.14 -5.80 -53.60
N GLU G 135 -57.61 -6.99 -53.86
CA GLU G 135 -56.18 -7.27 -54.01
C GLU G 135 -55.24 -6.07 -54.26
N ASP G 136 -55.57 -5.23 -55.24
CA ASP G 136 -54.72 -4.09 -55.60
C ASP G 136 -55.13 -2.76 -54.94
N GLY G 137 -55.86 -2.85 -53.83
CA GLY G 137 -56.13 -1.71 -52.97
C GLY G 137 -57.30 -0.83 -53.38
N HIS G 138 -58.19 -1.36 -54.21
CA HIS G 138 -59.42 -0.65 -54.58
C HIS G 138 -60.57 -1.27 -53.82
N ILE G 139 -61.64 -0.49 -53.62
CA ILE G 139 -62.85 -0.94 -52.92
C ILE G 139 -63.53 -2.06 -53.68
N ASP G 140 -64.10 -3.03 -52.94
CA ASP G 140 -64.76 -4.18 -53.55
C ASP G 140 -66.18 -3.83 -54.02
N LYS G 141 -66.23 -3.04 -55.09
CA LYS G 141 -67.45 -2.53 -55.72
C LYS G 141 -68.64 -3.50 -55.60
N GLU G 142 -68.49 -4.68 -56.20
CA GLU G 142 -69.55 -5.67 -56.26
C GLU G 142 -70.08 -6.10 -54.89
N LEU G 143 -69.16 -6.32 -53.96
CA LEU G 143 -69.48 -6.89 -52.65
C LEU G 143 -70.17 -5.90 -51.71
N CYS G 144 -69.81 -4.62 -51.83
CA CYS G 144 -70.40 -3.57 -51.01
C CYS G 144 -71.84 -3.32 -51.43
N MET G 145 -72.10 -3.43 -52.73
CA MET G 145 -73.46 -3.38 -53.27
C MET G 145 -74.28 -4.47 -52.62
N SER G 146 -73.74 -5.69 -52.66
CA SER G 146 -74.37 -6.88 -52.10
C SER G 146 -74.67 -6.71 -50.61
N LEU G 147 -73.72 -6.17 -49.87
CA LEU G 147 -73.90 -5.92 -48.44
C LEU G 147 -74.83 -4.75 -48.19
N MET G 148 -74.89 -3.82 -49.13
CA MET G 148 -75.74 -2.65 -49.01
C MET G 148 -77.19 -3.01 -49.30
N ALA G 149 -77.40 -3.87 -50.30
CA ALA G 149 -78.72 -4.37 -50.66
C ALA G 149 -79.48 -4.83 -49.42
N ILE G 150 -78.87 -5.74 -48.67
CA ILE G 150 -79.45 -6.25 -47.44
C ILE G 150 -79.47 -5.22 -46.30
N CYS G 151 -78.54 -4.27 -46.33
CA CYS G 151 -78.44 -3.21 -45.32
C CYS G 151 -79.58 -2.25 -45.43
N ARG G 152 -79.92 -1.92 -46.67
CA ARG G 152 -80.95 -0.94 -46.99
C ARG G 152 -82.33 -1.38 -46.50
N PRO G 153 -83.15 -0.43 -46.01
CA PRO G 153 -83.04 1.03 -46.13
C PRO G 153 -82.15 1.74 -45.10
N LEU G 154 -81.49 0.97 -44.23
CA LEU G 154 -80.70 1.55 -43.14
C LEU G 154 -79.42 2.25 -43.63
N PRO G 155 -78.95 3.28 -42.89
CA PRO G 155 -77.73 4.00 -43.30
C PRO G 155 -76.44 3.18 -43.23
N VAL G 156 -75.64 3.29 -44.29
CA VAL G 156 -74.41 2.52 -44.44
C VAL G 156 -73.15 3.40 -44.48
N THR G 157 -72.29 3.21 -43.47
CA THR G 157 -71.00 3.90 -43.39
C THR G 157 -69.83 2.99 -43.76
N PHE G 158 -68.94 3.49 -44.59
CA PHE G 158 -67.68 2.79 -44.89
C PHE G 158 -66.67 3.21 -43.85
N HIS G 159 -65.90 2.26 -43.32
CA HIS G 159 -64.98 2.54 -42.20
C HIS G 159 -63.51 2.72 -42.59
N ARG G 160 -62.65 2.63 -41.57
CA ARG G 160 -61.21 2.84 -41.67
C ARG G 160 -60.56 2.21 -42.90
N ALA G 161 -61.17 1.14 -43.40
CA ALA G 161 -60.70 0.41 -44.58
C ALA G 161 -60.44 1.32 -45.80
N PHE G 162 -61.03 2.51 -45.78
CA PHE G 162 -60.75 3.51 -46.81
C PHE G 162 -59.27 3.91 -46.77
N ASP G 163 -58.74 4.05 -45.55
CA ASP G 163 -57.35 4.43 -45.35
C ASP G 163 -56.34 3.48 -46.02
N MET G 164 -56.81 2.29 -46.40
CA MET G 164 -55.95 1.27 -46.99
C MET G 164 -55.99 1.28 -48.52
N VAL G 165 -56.65 2.29 -49.08
CA VAL G 165 -56.84 2.41 -50.54
C VAL G 165 -55.55 2.82 -51.27
N HIS G 166 -55.45 2.46 -52.54
CA HIS G 166 -54.34 2.92 -53.38
C HIS G 166 -54.55 4.37 -53.84
N ASP G 167 -55.80 4.71 -54.14
CA ASP G 167 -56.17 6.02 -54.67
C ASP G 167 -57.43 6.54 -53.96
N PRO G 168 -57.26 7.21 -52.79
CA PRO G 168 -58.37 7.78 -52.02
C PRO G 168 -59.09 8.91 -52.76
N MET G 169 -58.48 9.39 -53.84
CA MET G 169 -59.08 10.39 -54.72
C MET G 169 -60.25 9.78 -55.51
N ALA G 170 -59.95 8.73 -56.28
CA ALA G 170 -60.94 8.05 -57.11
C ALA G 170 -61.72 6.95 -56.38
N ALA G 171 -61.44 6.79 -55.08
CA ALA G 171 -62.15 5.83 -54.23
C ALA G 171 -63.30 6.48 -53.49
N LEU G 172 -63.13 7.74 -53.09
CA LEU G 172 -64.22 8.58 -52.62
C LEU G 172 -65.28 8.73 -53.71
N GLU G 173 -64.80 8.81 -54.95
CA GLU G 173 -65.64 8.80 -56.16
C GLU G 173 -66.50 7.53 -56.21
N THR G 174 -65.87 6.38 -55.98
CA THR G 174 -66.56 5.09 -55.95
C THR G 174 -67.50 5.00 -54.75
N LEU G 175 -67.07 5.53 -53.61
CA LEU G 175 -67.90 5.55 -52.42
C LEU G 175 -69.16 6.39 -52.62
N LEU G 176 -69.11 7.26 -53.63
CA LEU G 176 -70.27 8.02 -54.05
C LEU G 176 -71.05 7.28 -55.13
N THR G 177 -70.32 6.72 -56.10
CA THR G 177 -70.90 5.89 -57.13
C THR G 177 -71.70 4.74 -56.51
N LEU G 178 -71.48 4.50 -55.22
CA LEU G 178 -72.15 3.43 -54.47
C LEU G 178 -73.19 3.95 -53.47
N GLY G 179 -73.15 5.24 -53.16
CA GLY G 179 -74.17 5.87 -52.32
C GLY G 179 -74.12 5.56 -50.83
N PHE G 180 -72.92 5.55 -50.26
CA PHE G 180 -72.75 5.49 -48.81
C PHE G 180 -73.10 6.84 -48.19
N GLU G 181 -73.41 6.83 -46.90
CA GLU G 181 -73.72 8.06 -46.18
C GLU G 181 -72.49 8.65 -45.47
N ARG G 182 -71.52 7.79 -45.14
CA ARG G 182 -70.38 8.17 -44.28
C ARG G 182 -69.07 7.44 -44.57
N VAL G 183 -67.94 8.10 -44.28
CA VAL G 183 -66.61 7.49 -44.36
C VAL G 183 -65.80 7.77 -43.10
N LEU G 184 -65.39 6.69 -42.42
CA LEU G 184 -64.41 6.77 -41.35
C LEU G 184 -63.03 6.83 -41.97
N THR G 185 -62.26 7.86 -41.62
CA THR G 185 -60.95 8.04 -42.23
C THR G 185 -60.01 8.83 -41.34
N SER G 186 -58.72 8.66 -41.59
CA SER G 186 -57.69 9.45 -40.95
C SER G 186 -56.68 9.89 -42.00
N GLY G 187 -57.17 10.05 -43.23
CA GLY G 187 -56.34 10.51 -44.34
C GLY G 187 -55.33 9.50 -44.85
N CYS G 188 -55.54 8.22 -44.53
CA CYS G 188 -54.61 7.14 -44.87
C CYS G 188 -53.30 7.30 -44.11
N ASP G 189 -53.40 7.73 -42.85
CA ASP G 189 -52.24 8.03 -42.01
C ASP G 189 -52.35 7.46 -40.60
N SER G 190 -51.23 7.56 -39.87
CA SER G 190 -51.12 7.19 -38.46
C SER G 190 -52.41 7.46 -37.68
N SER G 191 -52.88 8.70 -37.75
CA SER G 191 -54.08 9.12 -37.06
C SER G 191 -54.73 10.25 -37.87
N ALA G 192 -55.79 10.84 -37.33
CA ALA G 192 -56.53 11.88 -38.06
C ALA G 192 -55.77 13.21 -38.11
N LEU G 193 -55.05 13.52 -37.05
CA LEU G 193 -54.21 14.72 -37.00
C LEU G 193 -53.07 14.64 -38.03
N GLU G 194 -52.73 13.42 -38.44
CA GLU G 194 -51.63 13.18 -39.37
C GLU G 194 -52.11 13.23 -40.82
N GLY G 195 -53.27 12.63 -41.06
CA GLY G 195 -53.87 12.61 -42.39
C GLY G 195 -54.88 13.71 -42.61
N LEU G 196 -54.89 14.69 -41.70
CA LEU G 196 -55.73 15.90 -41.82
C LEU G 196 -55.57 16.68 -43.14
N PRO G 197 -54.33 16.83 -43.66
CA PRO G 197 -54.25 17.42 -45.01
C PRO G 197 -55.22 16.80 -46.03
N LEU G 198 -55.18 15.48 -46.19
CA LEU G 198 -56.02 14.79 -47.19
C LEU G 198 -57.50 14.71 -46.82
N ILE G 199 -57.82 14.74 -45.53
CA ILE G 199 -59.22 14.80 -45.12
C ILE G 199 -59.85 16.14 -45.51
N LYS G 200 -59.03 17.19 -45.61
CA LYS G 200 -59.47 18.49 -46.15
C LYS G 200 -59.84 18.32 -47.60
N ARG G 201 -58.86 17.96 -48.43
CA ARG G 201 -59.07 17.73 -49.86
C ARG G 201 -60.31 16.91 -50.15
N LEU G 202 -60.66 16.01 -49.24
CA LEU G 202 -61.80 15.11 -49.43
C LEU G 202 -63.15 15.79 -49.20
N ILE G 203 -63.33 16.36 -47.99
CA ILE G 203 -64.50 17.18 -47.68
C ILE G 203 -64.88 18.12 -48.85
N GLU G 204 -63.91 18.86 -49.38
CA GLU G 204 -64.13 19.80 -50.48
C GLU G 204 -64.34 19.10 -51.83
N GLN G 205 -63.82 17.88 -51.96
CA GLN G 205 -64.05 17.07 -53.15
C GLN G 205 -65.45 16.46 -53.08
N ALA G 206 -65.89 16.14 -51.85
CA ALA G 206 -67.18 15.52 -51.59
C ALA G 206 -68.34 16.50 -51.70
N LYS G 207 -68.21 17.64 -51.02
CA LYS G 207 -69.21 18.71 -51.02
C LYS G 207 -70.57 18.27 -50.49
N GLY G 208 -70.56 17.58 -49.35
CA GLY G 208 -71.81 17.17 -48.69
C GLY G 208 -72.45 15.90 -49.22
N ARG G 209 -72.05 15.48 -50.42
CA ARG G 209 -72.57 14.27 -51.04
C ARG G 209 -72.34 13.04 -50.16
N ILE G 210 -71.19 13.03 -49.49
CA ILE G 210 -70.87 12.04 -48.47
C ILE G 210 -70.22 12.70 -47.26
N VAL G 211 -70.70 12.36 -46.07
CA VAL G 211 -70.09 12.83 -44.83
C VAL G 211 -68.70 12.20 -44.67
N VAL G 212 -67.68 13.05 -44.59
CA VAL G 212 -66.31 12.61 -44.32
C VAL G 212 -66.03 12.75 -42.82
N MET G 213 -65.98 11.61 -42.13
CA MET G 213 -65.64 11.55 -40.71
C MET G 213 -64.14 11.32 -40.49
N PRO G 214 -63.49 12.22 -39.73
CA PRO G 214 -62.16 11.94 -39.20
C PRO G 214 -62.23 10.89 -38.09
N GLY G 215 -61.21 10.02 -38.03
CA GLY G 215 -61.23 8.90 -37.11
C GLY G 215 -60.01 8.68 -36.23
N GLY G 216 -58.86 8.45 -36.85
CA GLY G 216 -57.64 8.08 -36.11
C GLY G 216 -57.25 8.94 -34.91
N GLY G 217 -57.61 8.48 -33.72
CA GLY G 217 -57.13 9.07 -32.46
C GLY G 217 -57.43 10.54 -32.20
N ILE G 218 -58.72 10.86 -32.10
CA ILE G 218 -59.18 12.21 -31.73
C ILE G 218 -59.04 12.36 -30.21
N THR G 219 -58.89 13.59 -29.73
CA THR G 219 -58.61 13.83 -28.30
C THR G 219 -58.90 15.27 -27.89
N ASP G 220 -59.01 15.50 -26.58
CA ASP G 220 -59.01 16.85 -26.02
C ASP G 220 -57.91 17.65 -26.70
N ARG G 221 -56.67 17.17 -26.51
CA ARG G 221 -55.45 17.87 -26.90
C ARG G 221 -55.56 18.58 -28.24
N ASN G 222 -56.17 17.92 -29.22
CA ASN G 222 -56.35 18.56 -30.53
C ASN G 222 -57.61 18.17 -31.29
N LEU G 223 -58.76 18.34 -30.66
CA LEU G 223 -60.05 18.14 -31.33
C LEU G 223 -60.36 19.26 -32.32
N GLN G 224 -60.16 20.51 -31.89
CA GLN G 224 -60.50 21.65 -32.72
C GLN G 224 -59.56 21.83 -33.91
N ARG G 225 -58.30 21.46 -33.73
CA ARG G 225 -57.32 21.64 -34.79
C ARG G 225 -57.66 20.75 -35.99
N ILE G 226 -58.42 19.69 -35.75
CA ILE G 226 -58.90 18.82 -36.83
C ILE G 226 -60.22 19.33 -37.41
N LEU G 227 -61.10 19.82 -36.53
CA LEU G 227 -62.38 20.40 -36.98
C LEU G 227 -62.14 21.68 -37.78
N GLU G 228 -61.38 22.61 -37.20
CA GLU G 228 -60.97 23.84 -37.88
C GLU G 228 -60.00 23.56 -39.01
N GLY G 229 -59.36 22.39 -38.98
CA GLY G 229 -58.44 21.98 -40.02
C GLY G 229 -59.16 21.42 -41.23
N SER G 230 -60.14 20.55 -40.98
CA SER G 230 -60.85 19.86 -42.05
C SER G 230 -62.14 20.58 -42.45
N GLY G 231 -62.85 21.11 -41.45
CA GLY G 231 -64.18 21.66 -41.64
C GLY G 231 -65.27 20.60 -41.52
N ALA G 232 -64.95 19.53 -40.80
CA ALA G 232 -65.84 18.37 -40.71
C ALA G 232 -67.02 18.64 -39.79
N THR G 233 -68.13 17.95 -40.05
CA THR G 233 -69.33 18.07 -39.22
C THR G 233 -69.38 16.92 -38.21
N GLU G 234 -68.97 15.73 -38.66
CA GLU G 234 -69.04 14.53 -37.86
C GLU G 234 -67.65 13.95 -37.62
N PHE G 235 -67.36 13.59 -36.38
CA PHE G 235 -66.06 13.03 -36.03
C PHE G 235 -66.20 11.83 -35.10
N HIS G 236 -65.19 10.96 -35.14
CA HIS G 236 -65.18 9.68 -34.42
C HIS G 236 -63.97 9.64 -33.48
N CYS G 237 -64.23 9.35 -32.21
CA CYS G 237 -63.18 9.30 -31.20
C CYS G 237 -63.32 8.06 -30.30
N SER G 238 -62.47 7.95 -29.28
CA SER G 238 -62.50 6.79 -28.37
C SER G 238 -62.91 7.11 -26.92
N ALA G 239 -62.40 8.22 -26.38
CA ALA G 239 -62.78 8.70 -25.04
C ALA G 239 -62.69 7.68 -23.89
N ARG G 240 -61.72 6.78 -23.98
CA ARG G 240 -61.56 5.69 -23.00
C ARG G 240 -60.62 6.03 -21.85
N SER G 241 -60.66 5.20 -20.81
CA SER G 241 -59.75 5.28 -19.68
C SER G 241 -59.51 3.89 -19.10
N THR G 242 -58.32 3.66 -18.54
CA THR G 242 -58.03 2.38 -17.89
C THR G 242 -58.41 2.40 -16.41
N ARG G 243 -59.28 1.48 -16.03
CA ARG G 243 -59.66 1.24 -14.63
C ARG G 243 -58.90 0.01 -14.14
N ASP G 244 -58.72 -0.09 -12.83
CA ASP G 244 -58.06 -1.25 -12.25
C ASP G 244 -59.08 -2.27 -11.75
N SER G 245 -58.86 -3.54 -12.06
CA SER G 245 -59.77 -4.63 -11.70
C SER G 245 -60.11 -4.63 -10.21
N GLY G 246 -61.35 -4.98 -9.90
CA GLY G 246 -61.81 -5.06 -8.51
C GLY G 246 -61.30 -6.29 -7.79
N MET G 247 -60.70 -7.20 -8.56
CA MET G 247 -60.14 -8.45 -8.05
C MET G 247 -59.02 -8.19 -7.06
N LYS G 248 -59.19 -8.68 -5.84
CA LYS G 248 -58.19 -8.48 -4.78
C LYS G 248 -57.12 -9.57 -4.76
N PHE G 249 -57.47 -10.76 -5.27
CA PHE G 249 -56.50 -11.84 -5.46
C PHE G 249 -56.08 -11.89 -6.94
N ARG G 250 -54.80 -12.17 -7.18
CA ARG G 250 -54.24 -12.18 -8.54
C ARG G 250 -53.21 -13.31 -8.74
N ASN G 251 -52.83 -13.55 -10.00
CA ASN G 251 -51.87 -14.58 -10.37
C ASN G 251 -51.17 -14.24 -11.69
N SER G 252 -50.05 -14.90 -11.98
CA SER G 252 -49.38 -14.73 -13.28
C SER G 252 -49.53 -15.96 -14.19
N SER G 253 -50.49 -15.85 -15.12
CA SER G 253 -50.96 -16.98 -15.93
C SER G 253 -51.19 -16.55 -17.37
N TYR G 265 -55.81 -7.93 -15.94
CA TYR G 265 -56.35 -7.22 -14.79
C TYR G 265 -56.65 -5.74 -15.06
N SER G 266 -56.44 -5.29 -16.29
CA SER G 266 -56.79 -3.93 -16.66
C SER G 266 -58.17 -3.89 -17.32
N LEU G 267 -58.80 -2.71 -17.31
CA LEU G 267 -60.13 -2.54 -17.87
C LEU G 267 -60.25 -1.25 -18.63
N LYS G 268 -60.69 -1.34 -19.87
CA LYS G 268 -60.89 -0.16 -20.72
C LYS G 268 -62.36 0.23 -20.83
N VAL G 269 -62.71 1.33 -20.16
CA VAL G 269 -64.09 1.84 -20.10
C VAL G 269 -64.15 3.30 -20.57
N THR G 270 -65.15 3.61 -21.39
CA THR G 270 -65.39 4.97 -21.87
C THR G 270 -65.74 5.91 -20.70
N ASP G 271 -65.11 7.09 -20.68
CA ASP G 271 -65.21 8.02 -19.57
C ASP G 271 -66.25 9.11 -19.83
N VAL G 272 -67.14 9.31 -18.85
CA VAL G 272 -68.21 10.31 -18.93
C VAL G 272 -67.63 11.71 -19.06
N THR G 273 -66.89 12.13 -18.04
CA THR G 273 -66.33 13.49 -17.97
C THR G 273 -65.43 13.83 -19.18
N LYS G 274 -64.80 12.80 -19.75
CA LYS G 274 -63.97 12.95 -20.94
C LYS G 274 -64.79 13.13 -22.22
N VAL G 275 -66.03 12.63 -22.22
CA VAL G 275 -66.95 12.82 -23.35
C VAL G 275 -67.54 14.23 -23.31
N ARG G 276 -67.84 14.70 -22.09
CA ARG G 276 -68.34 16.06 -21.86
C ARG G 276 -67.29 17.08 -22.28
N THR G 277 -66.04 16.85 -21.86
CA THR G 277 -64.93 17.75 -22.14
C THR G 277 -64.56 17.77 -23.64
N LEU G 278 -65.00 16.74 -24.37
CA LEU G 278 -64.87 16.70 -25.83
C LEU G 278 -66.01 17.45 -26.51
N ASN G 279 -67.24 17.12 -26.13
CA ASN G 279 -68.45 17.72 -26.70
C ASN G 279 -68.53 19.23 -26.47
N ALA G 280 -68.13 19.66 -25.27
CA ALA G 280 -68.13 21.07 -24.90
C ALA G 280 -67.20 21.88 -25.80
N ILE G 281 -65.98 21.38 -25.99
CA ILE G 281 -65.01 22.08 -26.83
C ILE G 281 -65.29 21.85 -28.32
N ALA G 282 -66.25 20.98 -28.60
CA ALA G 282 -66.77 20.81 -29.96
C ALA G 282 -67.97 21.74 -30.19
N LYS G 283 -68.60 22.16 -29.09
CA LYS G 283 -69.79 23.01 -29.14
C LYS G 283 -69.49 24.44 -29.59
N ASN G 284 -68.71 25.17 -28.79
CA ASN G 284 -68.44 26.58 -29.05
C ASN G 284 -67.13 26.84 -29.80
N ILE G 285 -67.11 26.41 -31.07
CA ILE G 285 -65.98 26.65 -31.97
C ILE G 285 -66.44 26.93 -33.40
N GLY H 39 -61.48 -43.78 -28.00
CA GLY H 39 -60.28 -42.88 -28.05
C GLY H 39 -60.35 -41.70 -27.10
N PHE H 40 -59.65 -40.62 -27.44
CA PHE H 40 -59.67 -39.38 -26.67
C PHE H 40 -60.48 -38.31 -27.39
N LEU H 41 -61.20 -37.50 -26.62
CA LEU H 41 -62.07 -36.46 -27.16
C LEU H 41 -61.35 -35.11 -27.27
N MET H 42 -61.19 -34.62 -28.50
CA MET H 42 -60.48 -33.38 -28.78
C MET H 42 -61.40 -32.19 -29.01
N GLU H 43 -60.97 -31.01 -28.56
CA GLU H 43 -61.73 -29.77 -28.68
C GLU H 43 -60.86 -28.62 -29.21
N VAL H 44 -61.47 -27.75 -30.03
CA VAL H 44 -60.74 -26.69 -30.73
C VAL H 44 -61.50 -25.35 -30.72
N CYS H 45 -60.86 -24.28 -30.23
CA CYS H 45 -61.41 -22.92 -30.31
C CYS H 45 -61.41 -22.41 -31.75
N VAL H 46 -62.54 -21.86 -32.17
CA VAL H 46 -62.74 -21.45 -33.55
C VAL H 46 -63.23 -19.99 -33.64
N ASP H 47 -62.66 -19.23 -34.58
CA ASP H 47 -63.04 -17.84 -34.79
C ASP H 47 -63.92 -17.65 -36.02
N SER H 48 -63.67 -18.47 -37.05
CA SER H 48 -64.33 -18.33 -38.35
C SER H 48 -65.00 -19.62 -38.84
N VAL H 49 -65.61 -19.56 -40.03
CA VAL H 49 -66.22 -20.74 -40.64
C VAL H 49 -65.15 -21.72 -41.17
N GLU H 50 -64.18 -21.19 -41.92
CA GLU H 50 -63.05 -21.97 -42.42
C GLU H 50 -62.37 -22.75 -41.29
N SER H 51 -62.33 -22.13 -40.11
CA SER H 51 -61.65 -22.69 -38.95
C SER H 51 -62.47 -23.76 -38.23
N ALA H 52 -63.76 -23.85 -38.55
CA ALA H 52 -64.62 -24.90 -38.01
C ALA H 52 -64.68 -26.10 -38.95
N VAL H 53 -64.76 -25.84 -40.26
CA VAL H 53 -64.73 -26.88 -41.29
C VAL H 53 -63.40 -27.61 -41.22
N ASN H 54 -62.30 -26.86 -41.41
CA ASN H 54 -60.95 -27.39 -41.29
C ASN H 54 -60.69 -28.16 -39.99
N ALA H 55 -61.37 -27.75 -38.92
CA ALA H 55 -61.25 -28.41 -37.61
C ALA H 55 -61.96 -29.78 -37.61
N GLU H 56 -63.23 -29.78 -38.01
CA GLU H 56 -64.02 -31.00 -38.12
C GLU H 56 -63.39 -31.96 -39.13
N ARG H 57 -62.99 -31.41 -40.28
CA ARG H 57 -62.38 -32.19 -41.35
C ARG H 57 -61.04 -32.80 -40.92
N GLY H 58 -60.36 -32.11 -40.01
CA GLY H 58 -59.14 -32.64 -39.43
C GLY H 58 -59.44 -33.75 -38.44
N GLY H 59 -60.67 -33.76 -37.92
CA GLY H 59 -61.10 -34.80 -37.01
C GLY H 59 -61.34 -34.33 -35.58
N ALA H 60 -61.80 -33.08 -35.43
CA ALA H 60 -62.19 -32.58 -34.11
C ALA H 60 -63.46 -33.28 -33.64
N ASP H 61 -63.61 -33.39 -32.32
CA ASP H 61 -64.82 -33.98 -31.75
C ASP H 61 -65.76 -32.90 -31.18
N ARG H 62 -65.27 -31.68 -31.04
CA ARG H 62 -66.05 -30.58 -30.48
C ARG H 62 -65.51 -29.21 -30.88
N ILE H 63 -66.42 -28.34 -31.33
CA ILE H 63 -66.07 -26.98 -31.74
C ILE H 63 -66.55 -25.95 -30.71
N GLU H 64 -65.61 -25.16 -30.22
CA GLU H 64 -65.92 -24.04 -29.33
C GLU H 64 -65.82 -22.73 -30.11
N LEU H 65 -66.85 -21.89 -30.01
CA LEU H 65 -66.86 -20.60 -30.70
C LEU H 65 -66.40 -19.48 -29.77
N CYS H 66 -65.19 -19.00 -30.04
CA CYS H 66 -64.50 -18.08 -29.15
C CYS H 66 -63.94 -16.92 -29.97
N SER H 67 -64.80 -16.00 -30.41
CA SER H 67 -64.35 -14.85 -31.18
C SER H 67 -63.52 -13.88 -30.32
N GLY H 68 -62.58 -13.17 -30.96
CA GLY H 68 -61.68 -12.29 -30.23
C GLY H 68 -60.69 -13.08 -29.39
N LEU H 69 -59.96 -13.97 -30.06
CA LEU H 69 -59.01 -14.88 -29.44
C LEU H 69 -57.87 -14.14 -28.74
N SER H 70 -57.44 -13.05 -29.35
CA SER H 70 -56.42 -12.16 -28.81
C SER H 70 -56.53 -11.97 -27.30
N GLU H 71 -57.72 -11.57 -26.83
CA GLU H 71 -57.94 -11.27 -25.41
C GLU H 71 -58.33 -12.50 -24.58
N GLY H 72 -58.19 -13.68 -25.17
CA GLY H 72 -58.73 -14.90 -24.58
C GLY H 72 -60.21 -14.89 -24.87
N GLY H 73 -60.63 -15.69 -25.86
CA GLY H 73 -61.99 -15.69 -26.40
C GLY H 73 -63.09 -14.84 -25.76
N THR H 74 -63.81 -14.11 -26.60
CA THR H 74 -65.02 -13.40 -26.15
C THR H 74 -66.25 -13.94 -26.89
N THR H 75 -67.44 -13.47 -26.50
CA THR H 75 -68.70 -13.90 -27.10
C THR H 75 -68.69 -13.72 -28.63
N PRO H 76 -68.93 -14.81 -29.37
CA PRO H 76 -69.03 -14.71 -30.82
C PRO H 76 -70.30 -13.99 -31.25
N SER H 77 -70.33 -13.59 -32.53
CA SER H 77 -71.51 -13.05 -33.15
C SER H 77 -72.37 -14.24 -33.59
N MET H 78 -73.69 -14.07 -33.55
CA MET H 78 -74.61 -15.15 -33.93
C MET H 78 -74.48 -15.49 -35.40
N GLY H 79 -74.10 -14.51 -36.21
CA GLY H 79 -73.86 -14.72 -37.63
C GLY H 79 -72.87 -15.85 -37.91
N VAL H 80 -71.81 -15.92 -37.11
CA VAL H 80 -70.82 -17.01 -37.20
C VAL H 80 -71.49 -18.34 -36.81
N LEU H 81 -72.21 -18.33 -35.69
CA LEU H 81 -72.90 -19.52 -35.20
C LEU H 81 -73.74 -20.15 -36.31
N GLN H 82 -74.61 -19.36 -36.90
CA GLN H 82 -75.52 -19.81 -37.95
C GLN H 82 -74.78 -20.48 -39.10
N VAL H 83 -73.83 -19.77 -39.69
CA VAL H 83 -73.09 -20.27 -40.85
C VAL H 83 -72.20 -21.46 -40.48
N VAL H 84 -71.76 -21.51 -39.22
CA VAL H 84 -70.99 -22.65 -38.70
C VAL H 84 -71.90 -23.86 -38.54
N LYS H 85 -73.03 -23.67 -37.85
CA LYS H 85 -74.04 -24.71 -37.70
C LYS H 85 -74.54 -25.30 -39.02
N GLN H 86 -74.45 -24.54 -40.10
CA GLN H 86 -74.79 -25.01 -41.45
C GLN H 86 -73.63 -25.77 -42.11
N SER H 87 -72.51 -25.90 -41.42
CA SER H 87 -71.32 -26.49 -42.04
C SER H 87 -70.63 -27.56 -41.20
N VAL H 88 -71.07 -27.74 -39.96
CA VAL H 88 -70.56 -28.81 -39.09
C VAL H 88 -71.66 -29.57 -38.35
N GLN H 89 -71.51 -30.89 -38.31
CA GLN H 89 -72.43 -31.76 -37.60
C GLN H 89 -71.94 -32.08 -36.20
N ILE H 90 -70.66 -31.79 -35.94
CA ILE H 90 -70.08 -31.96 -34.60
C ILE H 90 -70.59 -30.87 -33.65
N PRO H 91 -70.69 -31.18 -32.34
CA PRO H 91 -71.32 -30.25 -31.39
C PRO H 91 -70.60 -28.89 -31.28
N VAL H 92 -71.38 -27.83 -31.16
CA VAL H 92 -70.82 -26.48 -31.11
C VAL H 92 -71.15 -25.76 -29.81
N PHE H 93 -70.13 -25.61 -28.98
CA PHE H 93 -70.23 -24.89 -27.72
C PHE H 93 -69.89 -23.42 -27.93
N VAL H 94 -70.54 -22.55 -27.16
CA VAL H 94 -70.43 -21.12 -27.38
C VAL H 94 -69.86 -20.41 -26.16
N MET H 95 -68.86 -19.58 -26.42
CA MET H 95 -68.20 -18.79 -25.39
C MET H 95 -69.06 -17.64 -24.89
N ILE H 96 -69.17 -17.53 -23.58
CA ILE H 96 -69.85 -16.40 -22.96
C ILE H 96 -68.87 -15.57 -22.11
N ARG H 97 -68.18 -14.64 -22.78
CA ARG H 97 -67.34 -13.63 -22.15
C ARG H 97 -67.64 -12.30 -22.83
N PRO H 98 -68.15 -11.32 -22.06
CA PRO H 98 -68.47 -10.04 -22.70
C PRO H 98 -67.21 -9.22 -23.02
N ARG H 99 -66.15 -9.45 -22.24
CA ARG H 99 -64.89 -8.70 -22.38
C ARG H 99 -63.71 -9.52 -21.90
N GLY H 100 -62.51 -9.10 -22.30
CA GLY H 100 -61.27 -9.71 -21.83
C GLY H 100 -61.02 -9.36 -20.38
N GLY H 101 -59.93 -9.88 -19.83
CA GLY H 101 -59.51 -9.53 -18.48
C GLY H 101 -60.15 -10.39 -17.42
N ASP H 102 -60.64 -9.74 -16.37
CA ASP H 102 -61.10 -10.43 -15.17
C ASP H 102 -62.45 -11.10 -15.34
N PHE H 103 -62.84 -11.84 -14.31
CA PHE H 103 -64.11 -12.57 -14.31
C PHE H 103 -64.99 -12.16 -13.13
N LEU H 104 -64.67 -11.01 -12.53
CA LEU H 104 -65.54 -10.37 -11.57
C LEU H 104 -66.41 -9.41 -12.36
N TYR H 105 -67.63 -9.84 -12.61
CA TYR H 105 -68.53 -9.13 -13.50
C TYR H 105 -69.49 -8.20 -12.77
N SER H 106 -69.78 -7.07 -13.40
CA SER H 106 -70.74 -6.08 -12.90
C SER H 106 -72.16 -6.40 -13.36
N ASP H 107 -73.14 -5.89 -12.61
CA ASP H 107 -74.57 -6.05 -12.92
C ASP H 107 -74.86 -5.89 -14.41
N ARG H 108 -74.40 -4.78 -14.99
CA ARG H 108 -74.68 -4.44 -16.37
C ARG H 108 -74.08 -5.43 -17.37
N GLU H 109 -73.02 -6.12 -16.95
CA GLU H 109 -72.34 -7.09 -17.79
C GLU H 109 -72.94 -8.50 -17.65
N ILE H 110 -73.53 -8.78 -16.49
CA ILE H 110 -74.25 -10.03 -16.23
C ILE H 110 -75.47 -10.15 -17.16
N GLU H 111 -76.29 -9.11 -17.17
CA GLU H 111 -77.48 -9.03 -18.02
C GLU H 111 -77.14 -9.35 -19.48
N VAL H 112 -75.95 -8.92 -19.89
CA VAL H 112 -75.46 -9.13 -21.26
C VAL H 112 -75.06 -10.58 -21.48
N MET H 113 -74.43 -11.17 -20.46
CA MET H 113 -74.06 -12.58 -20.49
C MET H 113 -75.33 -13.41 -20.59
N LYS H 114 -76.30 -13.09 -19.73
CA LYS H 114 -77.63 -13.69 -19.71
C LYS H 114 -78.32 -13.55 -21.06
N ALA H 115 -78.26 -12.35 -21.63
CA ALA H 115 -78.86 -12.10 -22.95
C ALA H 115 -78.24 -12.96 -24.04
N ASP H 116 -76.91 -13.00 -24.07
CA ASP H 116 -76.15 -13.67 -25.12
C ASP H 116 -76.26 -15.19 -25.09
N ILE H 117 -76.37 -15.75 -23.89
CA ILE H 117 -76.60 -17.18 -23.74
C ILE H 117 -77.97 -17.56 -24.31
N ARG H 118 -79.01 -16.80 -23.95
CA ARG H 118 -80.33 -16.98 -24.54
C ARG H 118 -80.26 -17.02 -26.07
N LEU H 119 -79.60 -16.03 -26.65
CA LEU H 119 -79.49 -15.95 -28.10
C LEU H 119 -78.65 -17.08 -28.68
N ALA H 120 -77.65 -17.52 -27.92
CA ALA H 120 -76.83 -18.67 -28.29
C ALA H 120 -77.70 -19.92 -28.40
N LYS H 121 -78.52 -20.17 -27.37
CA LYS H 121 -79.55 -21.24 -27.43
C LYS H 121 -80.31 -21.15 -28.74
N LEU H 122 -81.02 -20.04 -28.93
CA LEU H 122 -81.81 -19.75 -30.13
C LEU H 122 -81.15 -20.16 -31.46
N TYR H 123 -79.84 -19.99 -31.57
CA TYR H 123 -79.19 -20.24 -32.86
C TYR H 123 -78.47 -21.59 -32.99
N GLY H 124 -78.77 -22.49 -32.06
CA GLY H 124 -78.41 -23.90 -32.20
C GLY H 124 -77.10 -24.27 -31.53
N ALA H 125 -76.89 -23.74 -30.33
CA ALA H 125 -75.68 -23.99 -29.58
C ALA H 125 -75.86 -25.23 -28.71
N ASP H 126 -75.01 -26.21 -28.93
CA ASP H 126 -75.07 -27.49 -28.25
C ASP H 126 -74.53 -27.43 -26.82
N GLY H 127 -74.05 -26.25 -26.41
CA GLY H 127 -73.41 -26.06 -25.10
C GLY H 127 -72.86 -24.66 -24.89
N LEU H 128 -72.53 -24.35 -23.64
CA LEU H 128 -72.13 -22.98 -23.26
C LEU H 128 -70.91 -22.93 -22.35
N VAL H 129 -69.98 -22.03 -22.66
CA VAL H 129 -68.72 -21.89 -21.90
C VAL H 129 -68.65 -20.54 -21.17
N PHE H 130 -68.43 -20.58 -19.85
CA PHE H 130 -68.32 -19.35 -19.04
C PHE H 130 -67.51 -19.57 -17.76
N GLY H 131 -67.20 -18.48 -17.06
CA GLY H 131 -66.58 -18.54 -15.72
C GLY H 131 -66.79 -17.26 -14.94
N ALA H 132 -66.85 -17.37 -13.61
CA ALA H 132 -67.04 -16.21 -12.75
C ALA H 132 -66.38 -16.40 -11.41
N LEU H 133 -65.84 -15.31 -10.87
CA LEU H 133 -65.09 -15.37 -9.61
C LEU H 133 -65.51 -14.31 -8.61
N THR H 134 -65.20 -14.57 -7.34
CA THR H 134 -65.39 -13.62 -6.26
C THR H 134 -64.16 -12.72 -6.18
N GLU H 135 -64.25 -11.71 -5.32
CA GLU H 135 -63.17 -10.79 -5.00
C GLU H 135 -61.92 -11.50 -4.48
N ASP H 136 -62.11 -12.54 -3.66
CA ASP H 136 -61.01 -13.24 -2.99
C ASP H 136 -60.46 -14.41 -3.79
N GLY H 137 -60.76 -14.44 -5.09
CA GLY H 137 -60.19 -15.43 -5.97
C GLY H 137 -60.79 -16.82 -5.94
N HIS H 138 -61.82 -17.02 -5.10
CA HIS H 138 -62.62 -18.26 -5.15
C HIS H 138 -63.87 -18.06 -6.02
N ILE H 139 -64.49 -19.17 -6.41
CA ILE H 139 -65.60 -19.13 -7.38
C ILE H 139 -66.87 -18.52 -6.79
N ASP H 140 -67.49 -17.64 -7.57
CA ASP H 140 -68.75 -16.99 -7.20
C ASP H 140 -69.93 -17.89 -7.57
N LYS H 141 -70.43 -18.61 -6.57
CA LYS H 141 -71.45 -19.63 -6.76
C LYS H 141 -72.74 -19.07 -7.35
N GLU H 142 -73.17 -17.92 -6.84
CA GLU H 142 -74.47 -17.33 -7.16
C GLU H 142 -74.64 -16.98 -8.64
N LEU H 143 -73.67 -16.26 -9.21
CA LEU H 143 -73.69 -15.87 -10.62
C LEU H 143 -73.43 -17.06 -11.53
N CYS H 144 -72.87 -18.13 -10.98
CA CYS H 144 -72.73 -19.37 -11.69
C CYS H 144 -74.08 -20.10 -11.80
N MET H 145 -74.81 -20.21 -10.69
CA MET H 145 -76.15 -20.84 -10.66
C MET H 145 -77.12 -20.18 -11.63
N SER H 146 -77.09 -18.85 -11.64
CA SER H 146 -77.99 -18.02 -12.46
C SER H 146 -77.82 -18.23 -13.96
N LEU H 147 -76.56 -18.30 -14.39
CA LEU H 147 -76.24 -18.49 -15.80
C LEU H 147 -76.40 -19.95 -16.17
N MET H 148 -76.21 -20.81 -15.19
CA MET H 148 -76.38 -22.25 -15.34
C MET H 148 -77.85 -22.59 -15.59
N ALA H 149 -78.74 -21.96 -14.81
CA ALA H 149 -80.18 -22.15 -14.95
C ALA H 149 -80.70 -21.66 -16.30
N ILE H 150 -80.09 -20.60 -16.83
CA ILE H 150 -80.44 -20.12 -18.15
C ILE H 150 -79.83 -21.03 -19.23
N CYS H 151 -78.86 -21.85 -18.85
CA CYS H 151 -78.18 -22.74 -19.79
C CYS H 151 -78.93 -24.04 -20.04
N ARG H 152 -79.68 -24.50 -19.04
CA ARG H 152 -80.45 -25.74 -19.09
C ARG H 152 -81.20 -25.97 -20.39
N PRO H 153 -81.24 -27.22 -20.87
CA PRO H 153 -80.50 -28.36 -20.33
C PRO H 153 -79.24 -28.70 -21.13
N LEU H 154 -78.76 -27.75 -21.92
CA LEU H 154 -77.50 -27.92 -22.64
C LEU H 154 -76.32 -27.82 -21.67
N PRO H 155 -75.21 -28.53 -21.98
CA PRO H 155 -74.09 -28.69 -21.06
C PRO H 155 -73.24 -27.43 -20.84
N VAL H 156 -72.70 -27.29 -19.63
CA VAL H 156 -71.92 -26.13 -19.23
C VAL H 156 -70.45 -26.47 -18.90
N THR H 157 -69.55 -25.89 -19.68
CA THR H 157 -68.11 -25.99 -19.40
C THR H 157 -67.62 -24.74 -18.68
N PHE H 158 -67.05 -24.93 -17.49
CA PHE H 158 -66.35 -23.86 -16.79
C PHE H 158 -64.93 -23.77 -17.38
N HIS H 159 -64.53 -22.55 -17.75
CA HIS H 159 -63.26 -22.35 -18.47
C HIS H 159 -62.12 -21.97 -17.54
N ARG H 160 -61.10 -21.34 -18.11
CA ARG H 160 -59.89 -21.04 -17.39
C ARG H 160 -59.92 -19.76 -16.57
N ALA H 161 -61.09 -19.43 -16.02
CA ALA H 161 -61.19 -18.55 -14.87
C ALA H 161 -60.80 -19.39 -13.66
N PHE H 162 -60.75 -20.71 -13.87
CA PHE H 162 -60.35 -21.65 -12.84
C PHE H 162 -58.87 -21.54 -12.54
N ASP H 163 -58.05 -21.42 -13.58
CA ASP H 163 -56.62 -21.25 -13.42
C ASP H 163 -56.23 -20.02 -12.60
N MET H 164 -57.20 -19.14 -12.36
CA MET H 164 -57.00 -17.87 -11.64
C MET H 164 -57.48 -17.92 -10.18
N VAL H 165 -57.77 -19.13 -9.69
CA VAL H 165 -58.35 -19.33 -8.36
C VAL H 165 -57.30 -19.44 -7.27
N HIS H 166 -57.67 -19.08 -6.03
CA HIS H 166 -56.80 -19.23 -4.86
C HIS H 166 -56.59 -20.70 -4.52
N ASP H 167 -57.66 -21.37 -4.11
CA ASP H 167 -57.62 -22.78 -3.74
C ASP H 167 -58.23 -23.60 -4.87
N PRO H 168 -57.39 -24.19 -5.74
CA PRO H 168 -57.89 -24.95 -6.89
C PRO H 168 -58.40 -26.35 -6.53
N MET H 169 -58.02 -26.86 -5.36
CA MET H 169 -58.54 -28.13 -4.84
C MET H 169 -59.95 -27.97 -4.26
N ALA H 170 -60.16 -26.88 -3.52
CA ALA H 170 -61.48 -26.54 -3.00
C ALA H 170 -62.39 -25.92 -4.06
N ALA H 171 -61.77 -25.43 -5.13
CA ALA H 171 -62.49 -24.82 -6.24
C ALA H 171 -63.21 -25.88 -7.06
N LEU H 172 -62.51 -26.97 -7.35
CA LEU H 172 -63.06 -28.09 -8.11
C LEU H 172 -64.20 -28.78 -7.35
N GLU H 173 -64.14 -28.71 -6.01
CA GLU H 173 -65.19 -29.22 -5.14
C GLU H 173 -66.48 -28.42 -5.29
N THR H 174 -66.37 -27.09 -5.34
CA THR H 174 -67.53 -26.21 -5.49
C THR H 174 -68.13 -26.32 -6.90
N LEU H 175 -67.27 -26.46 -7.92
CA LEU H 175 -67.72 -26.66 -9.29
C LEU H 175 -68.51 -27.95 -9.41
N LEU H 176 -68.01 -28.98 -8.73
CA LEU H 176 -68.74 -30.23 -8.57
C LEU H 176 -70.10 -30.01 -7.93
N THR H 177 -70.13 -29.34 -6.78
CA THR H 177 -71.35 -29.04 -6.04
C THR H 177 -72.26 -28.06 -6.79
N LEU H 178 -71.92 -27.79 -8.05
CA LEU H 178 -72.79 -27.02 -8.93
C LEU H 178 -72.98 -27.76 -10.25
N GLY H 179 -72.51 -29.00 -10.30
CA GLY H 179 -72.78 -29.89 -11.42
C GLY H 179 -72.37 -29.36 -12.78
N PHE H 180 -71.21 -28.70 -12.82
CA PHE H 180 -70.57 -28.35 -14.08
C PHE H 180 -70.08 -29.64 -14.75
N GLU H 181 -70.32 -29.75 -16.06
CA GLU H 181 -69.99 -30.95 -16.81
C GLU H 181 -68.48 -31.04 -17.10
N ARG H 182 -67.82 -29.89 -17.19
CA ARG H 182 -66.40 -29.83 -17.60
C ARG H 182 -65.64 -28.71 -16.90
N VAL H 183 -64.31 -28.87 -16.82
CA VAL H 183 -63.40 -27.76 -16.43
C VAL H 183 -62.23 -27.67 -17.42
N LEU H 184 -62.03 -26.47 -17.95
CA LEU H 184 -60.86 -26.13 -18.77
C LEU H 184 -59.79 -25.58 -17.82
N THR H 185 -58.55 -26.08 -17.94
CA THR H 185 -57.53 -25.81 -16.95
C THR H 185 -56.10 -25.99 -17.44
N SER H 186 -55.28 -24.97 -17.23
CA SER H 186 -53.84 -25.04 -17.46
C SER H 186 -53.12 -25.43 -16.18
N GLY H 187 -53.82 -25.35 -15.06
CA GLY H 187 -53.32 -25.82 -13.78
C GLY H 187 -52.81 -24.69 -12.90
N CYS H 188 -53.50 -23.55 -12.99
CA CYS H 188 -53.07 -22.31 -12.33
C CYS H 188 -51.67 -21.86 -12.75
N ASP H 189 -51.25 -22.29 -13.94
CA ASP H 189 -49.93 -21.96 -14.48
C ASP H 189 -50.12 -21.32 -15.87
N SER H 190 -49.08 -21.34 -16.71
CA SER H 190 -49.13 -20.64 -17.99
C SER H 190 -49.43 -21.57 -19.18
N SER H 191 -49.02 -22.83 -19.07
CA SER H 191 -49.35 -23.82 -20.07
C SER H 191 -49.78 -25.14 -19.43
N ALA H 192 -50.32 -26.04 -20.25
CA ALA H 192 -50.72 -27.35 -19.77
C ALA H 192 -49.51 -28.19 -19.35
N LEU H 193 -48.48 -28.19 -20.20
CA LEU H 193 -47.23 -28.89 -19.92
C LEU H 193 -46.63 -28.43 -18.59
N GLU H 194 -46.67 -27.11 -18.35
CA GLU H 194 -46.23 -26.49 -17.11
C GLU H 194 -47.12 -26.86 -15.91
N GLY H 195 -48.41 -27.07 -16.18
CA GLY H 195 -49.36 -27.32 -15.11
C GLY H 195 -49.73 -28.76 -14.82
N LEU H 196 -49.10 -29.71 -15.52
CA LEU H 196 -49.38 -31.14 -15.32
C LEU H 196 -49.53 -31.56 -13.85
N PRO H 197 -48.50 -31.31 -13.00
CA PRO H 197 -48.61 -31.74 -11.60
C PRO H 197 -49.97 -31.44 -10.97
N LEU H 198 -50.52 -30.25 -11.24
CA LEU H 198 -51.82 -29.91 -10.66
C LEU H 198 -52.98 -30.55 -11.41
N ILE H 199 -52.89 -30.61 -12.74
CA ILE H 199 -53.97 -31.16 -13.57
C ILE H 199 -54.20 -32.64 -13.24
N LYS H 200 -53.10 -33.40 -13.16
CA LYS H 200 -53.12 -34.79 -12.70
C LYS H 200 -53.83 -34.93 -11.36
N ARG H 201 -53.38 -34.16 -10.36
CA ARG H 201 -53.95 -34.20 -9.01
C ARG H 201 -55.44 -33.84 -8.96
N LEU H 202 -55.93 -33.20 -10.00
CA LEU H 202 -57.35 -32.83 -10.10
C LEU H 202 -58.18 -33.94 -10.75
N ILE H 203 -57.64 -34.57 -11.80
CA ILE H 203 -58.25 -35.74 -12.46
C ILE H 203 -58.45 -36.91 -11.49
N GLU H 204 -57.60 -36.98 -10.47
CA GLU H 204 -57.66 -38.04 -9.46
C GLU H 204 -58.50 -37.60 -8.27
N GLN H 205 -58.65 -36.29 -8.12
CA GLN H 205 -59.49 -35.75 -7.09
C GLN H 205 -60.94 -35.85 -7.56
N ALA H 206 -61.13 -35.74 -8.87
CA ALA H 206 -62.45 -35.75 -9.49
C ALA H 206 -63.12 -37.12 -9.44
N LYS H 207 -62.40 -38.14 -9.92
CA LYS H 207 -62.92 -39.50 -10.06
C LYS H 207 -64.09 -39.54 -11.05
N GLY H 208 -63.85 -39.02 -12.25
CA GLY H 208 -64.87 -39.01 -13.31
C GLY H 208 -66.07 -38.12 -13.08
N ARG H 209 -66.17 -37.53 -11.88
CA ARG H 209 -67.28 -36.64 -11.52
C ARG H 209 -67.36 -35.37 -12.37
N ILE H 210 -66.20 -34.84 -12.77
CA ILE H 210 -66.11 -33.80 -13.79
C ILE H 210 -65.04 -34.18 -14.80
N VAL H 211 -65.29 -33.89 -16.07
CA VAL H 211 -64.27 -34.08 -17.11
C VAL H 211 -63.24 -32.94 -17.02
N VAL H 212 -61.97 -33.31 -16.87
CA VAL H 212 -60.88 -32.32 -16.75
C VAL H 212 -60.14 -32.13 -18.09
N MET H 213 -60.24 -30.92 -18.64
CA MET H 213 -59.59 -30.60 -19.91
C MET H 213 -58.34 -29.77 -19.68
N PRO H 214 -57.16 -30.33 -20.01
CA PRO H 214 -55.97 -29.49 -20.06
C PRO H 214 -56.07 -28.50 -21.22
N GLY H 215 -55.75 -27.24 -20.94
CA GLY H 215 -55.66 -26.21 -21.97
C GLY H 215 -54.42 -25.37 -21.71
N GLY H 216 -53.73 -24.99 -22.78
CA GLY H 216 -52.52 -24.21 -22.64
C GLY H 216 -51.70 -24.24 -23.91
N GLY H 217 -50.48 -24.74 -23.82
CA GLY H 217 -49.60 -24.76 -24.97
C GLY H 217 -49.70 -26.03 -25.77
N ILE H 218 -50.84 -26.71 -25.65
CA ILE H 218 -50.99 -28.08 -26.19
C ILE H 218 -50.75 -28.18 -27.69
N THR H 219 -49.65 -28.85 -28.05
CA THR H 219 -49.32 -29.10 -29.46
C THR H 219 -48.89 -30.55 -29.66
N ASP H 220 -48.68 -30.90 -30.93
CA ASP H 220 -48.22 -32.22 -31.31
C ASP H 220 -46.92 -32.62 -30.58
N ARG H 221 -46.09 -31.62 -30.29
CA ARG H 221 -44.81 -31.84 -29.60
C ARG H 221 -44.94 -32.13 -28.11
N ASN H 222 -46.14 -31.95 -27.55
CA ASN H 222 -46.34 -32.12 -26.11
C ASN H 222 -47.66 -32.73 -25.67
N LEU H 223 -48.54 -33.07 -26.61
CA LEU H 223 -49.83 -33.66 -26.27
C LEU H 223 -49.63 -34.96 -25.49
N GLN H 224 -48.84 -35.86 -26.08
CA GLN H 224 -48.61 -37.19 -25.55
C GLN H 224 -48.22 -37.12 -24.07
N ARG H 225 -47.22 -36.29 -23.77
CA ARG H 225 -46.74 -36.14 -22.41
C ARG H 225 -47.78 -35.57 -21.45
N ILE H 226 -48.75 -34.84 -21.99
CA ILE H 226 -49.80 -34.22 -21.17
C ILE H 226 -50.90 -35.22 -20.83
N LEU H 227 -51.30 -36.03 -21.80
CA LEU H 227 -52.30 -37.07 -21.56
C LEU H 227 -51.75 -38.19 -20.71
N GLU H 228 -50.57 -38.72 -21.08
CA GLU H 228 -49.89 -39.73 -20.28
C GLU H 228 -49.52 -39.14 -18.94
N GLY H 229 -49.43 -37.82 -18.90
CA GLY H 229 -49.09 -37.12 -17.67
C GLY H 229 -50.29 -36.96 -16.75
N SER H 230 -51.43 -36.61 -17.32
CA SER H 230 -52.62 -36.32 -16.52
C SER H 230 -53.60 -37.49 -16.47
N GLY H 231 -53.67 -38.25 -17.56
CA GLY H 231 -54.64 -39.33 -17.70
C GLY H 231 -56.03 -38.76 -17.90
N ALA H 232 -56.18 -37.99 -18.97
CA ALA H 232 -57.39 -37.24 -19.21
C ALA H 232 -58.19 -37.84 -20.35
N THR H 233 -59.51 -37.72 -20.25
CA THR H 233 -60.43 -38.13 -21.29
C THR H 233 -60.42 -37.07 -22.40
N GLU H 234 -60.74 -35.83 -22.00
CA GLU H 234 -60.84 -34.71 -22.92
C GLU H 234 -59.75 -33.66 -22.67
N PHE H 235 -59.39 -32.96 -23.75
CA PHE H 235 -58.39 -31.91 -23.70
C PHE H 235 -58.76 -30.75 -24.63
N HIS H 236 -58.42 -29.53 -24.22
CA HIS H 236 -58.68 -28.32 -24.99
C HIS H 236 -57.42 -27.88 -25.72
N CYS H 237 -57.59 -27.37 -26.95
CA CYS H 237 -56.49 -26.74 -27.69
C CYS H 237 -56.99 -25.88 -28.85
N SER H 238 -56.10 -25.62 -29.80
CA SER H 238 -56.40 -25.07 -31.13
C SER H 238 -55.17 -25.22 -32.01
N ALA H 239 -55.37 -25.52 -33.28
CA ALA H 239 -54.26 -25.81 -34.18
C ALA H 239 -54.13 -24.75 -35.24
N ARG H 240 -53.95 -23.51 -34.78
CA ARG H 240 -53.86 -22.36 -35.67
C ARG H 240 -52.45 -22.20 -36.19
N SER H 241 -52.35 -21.62 -37.39
CA SER H 241 -51.08 -21.18 -37.94
C SER H 241 -51.31 -19.83 -38.61
N THR H 242 -50.24 -19.17 -39.02
CA THR H 242 -50.34 -17.86 -39.68
C THR H 242 -50.15 -18.00 -41.17
N ARG H 243 -50.88 -17.17 -41.93
CA ARG H 243 -50.75 -17.14 -43.38
C ARG H 243 -50.68 -15.70 -43.87
N ASP H 244 -50.11 -15.53 -45.05
CA ASP H 244 -49.96 -14.22 -45.67
C ASP H 244 -51.26 -13.81 -46.35
N SER H 245 -51.69 -12.56 -46.08
CA SER H 245 -52.84 -11.97 -46.73
C SER H 245 -52.60 -11.82 -48.23
N GLY H 246 -53.65 -12.04 -49.02
CA GLY H 246 -53.56 -11.94 -50.48
C GLY H 246 -53.41 -10.52 -51.03
N MET H 247 -53.32 -9.55 -50.12
CA MET H 247 -53.26 -8.13 -50.49
C MET H 247 -51.95 -7.73 -51.18
N LYS H 248 -52.06 -7.24 -52.42
CA LYS H 248 -50.90 -6.84 -53.22
C LYS H 248 -50.45 -5.41 -52.94
N PHE H 249 -51.25 -4.69 -52.15
CA PHE H 249 -50.93 -3.32 -51.79
C PHE H 249 -51.35 -3.04 -50.36
N ARG H 250 -50.41 -2.55 -49.54
CA ARG H 250 -50.72 -2.16 -48.15
C ARG H 250 -50.17 -0.76 -47.78
N ASN H 251 -50.52 -0.29 -46.58
CA ASN H 251 -50.24 1.09 -46.15
C ASN H 251 -49.17 1.22 -45.06
N SER H 252 -49.20 2.34 -44.33
CA SER H 252 -48.19 2.67 -43.34
C SER H 252 -48.62 2.46 -41.90
N SER H 253 -49.90 2.65 -41.61
CA SER H 253 -50.33 2.73 -40.21
C SER H 253 -51.60 1.96 -39.82
N VAL H 254 -51.69 1.65 -38.52
CA VAL H 254 -52.76 0.86 -37.91
C VAL H 254 -54.07 1.64 -37.88
N SER H 266 -51.15 -11.43 -42.76
CA SER H 266 -51.41 -11.72 -41.35
C SER H 266 -52.83 -12.22 -41.12
N LEU H 267 -53.00 -13.53 -41.23
CA LEU H 267 -54.28 -14.20 -40.99
C LEU H 267 -54.00 -15.45 -40.16
N LYS H 268 -54.95 -15.85 -39.30
CA LYS H 268 -54.73 -16.99 -38.41
C LYS H 268 -55.77 -18.11 -38.59
N VAL H 269 -55.67 -18.82 -39.71
CA VAL H 269 -56.57 -19.93 -40.05
C VAL H 269 -56.18 -21.21 -39.28
N THR H 270 -57.17 -21.95 -38.79
CA THR H 270 -56.91 -23.21 -38.11
C THR H 270 -56.50 -24.28 -39.12
N ASP H 271 -55.47 -25.05 -38.78
CA ASP H 271 -54.85 -26.01 -39.71
C ASP H 271 -55.38 -27.43 -39.62
N VAL H 272 -55.75 -27.97 -40.78
CA VAL H 272 -56.21 -29.35 -40.92
C VAL H 272 -55.10 -30.31 -40.48
N THR H 273 -53.95 -30.15 -41.13
CA THR H 273 -52.75 -30.95 -40.87
C THR H 273 -52.35 -31.01 -39.39
N LYS H 274 -52.32 -29.85 -38.74
CA LYS H 274 -51.95 -29.79 -37.32
C LYS H 274 -52.98 -30.52 -36.45
N VAL H 275 -54.28 -30.32 -36.75
CA VAL H 275 -55.37 -30.98 -36.04
C VAL H 275 -55.34 -32.49 -36.24
N ARG H 276 -55.00 -32.91 -37.46
CA ARG H 276 -54.98 -34.32 -37.84
C ARG H 276 -53.77 -35.05 -37.26
N THR H 277 -52.64 -34.36 -37.16
CA THR H 277 -51.46 -34.92 -36.49
C THR H 277 -51.77 -35.10 -35.01
N LEU H 278 -52.55 -34.16 -34.47
CA LEU H 278 -52.98 -34.22 -33.07
C LEU H 278 -53.87 -35.43 -32.82
N ASN H 279 -54.62 -35.82 -33.86
CA ASN H 279 -55.47 -37.01 -33.83
C ASN H 279 -54.69 -38.31 -33.79
N ALA H 280 -53.79 -38.48 -34.76
CA ALA H 280 -52.92 -39.65 -34.80
C ALA H 280 -52.25 -39.86 -33.45
N ILE H 281 -51.71 -38.78 -32.88
CA ILE H 281 -51.11 -38.79 -31.55
C ILE H 281 -52.11 -39.15 -30.45
N ALA H 282 -53.36 -38.69 -30.59
CA ALA H 282 -54.40 -38.97 -29.62
C ALA H 282 -54.78 -40.46 -29.61
N LYS H 283 -54.94 -41.04 -30.80
CA LYS H 283 -55.45 -42.41 -30.95
C LYS H 283 -54.39 -43.48 -30.70
N ASN H 284 -53.17 -43.24 -31.18
CA ASN H 284 -52.06 -44.15 -30.90
C ASN H 284 -51.55 -43.97 -29.47
N ILE H 285 -52.47 -44.09 -28.50
CA ILE H 285 -52.18 -43.95 -27.07
C ILE H 285 -51.10 -44.93 -26.59
N ASN I 38 22.28 31.38 8.44
CA ASN I 38 22.44 30.16 7.59
C ASN I 38 22.34 30.51 6.10
N GLY I 39 21.63 29.66 5.35
CA GLY I 39 21.40 29.90 3.93
C GLY I 39 22.57 29.61 3.02
N PHE I 40 23.72 29.29 3.60
CA PHE I 40 24.91 28.93 2.83
C PHE I 40 24.82 27.51 2.29
N LEU I 41 24.76 27.38 0.96
CA LEU I 41 24.66 26.07 0.32
C LEU I 41 25.99 25.50 -0.18
N MET I 42 26.26 24.27 0.23
CA MET I 42 27.45 23.52 -0.19
C MET I 42 27.12 22.41 -1.18
N GLU I 43 27.70 22.53 -2.37
CA GLU I 43 27.61 21.53 -3.43
C GLU I 43 28.93 20.78 -3.51
N VAL I 44 28.86 19.49 -3.81
CA VAL I 44 30.04 18.64 -3.96
C VAL I 44 29.89 17.60 -5.07
N CYS I 45 30.90 17.52 -5.95
CA CYS I 45 30.95 16.47 -6.98
C CYS I 45 31.10 15.13 -6.31
N VAL I 46 30.29 14.17 -6.74
CA VAL I 46 30.37 12.80 -6.26
C VAL I 46 30.46 11.84 -7.44
N ASP I 47 31.08 10.70 -7.16
CA ASP I 47 31.49 9.73 -8.17
C ASP I 47 30.65 8.46 -8.02
N SER I 48 30.29 8.13 -6.79
CA SER I 48 29.71 6.85 -6.44
C SER I 48 28.71 7.01 -5.32
N VAL I 49 28.10 5.89 -4.91
CA VAL I 49 27.07 5.90 -3.87
C VAL I 49 27.70 6.11 -2.49
N GLU I 50 28.76 5.36 -2.22
CA GLU I 50 29.53 5.51 -0.99
C GLU I 50 29.85 6.99 -0.81
N SER I 51 30.16 7.62 -1.94
CA SER I 51 30.54 9.02 -1.98
C SER I 51 29.37 9.97 -1.66
N ALA I 52 28.21 9.71 -2.25
CA ALA I 52 27.02 10.55 -2.10
C ALA I 52 26.40 10.45 -0.71
N VAL I 53 26.47 9.24 -0.14
CA VAL I 53 26.04 9.00 1.22
C VAL I 53 26.94 9.78 2.18
N ASN I 54 28.26 9.61 2.02
CA ASN I 54 29.22 10.34 2.82
C ASN I 54 29.00 11.84 2.71
N ALA I 55 28.52 12.30 1.56
CA ALA I 55 28.22 13.71 1.36
C ALA I 55 27.04 14.15 2.22
N GLU I 56 26.02 13.31 2.33
CA GLU I 56 24.86 13.58 3.20
C GLU I 56 25.24 13.64 4.67
N ARG I 57 25.67 12.51 5.21
CA ARG I 57 26.08 12.41 6.61
C ARG I 57 27.01 13.54 7.02
N GLY I 58 27.74 14.07 6.04
CA GLY I 58 28.71 15.13 6.26
C GLY I 58 28.13 16.53 6.36
N GLY I 59 26.93 16.73 5.81
CA GLY I 59 26.28 18.04 5.88
C GLY I 59 26.04 18.71 4.53
N ALA I 60 26.45 18.05 3.45
CA ALA I 60 26.24 18.56 2.09
C ALA I 60 24.76 18.78 1.84
N ASP I 61 24.47 19.90 1.21
CA ASP I 61 23.11 20.29 0.90
C ASP I 61 22.71 19.72 -0.46
N ARG I 62 23.67 19.68 -1.38
CA ARG I 62 23.44 19.26 -2.75
C ARG I 62 24.67 18.56 -3.30
N ILE I 63 24.46 17.46 -4.02
CA ILE I 63 25.57 16.77 -4.66
C ILE I 63 25.47 16.89 -6.17
N GLU I 64 26.61 17.09 -6.83
CA GLU I 64 26.68 17.02 -8.29
C GLU I 64 27.20 15.65 -8.67
N LEU I 65 26.45 14.94 -9.52
CA LEU I 65 26.85 13.61 -9.92
C LEU I 65 27.73 13.69 -11.15
N CYS I 66 28.99 13.30 -10.97
CA CYS I 66 30.04 13.47 -11.97
C CYS I 66 30.71 12.11 -12.20
N SER I 67 30.80 11.69 -13.45
CA SER I 67 31.66 10.55 -13.79
C SER I 67 33.02 11.09 -14.19
N GLY I 68 34.01 10.21 -14.28
CA GLY I 68 35.36 10.57 -14.72
C GLY I 68 35.88 11.88 -14.13
N LEU I 69 35.79 12.01 -12.81
CA LEU I 69 36.24 13.22 -12.11
C LEU I 69 37.67 13.64 -12.45
N SER I 70 38.50 12.65 -12.78
CA SER I 70 39.89 12.83 -13.18
C SER I 70 40.08 13.86 -14.30
N GLU I 71 39.14 13.87 -15.24
CA GLU I 71 39.22 14.73 -16.41
C GLU I 71 38.30 15.95 -16.26
N GLY I 72 38.03 16.35 -15.02
CA GLY I 72 37.16 17.48 -14.71
C GLY I 72 35.66 17.15 -14.61
N GLY I 73 35.28 15.93 -14.98
CA GLY I 73 33.88 15.46 -14.90
C GLY I 73 33.15 15.29 -16.22
N THR I 74 32.63 14.08 -16.43
CA THR I 74 31.80 13.75 -17.60
C THR I 74 30.49 13.10 -17.13
N THR I 75 29.60 12.83 -18.09
CA THR I 75 28.24 12.29 -17.86
C THR I 75 28.21 10.88 -17.22
N PRO I 76 27.71 10.79 -15.99
CA PRO I 76 27.71 9.55 -15.22
C PRO I 76 26.67 8.57 -15.72
N SER I 77 26.78 7.31 -15.28
CA SER I 77 25.88 6.25 -15.67
C SER I 77 24.57 6.36 -14.91
N MET I 78 23.49 5.99 -15.58
CA MET I 78 22.16 6.03 -14.99
C MET I 78 22.03 5.10 -13.78
N GLY I 79 22.72 3.97 -13.84
CA GLY I 79 22.86 3.08 -12.69
C GLY I 79 23.34 3.74 -11.40
N VAL I 80 24.29 4.68 -11.51
CA VAL I 80 24.76 5.43 -10.34
C VAL I 80 23.63 6.28 -9.83
N LEU I 81 23.04 7.08 -10.73
CA LEU I 81 21.93 7.95 -10.37
C LEU I 81 20.93 7.18 -9.52
N GLN I 82 20.41 6.09 -10.11
CA GLN I 82 19.38 5.27 -9.50
C GLN I 82 19.75 4.82 -8.08
N VAL I 83 20.84 4.07 -7.96
CA VAL I 83 21.27 3.58 -6.66
C VAL I 83 21.48 4.76 -5.69
N VAL I 84 22.11 5.84 -6.17
CA VAL I 84 22.28 7.06 -5.36
C VAL I 84 20.93 7.64 -4.94
N LYS I 85 20.03 7.84 -5.90
CA LYS I 85 18.76 8.48 -5.65
C LYS I 85 17.93 7.73 -4.61
N GLN I 86 18.16 6.42 -4.50
CA GLN I 86 17.48 5.57 -3.55
C GLN I 86 18.15 5.57 -2.17
N SER I 87 19.38 6.06 -2.11
CA SER I 87 20.16 5.97 -0.87
C SER I 87 20.43 7.32 -0.22
N VAL I 88 20.08 8.39 -0.94
CA VAL I 88 20.27 9.74 -0.44
C VAL I 88 19.00 10.57 -0.62
N GLN I 89 18.81 11.57 0.25
CA GLN I 89 17.64 12.45 0.20
C GLN I 89 17.92 13.84 -0.39
N ILE I 90 19.13 14.35 -0.20
CA ILE I 90 19.53 15.64 -0.80
C ILE I 90 19.52 15.61 -2.35
N PRO I 91 19.17 16.74 -2.98
CA PRO I 91 19.14 16.85 -4.45
C PRO I 91 20.43 16.37 -5.16
N VAL I 92 20.24 15.74 -6.33
CA VAL I 92 21.30 15.13 -7.12
C VAL I 92 21.35 15.78 -8.50
N PHE I 93 22.39 16.55 -8.78
CA PHE I 93 22.51 17.25 -10.06
C PHE I 93 23.40 16.43 -10.98
N VAL I 94 23.04 16.36 -12.25
CA VAL I 94 23.72 15.46 -13.15
C VAL I 94 24.58 16.23 -14.15
N MET I 95 25.84 15.80 -14.27
CA MET I 95 26.80 16.37 -15.21
C MET I 95 26.48 15.93 -16.62
N ILE I 96 26.37 16.89 -17.52
CA ILE I 96 26.15 16.59 -18.93
C ILE I 96 27.35 17.09 -19.74
N ARG I 97 28.25 16.15 -20.05
CA ARG I 97 29.49 16.42 -20.74
C ARG I 97 29.95 15.11 -21.40
N PRO I 98 29.96 15.08 -22.75
CA PRO I 98 30.17 13.78 -23.42
C PRO I 98 31.64 13.36 -23.53
N ARG I 99 32.56 14.23 -23.12
CA ARG I 99 33.99 13.95 -23.17
C ARG I 99 34.72 14.98 -22.30
N GLY I 100 36.04 14.84 -22.23
CA GLY I 100 36.88 15.83 -21.56
C GLY I 100 37.38 16.81 -22.58
N GLY I 101 38.27 17.70 -22.15
CA GLY I 101 38.82 18.72 -23.04
C GLY I 101 37.84 19.86 -23.29
N ASP I 102 37.91 20.41 -24.51
CA ASP I 102 37.19 21.64 -24.89
C ASP I 102 35.69 21.51 -24.90
N PHE I 103 35.02 22.65 -25.03
CA PHE I 103 33.56 22.66 -25.02
C PHE I 103 32.93 23.04 -26.38
N LEU I 104 33.64 22.73 -27.46
CA LEU I 104 33.10 22.84 -28.83
C LEU I 104 32.47 21.53 -29.27
N TYR I 105 31.15 21.44 -29.15
CA TYR I 105 30.46 20.17 -29.34
C TYR I 105 29.86 19.96 -30.73
N SER I 106 30.24 18.86 -31.36
CA SER I 106 29.73 18.46 -32.67
C SER I 106 28.28 18.01 -32.59
N ASP I 107 27.64 17.88 -33.75
CA ASP I 107 26.22 17.50 -33.81
C ASP I 107 26.04 16.11 -33.25
N ARG I 108 27.06 15.29 -33.46
CA ARG I 108 27.13 13.93 -32.91
C ARG I 108 27.10 14.00 -31.39
N GLU I 109 28.00 14.80 -30.84
CA GLU I 109 28.14 14.94 -29.40
C GLU I 109 26.92 15.59 -28.75
N ILE I 110 26.37 16.58 -29.43
CA ILE I 110 25.14 17.26 -29.00
C ILE I 110 23.96 16.29 -28.94
N GLU I 111 23.82 15.45 -29.97
CA GLU I 111 22.80 14.41 -29.97
C GLU I 111 22.89 13.54 -28.71
N VAL I 112 24.13 13.24 -28.32
CA VAL I 112 24.42 12.52 -27.06
C VAL I 112 23.97 13.30 -25.82
N MET I 113 24.32 14.58 -25.76
CA MET I 113 23.91 15.43 -24.64
C MET I 113 22.40 15.46 -24.43
N LYS I 114 21.66 15.68 -25.51
CA LYS I 114 20.20 15.71 -25.46
C LYS I 114 19.62 14.41 -24.92
N ALA I 115 20.17 13.28 -25.35
CA ALA I 115 19.73 11.97 -24.85
C ALA I 115 20.10 11.77 -23.37
N ASP I 116 21.28 12.25 -22.98
CA ASP I 116 21.71 12.17 -21.58
C ASP I 116 20.88 13.08 -20.67
N ILE I 117 20.53 14.26 -21.16
CA ILE I 117 19.58 15.09 -20.42
C ILE I 117 18.26 14.32 -20.20
N ARG I 118 17.66 13.87 -21.30
CA ARG I 118 16.37 13.21 -21.22
C ARG I 118 16.45 12.06 -20.23
N LEU I 119 17.41 11.18 -20.44
CA LEU I 119 17.54 9.99 -19.63
C LEU I 119 17.79 10.33 -18.17
N ALA I 120 18.67 11.31 -17.93
CA ALA I 120 18.99 11.77 -16.58
C ALA I 120 17.75 12.26 -15.84
N LYS I 121 16.87 12.95 -16.56
CA LYS I 121 15.57 13.37 -16.01
C LYS I 121 14.72 12.16 -15.63
N LEU I 122 14.57 11.24 -16.57
CA LEU I 122 13.72 10.07 -16.38
C LEU I 122 14.13 9.23 -15.16
N TYR I 123 15.38 9.34 -14.72
CA TYR I 123 15.86 8.49 -13.62
C TYR I 123 15.97 9.12 -12.24
N GLY I 124 15.64 10.40 -12.14
CA GLY I 124 15.45 11.02 -10.84
C GLY I 124 16.42 12.14 -10.53
N ALA I 125 16.96 12.74 -11.59
CA ALA I 125 17.83 13.89 -11.45
C ALA I 125 17.00 15.07 -10.98
N ASP I 126 17.44 15.68 -9.88
CA ASP I 126 16.81 16.87 -9.31
C ASP I 126 17.30 18.13 -10.01
N GLY I 127 18.31 17.98 -10.87
CA GLY I 127 18.85 19.08 -11.67
C GLY I 127 19.98 18.62 -12.56
N LEU I 128 20.36 19.47 -13.51
CA LEU I 128 21.37 19.08 -14.48
C LEU I 128 22.37 20.20 -14.66
N VAL I 129 23.60 19.85 -15.07
CA VAL I 129 24.73 20.78 -15.20
C VAL I 129 25.47 20.56 -16.52
N PHE I 130 25.71 21.64 -17.25
CA PHE I 130 26.47 21.56 -18.49
C PHE I 130 27.05 22.92 -18.83
N GLY I 131 27.77 22.97 -19.94
CA GLY I 131 28.48 24.16 -20.38
C GLY I 131 28.83 23.94 -21.83
N ALA I 132 28.86 25.03 -22.61
CA ALA I 132 29.12 24.96 -24.05
C ALA I 132 29.68 26.27 -24.58
N LEU I 133 30.63 26.15 -25.50
CA LEU I 133 31.36 27.31 -25.99
C LEU I 133 31.53 27.26 -27.49
N THR I 134 31.60 28.45 -28.07
CA THR I 134 31.91 28.65 -29.48
C THR I 134 33.42 28.71 -29.59
N GLU I 135 33.93 28.47 -30.81
CA GLU I 135 35.35 28.58 -31.13
C GLU I 135 35.96 29.88 -30.62
N ASP I 136 35.12 30.92 -30.55
CA ASP I 136 35.54 32.27 -30.25
C ASP I 136 35.63 32.58 -28.75
N GLY I 137 35.38 31.58 -27.91
CA GLY I 137 35.39 31.78 -26.47
C GLY I 137 34.14 32.51 -25.99
N HIS I 138 33.08 32.46 -26.79
CA HIS I 138 31.79 33.01 -26.41
C HIS I 138 30.83 31.85 -26.21
N ILE I 139 29.71 32.11 -25.56
CA ILE I 139 28.75 31.06 -25.24
C ILE I 139 28.00 30.53 -26.47
N ASP I 140 27.50 29.30 -26.37
CA ASP I 140 26.71 28.74 -27.45
C ASP I 140 25.22 28.90 -27.15
N LYS I 141 24.70 30.09 -27.46
CA LYS I 141 23.30 30.44 -27.22
C LYS I 141 22.32 29.40 -27.78
N GLU I 142 22.58 28.96 -29.01
CA GLU I 142 21.74 28.00 -29.73
C GLU I 142 21.63 26.67 -29.00
N LEU I 143 22.81 26.16 -28.61
CA LEU I 143 22.93 24.90 -27.91
C LEU I 143 22.34 25.00 -26.51
N CYS I 144 22.61 26.12 -25.86
CA CYS I 144 22.08 26.34 -24.52
C CYS I 144 20.56 26.38 -24.55
N MET I 145 20.02 27.04 -25.58
CA MET I 145 18.59 27.21 -25.75
C MET I 145 17.86 25.88 -25.85
N SER I 146 18.29 25.02 -26.77
CA SER I 146 17.62 23.75 -27.03
C SER I 146 17.67 22.79 -25.84
N LEU I 147 18.81 22.81 -25.14
CA LEU I 147 19.04 21.92 -24.01
C LEU I 147 18.24 22.37 -22.80
N MET I 148 18.23 23.68 -22.58
CA MET I 148 17.44 24.30 -21.52
C MET I 148 15.99 23.87 -21.69
N ALA I 149 15.60 23.71 -22.96
CA ALA I 149 14.29 23.18 -23.33
C ALA I 149 14.10 21.76 -22.79
N ILE I 150 15.03 20.85 -23.12
CA ILE I 150 14.98 19.49 -22.61
C ILE I 150 15.12 19.48 -21.09
N CYS I 151 15.75 20.53 -20.57
CA CYS I 151 15.92 20.71 -19.14
C CYS I 151 14.66 21.26 -18.48
N ARG I 152 13.49 20.93 -19.06
CA ARG I 152 12.15 21.07 -18.44
C ARG I 152 12.24 21.05 -16.91
N PRO I 153 11.18 21.50 -16.20
CA PRO I 153 11.11 22.04 -14.82
C PRO I 153 12.37 21.93 -13.93
N LEU I 154 13.52 21.69 -14.56
CA LEU I 154 14.76 21.43 -13.84
C LEU I 154 15.70 22.61 -13.85
N PRO I 155 16.21 22.95 -12.65
CA PRO I 155 17.29 23.90 -12.43
C PRO I 155 18.53 23.44 -13.22
N VAL I 156 19.21 24.40 -13.81
CA VAL I 156 20.41 24.14 -14.59
C VAL I 156 21.56 25.02 -14.12
N THR I 157 22.75 24.43 -13.98
CA THR I 157 23.97 25.15 -13.65
C THR I 157 24.89 25.19 -14.86
N PHE I 158 25.47 26.37 -15.13
CA PHE I 158 26.51 26.49 -16.13
C PHE I 158 27.87 26.35 -15.45
N HIS I 159 28.62 25.31 -15.85
CA HIS I 159 29.86 24.93 -15.18
C HIS I 159 31.11 25.68 -15.65
N ARG I 160 32.27 25.18 -15.23
CA ARG I 160 33.58 25.78 -15.44
C ARG I 160 33.98 26.08 -16.88
N ALA I 161 33.20 25.59 -17.84
CA ALA I 161 33.38 26.03 -19.22
C ALA I 161 33.49 27.56 -19.20
N PHE I 162 32.74 28.16 -18.29
CA PHE I 162 32.73 29.60 -18.07
C PHE I 162 34.12 30.21 -17.94
N ASP I 163 35.00 29.56 -17.16
CA ASP I 163 36.32 30.09 -16.89
C ASP I 163 37.24 30.14 -18.11
N MET I 164 36.80 29.52 -19.21
CA MET I 164 37.57 29.51 -20.45
C MET I 164 37.11 30.63 -21.39
N VAL I 165 36.04 31.30 -21.01
CA VAL I 165 35.43 32.41 -21.76
C VAL I 165 36.37 33.62 -21.81
N HIS I 166 36.29 34.39 -22.90
CA HIS I 166 37.11 35.59 -23.02
C HIS I 166 36.35 36.87 -22.63
N ASP I 167 35.03 36.80 -22.61
CA ASP I 167 34.18 37.91 -22.14
C ASP I 167 33.37 37.56 -20.86
N PRO I 168 34.05 37.50 -19.71
CA PRO I 168 33.37 37.12 -18.46
C PRO I 168 32.12 37.95 -18.14
N MET I 169 32.21 39.27 -18.33
CA MET I 169 31.04 40.12 -18.17
C MET I 169 29.90 39.70 -19.10
N ALA I 170 30.16 39.78 -20.41
CA ALA I 170 29.15 39.51 -21.44
C ALA I 170 28.46 38.17 -21.25
N ALA I 171 29.25 37.16 -20.88
CA ALA I 171 28.79 35.81 -20.69
C ALA I 171 27.81 35.69 -19.53
N LEU I 172 28.06 36.46 -18.47
CA LEU I 172 27.21 36.42 -17.28
C LEU I 172 25.76 36.80 -17.59
N GLU I 173 25.59 37.86 -18.38
CA GLU I 173 24.26 38.36 -18.72
C GLU I 173 23.55 37.41 -19.67
N THR I 174 24.33 36.70 -20.48
CA THR I 174 23.84 35.70 -21.41
C THR I 174 23.25 34.51 -20.66
N LEU I 175 23.99 34.02 -19.67
CA LEU I 175 23.54 32.89 -18.86
C LEU I 175 22.31 33.30 -18.05
N LEU I 176 22.32 34.56 -17.65
CA LEU I 176 21.26 35.18 -16.87
C LEU I 176 19.99 35.33 -17.71
N THR I 177 20.16 35.72 -18.98
CA THR I 177 19.03 35.79 -19.90
C THR I 177 18.50 34.40 -20.27
N LEU I 178 19.39 33.44 -20.49
CA LEU I 178 18.99 32.12 -21.00
C LEU I 178 18.40 31.19 -19.93
N GLY I 179 18.46 31.62 -18.67
CA GLY I 179 17.70 30.97 -17.60
C GLY I 179 18.49 30.04 -16.71
N PHE I 180 19.81 30.11 -16.80
CA PHE I 180 20.66 29.32 -15.93
C PHE I 180 20.52 29.87 -14.51
N GLU I 181 20.21 28.99 -13.57
CA GLU I 181 20.11 29.39 -12.16
C GLU I 181 21.47 29.64 -11.51
N ARG I 182 22.49 28.92 -11.97
CA ARG I 182 23.81 28.98 -11.34
C ARG I 182 24.96 29.00 -12.34
N VAL I 183 26.08 29.59 -11.93
CA VAL I 183 27.33 29.51 -12.68
C VAL I 183 28.49 29.08 -11.77
N LEU I 184 29.14 27.96 -12.12
CA LEU I 184 30.37 27.51 -11.46
C LEU I 184 31.57 28.27 -12.04
N THR I 185 32.43 28.79 -11.16
CA THR I 185 33.58 29.60 -11.58
C THR I 185 34.76 29.54 -10.60
N SER I 186 35.95 29.73 -11.14
CA SER I 186 37.17 29.90 -10.36
C SER I 186 37.86 31.22 -10.76
N GLY I 187 37.05 32.18 -11.22
CA GLY I 187 37.53 33.51 -11.56
C GLY I 187 38.36 33.55 -12.82
N CYS I 188 38.17 32.55 -13.69
CA CYS I 188 38.99 32.36 -14.88
C CYS I 188 40.46 32.13 -14.52
N ASP I 189 40.67 31.45 -13.40
CA ASP I 189 42.01 31.19 -12.88
C ASP I 189 42.18 29.74 -12.37
N SER I 190 43.42 29.37 -12.07
CA SER I 190 43.76 27.99 -11.72
C SER I 190 43.00 27.48 -10.50
N SER I 191 42.67 28.38 -9.57
CA SER I 191 41.84 28.03 -8.43
C SER I 191 40.94 29.19 -8.01
N ALA I 192 39.86 28.86 -7.31
CA ALA I 192 38.92 29.86 -6.81
C ALA I 192 39.59 30.94 -5.97
N LEU I 193 40.69 30.60 -5.28
CA LEU I 193 41.44 31.61 -4.53
C LEU I 193 42.23 32.52 -5.48
N GLU I 194 42.78 31.95 -6.55
CA GLU I 194 43.55 32.76 -7.51
C GLU I 194 42.72 33.87 -8.16
N GLY I 195 41.46 33.57 -8.45
CA GLY I 195 40.60 34.51 -9.16
C GLY I 195 39.49 35.09 -8.29
N LEU I 196 39.75 35.17 -6.98
CA LEU I 196 38.80 35.76 -6.04
C LEU I 196 38.31 37.15 -6.52
N PRO I 197 39.23 38.07 -6.86
CA PRO I 197 38.78 39.37 -7.39
C PRO I 197 37.71 39.25 -8.48
N LEU I 198 37.94 38.44 -9.51
CA LEU I 198 36.99 38.31 -10.60
C LEU I 198 35.66 37.74 -10.12
N ILE I 199 35.71 36.76 -9.22
CA ILE I 199 34.49 36.18 -8.64
C ILE I 199 33.66 37.22 -7.88
N LYS I 200 34.34 38.12 -7.14
CA LYS I 200 33.67 39.21 -6.43
C LYS I 200 32.97 40.17 -7.42
N ARG I 201 33.72 40.70 -8.38
CA ARG I 201 33.16 41.58 -9.41
C ARG I 201 31.89 40.97 -10.04
N LEU I 202 31.95 39.68 -10.35
CA LEU I 202 30.87 38.96 -11.01
C LEU I 202 29.63 38.76 -10.13
N ILE I 203 29.85 38.50 -8.84
CA ILE I 203 28.76 38.43 -7.87
C ILE I 203 28.11 39.82 -7.79
N GLU I 204 28.93 40.86 -7.70
CA GLU I 204 28.44 42.24 -7.64
C GLU I 204 27.72 42.67 -8.92
N GLN I 205 28.13 42.12 -10.06
CA GLN I 205 27.49 42.44 -11.34
C GLN I 205 26.14 41.74 -11.50
N ALA I 206 26.09 40.47 -11.10
CA ALA I 206 24.86 39.69 -11.16
C ALA I 206 23.70 40.32 -10.37
N LYS I 207 24.05 41.04 -9.30
CA LYS I 207 23.08 41.69 -8.42
C LYS I 207 21.91 40.76 -8.05
N GLY I 208 22.23 39.50 -7.77
CA GLY I 208 21.25 38.54 -7.23
C GLY I 208 20.22 37.96 -8.19
N ARG I 209 20.52 38.03 -9.49
CA ARG I 209 19.63 37.51 -10.51
C ARG I 209 20.03 36.09 -10.93
N ILE I 210 21.28 35.75 -10.63
CA ILE I 210 21.83 34.42 -10.91
C ILE I 210 22.81 34.08 -9.79
N VAL I 211 22.91 32.80 -9.45
CA VAL I 211 23.82 32.40 -8.39
C VAL I 211 25.20 32.16 -8.98
N VAL I 212 26.20 32.76 -8.36
CA VAL I 212 27.59 32.60 -8.79
C VAL I 212 28.34 31.70 -7.81
N MET I 213 28.49 30.44 -8.20
CA MET I 213 29.20 29.44 -7.40
C MET I 213 30.70 29.48 -7.68
N PRO I 214 31.51 29.81 -6.66
CA PRO I 214 32.94 29.58 -6.74
C PRO I 214 33.30 28.10 -6.55
N GLY I 215 34.28 27.61 -7.29
CA GLY I 215 34.58 26.18 -7.26
C GLY I 215 35.95 25.67 -7.65
N GLY I 216 36.89 26.55 -7.96
CA GLY I 216 38.26 26.07 -8.19
C GLY I 216 39.03 25.65 -6.94
N GLY I 217 39.00 24.36 -6.60
CA GLY I 217 39.87 23.79 -5.56
C GLY I 217 39.65 24.27 -4.11
N ILE I 218 38.41 24.60 -3.76
CA ILE I 218 38.09 25.07 -2.43
C ILE I 218 38.41 24.02 -1.36
N THR I 219 38.92 24.47 -0.21
CA THR I 219 39.28 23.59 0.88
C THR I 219 38.91 24.22 2.21
N ASP I 220 39.00 23.43 3.28
CA ASP I 220 38.64 23.87 4.63
C ASP I 220 39.48 25.04 5.15
N ARG I 221 40.62 25.29 4.52
CA ARG I 221 41.52 26.33 4.99
C ARG I 221 41.50 27.61 4.15
N ASN I 222 40.84 27.58 3.00
CA ASN I 222 40.66 28.78 2.18
C ASN I 222 39.20 29.20 2.02
N LEU I 223 38.31 28.49 2.72
CA LEU I 223 36.88 28.66 2.59
C LEU I 223 36.46 30.05 3.03
N GLN I 224 36.85 30.41 4.26
CA GLN I 224 36.48 31.71 4.83
C GLN I 224 36.97 32.86 3.96
N ARG I 225 38.24 32.81 3.59
CA ARG I 225 38.80 33.81 2.70
C ARG I 225 37.91 33.96 1.48
N ILE I 226 37.45 32.84 0.93
CA ILE I 226 36.72 32.84 -0.33
C ILE I 226 35.28 33.37 -0.22
N LEU I 227 34.55 32.94 0.79
CA LEU I 227 33.22 33.48 1.06
C LEU I 227 33.24 34.98 1.42
N GLU I 228 34.01 35.34 2.45
CA GLU I 228 34.16 36.75 2.87
C GLU I 228 34.69 37.64 1.75
N GLY I 229 35.62 37.11 0.96
CA GLY I 229 36.18 37.84 -0.16
C GLY I 229 35.29 37.95 -1.39
N SER I 230 34.19 37.20 -1.43
CA SER I 230 33.36 37.20 -2.65
C SER I 230 31.89 37.55 -2.45
N GLY I 231 31.36 37.25 -1.27
CA GLY I 231 29.93 37.43 -0.98
C GLY I 231 29.04 36.32 -1.55
N ALA I 232 29.66 35.18 -1.84
CA ALA I 232 28.94 34.01 -2.38
C ALA I 232 28.08 33.34 -1.32
N THR I 233 27.05 32.64 -1.77
CA THR I 233 26.11 31.97 -0.89
C THR I 233 26.11 30.48 -1.16
N GLU I 234 26.48 30.12 -2.38
CA GLU I 234 26.64 28.72 -2.72
C GLU I 234 28.04 28.47 -3.25
N PHE I 235 28.59 27.34 -2.87
CA PHE I 235 29.96 27.00 -3.26
C PHE I 235 30.12 25.52 -3.57
N HIS I 236 31.06 25.23 -4.47
CA HIS I 236 31.29 23.88 -4.95
C HIS I 236 32.66 23.47 -4.46
N CYS I 237 32.75 22.30 -3.83
CA CYS I 237 34.02 21.78 -3.36
C CYS I 237 34.12 20.28 -3.51
N SER I 238 35.32 19.75 -3.26
CA SER I 238 35.62 18.35 -3.45
C SER I 238 36.39 17.85 -2.23
N ALA I 239 35.66 17.37 -1.23
CA ALA I 239 36.27 16.95 0.02
C ALA I 239 36.69 15.48 -0.06
N ARG I 240 37.64 15.18 -0.95
CA ARG I 240 38.05 13.81 -1.19
C ARG I 240 39.33 13.43 -0.42
N SER I 241 39.36 12.19 0.04
CA SER I 241 40.57 11.59 0.62
C SER I 241 40.78 10.18 0.05
N THR I 242 42.02 9.72 0.06
CA THR I 242 42.39 8.44 -0.58
C THR I 242 42.29 7.25 0.37
N ARG I 243 41.62 6.19 -0.07
CA ARG I 243 41.52 4.94 0.71
C ARG I 243 42.42 3.86 0.11
N ASP I 244 42.85 2.92 0.95
CA ASP I 244 43.59 1.75 0.48
C ASP I 244 42.60 0.68 0.01
N SER I 245 42.97 -0.04 -1.05
CA SER I 245 42.19 -1.19 -1.50
C SER I 245 42.22 -2.32 -0.47
N GLY I 246 41.11 -3.06 -0.37
CA GLY I 246 41.02 -4.26 0.47
C GLY I 246 41.75 -5.45 -0.15
N MET I 247 42.11 -5.31 -1.42
CA MET I 247 42.81 -6.34 -2.18
C MET I 247 44.14 -6.74 -1.53
N LYS I 248 44.18 -7.97 -1.02
CA LYS I 248 45.38 -8.46 -0.31
C LYS I 248 46.44 -9.04 -1.25
N PHE I 249 46.00 -9.68 -2.34
CA PHE I 249 46.93 -10.06 -3.42
C PHE I 249 47.00 -8.97 -4.50
N ARG I 250 48.21 -8.51 -4.78
CA ARG I 250 48.42 -7.46 -5.76
C ARG I 250 49.36 -7.88 -6.87
N ASN I 251 49.18 -7.27 -8.03
CA ASN I 251 49.96 -7.57 -9.21
C ASN I 251 50.52 -6.27 -9.75
N SER I 252 51.85 -6.16 -9.73
CA SER I 252 52.50 -5.00 -10.29
C SER I 252 52.68 -5.25 -11.78
N SER I 253 52.75 -4.17 -12.56
CA SER I 253 52.82 -4.21 -14.02
C SER I 253 51.47 -4.60 -14.61
N SER I 263 48.38 4.61 -9.26
CA SER I 263 48.75 3.57 -8.31
C SER I 263 47.93 2.29 -8.48
N GLU I 264 46.71 2.43 -9.02
CA GLU I 264 45.86 1.30 -9.42
C GLU I 264 45.22 0.53 -8.26
N TYR I 265 45.51 0.95 -7.03
CA TYR I 265 45.01 0.27 -5.84
C TYR I 265 44.48 1.24 -4.78
N SER I 266 43.83 2.29 -5.23
CA SER I 266 43.32 3.31 -4.33
C SER I 266 42.03 3.96 -4.82
N LEU I 267 41.05 4.05 -3.92
CA LEU I 267 39.79 4.71 -4.22
C LEU I 267 39.83 6.12 -3.64
N LYS I 268 39.43 7.10 -4.44
CA LYS I 268 39.42 8.50 -3.99
C LYS I 268 38.00 8.90 -3.60
N VAL I 269 37.69 8.65 -2.34
CA VAL I 269 36.33 8.74 -1.83
C VAL I 269 36.08 10.06 -1.12
N THR I 270 34.84 10.55 -1.20
CA THR I 270 34.44 11.69 -0.40
C THR I 270 34.56 11.38 1.09
N ASP I 271 35.32 12.22 1.80
CA ASP I 271 35.53 12.08 3.24
C ASP I 271 34.44 12.81 4.02
N VAL I 272 33.77 12.08 4.91
CA VAL I 272 32.75 12.69 5.77
C VAL I 272 33.34 13.79 6.64
N THR I 273 34.46 13.50 7.30
CA THR I 273 35.12 14.47 8.18
C THR I 273 35.36 15.80 7.43
N LYS I 274 36.05 15.72 6.29
CA LYS I 274 36.34 16.91 5.48
C LYS I 274 35.07 17.70 5.13
N VAL I 275 33.98 16.97 4.88
CA VAL I 275 32.71 17.60 4.53
C VAL I 275 32.09 18.28 5.76
N ARG I 276 32.04 17.54 6.88
CA ARG I 276 31.64 18.09 8.18
C ARG I 276 32.36 19.39 8.49
N THR I 277 33.68 19.38 8.37
CA THR I 277 34.54 20.53 8.61
C THR I 277 34.11 21.70 7.74
N LEU I 278 34.01 21.46 6.44
CA LEU I 278 33.60 22.47 5.48
C LEU I 278 32.28 23.15 5.87
N ASN I 279 31.29 22.34 6.25
CA ASN I 279 29.98 22.82 6.71
C ASN I 279 30.09 23.60 8.01
N ALA I 280 30.89 23.08 8.95
CA ALA I 280 31.12 23.75 10.24
C ALA I 280 31.63 25.18 10.03
N ILE I 281 32.64 25.32 9.17
CA ILE I 281 33.19 26.62 8.83
C ILE I 281 32.12 27.51 8.20
N ALA I 282 31.27 26.91 7.36
CA ALA I 282 30.20 27.63 6.67
C ALA I 282 29.22 28.26 7.66
N LYS I 283 28.80 27.47 8.63
CA LYS I 283 27.93 27.94 9.72
C LYS I 283 28.55 29.11 10.47
N ASN I 284 29.75 28.89 11.00
CA ASN I 284 30.42 29.82 11.91
C ASN I 284 30.75 31.18 11.32
N ILE I 285 30.98 31.21 9.99
CA ILE I 285 31.36 32.43 9.26
C ILE I 285 30.37 33.57 9.46
N LEU I 286 29.08 33.24 9.42
CA LEU I 286 28.02 34.25 9.48
C LEU I 286 27.89 34.95 10.83
N VAL I 287 27.55 34.19 11.87
CA VAL I 287 27.30 34.78 13.20
C VAL I 287 28.61 35.15 13.90
N GLY J 39 38.96 -16.04 -40.19
CA GLY J 39 37.91 -15.56 -39.24
C GLY J 39 38.46 -14.78 -38.06
N PHE J 40 39.40 -13.88 -38.32
CA PHE J 40 39.97 -13.01 -37.29
C PHE J 40 39.00 -11.89 -36.86
N LEU J 41 38.81 -11.72 -35.56
CA LEU J 41 37.88 -10.71 -35.04
C LEU J 41 38.56 -9.60 -34.24
N MET J 42 38.27 -8.35 -34.63
CA MET J 42 38.87 -7.18 -34.03
C MET J 42 37.91 -6.40 -33.13
N GLU J 43 38.27 -6.25 -31.86
CA GLU J 43 37.51 -5.43 -30.92
C GLU J 43 38.28 -4.12 -30.63
N VAL J 44 37.53 -3.02 -30.54
CA VAL J 44 38.09 -1.71 -30.22
C VAL J 44 37.23 -1.02 -29.16
N CYS J 45 37.90 -0.44 -28.16
CA CYS J 45 37.27 0.44 -27.18
C CYS J 45 37.08 1.83 -27.77
N VAL J 46 35.88 2.37 -27.57
CA VAL J 46 35.52 3.72 -28.01
C VAL J 46 34.72 4.44 -26.92
N ASP J 47 34.89 5.76 -26.81
CA ASP J 47 34.18 6.56 -25.81
C ASP J 47 33.26 7.64 -26.41
N SER J 48 32.90 7.49 -27.68
CA SER J 48 32.10 8.47 -28.40
C SER J 48 31.49 7.82 -29.64
N VAL J 49 30.54 8.50 -30.27
CA VAL J 49 29.92 7.98 -31.49
C VAL J 49 30.89 8.23 -32.64
N GLU J 50 31.49 9.41 -32.63
CA GLU J 50 32.60 9.75 -33.49
C GLU J 50 33.54 8.55 -33.60
N SER J 51 34.12 8.18 -32.47
CA SER J 51 35.05 7.04 -32.42
C SER J 51 34.40 5.75 -32.89
N ALA J 52 33.15 5.50 -32.46
CA ALA J 52 32.39 4.33 -32.93
C ALA J 52 32.30 4.26 -34.45
N VAL J 53 31.86 5.36 -35.07
CA VAL J 53 31.75 5.49 -36.52
C VAL J 53 33.08 5.20 -37.21
N ASN J 54 34.14 5.82 -36.71
CA ASN J 54 35.49 5.54 -37.22
C ASN J 54 35.85 4.06 -37.13
N ALA J 55 35.65 3.45 -35.97
CA ALA J 55 36.00 2.05 -35.77
C ALA J 55 35.36 1.18 -36.84
N GLU J 56 34.05 1.34 -37.04
CA GLU J 56 33.31 0.55 -38.03
C GLU J 56 33.80 0.82 -39.45
N ARG J 57 34.05 2.09 -39.75
CA ARG J 57 34.52 2.51 -41.07
C ARG J 57 35.92 1.96 -41.34
N GLY J 58 36.71 1.81 -40.28
CA GLY J 58 38.05 1.25 -40.38
C GLY J 58 38.06 -0.26 -40.45
N GLY J 59 36.91 -0.88 -40.20
CA GLY J 59 36.77 -2.33 -40.34
C GLY J 59 36.68 -3.12 -39.04
N ALA J 60 36.48 -2.43 -37.92
CA ALA J 60 36.27 -3.14 -36.65
C ALA J 60 35.03 -4.02 -36.76
N ASP J 61 35.10 -5.21 -36.17
CA ASP J 61 33.99 -6.16 -36.22
C ASP J 61 33.02 -5.97 -35.05
N ARG J 62 33.53 -5.37 -33.98
CA ARG J 62 32.83 -5.28 -32.71
C ARG J 62 33.30 -4.03 -31.98
N ILE J 63 32.38 -3.38 -31.29
CA ILE J 63 32.67 -2.16 -30.58
C ILE J 63 32.44 -2.35 -29.08
N GLU J 64 33.35 -1.82 -28.28
CA GLU J 64 33.14 -1.75 -26.84
C GLU J 64 32.97 -0.29 -26.43
N LEU J 65 31.86 0.02 -25.76
CA LEU J 65 31.60 1.37 -25.27
C LEU J 65 32.16 1.50 -23.87
N CYS J 66 33.27 2.23 -23.78
CA CYS J 66 34.06 2.36 -22.57
C CYS J 66 34.15 3.85 -22.34
N SER J 67 33.43 4.37 -21.35
CA SER J 67 33.66 5.74 -20.88
C SER J 67 34.91 5.74 -19.98
N GLY J 68 35.46 6.92 -19.69
CA GLY J 68 36.58 7.06 -18.75
C GLY J 68 37.79 6.20 -19.10
N LEU J 69 38.21 6.28 -20.36
CA LEU J 69 39.30 5.47 -20.88
C LEU J 69 40.65 5.62 -20.17
N SER J 70 40.87 6.79 -19.56
CA SER J 70 42.06 7.07 -18.76
C SER J 70 42.28 6.05 -17.63
N GLU J 71 41.18 5.57 -17.03
CA GLU J 71 41.26 4.66 -15.89
C GLU J 71 40.99 3.23 -16.32
N GLY J 72 41.14 2.97 -17.62
CA GLY J 72 40.98 1.63 -18.15
C GLY J 72 39.57 1.29 -18.59
N GLY J 73 38.61 2.17 -18.29
CA GLY J 73 37.23 2.01 -18.77
C GLY J 73 36.12 1.96 -17.72
N THR J 74 35.13 2.84 -17.90
CA THR J 74 34.00 2.95 -16.97
C THR J 74 32.69 2.75 -17.75
N THR J 75 31.62 2.41 -17.05
CA THR J 75 30.29 2.30 -17.67
C THR J 75 29.96 3.59 -18.39
N PRO J 76 29.63 3.52 -19.69
CA PRO J 76 29.33 4.75 -20.39
C PRO J 76 27.94 5.24 -20.05
N SER J 77 27.64 6.46 -20.48
CA SER J 77 26.33 7.05 -20.29
C SER J 77 25.40 6.37 -21.28
N MET J 78 24.21 6.01 -20.82
CA MET J 78 23.20 5.37 -21.68
C MET J 78 22.84 6.26 -22.87
N GLY J 79 23.00 7.57 -22.69
CA GLY J 79 22.87 8.53 -23.78
C GLY J 79 23.75 8.14 -24.95
N VAL J 80 25.06 8.00 -24.69
CA VAL J 80 26.04 7.66 -25.73
C VAL J 80 25.67 6.34 -26.40
N LEU J 81 25.24 5.37 -25.60
CA LEU J 81 24.79 4.09 -26.10
C LEU J 81 23.77 4.28 -27.22
N GLN J 82 22.64 4.89 -26.88
CA GLN J 82 21.51 5.09 -27.78
C GLN J 82 21.90 5.61 -29.15
N VAL J 83 22.68 6.69 -29.19
CA VAL J 83 23.12 7.28 -30.44
C VAL J 83 24.04 6.33 -31.20
N VAL J 84 24.91 5.67 -30.45
CA VAL J 84 25.88 4.76 -31.05
C VAL J 84 25.18 3.61 -31.78
N LYS J 85 24.13 3.05 -31.16
CA LYS J 85 23.31 1.99 -31.78
C LYS J 85 22.59 2.50 -33.01
N GLN J 86 22.30 3.79 -33.03
CA GLN J 86 21.60 4.41 -34.15
C GLN J 86 22.52 4.59 -35.35
N SER J 87 23.81 4.76 -35.12
CA SER J 87 24.77 5.08 -36.20
C SER J 87 25.86 4.03 -36.50
N VAL J 88 25.67 2.81 -36.02
CA VAL J 88 26.63 1.72 -36.21
C VAL J 88 25.90 0.38 -36.27
N GLN J 89 26.20 -0.38 -37.33
CA GLN J 89 25.53 -1.66 -37.62
C GLN J 89 26.12 -2.82 -36.81
N ILE J 90 27.43 -2.77 -36.56
CA ILE J 90 28.13 -3.84 -35.82
C ILE J 90 27.75 -3.88 -34.33
N PRO J 91 27.89 -5.05 -33.67
CA PRO J 91 27.55 -5.24 -32.24
C PRO J 91 28.23 -4.26 -31.27
N VAL J 92 27.45 -3.73 -30.32
CA VAL J 92 28.01 -2.82 -29.31
C VAL J 92 27.96 -3.45 -27.92
N PHE J 93 29.14 -3.72 -27.36
CA PHE J 93 29.26 -4.29 -26.02
C PHE J 93 29.47 -3.18 -25.00
N VAL J 94 28.76 -3.23 -23.88
CA VAL J 94 28.81 -2.16 -22.91
C VAL J 94 29.58 -2.53 -21.64
N MET J 95 30.51 -1.63 -21.29
CA MET J 95 31.32 -1.74 -20.09
C MET J 95 30.50 -1.51 -18.84
N ILE J 96 30.53 -2.47 -17.94
CA ILE J 96 29.94 -2.32 -16.62
C ILE J 96 31.05 -2.32 -15.60
N ARG J 97 31.37 -1.13 -15.12
CA ARG J 97 32.50 -0.89 -14.25
C ARG J 97 32.26 0.44 -13.54
N PRO J 98 31.87 0.37 -12.25
CA PRO J 98 31.40 1.52 -11.47
C PRO J 98 32.45 2.59 -11.16
N ARG J 99 33.72 2.20 -11.23
CA ARG J 99 34.86 3.10 -10.91
C ARG J 99 36.10 2.47 -11.52
N GLY J 100 37.18 3.22 -11.57
CA GLY J 100 38.45 2.71 -12.09
C GLY J 100 39.35 2.01 -11.07
N GLY J 101 38.85 1.71 -9.88
CA GLY J 101 39.69 1.07 -8.86
C GLY J 101 40.05 -0.40 -9.10
N ASP J 102 39.82 -1.22 -8.07
CA ASP J 102 40.02 -2.65 -8.17
C ASP J 102 38.70 -3.28 -8.56
N PHE J 103 38.61 -4.58 -8.31
CA PHE J 103 37.44 -5.37 -8.66
C PHE J 103 36.90 -6.08 -7.44
N LEU J 104 37.28 -5.55 -6.28
CA LEU J 104 36.65 -5.89 -5.01
C LEU J 104 35.54 -4.89 -4.77
N TYR J 105 34.37 -5.18 -5.31
CA TYR J 105 33.26 -4.25 -5.22
C TYR J 105 32.50 -4.37 -3.91
N SER J 106 32.13 -3.21 -3.36
CA SER J 106 31.31 -3.15 -2.17
C SER J 106 29.89 -3.41 -2.61
N ASP J 107 29.02 -3.76 -1.66
CA ASP J 107 27.61 -4.04 -1.95
C ASP J 107 26.96 -2.98 -2.85
N ARG J 108 27.22 -1.71 -2.55
CA ARG J 108 26.55 -0.60 -3.24
C ARG J 108 27.04 -0.43 -4.68
N GLU J 109 28.34 -0.63 -4.87
CA GLU J 109 28.92 -0.64 -6.20
C GLU J 109 28.29 -1.75 -7.04
N ILE J 110 28.20 -2.97 -6.48
CA ILE J 110 27.59 -4.10 -7.21
C ILE J 110 26.15 -3.83 -7.61
N GLU J 111 25.44 -3.06 -6.79
CA GLU J 111 24.09 -2.62 -7.11
C GLU J 111 24.09 -1.76 -8.36
N VAL J 112 25.03 -0.82 -8.43
CA VAL J 112 25.20 0.09 -9.57
C VAL J 112 25.49 -0.72 -10.86
N MET J 113 26.39 -1.70 -10.71
CA MET J 113 26.67 -2.67 -11.74
C MET J 113 25.42 -3.43 -12.19
N LYS J 114 24.64 -3.96 -11.24
CA LYS J 114 23.37 -4.62 -11.55
C LYS J 114 22.40 -3.62 -12.20
N ALA J 115 22.20 -2.49 -11.55
CA ALA J 115 21.33 -1.46 -12.09
C ALA J 115 21.69 -1.16 -13.55
N ASP J 116 22.98 -1.01 -13.85
CA ASP J 116 23.43 -0.63 -15.19
C ASP J 116 23.35 -1.77 -16.19
N ILE J 117 23.51 -3.00 -15.71
CA ILE J 117 23.35 -4.18 -16.56
C ILE J 117 21.93 -4.17 -17.15
N ARG J 118 20.95 -4.01 -16.28
CA ARG J 118 19.52 -3.95 -16.60
C ARG J 118 19.20 -2.82 -17.59
N LEU J 119 19.89 -1.68 -17.44
CA LEU J 119 19.63 -0.53 -18.30
C LEU J 119 20.35 -0.64 -19.65
N ALA J 120 21.53 -1.24 -19.64
CA ALA J 120 22.30 -1.39 -20.86
C ALA J 120 21.52 -2.31 -21.79
N LYS J 121 21.03 -3.41 -21.21
CA LYS J 121 20.17 -4.34 -21.93
C LYS J 121 19.00 -3.56 -22.51
N LEU J 122 18.38 -2.74 -21.66
CA LEU J 122 17.25 -1.90 -22.05
C LEU J 122 17.49 -1.01 -23.27
N TYR J 123 18.69 -0.47 -23.41
CA TYR J 123 18.91 0.51 -24.48
C TYR J 123 19.68 -0.05 -25.67
N GLY J 124 19.73 -1.37 -25.75
CA GLY J 124 20.18 -2.06 -26.96
C GLY J 124 21.54 -2.75 -26.96
N ALA J 125 22.21 -2.77 -25.80
CA ALA J 125 23.52 -3.44 -25.70
C ALA J 125 23.49 -4.84 -26.32
N ASP J 126 24.50 -5.14 -27.14
CA ASP J 126 24.60 -6.44 -27.79
C ASP J 126 25.41 -7.39 -26.97
N GLY J 127 26.07 -6.83 -25.96
CA GLY J 127 26.99 -7.55 -25.09
C GLY J 127 27.30 -6.71 -23.86
N LEU J 128 27.80 -7.38 -22.83
CA LEU J 128 28.16 -6.74 -21.56
C LEU J 128 29.54 -7.19 -21.15
N VAL J 129 30.26 -6.30 -20.47
CA VAL J 129 31.67 -6.55 -20.12
C VAL J 129 31.87 -6.29 -18.64
N PHE J 130 32.30 -7.30 -17.90
CA PHE J 130 32.70 -7.05 -16.53
C PHE J 130 33.80 -7.98 -16.03
N GLY J 131 34.13 -7.81 -14.76
CA GLY J 131 35.12 -8.62 -14.07
C GLY J 131 34.98 -8.33 -12.59
N ALA J 132 35.23 -9.34 -11.76
CA ALA J 132 35.03 -9.24 -10.31
C ALA J 132 35.92 -10.24 -9.60
N LEU J 133 36.37 -9.87 -8.39
CA LEU J 133 37.45 -10.60 -7.71
C LEU J 133 37.32 -10.68 -6.19
N THR J 134 38.16 -11.53 -5.59
CA THR J 134 38.26 -11.69 -4.13
C THR J 134 39.60 -11.13 -3.62
N GLU J 135 39.66 -10.74 -2.34
CA GLU J 135 40.87 -10.12 -1.78
C GLU J 135 42.13 -10.99 -1.94
N ASP J 136 41.92 -12.30 -2.04
CA ASP J 136 43.00 -13.30 -2.19
C ASP J 136 43.60 -13.26 -3.59
N GLY J 137 42.90 -12.59 -4.50
CA GLY J 137 43.29 -12.53 -5.91
C GLY J 137 42.65 -13.59 -6.81
N HIS J 138 41.51 -14.12 -6.38
CA HIS J 138 40.78 -15.13 -7.14
C HIS J 138 39.48 -14.56 -7.72
N ILE J 139 38.91 -15.29 -8.68
CA ILE J 139 37.62 -14.93 -9.28
C ILE J 139 36.52 -15.09 -8.26
N ASP J 140 35.76 -14.02 -8.05
CA ASP J 140 34.59 -14.05 -7.20
C ASP J 140 33.47 -14.75 -7.97
N LYS J 141 33.36 -16.07 -7.77
CA LYS J 141 32.42 -16.94 -8.49
C LYS J 141 30.98 -16.58 -8.19
N GLU J 142 30.68 -16.40 -6.91
CA GLU J 142 29.33 -16.05 -6.47
C GLU J 142 28.83 -14.76 -7.08
N LEU J 143 29.73 -13.78 -7.23
CA LEU J 143 29.37 -12.48 -7.75
C LEU J 143 29.29 -12.53 -9.27
N CYS J 144 30.25 -13.22 -9.88
CA CYS J 144 30.25 -13.45 -11.32
C CYS J 144 28.98 -14.17 -11.76
N MET J 145 28.61 -15.21 -11.01
CA MET J 145 27.39 -15.97 -11.26
C MET J 145 26.14 -15.08 -11.11
N SER J 146 26.12 -14.23 -10.07
CA SER J 146 24.96 -13.39 -9.84
C SER J 146 24.75 -12.47 -11.01
N LEU J 147 25.82 -11.75 -11.37
CA LEU J 147 25.79 -10.80 -12.46
C LEU J 147 25.56 -11.50 -13.80
N MET J 148 26.20 -12.65 -14.00
CA MET J 148 26.00 -13.48 -15.18
C MET J 148 24.53 -13.79 -15.38
N ALA J 149 23.83 -14.09 -14.28
CA ALA J 149 22.40 -14.39 -14.28
C ALA J 149 21.54 -13.23 -14.81
N ILE J 150 21.83 -12.00 -14.40
CA ILE J 150 21.05 -10.86 -14.88
C ILE J 150 21.48 -10.45 -16.28
N CYS J 151 22.70 -10.82 -16.65
CA CYS J 151 23.22 -10.48 -17.97
C CYS J 151 22.45 -11.17 -19.08
N ARG J 152 22.19 -12.47 -18.87
CA ARG J 152 21.57 -13.31 -19.90
C ARG J 152 20.26 -12.74 -20.45
N PRO J 153 19.98 -12.98 -21.75
CA PRO J 153 20.64 -13.94 -22.66
C PRO J 153 21.85 -13.37 -23.40
N LEU J 154 22.28 -12.17 -23.00
CA LEU J 154 23.32 -11.44 -23.71
C LEU J 154 24.72 -12.07 -23.64
N PRO J 155 25.53 -11.85 -24.69
CA PRO J 155 26.96 -12.19 -24.67
C PRO J 155 27.72 -11.37 -23.61
N VAL J 156 28.69 -12.00 -22.97
CA VAL J 156 29.40 -11.39 -21.85
C VAL J 156 30.88 -11.73 -21.90
N THR J 157 31.72 -10.76 -21.55
CA THR J 157 33.15 -11.02 -21.47
C THR J 157 33.68 -10.61 -20.11
N PHE J 158 34.52 -11.48 -19.55
CA PHE J 158 35.27 -11.13 -18.36
C PHE J 158 36.43 -10.29 -18.84
N HIS J 159 36.56 -9.08 -18.32
CA HIS J 159 37.62 -8.17 -18.76
C HIS J 159 38.94 -8.28 -17.98
N ARG J 160 39.82 -7.30 -18.20
CA ARG J 160 41.20 -7.37 -17.78
C ARG J 160 41.41 -7.52 -16.28
N ALA J 161 40.32 -7.48 -15.52
CA ALA J 161 40.35 -7.92 -14.13
C ALA J 161 41.02 -9.29 -14.02
N PHE J 162 40.81 -10.12 -15.03
CA PHE J 162 41.46 -11.42 -15.16
C PHE J 162 42.98 -11.33 -14.88
N ASP J 163 43.63 -10.34 -15.49
CA ASP J 163 45.07 -10.16 -15.37
C ASP J 163 45.55 -9.82 -13.97
N MET J 164 44.64 -9.54 -13.06
CA MET J 164 44.99 -9.23 -11.67
C MET J 164 44.81 -10.42 -10.74
N VAL J 165 44.79 -11.62 -11.32
CA VAL J 165 44.63 -12.89 -10.58
C VAL J 165 45.96 -13.64 -10.40
N HIS J 166 46.09 -14.38 -9.29
CA HIS J 166 47.31 -15.16 -9.01
C HIS J 166 47.41 -16.45 -9.83
N ASP J 167 46.32 -17.22 -9.89
CA ASP J 167 46.30 -18.42 -10.70
C ASP J 167 45.32 -18.30 -11.87
N PRO J 168 45.84 -17.83 -13.03
CA PRO J 168 45.04 -17.64 -14.23
C PRO J 168 44.65 -18.95 -14.88
N MET J 169 45.51 -19.96 -14.80
CA MET J 169 45.29 -21.26 -15.43
C MET J 169 44.05 -21.94 -14.85
N ALA J 170 43.91 -21.90 -13.54
CA ALA J 170 42.73 -22.39 -12.84
C ALA J 170 41.59 -21.38 -12.92
N ALA J 171 41.92 -20.12 -13.16
CA ALA J 171 40.91 -19.07 -13.31
C ALA J 171 40.14 -19.17 -14.64
N LEU J 172 40.84 -19.53 -15.72
CA LEU J 172 40.19 -19.75 -17.01
C LEU J 172 39.17 -20.89 -16.95
N GLU J 173 39.38 -21.81 -16.01
CA GLU J 173 38.50 -22.95 -15.81
C GLU J 173 37.18 -22.53 -15.16
N THR J 174 37.27 -21.78 -14.08
CA THR J 174 36.05 -21.31 -13.39
C THR J 174 35.22 -20.39 -14.28
N LEU J 175 35.88 -19.51 -15.04
CA LEU J 175 35.19 -18.61 -15.97
C LEU J 175 34.48 -19.41 -17.05
N LEU J 176 35.17 -20.46 -17.49
CA LEU J 176 34.63 -21.41 -18.45
C LEU J 176 33.36 -22.09 -17.91
N THR J 177 33.39 -22.58 -16.67
CA THR J 177 32.21 -23.23 -16.08
C THR J 177 31.11 -22.24 -15.62
N LEU J 178 31.50 -20.98 -15.43
CA LEU J 178 30.52 -19.90 -15.18
C LEU J 178 29.79 -19.51 -16.46
N GLY J 179 30.48 -19.65 -17.61
CA GLY J 179 29.86 -19.58 -18.92
C GLY J 179 30.06 -18.30 -19.72
N PHE J 180 31.12 -17.54 -19.43
CA PHE J 180 31.51 -16.35 -20.22
C PHE J 180 31.91 -16.76 -21.62
N GLU J 181 31.55 -16.00 -22.64
CA GLU J 181 32.01 -16.33 -24.00
C GLU J 181 33.47 -15.91 -24.19
N ARG J 182 33.86 -14.83 -23.52
CA ARG J 182 35.13 -14.16 -23.79
C ARG J 182 35.86 -13.64 -22.56
N VAL J 183 37.18 -13.63 -22.65
CA VAL J 183 38.04 -13.03 -21.63
C VAL J 183 39.04 -12.11 -22.27
N LEU J 184 39.15 -10.90 -21.71
CA LEU J 184 40.18 -9.95 -22.09
C LEU J 184 41.40 -10.16 -21.21
N THR J 185 42.56 -10.33 -21.82
CA THR J 185 43.79 -10.59 -21.07
C THR J 185 45.07 -10.05 -21.72
N SER J 186 46.02 -9.67 -20.87
CA SER J 186 47.37 -9.33 -21.33
C SER J 186 48.42 -10.38 -20.89
N GLY J 187 47.95 -11.46 -20.30
CA GLY J 187 48.84 -12.52 -19.80
C GLY J 187 49.33 -12.21 -18.39
N CYS J 188 48.46 -11.55 -17.63
CA CYS J 188 48.77 -11.09 -16.27
C CYS J 188 49.97 -10.15 -16.21
N ASP J 189 50.23 -9.47 -17.34
CA ASP J 189 51.41 -8.62 -17.51
C ASP J 189 51.11 -7.31 -18.24
N SER J 190 52.05 -6.36 -18.19
CA SER J 190 51.91 -5.00 -18.76
C SER J 190 51.15 -4.88 -20.07
N SER J 191 51.47 -5.74 -21.03
CA SER J 191 50.87 -5.68 -22.35
C SER J 191 50.73 -7.07 -22.96
N ALA J 192 50.17 -7.11 -24.16
CA ALA J 192 49.93 -8.37 -24.84
C ALA J 192 51.22 -9.18 -25.07
N LEU J 193 52.26 -8.54 -25.61
CA LEU J 193 53.54 -9.22 -25.90
C LEU J 193 54.19 -9.75 -24.63
N GLU J 194 54.15 -8.93 -23.59
CA GLU J 194 54.82 -9.25 -22.35
C GLU J 194 54.24 -10.52 -21.73
N GLY J 195 52.93 -10.67 -21.83
CA GLY J 195 52.26 -11.87 -21.31
C GLY J 195 51.86 -12.84 -22.40
N LEU J 196 52.47 -12.70 -23.59
CA LEU J 196 52.15 -13.50 -24.77
C LEU J 196 52.12 -15.01 -24.50
N PRO J 197 53.24 -15.57 -23.99
CA PRO J 197 53.26 -17.01 -23.67
C PRO J 197 52.15 -17.47 -22.72
N LEU J 198 51.89 -16.71 -21.66
CA LEU J 198 50.81 -17.06 -20.74
C LEU J 198 49.47 -17.08 -21.46
N ILE J 199 49.33 -16.23 -22.48
CA ILE J 199 48.12 -16.19 -23.29
C ILE J 199 48.11 -17.43 -24.18
N LYS J 200 49.22 -17.64 -24.89
CA LYS J 200 49.44 -18.83 -25.71
C LYS J 200 49.05 -20.10 -24.96
N ARG J 201 49.45 -20.18 -23.68
CA ARG J 201 49.08 -21.32 -22.84
C ARG J 201 47.58 -21.38 -22.58
N LEU J 202 46.96 -20.24 -22.28
CA LEU J 202 45.53 -20.22 -21.98
C LEU J 202 44.71 -20.59 -23.20
N ILE J 203 45.15 -20.17 -24.39
CA ILE J 203 44.43 -20.41 -25.65
C ILE J 203 44.36 -21.90 -25.98
N GLU J 204 45.46 -22.62 -25.77
CA GLU J 204 45.45 -24.07 -25.94
C GLU J 204 44.83 -24.79 -24.73
N GLN J 205 44.93 -24.18 -23.55
CA GLN J 205 44.27 -24.67 -22.33
C GLN J 205 42.76 -24.40 -22.36
N ALA J 206 42.28 -23.92 -23.50
CA ALA J 206 40.86 -23.59 -23.68
C ALA J 206 40.19 -24.54 -24.67
N LYS J 207 40.88 -24.84 -25.77
CA LYS J 207 40.39 -25.70 -26.85
C LYS J 207 39.02 -25.24 -27.38
N GLY J 208 38.89 -23.94 -27.65
CA GLY J 208 37.68 -23.38 -28.20
C GLY J 208 36.53 -23.11 -27.25
N ARG J 209 36.58 -23.70 -26.05
CA ARG J 209 35.54 -23.54 -25.03
C ARG J 209 35.01 -22.10 -24.94
N ILE J 210 35.83 -21.21 -24.38
CA ILE J 210 35.55 -19.76 -24.40
C ILE J 210 36.73 -19.03 -25.02
N VAL J 211 36.49 -17.81 -25.52
CA VAL J 211 37.50 -17.11 -26.31
C VAL J 211 38.48 -16.26 -25.46
N VAL J 212 39.76 -16.44 -25.73
CA VAL J 212 40.81 -15.70 -25.05
C VAL J 212 41.23 -14.53 -25.94
N MET J 213 40.96 -13.31 -25.47
CA MET J 213 41.23 -12.09 -26.24
C MET J 213 42.47 -11.33 -25.77
N PRO J 214 43.54 -11.33 -26.59
CA PRO J 214 44.69 -10.54 -26.24
C PRO J 214 44.31 -9.06 -26.17
N GLY J 215 44.67 -8.42 -25.07
CA GLY J 215 44.50 -6.99 -24.90
C GLY J 215 45.69 -6.41 -24.14
N GLY J 216 46.11 -5.21 -24.51
CA GLY J 216 47.22 -4.55 -23.83
C GLY J 216 47.71 -3.33 -24.57
N GLY J 217 48.81 -3.49 -25.29
CA GLY J 217 49.34 -2.40 -26.09
C GLY J 217 49.46 -2.87 -27.50
N ILE J 218 48.44 -3.59 -27.96
CA ILE J 218 48.45 -4.13 -29.30
C ILE J 218 48.55 -2.98 -30.29
N THR J 219 49.52 -3.06 -31.19
CA THR J 219 49.74 -2.02 -32.19
C THR J 219 50.02 -2.70 -33.53
N ASP J 220 50.13 -1.91 -34.58
CA ASP J 220 50.38 -2.42 -35.91
C ASP J 220 51.76 -3.05 -36.08
N ARG J 221 52.57 -2.96 -35.03
CA ARG J 221 53.87 -3.62 -34.98
C ARG J 221 53.89 -4.68 -33.90
N ASN J 222 52.75 -4.82 -33.22
CA ASN J 222 52.50 -5.89 -32.25
C ASN J 222 51.74 -7.03 -32.90
N LEU J 223 50.75 -6.67 -33.73
CA LEU J 223 49.67 -7.56 -34.13
C LEU J 223 50.16 -8.93 -34.64
N GLN J 224 50.96 -8.91 -35.71
CA GLN J 224 51.41 -10.14 -36.37
C GLN J 224 52.11 -11.08 -35.40
N ARG J 225 52.94 -10.51 -34.53
CA ARG J 225 53.67 -11.28 -33.55
C ARG J 225 52.75 -11.83 -32.48
N ILE J 226 51.74 -11.07 -32.10
CA ILE J 226 50.83 -11.47 -31.03
C ILE J 226 49.85 -12.56 -31.47
N LEU J 227 49.35 -12.43 -32.70
CA LEU J 227 48.47 -13.45 -33.28
C LEU J 227 49.23 -14.75 -33.51
N GLU J 228 50.05 -14.78 -34.55
CA GLU J 228 50.86 -15.96 -34.89
C GLU J 228 51.56 -16.56 -33.68
N GLY J 229 51.85 -15.73 -32.69
CA GLY J 229 52.54 -16.17 -31.48
C GLY J 229 51.66 -16.75 -30.39
N SER J 230 50.35 -16.77 -30.59
CA SER J 230 49.43 -17.32 -29.58
C SER J 230 48.25 -18.12 -30.16
N GLY J 231 47.98 -17.89 -31.44
CA GLY J 231 46.88 -18.54 -32.15
C GLY J 231 45.50 -18.03 -31.77
N ALA J 232 45.44 -16.80 -31.28
CA ALA J 232 44.17 -16.17 -30.95
C ALA J 232 43.42 -15.76 -32.21
N THR J 233 42.10 -15.82 -32.14
CA THR J 233 41.24 -15.47 -33.26
C THR J 233 40.70 -14.03 -33.15
N GLU J 234 40.28 -13.64 -31.95
CA GLU J 234 39.78 -12.29 -31.71
C GLU J 234 40.79 -11.55 -30.85
N PHE J 235 40.99 -10.26 -31.14
CA PHE J 235 41.91 -9.42 -30.36
C PHE J 235 41.33 -8.03 -30.07
N HIS J 236 41.81 -7.41 -28.98
CA HIS J 236 41.31 -6.12 -28.53
C HIS J 236 42.39 -5.03 -28.58
N CYS J 237 42.03 -3.88 -29.15
CA CYS J 237 42.93 -2.75 -29.16
C CYS J 237 42.17 -1.44 -29.03
N SER J 238 42.89 -0.33 -29.21
CA SER J 238 42.31 1.00 -29.25
C SER J 238 43.22 1.88 -30.08
N ALA J 239 43.09 1.78 -31.40
CA ALA J 239 43.89 2.58 -32.32
C ALA J 239 43.45 4.02 -32.29
N ARG J 240 44.02 4.79 -31.36
CA ARG J 240 43.73 6.22 -31.25
C ARG J 240 44.93 7.06 -31.64
N SER J 241 44.69 8.35 -31.84
CA SER J 241 45.75 9.35 -31.99
C SER J 241 45.21 10.69 -31.55
N THR J 242 46.08 11.53 -31.00
CA THR J 242 45.67 12.85 -30.50
C THR J 242 45.28 13.83 -31.61
N ARG J 243 44.37 14.75 -31.30
CA ARG J 243 44.06 15.88 -32.17
C ARG J 243 44.06 17.19 -31.39
N ASP J 244 44.36 18.29 -32.08
CA ASP J 244 44.27 19.63 -31.47
C ASP J 244 42.85 20.17 -31.64
N SER J 245 42.32 20.79 -30.58
CA SER J 245 40.95 21.30 -30.60
C SER J 245 40.80 22.54 -31.46
N GLY J 246 39.66 22.64 -32.14
CA GLY J 246 39.33 23.79 -32.96
C GLY J 246 38.88 24.99 -32.16
N MET J 247 39.45 25.16 -30.97
CA MET J 247 39.27 26.38 -30.21
C MET J 247 40.40 27.34 -30.57
N LYS J 248 40.03 28.54 -31.02
CA LYS J 248 41.02 29.57 -31.34
C LYS J 248 41.36 30.37 -30.10
N PHE J 249 40.33 30.72 -29.34
CA PHE J 249 40.42 31.58 -28.17
C PHE J 249 40.55 30.71 -26.92
N ARG J 250 41.69 30.81 -26.24
CA ARG J 250 42.05 29.84 -25.20
C ARG J 250 42.77 30.44 -23.99
N ASN J 251 42.40 29.95 -22.80
CA ASN J 251 42.98 30.38 -21.51
C ASN J 251 43.78 29.25 -20.85
N SER J 252 44.96 29.58 -20.34
CA SER J 252 45.93 28.56 -19.91
C SER J 252 46.16 28.45 -18.41
N SER J 253 45.18 27.91 -17.69
CA SER J 253 45.30 27.64 -16.24
C SER J 253 44.26 26.63 -15.75
N SER J 263 47.27 20.61 -23.03
CA SER J 263 46.71 19.38 -22.47
C SER J 263 45.19 19.48 -22.35
N GLU J 264 44.71 20.65 -21.93
CA GLU J 264 43.28 20.93 -21.81
C GLU J 264 42.62 21.11 -23.18
N TYR J 265 43.44 21.25 -24.21
CA TYR J 265 42.95 21.56 -25.56
C TYR J 265 43.32 20.51 -26.59
N SER J 266 43.62 19.30 -26.13
CA SER J 266 43.86 18.18 -27.04
C SER J 266 42.72 17.16 -27.01
N LEU J 267 42.67 16.31 -28.03
CA LEU J 267 41.62 15.30 -28.17
C LEU J 267 42.24 13.91 -28.37
N LYS J 268 41.47 12.88 -28.04
CA LYS J 268 41.95 11.51 -28.12
C LYS J 268 40.89 10.72 -28.89
N VAL J 269 41.17 10.41 -30.15
CA VAL J 269 40.14 9.93 -31.07
C VAL J 269 40.60 8.67 -31.83
N THR J 270 39.75 7.64 -31.86
CA THR J 270 40.05 6.43 -32.63
C THR J 270 40.15 6.81 -34.11
N ASP J 271 41.32 6.52 -34.69
CA ASP J 271 41.66 6.93 -36.05
C ASP J 271 41.22 5.89 -37.08
N VAL J 272 40.43 6.32 -38.07
CA VAL J 272 39.98 5.42 -39.13
C VAL J 272 41.14 4.78 -39.93
N THR J 273 42.25 5.50 -40.07
CA THR J 273 43.41 5.01 -40.82
C THR J 273 44.06 3.78 -40.16
N LYS J 274 44.49 3.92 -38.90
CA LYS J 274 45.18 2.81 -38.24
C LYS J 274 44.27 1.70 -37.70
N VAL J 275 42.96 1.90 -37.78
CA VAL J 275 42.04 0.79 -37.60
C VAL J 275 42.08 -0.07 -38.88
N ARG J 276 42.17 0.60 -40.02
CA ARG J 276 42.25 -0.05 -41.33
C ARG J 276 43.55 -0.84 -41.53
N THR J 277 44.58 -0.45 -40.80
CA THR J 277 45.89 -1.11 -40.84
C THR J 277 45.87 -2.42 -40.06
N LEU J 278 45.52 -2.34 -38.77
CA LEU J 278 45.41 -3.51 -37.92
C LEU J 278 44.55 -4.59 -38.58
N ASN J 279 43.41 -4.16 -39.14
CA ASN J 279 42.48 -5.01 -39.86
C ASN J 279 43.12 -5.72 -41.06
N ALA J 280 43.92 -4.98 -41.81
CA ALA J 280 44.64 -5.51 -42.99
C ALA J 280 45.82 -6.41 -42.61
N ILE J 281 46.51 -6.09 -41.52
CA ILE J 281 47.62 -6.92 -41.04
C ILE J 281 47.15 -8.33 -40.68
N ALA J 282 45.98 -8.43 -40.04
CA ALA J 282 45.39 -9.72 -39.66
C ALA J 282 44.93 -10.54 -40.86
N LYS J 283 44.31 -9.89 -41.85
CA LYS J 283 43.84 -10.56 -43.07
C LYS J 283 45.00 -11.20 -43.87
N ASN J 284 46.07 -10.44 -44.08
CA ASN J 284 47.26 -10.91 -44.80
C ASN J 284 48.01 -12.05 -44.10
N ILE J 285 47.54 -12.44 -42.91
CA ILE J 285 48.04 -13.65 -42.24
C ILE J 285 47.17 -14.85 -42.66
N LEU J 286 47.17 -15.13 -43.96
CA LEU J 286 46.53 -16.32 -44.55
C LEU J 286 47.09 -16.54 -45.95
N PHE K 40 62.34 45.24 -3.13
CA PHE K 40 61.71 43.94 -3.56
C PHE K 40 62.66 43.15 -4.46
N LEU K 41 63.04 41.97 -4.00
CA LEU K 41 64.08 41.16 -4.65
C LEU K 41 63.55 39.83 -5.19
N MET K 42 63.93 39.50 -6.42
CA MET K 42 63.39 38.35 -7.15
C MET K 42 64.40 37.21 -7.37
N GLU K 43 64.01 35.99 -6.97
CA GLU K 43 64.82 34.78 -7.16
C GLU K 43 64.12 33.73 -8.03
N VAL K 44 64.88 33.06 -8.90
CA VAL K 44 64.28 32.17 -9.90
C VAL K 44 65.02 30.83 -10.04
N CYS K 45 64.27 29.73 -9.98
CA CYS K 45 64.79 28.38 -10.22
C CYS K 45 65.13 28.18 -11.69
N VAL K 46 66.25 27.49 -11.94
CA VAL K 46 66.77 27.39 -13.30
C VAL K 46 67.33 25.99 -13.57
N ASP K 47 67.08 25.50 -14.77
CA ASP K 47 67.53 24.17 -15.21
C ASP K 47 68.87 24.24 -15.89
N SER K 48 68.87 24.71 -17.14
CA SER K 48 70.09 24.79 -17.94
C SER K 48 70.60 26.22 -18.09
N VAL K 49 71.53 26.41 -19.02
CA VAL K 49 72.19 27.70 -19.25
C VAL K 49 71.27 28.73 -19.90
N GLU K 50 70.46 28.28 -20.87
CA GLU K 50 69.52 29.16 -21.57
C GLU K 50 68.48 29.72 -20.61
N SER K 51 68.03 28.88 -19.68
CA SER K 51 67.13 29.32 -18.63
C SER K 51 67.84 30.22 -17.61
N ALA K 52 69.16 30.11 -17.55
CA ALA K 52 69.96 30.99 -16.69
C ALA K 52 70.02 32.39 -17.29
N VAL K 53 70.45 32.48 -18.54
CA VAL K 53 70.53 33.76 -19.24
C VAL K 53 69.23 34.54 -19.06
N ASN K 54 68.15 33.95 -19.57
CA ASN K 54 66.82 34.55 -19.55
C ASN K 54 66.44 35.14 -18.19
N ALA K 55 66.62 34.34 -17.14
CA ALA K 55 66.28 34.75 -15.79
C ALA K 55 66.76 36.18 -15.48
N GLU K 56 68.03 36.46 -15.70
CA GLU K 56 68.54 37.82 -15.47
C GLU K 56 68.40 38.72 -16.70
N ARG K 57 68.47 38.12 -17.89
CA ARG K 57 68.20 38.83 -19.14
C ARG K 57 66.90 39.61 -18.98
N GLY K 58 65.96 39.00 -18.24
CA GLY K 58 64.65 39.61 -17.96
C GLY K 58 64.58 40.42 -16.66
N GLY K 59 65.55 40.23 -15.77
CA GLY K 59 65.65 41.09 -14.58
C GLY K 59 65.68 40.42 -13.22
N ALA K 60 66.11 39.17 -13.19
CA ALA K 60 66.22 38.43 -11.93
C ALA K 60 67.38 38.93 -11.06
N ASP K 61 67.10 39.12 -9.77
CA ASP K 61 68.12 39.50 -8.80
C ASP K 61 69.06 38.33 -8.51
N ARG K 62 68.50 37.12 -8.54
CA ARG K 62 69.27 35.89 -8.31
C ARG K 62 68.66 34.64 -8.93
N ILE K 63 69.54 33.84 -9.51
CA ILE K 63 69.22 32.52 -10.04
C ILE K 63 69.53 31.47 -8.98
N GLU K 64 68.61 30.52 -8.84
CA GLU K 64 68.89 29.31 -8.08
C GLU K 64 68.97 28.15 -9.06
N LEU K 65 70.00 27.33 -8.91
CA LEU K 65 70.17 26.16 -9.76
C LEU K 65 69.47 24.96 -9.16
N CYS K 66 68.33 24.61 -9.76
CA CYS K 66 67.44 23.58 -9.23
C CYS K 66 67.34 22.38 -10.18
N SER K 67 68.33 22.23 -11.06
CA SER K 67 68.27 21.27 -12.19
C SER K 67 67.81 19.85 -11.78
N GLY K 68 66.66 19.46 -12.33
CA GLY K 68 65.89 18.31 -11.87
C GLY K 68 64.56 18.83 -11.33
N LEU K 69 63.96 19.76 -12.07
CA LEU K 69 62.73 20.44 -11.64
C LEU K 69 61.50 19.55 -11.74
N SER K 70 61.58 18.50 -12.55
CA SER K 70 60.52 17.51 -12.65
C SER K 70 60.17 17.00 -11.25
N GLU K 71 61.19 16.66 -10.47
CA GLU K 71 61.01 16.23 -9.09
C GLU K 71 60.96 17.44 -8.13
N GLY K 72 61.22 18.64 -8.65
CA GLY K 72 61.11 19.88 -7.88
C GLY K 72 62.42 20.51 -7.44
N GLY K 73 63.54 19.86 -7.78
CA GLY K 73 64.86 20.37 -7.42
C GLY K 73 65.78 19.29 -6.86
N THR K 74 66.81 18.95 -7.63
CA THR K 74 67.83 17.98 -7.20
C THR K 74 69.19 18.64 -7.41
N THR K 75 70.19 18.23 -6.64
CA THR K 75 71.53 18.80 -6.78
C THR K 75 71.99 18.76 -8.23
N PRO K 76 72.25 19.94 -8.82
CA PRO K 76 72.60 20.03 -10.23
C PRO K 76 74.04 19.59 -10.47
N SER K 77 74.35 19.28 -11.73
CA SER K 77 75.71 18.91 -12.09
C SER K 77 76.60 20.15 -11.98
N MET K 78 77.90 19.93 -11.76
CA MET K 78 78.85 21.04 -11.64
C MET K 78 79.11 21.76 -12.96
N GLY K 79 78.97 21.04 -14.07
CA GLY K 79 79.13 21.62 -15.42
C GLY K 79 78.10 22.68 -15.73
N VAL K 80 76.90 22.50 -15.20
CA VAL K 80 75.85 23.51 -15.26
C VAL K 80 76.30 24.71 -14.41
N LEU K 81 76.73 24.47 -13.18
CA LEU K 81 77.19 25.52 -12.28
C LEU K 81 78.34 26.32 -12.88
N GLN K 82 79.34 25.61 -13.40
CA GLN K 82 80.47 26.25 -14.06
C GLN K 82 79.98 27.21 -15.14
N VAL K 83 79.30 26.67 -16.16
CA VAL K 83 78.88 27.46 -17.30
C VAL K 83 77.88 28.57 -16.93
N VAL K 84 76.97 28.28 -16.00
CA VAL K 84 76.03 29.31 -15.54
C VAL K 84 76.79 30.45 -14.89
N LYS K 85 77.62 30.11 -13.89
CA LYS K 85 78.36 31.10 -13.13
C LYS K 85 79.20 31.99 -14.05
N GLN K 86 79.58 31.44 -15.20
CA GLN K 86 80.43 32.11 -16.17
C GLN K 86 79.67 33.00 -17.17
N SER K 87 78.49 32.55 -17.61
CA SER K 87 77.70 33.25 -18.64
C SER K 87 76.72 34.28 -18.08
N VAL K 88 76.77 34.43 -16.77
CA VAL K 88 75.79 35.17 -15.99
C VAL K 88 76.56 35.91 -14.90
N GLN K 89 76.11 37.12 -14.57
CA GLN K 89 76.83 37.95 -13.61
C GLN K 89 76.13 38.13 -12.26
N ILE K 90 74.87 37.74 -12.17
CA ILE K 90 74.12 37.81 -10.91
C ILE K 90 74.48 36.61 -10.02
N PRO K 91 74.23 36.72 -8.69
CA PRO K 91 74.55 35.59 -7.80
C PRO K 91 73.80 34.31 -8.19
N VAL K 92 74.45 33.17 -7.98
CA VAL K 92 73.88 31.87 -8.28
C VAL K 92 73.94 30.96 -7.04
N PHE K 93 72.83 30.88 -6.32
CA PHE K 93 72.67 29.92 -5.22
C PHE K 93 72.53 28.50 -5.77
N VAL K 94 72.92 27.51 -4.98
CA VAL K 94 72.89 26.11 -5.43
C VAL K 94 72.09 25.22 -4.50
N MET K 95 71.14 24.50 -5.11
CA MET K 95 70.28 23.53 -4.46
C MET K 95 71.07 22.27 -4.14
N ILE K 96 70.97 21.82 -2.89
CA ILE K 96 71.59 20.56 -2.48
C ILE K 96 70.59 19.60 -1.80
N ARG K 97 70.20 18.56 -2.55
CA ARG K 97 69.51 17.38 -2.02
C ARG K 97 69.69 16.21 -2.99
N PRO K 98 70.10 15.03 -2.47
CA PRO K 98 70.43 13.87 -3.30
C PRO K 98 69.22 13.33 -4.07
N ARG K 99 68.18 12.95 -3.35
CA ARG K 99 66.92 12.53 -3.94
C ARG K 99 65.80 13.50 -3.58
N GLY K 100 64.74 13.48 -4.38
CA GLY K 100 63.62 14.38 -4.16
C GLY K 100 62.45 13.77 -3.39
N GLY K 101 62.73 12.78 -2.54
CA GLY K 101 61.69 12.19 -1.70
C GLY K 101 61.34 13.11 -0.55
N ASP K 102 61.57 12.64 0.66
CA ASP K 102 61.40 13.47 1.85
C ASP K 102 62.71 14.16 2.21
N PHE K 103 62.78 14.68 3.43
CA PHE K 103 63.97 15.38 3.91
C PHE K 103 64.52 14.72 5.19
N LEU K 104 64.24 13.43 5.34
CA LEU K 104 64.85 12.59 6.38
C LEU K 104 65.86 11.70 5.65
N TYR K 105 67.13 12.06 5.78
CA TYR K 105 68.19 11.42 4.99
C TYR K 105 68.95 10.34 5.75
N SER K 106 69.37 9.33 5.00
CA SER K 106 70.27 8.31 5.53
C SER K 106 71.69 8.85 5.51
N ASP K 107 72.57 8.18 6.26
CA ASP K 107 73.97 8.59 6.41
C ASP K 107 74.78 8.54 5.10
N ARG K 108 74.45 7.61 4.22
CA ARG K 108 75.07 7.53 2.89
C ARG K 108 74.79 8.83 2.15
N GLU K 109 73.54 9.29 2.25
CA GLU K 109 73.07 10.46 1.54
C GLU K 109 73.64 11.74 2.13
N ILE K 110 73.67 11.83 3.46
CA ILE K 110 74.32 12.95 4.16
C ILE K 110 75.75 13.19 3.65
N GLU K 111 76.47 12.10 3.37
CA GLU K 111 77.74 12.19 2.69
C GLU K 111 77.60 12.98 1.39
N VAL K 112 76.77 12.48 0.47
CA VAL K 112 76.63 13.07 -0.85
C VAL K 112 76.34 14.57 -0.76
N MET K 113 75.52 14.96 0.20
CA MET K 113 75.25 16.37 0.43
C MET K 113 76.55 17.07 0.80
N LYS K 114 77.23 16.56 1.84
CA LYS K 114 78.50 17.13 2.30
C LYS K 114 79.49 17.25 1.16
N ALA K 115 79.61 16.20 0.35
CA ALA K 115 80.45 16.23 -0.84
C ALA K 115 80.03 17.35 -1.79
N ASP K 116 78.72 17.50 -1.97
CA ASP K 116 78.14 18.46 -2.92
C ASP K 116 78.37 19.89 -2.48
N ILE K 117 78.21 20.14 -1.17
CA ILE K 117 78.44 21.46 -0.59
C ILE K 117 79.87 21.93 -0.90
N ARG K 118 80.86 21.11 -0.54
CA ARG K 118 82.26 21.38 -0.82
C ARG K 118 82.48 21.68 -2.30
N LEU K 119 81.85 20.88 -3.17
CA LEU K 119 82.05 21.03 -4.60
C LEU K 119 81.39 22.27 -5.17
N ALA K 120 80.23 22.62 -4.61
CA ALA K 120 79.44 23.75 -5.09
C ALA K 120 80.19 25.05 -4.92
N LYS K 121 80.70 25.29 -3.71
CA LYS K 121 81.46 26.49 -3.38
C LYS K 121 82.75 26.58 -4.19
N LEU K 122 83.41 25.44 -4.37
CA LEU K 122 84.65 25.37 -5.12
C LEU K 122 84.47 25.83 -6.56
N TYR K 123 83.25 25.63 -7.09
CA TYR K 123 82.98 25.91 -8.50
C TYR K 123 82.20 27.20 -8.76
N GLY K 124 81.92 27.93 -7.70
CA GLY K 124 81.39 29.29 -7.84
C GLY K 124 79.95 29.44 -7.43
N ALA K 125 79.62 29.01 -6.21
CA ALA K 125 78.28 29.10 -5.72
C ALA K 125 78.17 30.26 -4.74
N ASP K 126 77.43 31.30 -5.12
CA ASP K 126 77.28 32.49 -4.29
C ASP K 126 76.46 32.22 -3.01
N GLY K 127 75.75 31.10 -2.98
CA GLY K 127 74.97 30.67 -1.81
C GLY K 127 74.52 29.21 -1.89
N LEU K 128 74.03 28.69 -0.77
CA LEU K 128 73.66 27.28 -0.70
C LEU K 128 72.25 26.99 -0.17
N VAL K 129 71.67 25.92 -0.71
CA VAL K 129 70.26 25.60 -0.54
C VAL K 129 70.03 24.14 -0.13
N PHE K 130 69.41 23.93 1.03
CA PHE K 130 69.06 22.60 1.55
C PHE K 130 68.01 22.63 2.67
N GLY K 131 67.47 21.46 3.02
CA GLY K 131 66.57 21.30 4.18
C GLY K 131 66.69 19.93 4.82
N ALA K 132 66.40 19.82 6.12
CA ALA K 132 66.45 18.52 6.82
C ALA K 132 65.60 18.45 8.08
N LEU K 133 64.87 17.33 8.22
CA LEU K 133 63.87 17.18 9.28
C LEU K 133 63.99 15.86 10.03
N THR K 134 63.57 15.89 11.30
CA THR K 134 63.43 14.71 12.14
C THR K 134 62.18 13.96 11.71
N GLU K 135 62.16 12.65 11.96
CA GLU K 135 61.00 11.77 11.66
C GLU K 135 59.70 12.29 12.27
N ASP K 136 59.80 12.87 13.46
CA ASP K 136 58.66 13.41 14.21
C ASP K 136 57.97 14.57 13.51
N GLY K 137 58.59 15.09 12.44
CA GLY K 137 58.10 16.26 11.73
C GLY K 137 58.86 17.52 12.08
N HIS K 138 59.60 17.45 13.19
CA HIS K 138 60.45 18.56 13.62
C HIS K 138 61.62 18.79 12.66
N ILE K 139 62.36 19.87 12.91
CA ILE K 139 63.51 20.23 12.10
C ILE K 139 64.79 19.75 12.78
N ASP K 140 65.61 19.01 12.02
CA ASP K 140 66.85 18.41 12.53
C ASP K 140 67.86 19.48 12.95
N LYS K 141 67.98 19.69 14.26
CA LYS K 141 68.85 20.73 14.82
C LYS K 141 70.34 20.45 14.65
N GLU K 142 70.69 19.19 14.39
CA GLU K 142 72.08 18.75 14.40
C GLU K 142 72.63 18.45 13.02
N LEU K 143 71.79 17.89 12.16
CA LEU K 143 72.17 17.66 10.77
C LEU K 143 72.31 19.00 10.06
N CYS K 144 71.55 19.99 10.52
CA CYS K 144 71.62 21.32 9.97
C CYS K 144 72.87 22.04 10.47
N MET K 145 73.06 22.01 11.79
CA MET K 145 74.19 22.67 12.45
C MET K 145 75.52 22.30 11.81
N SER K 146 75.70 21.01 11.54
CA SER K 146 76.95 20.51 10.95
C SER K 146 77.04 20.73 9.44
N LEU K 147 75.92 20.63 8.73
CA LEU K 147 75.88 20.90 7.29
C LEU K 147 76.25 22.34 6.96
N MET K 148 75.73 23.27 7.75
CA MET K 148 75.99 24.69 7.55
C MET K 148 77.44 25.03 7.82
N ALA K 149 78.06 24.32 8.77
CA ALA K 149 79.47 24.50 9.07
C ALA K 149 80.30 24.29 7.81
N ILE K 150 79.96 23.24 7.06
CA ILE K 150 80.64 22.93 5.80
C ILE K 150 80.26 23.94 4.72
N CYS K 151 79.09 24.57 4.88
CA CYS K 151 78.61 25.58 3.94
C CYS K 151 79.37 26.90 4.03
N ARG K 152 79.52 27.41 5.25
CA ARG K 152 80.13 28.71 5.50
C ARG K 152 81.54 28.84 4.92
N PRO K 153 81.95 30.07 4.51
CA PRO K 153 81.37 31.40 4.76
C PRO K 153 80.14 31.77 3.92
N LEU K 154 79.76 30.90 2.98
CA LEU K 154 78.60 31.12 2.10
C LEU K 154 77.26 31.30 2.83
N PRO K 155 76.33 32.04 2.22
CA PRO K 155 74.99 32.20 2.83
C PRO K 155 74.12 30.95 2.63
N VAL K 156 73.33 30.63 3.65
CA VAL K 156 72.56 29.39 3.66
C VAL K 156 71.06 29.66 3.74
N THR K 157 70.31 28.87 2.99
CA THR K 157 68.86 29.03 2.88
C THR K 157 68.16 27.69 3.10
N PHE K 158 67.23 27.66 4.06
CA PHE K 158 66.38 26.50 4.31
C PHE K 158 65.18 26.58 3.39
N HIS K 159 64.66 25.43 2.97
CA HIS K 159 63.64 25.44 1.92
C HIS K 159 62.30 24.75 2.19
N ARG K 160 61.55 24.50 1.11
CA ARG K 160 60.16 24.01 1.18
C ARG K 160 59.92 22.89 2.18
N ALA K 161 61.01 22.21 2.57
CA ALA K 161 60.99 21.23 3.65
C ALA K 161 60.32 21.84 4.88
N PHE K 162 60.49 23.14 5.04
CA PHE K 162 59.89 23.91 6.12
C PHE K 162 58.36 23.73 6.16
N ASP K 163 57.76 23.60 4.98
CA ASP K 163 56.31 23.50 4.85
C ASP K 163 55.74 22.22 5.46
N MET K 164 56.62 21.25 5.72
CA MET K 164 56.22 19.95 6.24
C MET K 164 56.54 19.77 7.73
N VAL K 165 56.70 20.88 8.44
CA VAL K 165 57.00 20.83 9.86
C VAL K 165 55.70 20.74 10.65
N HIS K 166 55.79 20.16 11.85
CA HIS K 166 54.67 20.05 12.78
C HIS K 166 54.35 21.40 13.41
N ASP K 167 55.39 22.14 13.81
CA ASP K 167 55.21 23.42 14.51
C ASP K 167 55.96 24.56 13.81
N PRO K 168 55.31 25.19 12.81
CA PRO K 168 55.91 26.26 12.00
C PRO K 168 56.38 27.48 12.81
N MET K 169 55.72 27.75 13.94
CA MET K 169 56.16 28.77 14.88
C MET K 169 57.53 28.43 15.44
N ALA K 170 57.60 27.27 16.11
CA ALA K 170 58.82 26.79 16.75
C ALA K 170 59.91 26.48 15.72
N ALA K 171 59.49 26.25 14.48
CA ALA K 171 60.42 25.94 13.38
C ALA K 171 61.16 27.18 12.88
N LEU K 172 60.67 28.36 13.23
CA LEU K 172 61.35 29.61 12.89
C LEU K 172 62.53 29.82 13.83
N GLU K 173 62.26 29.71 15.14
CA GLU K 173 63.26 29.97 16.18
C GLU K 173 64.45 29.04 16.12
N THR K 174 64.21 27.79 15.73
CA THR K 174 65.28 26.84 15.48
C THR K 174 66.19 27.35 14.36
N LEU K 175 65.59 27.89 13.30
CA LEU K 175 66.34 28.34 12.12
C LEU K 175 67.15 29.61 12.34
N LEU K 176 66.68 30.47 13.22
CA LEU K 176 67.39 31.70 13.58
C LEU K 176 68.60 31.38 14.42
N THR K 177 68.35 30.61 15.49
CA THR K 177 69.39 30.18 16.43
C THR K 177 70.48 29.36 15.74
N LEU K 178 70.13 28.75 14.61
CA LEU K 178 71.09 28.05 13.77
C LEU K 178 71.78 28.96 12.75
N GLY K 179 71.30 30.21 12.63
CA GLY K 179 71.95 31.22 11.78
C GLY K 179 71.67 31.16 10.28
N PHE K 180 70.49 30.66 9.91
CA PHE K 180 70.07 30.63 8.51
C PHE K 180 69.72 32.00 8.00
N GLU K 181 70.18 32.32 6.80
CA GLU K 181 69.88 33.63 6.21
C GLU K 181 68.44 33.71 5.71
N ARG K 182 67.95 32.65 5.06
CA ARG K 182 66.61 32.67 4.45
C ARG K 182 65.79 31.38 4.53
N VAL K 183 64.48 31.53 4.35
CA VAL K 183 63.54 30.40 4.26
C VAL K 183 62.71 30.50 2.98
N LEU K 184 62.44 29.34 2.38
CA LEU K 184 61.45 29.23 1.30
C LEU K 184 60.21 28.58 1.90
N THR K 185 59.05 29.18 1.65
CA THR K 185 57.81 28.78 2.31
C THR K 185 56.60 29.08 1.45
N SER K 186 55.68 28.12 1.42
CA SER K 186 54.38 28.30 0.77
C SER K 186 53.27 28.33 1.81
N GLY K 187 53.64 28.66 3.05
CA GLY K 187 52.70 28.77 4.17
C GLY K 187 52.14 27.44 4.61
N CYS K 188 52.95 26.37 4.44
CA CYS K 188 52.54 24.99 4.72
C CYS K 188 51.32 24.58 3.91
N ASP K 189 51.25 25.04 2.67
CA ASP K 189 50.07 24.85 1.85
C ASP K 189 50.40 24.94 0.36
N SER K 190 49.57 24.27 -0.44
CA SER K 190 49.78 24.06 -1.87
C SER K 190 50.43 25.17 -2.71
N SER K 191 50.24 26.42 -2.29
CA SER K 191 50.78 27.58 -3.02
C SER K 191 51.11 28.69 -2.03
N ALA K 192 51.81 29.73 -2.51
CA ALA K 192 52.11 30.91 -1.69
C ALA K 192 50.82 31.68 -1.34
N LEU K 193 49.95 31.86 -2.34
CA LEU K 193 48.67 32.53 -2.11
C LEU K 193 47.89 31.82 -1.02
N GLU K 194 47.82 30.50 -1.14
CA GLU K 194 47.11 29.66 -0.18
C GLU K 194 47.64 29.78 1.24
N GLY K 195 48.96 29.95 1.37
CA GLY K 195 49.58 30.04 2.69
C GLY K 195 49.85 31.44 3.21
N LEU K 196 49.33 32.47 2.53
CA LEU K 196 49.56 33.87 2.90
C LEU K 196 49.40 34.19 4.39
N PRO K 197 48.25 33.83 5.00
CA PRO K 197 48.07 34.16 6.42
C PRO K 197 49.23 33.71 7.30
N LEU K 198 49.78 32.53 6.99
CA LEU K 198 50.86 31.94 7.78
C LEU K 198 52.22 32.53 7.44
N ILE K 199 52.41 32.93 6.18
CA ILE K 199 53.62 33.62 5.74
C ILE K 199 53.70 35.03 6.34
N LYS K 200 52.57 35.72 6.38
CA LYS K 200 52.47 37.05 6.99
C LYS K 200 52.91 36.92 8.45
N ARG K 201 52.26 36.00 9.15
CA ARG K 201 52.53 35.70 10.55
C ARG K 201 54.03 35.46 10.83
N LEU K 202 54.71 34.78 9.92
CA LEU K 202 56.13 34.44 10.09
C LEU K 202 57.05 35.65 9.99
N ILE K 203 56.71 36.60 9.12
CA ILE K 203 57.47 37.84 8.97
C ILE K 203 57.35 38.70 10.23
N GLU K 204 56.21 38.64 10.90
CA GLU K 204 55.98 39.38 12.14
C GLU K 204 56.68 38.69 13.31
N GLN K 205 56.43 37.39 13.48
CA GLN K 205 56.94 36.61 14.60
C GLN K 205 58.43 36.84 14.81
N ALA K 206 59.21 36.56 13.76
CA ALA K 206 60.64 36.85 13.77
C ALA K 206 60.89 38.06 12.92
N LYS K 207 61.21 39.18 13.56
CA LYS K 207 61.31 40.46 12.89
C LYS K 207 62.69 40.69 12.27
N GLY K 208 62.73 40.71 10.93
CA GLY K 208 63.94 41.02 10.16
C GLY K 208 65.15 40.12 10.37
N ARG K 209 65.04 39.16 11.29
CA ARG K 209 66.17 38.28 11.63
C ARG K 209 66.50 37.30 10.50
N ILE K 210 65.56 37.11 9.60
CA ILE K 210 65.69 36.14 8.50
C ILE K 210 64.76 36.58 7.40
N VAL K 211 65.22 36.49 6.16
CA VAL K 211 64.35 36.82 5.04
C VAL K 211 63.46 35.62 4.76
N VAL K 212 62.15 35.82 4.97
CA VAL K 212 61.16 34.79 4.64
C VAL K 212 60.69 35.01 3.20
N MET K 213 60.91 34.01 2.35
CA MET K 213 60.56 34.09 0.94
C MET K 213 59.33 33.26 0.57
N PRO K 214 58.26 33.92 0.06
CA PRO K 214 57.18 33.16 -0.56
C PRO K 214 57.66 32.43 -1.81
N GLY K 215 57.16 31.22 -2.02
CA GLY K 215 57.57 30.40 -3.16
C GLY K 215 56.52 29.56 -3.86
N GLY K 216 55.51 29.11 -3.12
CA GLY K 216 54.49 28.24 -3.70
C GLY K 216 53.75 28.82 -4.90
N GLY K 217 54.27 28.53 -6.09
CA GLY K 217 53.66 28.96 -7.35
C GLY K 217 53.16 30.40 -7.36
N ILE K 218 54.02 31.33 -7.75
CA ILE K 218 53.61 32.73 -7.91
C ILE K 218 53.78 33.21 -9.33
N THR K 219 52.81 34.01 -9.77
CA THR K 219 52.69 34.41 -11.16
C THR K 219 52.42 35.91 -11.19
N ASP K 220 52.53 36.50 -12.37
CA ASP K 220 52.22 37.91 -12.52
C ASP K 220 50.82 38.23 -12.00
N ARG K 221 49.90 37.27 -12.11
CA ARG K 221 48.52 37.45 -11.69
C ARG K 221 48.29 37.40 -10.18
N ASN K 222 49.27 36.93 -9.41
CA ASN K 222 49.09 36.83 -7.96
C ASN K 222 50.17 37.50 -7.09
N LEU K 223 51.29 37.84 -7.71
CA LEU K 223 52.42 38.47 -7.02
C LEU K 223 51.98 39.56 -6.05
N GLN K 224 51.30 40.57 -6.60
CA GLN K 224 50.96 41.79 -5.87
C GLN K 224 50.22 41.50 -4.58
N ARG K 225 49.21 40.64 -4.67
CA ARG K 225 48.40 40.28 -3.53
C ARG K 225 49.26 39.63 -2.45
N ILE K 226 50.29 38.90 -2.90
CA ILE K 226 51.17 38.19 -2.00
C ILE K 226 52.09 39.14 -1.24
N LEU K 227 52.68 40.10 -1.95
CA LEU K 227 53.55 41.08 -1.30
C LEU K 227 52.78 41.97 -0.33
N GLU K 228 51.84 42.76 -0.86
CA GLU K 228 50.97 43.61 -0.04
C GLU K 228 50.30 42.80 1.07
N GLY K 229 50.16 41.51 0.83
CA GLY K 229 49.60 40.60 1.81
C GLY K 229 50.60 40.19 2.87
N SER K 230 51.83 39.86 2.45
CA SER K 230 52.84 39.28 3.34
C SER K 230 53.76 40.28 4.04
N GLY K 231 54.18 41.31 3.30
CA GLY K 231 55.18 42.25 3.77
C GLY K 231 56.58 41.84 3.34
N ALA K 232 56.67 40.71 2.66
CA ALA K 232 57.94 40.13 2.25
C ALA K 232 58.76 41.08 1.39
N THR K 233 60.08 41.01 1.54
CA THR K 233 61.01 41.82 0.78
C THR K 233 61.64 41.01 -0.34
N GLU K 234 61.48 39.68 -0.27
CA GLU K 234 62.10 38.77 -1.24
C GLU K 234 61.15 37.62 -1.59
N PHE K 235 61.16 37.20 -2.86
CA PHE K 235 60.26 36.13 -3.33
C PHE K 235 60.90 35.21 -4.37
N HIS K 236 60.52 33.93 -4.32
CA HIS K 236 60.99 32.90 -5.26
C HIS K 236 59.89 32.62 -6.25
N CYS K 237 60.25 32.44 -7.52
CA CYS K 237 59.29 31.98 -8.53
C CYS K 237 60.00 31.26 -9.69
N SER K 238 59.20 30.73 -10.61
CA SER K 238 59.75 29.87 -11.65
C SER K 238 59.75 30.53 -13.02
N ALA K 239 58.65 31.21 -13.33
CA ALA K 239 58.49 31.96 -14.58
C ALA K 239 58.87 31.20 -15.86
N ARG K 240 58.44 29.94 -15.95
CA ARG K 240 58.72 29.09 -17.11
C ARG K 240 57.60 29.15 -18.13
N SER K 241 57.82 28.55 -19.30
CA SER K 241 56.79 28.41 -20.32
C SER K 241 57.20 27.36 -21.36
N THR K 242 56.23 26.56 -21.81
CA THR K 242 56.53 25.45 -22.73
C THR K 242 57.01 25.92 -24.11
N ARG K 243 58.04 25.26 -24.61
CA ARG K 243 58.62 25.56 -25.90
C ARG K 243 58.81 24.25 -26.66
N ASP K 244 58.67 24.29 -27.98
CA ASP K 244 58.69 23.09 -28.80
C ASP K 244 60.07 22.66 -29.30
N SER K 245 60.13 21.45 -29.82
CA SER K 245 61.32 20.92 -30.46
C SER K 245 61.60 21.65 -31.76
N GLY K 246 62.86 21.61 -32.19
CA GLY K 246 63.24 22.07 -33.52
C GLY K 246 63.38 20.87 -34.46
N MET K 247 63.25 19.67 -33.89
CA MET K 247 63.43 18.42 -34.61
C MET K 247 62.30 18.24 -35.60
N LYS K 248 62.65 17.88 -36.83
CA LYS K 248 61.67 17.71 -37.91
C LYS K 248 61.31 16.24 -38.15
N PHE K 249 62.00 15.34 -37.46
CA PHE K 249 61.65 13.93 -37.45
C PHE K 249 61.39 13.45 -36.04
N ARG K 250 60.28 12.74 -35.86
CA ARG K 250 59.94 12.16 -34.58
C ARG K 250 59.25 10.82 -34.75
N ASN K 251 59.57 9.88 -33.86
CA ASN K 251 58.93 8.56 -33.87
C ASN K 251 57.76 8.54 -32.89
N SER K 252 56.72 7.79 -33.26
CA SER K 252 55.46 7.74 -32.49
C SER K 252 55.61 7.03 -31.14
N SER K 253 56.27 5.88 -31.17
CA SER K 253 56.33 4.97 -30.02
C SER K 253 57.44 5.26 -28.99
N VAL K 254 58.54 5.85 -29.47
CA VAL K 254 59.75 6.08 -28.66
C VAL K 254 59.50 6.84 -27.35
N ALA K 255 60.25 6.46 -26.31
CA ALA K 255 60.20 7.04 -24.96
C ALA K 255 58.82 6.85 -24.28
N TYR K 265 60.11 16.56 -29.02
CA TYR K 265 59.28 16.72 -27.82
C TYR K 265 59.07 18.20 -27.45
N SER K 266 59.06 18.49 -26.15
CA SER K 266 58.70 19.82 -25.66
C SER K 266 59.28 20.09 -24.28
N LEU K 267 60.26 20.99 -24.22
CA LEU K 267 60.95 21.32 -22.97
C LEU K 267 60.41 22.63 -22.37
N LYS K 268 60.64 22.82 -21.08
CA LYS K 268 60.17 24.01 -20.38
C LYS K 268 61.32 24.96 -20.01
N VAL K 269 61.44 26.05 -20.76
CA VAL K 269 62.48 27.07 -20.55
C VAL K 269 61.91 28.19 -19.69
N THR K 270 62.79 28.90 -18.96
CA THR K 270 62.41 30.13 -18.27
C THR K 270 62.10 31.20 -19.32
N ASP K 271 61.07 32.03 -19.08
CA ASP K 271 60.62 33.03 -20.06
C ASP K 271 61.08 34.45 -19.75
N VAL K 272 61.64 35.10 -20.78
CA VAL K 272 62.18 36.46 -20.68
C VAL K 272 61.11 37.51 -20.36
N THR K 273 60.02 37.47 -21.14
CA THR K 273 58.89 38.38 -20.97
C THR K 273 58.21 38.17 -19.61
N LYS K 274 57.98 36.91 -19.25
CA LYS K 274 57.32 36.55 -17.99
C LYS K 274 58.09 37.06 -16.77
N VAL K 275 59.42 36.92 -16.82
CA VAL K 275 60.31 37.43 -15.78
C VAL K 275 60.24 38.95 -15.71
N ARG K 276 60.31 39.59 -16.87
CA ARG K 276 60.24 41.04 -16.97
C ARG K 276 58.96 41.59 -16.35
N THR K 277 57.85 40.89 -16.59
CA THR K 277 56.54 41.31 -16.08
C THR K 277 56.47 41.24 -14.56
N LEU K 278 56.97 40.14 -13.99
CA LEU K 278 57.09 40.00 -12.55
C LEU K 278 58.01 41.09 -11.99
N ASN K 279 59.12 41.31 -12.69
CA ASN K 279 60.08 42.35 -12.35
C ASN K 279 59.42 43.74 -12.35
N ALA K 280 58.69 44.04 -13.42
CA ALA K 280 58.00 45.31 -13.57
C ALA K 280 57.01 45.55 -12.42
N ILE K 281 56.09 44.61 -12.19
CA ILE K 281 55.09 44.76 -11.13
C ILE K 281 55.71 44.84 -9.74
N ALA K 282 56.96 44.38 -9.63
CA ALA K 282 57.72 44.45 -8.37
C ALA K 282 58.19 45.87 -8.03
N LYS K 283 58.53 46.66 -9.05
CA LYS K 283 58.89 48.07 -8.86
C LYS K 283 57.66 48.91 -8.56
N ASN K 284 56.53 48.51 -9.14
CA ASN K 284 55.25 49.20 -8.99
C ASN K 284 54.80 49.43 -7.55
N ILE K 285 55.08 48.47 -6.67
CA ILE K 285 54.68 48.57 -5.25
C ILE K 285 55.74 49.33 -4.44
N LEU K 286 55.28 50.35 -3.71
CA LEU K 286 56.12 51.34 -3.02
C LEU K 286 56.79 52.33 -3.98
N GLY L 39 82.07 -11.72 -21.00
CA GLY L 39 80.74 -11.55 -21.72
C GLY L 39 79.55 -11.69 -20.80
N PHE L 40 78.35 -11.43 -21.36
CA PHE L 40 77.06 -11.53 -20.65
C PHE L 40 76.98 -10.66 -19.39
N LEU L 41 77.06 -9.34 -19.58
CA LEU L 41 77.13 -8.40 -18.45
C LEU L 41 75.85 -7.58 -18.26
N MET L 42 75.60 -7.19 -17.00
CA MET L 42 74.40 -6.44 -16.62
C MET L 42 74.70 -5.07 -16.01
N GLU L 43 74.05 -4.03 -16.54
CA GLU L 43 74.12 -2.70 -15.95
C GLU L 43 72.78 -2.14 -15.48
N VAL L 44 72.77 -1.68 -14.23
CA VAL L 44 71.61 -1.06 -13.60
C VAL L 44 71.84 0.45 -13.57
N CYS L 45 70.78 1.23 -13.75
CA CYS L 45 70.90 2.67 -13.56
C CYS L 45 70.55 3.03 -12.13
N VAL L 46 71.29 4.00 -11.61
CA VAL L 46 71.22 4.36 -10.20
C VAL L 46 71.06 5.87 -10.08
N ASP L 47 70.08 6.29 -9.29
CA ASP L 47 69.85 7.72 -9.05
C ASP L 47 70.35 8.15 -7.67
N SER L 48 70.51 7.18 -6.77
CA SER L 48 70.84 7.45 -5.37
C SER L 48 72.16 6.79 -4.95
N VAL L 49 72.40 6.77 -3.64
CA VAL L 49 73.59 6.15 -3.05
C VAL L 49 73.31 4.71 -2.67
N GLU L 50 72.25 4.51 -1.88
CA GLU L 50 71.79 3.18 -1.49
C GLU L 50 71.57 2.29 -2.70
N SER L 51 71.10 2.87 -3.80
CA SER L 51 70.84 2.11 -5.02
C SER L 51 72.10 1.76 -5.82
N ALA L 52 73.22 2.41 -5.53
CA ALA L 52 74.50 2.03 -6.13
C ALA L 52 75.02 0.77 -5.43
N VAL L 53 74.91 0.80 -4.10
CA VAL L 53 75.34 -0.28 -3.23
C VAL L 53 74.43 -1.51 -3.41
N ASN L 54 73.12 -1.29 -3.34
CA ASN L 54 72.14 -2.36 -3.56
C ASN L 54 72.35 -3.08 -4.88
N ALA L 55 72.67 -2.32 -5.93
CA ALA L 55 72.90 -2.89 -7.25
C ALA L 55 74.09 -3.83 -7.24
N GLU L 56 75.19 -3.38 -6.64
CA GLU L 56 76.42 -4.17 -6.50
C GLU L 56 76.16 -5.46 -5.71
N ARG L 57 75.56 -5.31 -4.53
CA ARG L 57 75.15 -6.46 -3.70
C ARG L 57 74.30 -7.44 -4.49
N GLY L 58 73.55 -6.93 -5.45
CA GLY L 58 72.68 -7.75 -6.29
C GLY L 58 73.40 -8.40 -7.45
N GLY L 59 74.65 -8.02 -7.68
CA GLY L 59 75.45 -8.66 -8.72
C GLY L 59 75.57 -7.87 -10.01
N ALA L 60 75.27 -6.58 -9.95
CA ALA L 60 75.39 -5.70 -11.12
C ALA L 60 76.84 -5.61 -11.60
N ASP L 61 77.06 -5.87 -12.88
CA ASP L 61 78.39 -5.82 -13.47
C ASP L 61 78.98 -4.42 -13.51
N ARG L 62 78.16 -3.44 -13.87
CA ARG L 62 78.59 -2.03 -13.91
C ARG L 62 77.41 -1.10 -13.75
N ILE L 63 77.31 -0.46 -12.59
CA ILE L 63 76.27 0.54 -12.36
C ILE L 63 76.43 1.75 -13.31
N GLU L 64 75.34 2.48 -13.51
CA GLU L 64 75.32 3.72 -14.28
C GLU L 64 74.65 4.80 -13.42
N LEU L 65 75.07 6.05 -13.60
CA LEU L 65 74.48 7.16 -12.84
C LEU L 65 73.32 7.83 -13.58
N CYS L 66 72.14 7.76 -12.95
CA CYS L 66 70.88 8.23 -13.53
C CYS L 66 70.11 9.15 -12.60
N SER L 67 70.62 10.36 -12.36
CA SER L 67 69.91 11.34 -11.53
C SER L 67 68.62 11.77 -12.22
N GLY L 68 67.49 11.50 -11.57
CA GLY L 68 66.18 11.78 -12.15
C GLY L 68 65.93 10.99 -13.42
N LEU L 69 65.85 9.66 -13.29
CA LEU L 69 65.49 8.78 -14.41
C LEU L 69 64.08 9.12 -14.87
N SER L 70 63.29 9.71 -13.98
CA SER L 70 61.96 10.24 -14.30
C SER L 70 61.99 11.24 -15.47
N GLU L 71 63.07 12.01 -15.56
CA GLU L 71 63.28 12.94 -16.69
C GLU L 71 63.95 12.26 -17.90
N GLY L 72 64.34 11.00 -17.73
CA GLY L 72 65.13 10.29 -18.73
C GLY L 72 66.56 10.11 -18.24
N GLY L 73 67.01 11.04 -17.41
CA GLY L 73 68.36 11.02 -16.84
C GLY L 73 69.15 12.29 -17.12
N THR L 74 69.20 13.18 -16.14
CA THR L 74 70.04 14.40 -16.18
C THR L 74 71.45 14.03 -15.69
N THR L 75 72.44 14.84 -16.07
CA THR L 75 73.82 14.68 -15.59
C THR L 75 73.82 14.78 -14.06
N PRO L 76 74.23 13.70 -13.37
CA PRO L 76 74.20 13.68 -11.92
C PRO L 76 75.18 14.66 -11.29
N SER L 77 74.93 15.04 -10.04
CA SER L 77 75.85 15.87 -9.29
C SER L 77 77.14 15.10 -9.06
N MET L 78 78.26 15.84 -9.02
CA MET L 78 79.56 15.22 -8.86
C MET L 78 79.76 14.73 -7.43
N GLY L 79 79.01 15.29 -6.49
CA GLY L 79 79.00 14.82 -5.10
C GLY L 79 78.51 13.39 -4.98
N VAL L 80 77.61 13.00 -5.89
CA VAL L 80 77.13 11.63 -5.98
C VAL L 80 78.25 10.73 -6.49
N LEU L 81 78.85 11.09 -7.63
CA LEU L 81 79.94 10.32 -8.24
C LEU L 81 81.07 10.03 -7.24
N GLN L 82 81.38 11.02 -6.41
CA GLN L 82 82.39 10.87 -5.38
C GLN L 82 82.03 9.76 -4.40
N VAL L 83 80.88 9.88 -3.73
CA VAL L 83 80.50 8.90 -2.70
C VAL L 83 80.22 7.53 -3.32
N VAL L 84 79.67 7.54 -4.54
CA VAL L 84 79.41 6.29 -5.22
C VAL L 84 80.71 5.51 -5.43
N LYS L 85 81.68 6.11 -6.12
CA LYS L 85 82.98 5.48 -6.40
C LYS L 85 83.73 5.06 -5.12
N GLN L 86 83.44 5.75 -4.03
CA GLN L 86 84.02 5.48 -2.72
C GLN L 86 83.24 4.42 -1.92
N SER L 87 82.39 3.67 -2.59
CA SER L 87 81.61 2.60 -1.96
C SER L 87 81.25 1.45 -2.91
N VAL L 88 81.68 1.57 -4.16
CA VAL L 88 81.47 0.56 -5.17
C VAL L 88 82.76 0.33 -5.94
N GLN L 89 83.24 -0.91 -5.94
CA GLN L 89 84.44 -1.27 -6.70
C GLN L 89 84.11 -1.51 -8.15
N ILE L 90 82.82 -1.53 -8.45
CA ILE L 90 82.31 -1.81 -9.77
C ILE L 90 82.26 -0.54 -10.66
N PRO L 91 82.68 -0.68 -11.94
CA PRO L 91 82.75 0.44 -12.89
C PRO L 91 81.49 1.32 -12.94
N VAL L 92 81.65 2.59 -12.54
CA VAL L 92 80.56 3.57 -12.54
C VAL L 92 80.61 4.47 -13.76
N PHE L 93 79.68 4.26 -14.69
CA PHE L 93 79.55 5.11 -15.87
C PHE L 93 78.64 6.32 -15.58
N VAL L 94 78.95 7.44 -16.22
CA VAL L 94 78.23 8.70 -15.96
C VAL L 94 77.39 9.13 -17.15
N MET L 95 76.15 9.47 -16.86
CA MET L 95 75.20 9.95 -17.86
C MET L 95 75.42 11.45 -18.05
N ILE L 96 75.65 11.85 -19.29
CA ILE L 96 75.84 13.28 -19.56
C ILE L 96 74.72 13.85 -20.45
N ARG L 97 73.85 14.63 -19.80
CA ARG L 97 72.70 15.26 -20.43
C ARG L 97 72.35 16.53 -19.65
N PRO L 98 72.32 17.68 -20.34
CA PRO L 98 72.03 18.97 -19.68
C PRO L 98 70.55 19.15 -19.31
N ARG L 99 69.67 18.96 -20.31
CA ARG L 99 68.22 19.09 -20.14
C ARG L 99 67.54 17.86 -20.70
N GLY L 100 66.31 17.61 -20.24
CA GLY L 100 65.50 16.50 -20.74
C GLY L 100 64.89 16.78 -22.10
N GLY L 101 64.40 15.74 -22.76
CA GLY L 101 63.69 15.88 -24.03
C GLY L 101 64.54 15.78 -25.28
N ASP L 102 64.72 16.92 -25.94
CA ASP L 102 65.43 17.00 -27.22
C ASP L 102 66.86 16.47 -27.15
N PHE L 103 67.34 15.98 -28.30
CA PHE L 103 68.76 15.70 -28.49
C PHE L 103 69.36 16.66 -29.51
N LEU L 104 68.65 17.76 -29.74
CA LEU L 104 69.20 18.91 -30.44
C LEU L 104 69.59 19.93 -29.39
N TYR L 105 70.89 20.06 -29.17
CA TYR L 105 71.41 20.98 -28.18
C TYR L 105 71.94 22.22 -28.86
N SER L 106 71.65 23.37 -28.28
CA SER L 106 72.18 24.65 -28.75
C SER L 106 73.60 24.82 -28.23
N ASP L 107 74.42 25.54 -29.00
CA ASP L 107 75.83 25.76 -28.66
C ASP L 107 76.09 26.05 -27.18
N ARG L 108 75.18 26.78 -26.55
CA ARG L 108 75.27 27.10 -25.12
C ARG L 108 75.14 25.86 -24.22
N GLU L 109 74.43 24.85 -24.72
CA GLU L 109 74.22 23.62 -23.96
C GLU L 109 75.28 22.58 -24.29
N ILE L 110 75.79 22.62 -25.52
CA ILE L 110 76.85 21.71 -25.94
C ILE L 110 78.11 21.95 -25.11
N GLU L 111 78.26 23.15 -24.58
CA GLU L 111 79.39 23.49 -23.72
C GLU L 111 79.26 22.95 -22.31
N VAL L 112 78.02 22.86 -21.83
CA VAL L 112 77.74 22.31 -20.49
C VAL L 112 78.10 20.83 -20.42
N MET L 113 77.83 20.11 -21.50
CA MET L 113 78.17 18.71 -21.60
C MET L 113 79.67 18.53 -21.56
N LYS L 114 80.37 19.19 -22.48
CA LYS L 114 81.82 19.28 -22.47
C LYS L 114 82.34 19.48 -21.04
N ALA L 115 81.79 20.50 -20.37
CA ALA L 115 82.19 20.83 -19.00
C ALA L 115 82.02 19.64 -18.06
N ASP L 116 80.85 19.01 -18.13
CA ASP L 116 80.50 17.89 -17.27
C ASP L 116 81.34 16.64 -17.57
N ILE L 117 81.72 16.46 -18.84
CA ILE L 117 82.58 15.34 -19.25
C ILE L 117 83.89 15.39 -18.47
N ARG L 118 84.51 16.58 -18.49
CA ARG L 118 85.80 16.81 -17.85
C ARG L 118 85.72 16.68 -16.34
N LEU L 119 84.64 17.18 -15.75
CA LEU L 119 84.44 17.11 -14.31
C LEU L 119 84.19 15.68 -13.83
N ALA L 120 83.38 14.94 -14.57
CA ALA L 120 83.10 13.54 -14.26
C ALA L 120 84.38 12.70 -14.31
N LYS L 121 85.15 12.86 -15.38
CA LYS L 121 86.46 12.22 -15.54
C LYS L 121 87.32 12.33 -14.28
N LEU L 122 87.56 13.57 -13.84
CA LEU L 122 88.37 13.84 -12.66
C LEU L 122 87.86 13.12 -11.42
N TYR L 123 86.55 12.91 -11.34
CA TYR L 123 85.93 12.44 -10.11
C TYR L 123 85.73 10.93 -9.99
N GLY L 124 86.08 10.20 -11.05
CA GLY L 124 86.07 8.73 -11.00
C GLY L 124 85.28 8.07 -12.11
N ALA L 125 85.03 8.80 -13.20
CA ALA L 125 84.28 8.28 -14.33
C ALA L 125 84.96 7.10 -14.99
N ASP L 126 84.30 5.93 -14.93
CA ASP L 126 84.82 4.72 -15.57
C ASP L 126 84.42 4.63 -17.05
N GLY L 127 83.51 5.50 -17.46
CA GLY L 127 83.00 5.58 -18.84
C GLY L 127 81.89 6.60 -18.92
N LEU L 128 81.55 7.05 -20.13
CA LEU L 128 80.56 8.14 -20.29
C LEU L 128 79.42 7.86 -21.28
N VAL L 129 78.23 8.39 -20.97
CA VAL L 129 77.04 8.18 -21.81
C VAL L 129 76.45 9.51 -22.31
N PHE L 130 76.25 9.60 -23.62
CA PHE L 130 75.62 10.76 -24.23
C PHE L 130 75.06 10.43 -25.62
N GLY L 131 74.20 11.31 -26.16
CA GLY L 131 73.67 11.16 -27.50
C GLY L 131 73.41 12.50 -28.17
N ALA L 132 73.49 12.54 -29.50
CA ALA L 132 73.33 13.79 -30.25
C ALA L 132 72.76 13.60 -31.66
N LEU L 133 71.74 14.38 -32.01
CA LEU L 133 71.02 14.20 -33.27
C LEU L 133 70.83 15.50 -34.06
N THR L 134 70.63 15.36 -35.37
CA THR L 134 70.45 16.50 -36.28
C THR L 134 69.04 16.53 -36.87
N GLU L 135 68.29 17.58 -36.53
CA GLU L 135 66.93 17.84 -37.06
C GLU L 135 66.28 16.69 -37.81
N ASP L 136 66.81 16.37 -39.00
CA ASP L 136 66.32 15.29 -39.85
C ASP L 136 66.27 13.93 -39.15
N GLY L 137 66.84 13.86 -37.95
CA GLY L 137 66.86 12.64 -37.16
C GLY L 137 68.09 11.77 -37.41
N HIS L 138 69.14 12.38 -37.96
CA HIS L 138 70.41 11.67 -38.15
C HIS L 138 71.32 11.98 -36.98
N ILE L 139 72.28 11.09 -36.72
CA ILE L 139 73.29 11.34 -35.70
C ILE L 139 74.26 12.40 -36.21
N ASP L 140 74.50 13.41 -35.38
CA ASP L 140 75.43 14.48 -35.74
C ASP L 140 76.88 14.05 -35.52
N LYS L 141 77.60 13.91 -36.64
CA LYS L 141 78.98 13.44 -36.61
C LYS L 141 79.92 14.43 -35.90
N GLU L 142 79.85 15.70 -36.29
CA GLU L 142 80.77 16.73 -35.83
C GLU L 142 80.78 16.95 -34.32
N LEU L 143 79.61 17.32 -33.78
CA LEU L 143 79.50 17.61 -32.35
C LEU L 143 79.46 16.33 -31.51
N CYS L 144 79.59 15.19 -32.17
CA CYS L 144 79.84 13.93 -31.47
C CYS L 144 81.34 13.70 -31.33
N MET L 145 82.06 13.77 -32.45
CA MET L 145 83.51 13.62 -32.47
C MET L 145 84.20 14.51 -31.45
N SER L 146 83.84 15.80 -31.46
CA SER L 146 84.41 16.77 -30.53
C SER L 146 84.15 16.40 -29.07
N LEU L 147 83.00 15.80 -28.79
CA LEU L 147 82.65 15.35 -27.45
C LEU L 147 83.38 14.06 -27.12
N MET L 148 83.61 13.25 -28.15
CA MET L 148 84.29 11.97 -27.98
C MET L 148 85.80 12.15 -27.80
N ALA L 149 86.35 13.20 -28.42
CA ALA L 149 87.75 13.57 -28.23
C ALA L 149 88.00 14.02 -26.79
N ILE L 150 87.01 14.68 -26.19
CA ILE L 150 87.08 15.08 -24.78
C ILE L 150 86.73 13.90 -23.88
N CYS L 151 86.21 12.83 -24.48
CA CYS L 151 85.89 11.61 -23.74
C CYS L 151 87.10 10.68 -23.61
N ARG L 152 87.88 10.60 -24.68
CA ARG L 152 89.09 9.80 -24.71
C ARG L 152 90.03 10.24 -23.59
N PRO L 153 90.68 9.29 -22.91
CA PRO L 153 90.56 7.85 -23.09
C PRO L 153 89.60 7.22 -22.07
N LEU L 154 88.41 6.87 -22.54
CA LEU L 154 87.38 6.23 -21.74
C LEU L 154 86.34 5.62 -22.66
N PRO L 155 85.71 4.50 -22.23
CA PRO L 155 84.67 3.93 -23.07
C PRO L 155 83.42 4.82 -23.16
N VAL L 156 82.91 5.00 -24.37
CA VAL L 156 81.73 5.84 -24.58
C VAL L 156 80.55 5.01 -25.10
N THR L 157 79.43 5.13 -24.39
CA THR L 157 78.16 4.51 -24.75
C THR L 157 77.16 5.55 -25.25
N PHE L 158 76.69 5.36 -26.48
CA PHE L 158 75.65 6.21 -27.03
C PHE L 158 74.32 5.84 -26.40
N HIS L 159 73.56 6.85 -25.98
CA HIS L 159 72.31 6.66 -25.23
C HIS L 159 71.11 6.32 -26.13
N ARG L 160 69.96 6.07 -25.50
CA ARG L 160 68.68 5.75 -26.17
C ARG L 160 68.39 6.62 -27.38
N ALA L 161 68.99 7.81 -27.43
CA ALA L 161 68.88 8.75 -28.55
C ALA L 161 68.87 8.07 -29.92
N PHE L 162 69.57 6.95 -30.03
CA PHE L 162 69.60 6.14 -31.24
C PHE L 162 68.20 5.73 -31.73
N ASP L 163 67.29 5.51 -30.77
CA ASP L 163 65.90 5.10 -31.05
C ASP L 163 65.12 6.08 -31.95
N MET L 164 65.59 7.33 -32.00
CA MET L 164 64.90 8.38 -32.77
C MET L 164 65.54 8.69 -34.11
N VAL L 165 66.10 7.68 -34.77
CA VAL L 165 66.77 7.88 -36.06
C VAL L 165 65.92 7.43 -37.25
N HIS L 166 65.85 8.28 -38.27
CA HIS L 166 65.11 7.99 -39.51
C HIS L 166 65.61 6.71 -40.17
N ASP L 167 66.92 6.57 -40.29
CA ASP L 167 67.53 5.39 -40.89
C ASP L 167 68.48 4.74 -39.88
N PRO L 168 67.95 3.84 -39.03
CA PRO L 168 68.73 3.20 -37.97
C PRO L 168 69.80 2.24 -38.49
N MET L 169 69.54 1.58 -39.61
CA MET L 169 70.49 0.63 -40.19
C MET L 169 71.85 1.29 -40.48
N ALA L 170 71.83 2.34 -41.28
CA ALA L 170 73.05 3.08 -41.63
C ALA L 170 73.58 3.92 -40.47
N ALA L 171 72.70 4.27 -39.54
CA ALA L 171 73.05 5.08 -38.38
C ALA L 171 74.01 4.35 -37.45
N LEU L 172 73.80 3.04 -37.31
CA LEU L 172 74.70 2.21 -36.52
C LEU L 172 76.10 2.22 -37.15
N GLU L 173 76.15 2.10 -38.47
CA GLU L 173 77.42 2.13 -39.22
C GLU L 173 78.17 3.44 -39.05
N THR L 174 77.41 4.54 -38.91
CA THR L 174 77.97 5.85 -38.66
C THR L 174 78.66 5.89 -37.29
N LEU L 175 78.06 5.22 -36.31
CA LEU L 175 78.65 5.10 -34.98
C LEU L 175 79.85 4.16 -34.97
N LEU L 176 79.95 3.33 -36.00
CA LEU L 176 81.11 2.46 -36.20
C LEU L 176 82.26 3.21 -36.86
N THR L 177 81.97 4.42 -37.34
CA THR L 177 82.97 5.31 -37.91
C THR L 177 83.51 6.26 -36.81
N LEU L 178 82.68 6.58 -35.83
CA LEU L 178 83.01 7.59 -34.82
C LEU L 178 83.97 7.18 -33.70
N GLY L 179 83.89 5.93 -33.26
CA GLY L 179 84.73 5.40 -32.18
C GLY L 179 83.95 4.83 -31.00
N PHE L 180 82.62 4.84 -31.12
CA PHE L 180 81.72 4.35 -30.07
C PHE L 180 81.81 2.85 -29.90
N GLU L 181 81.69 2.40 -28.66
CA GLU L 181 81.91 1.00 -28.33
C GLU L 181 80.65 0.30 -27.85
N ARG L 182 79.77 1.05 -27.19
CA ARG L 182 78.49 0.52 -26.72
C ARG L 182 77.32 1.44 -27.09
N VAL L 183 76.19 0.83 -27.42
CA VAL L 183 74.96 1.56 -27.79
C VAL L 183 73.74 1.01 -27.07
N LEU L 184 73.02 1.89 -26.37
CA LEU L 184 71.77 1.53 -25.71
C LEU L 184 70.61 1.69 -26.70
N THR L 185 69.79 0.66 -26.82
CA THR L 185 68.65 0.64 -27.74
C THR L 185 67.48 -0.15 -27.15
N SER L 186 66.27 0.23 -27.54
CA SER L 186 65.09 -0.55 -27.22
C SER L 186 64.35 -0.94 -28.50
N GLY L 187 65.06 -0.87 -29.62
CA GLY L 187 64.50 -1.21 -30.94
C GLY L 187 63.57 -0.15 -31.52
N CYS L 188 63.66 1.07 -30.98
CA CYS L 188 62.82 2.21 -31.39
C CYS L 188 61.35 2.00 -30.99
N ASP L 189 61.12 1.33 -29.87
CA ASP L 189 59.76 1.03 -29.46
C ASP L 189 59.55 1.21 -27.96
N SER L 190 58.31 1.01 -27.52
CA SER L 190 57.93 1.10 -26.11
C SER L 190 58.96 0.42 -25.20
N SER L 191 59.15 -0.88 -25.39
CA SER L 191 60.03 -1.68 -24.53
C SER L 191 61.13 -2.33 -25.35
N ALA L 192 62.09 -2.96 -24.68
CA ALA L 192 63.10 -3.75 -25.36
C ALA L 192 62.41 -4.93 -26.05
N LEU L 193 61.43 -5.52 -25.36
CA LEU L 193 60.65 -6.62 -25.92
C LEU L 193 59.87 -6.21 -27.16
N GLU L 194 59.32 -5.00 -27.14
CA GLU L 194 58.57 -4.48 -28.29
C GLU L 194 59.47 -4.22 -29.51
N GLY L 195 60.69 -3.76 -29.27
CA GLY L 195 61.62 -3.45 -30.34
C GLY L 195 62.56 -4.58 -30.69
N LEU L 196 62.36 -5.73 -30.05
CA LEU L 196 63.25 -6.89 -30.19
C LEU L 196 63.66 -7.28 -31.63
N PRO L 197 62.71 -7.29 -32.60
CA PRO L 197 63.07 -7.65 -33.98
C PRO L 197 64.25 -6.86 -34.57
N LEU L 198 64.22 -5.53 -34.46
CA LEU L 198 65.28 -4.70 -35.01
C LEU L 198 66.60 -4.94 -34.27
N ILE L 199 66.50 -5.19 -32.96
CA ILE L 199 67.68 -5.46 -32.14
C ILE L 199 68.46 -6.70 -32.61
N LYS L 200 67.77 -7.66 -33.23
CA LYS L 200 68.42 -8.78 -33.91
C LYS L 200 69.30 -8.23 -35.05
N ARG L 201 68.67 -7.46 -35.94
CA ARG L 201 69.35 -6.83 -37.07
C ARG L 201 70.53 -5.97 -36.62
N LEU L 202 70.36 -5.27 -35.50
CA LEU L 202 71.38 -4.40 -34.95
C LEU L 202 72.60 -5.18 -34.46
N ILE L 203 72.36 -6.41 -34.00
CA ILE L 203 73.44 -7.29 -33.58
C ILE L 203 74.02 -8.04 -34.79
N GLU L 204 73.16 -8.39 -35.74
CA GLU L 204 73.59 -9.04 -36.98
C GLU L 204 74.54 -8.18 -37.81
N GLN L 205 74.31 -6.86 -37.79
CA GLN L 205 75.14 -5.93 -38.55
C GLN L 205 76.38 -5.50 -37.78
N ALA L 206 76.30 -5.53 -36.45
CA ALA L 206 77.41 -5.13 -35.59
C ALA L 206 78.61 -6.04 -35.78
N LYS L 207 78.37 -7.35 -35.78
CA LYS L 207 79.42 -8.37 -35.94
C LYS L 207 80.51 -8.24 -34.86
N GLY L 208 80.11 -7.80 -33.67
CA GLY L 208 81.04 -7.65 -32.54
C GLY L 208 81.86 -6.37 -32.54
N ARG L 209 81.76 -5.58 -33.61
CA ARG L 209 82.46 -4.29 -33.71
C ARG L 209 81.97 -3.30 -32.67
N ILE L 210 80.65 -3.30 -32.42
CA ILE L 210 80.05 -2.50 -31.36
C ILE L 210 79.18 -3.40 -30.50
N VAL L 211 79.09 -3.06 -29.21
CA VAL L 211 78.20 -3.79 -28.32
C VAL L 211 76.81 -3.14 -28.29
N VAL L 212 75.81 -3.89 -28.74
CA VAL L 212 74.42 -3.43 -28.72
C VAL L 212 73.74 -3.91 -27.43
N MET L 213 73.39 -2.95 -26.57
CA MET L 213 72.62 -3.24 -25.37
C MET L 213 71.12 -3.02 -25.62
N PRO L 214 70.28 -4.01 -25.25
CA PRO L 214 68.85 -3.76 -25.11
C PRO L 214 68.55 -2.96 -23.85
N GLY L 215 67.50 -2.13 -23.88
CA GLY L 215 67.25 -1.19 -22.78
C GLY L 215 65.90 -1.12 -22.10
N GLY L 216 64.88 -0.71 -22.85
CA GLY L 216 63.57 -0.35 -22.29
C GLY L 216 62.75 -1.39 -21.53
N GLY L 217 62.51 -1.13 -20.25
CA GLY L 217 61.62 -1.93 -19.42
C GLY L 217 61.85 -3.43 -19.47
N ILE L 218 63.07 -3.84 -19.13
CA ILE L 218 63.42 -5.25 -19.05
C ILE L 218 63.23 -5.73 -17.62
N THR L 219 62.57 -6.88 -17.45
CA THR L 219 62.39 -7.49 -16.13
C THR L 219 62.60 -9.00 -16.20
N ASP L 220 62.69 -9.61 -15.02
CA ASP L 220 62.86 -11.05 -14.84
C ASP L 220 61.91 -11.84 -15.72
N ARG L 221 60.68 -11.36 -15.82
CA ARG L 221 59.65 -12.02 -16.62
C ARG L 221 60.04 -12.19 -18.08
N ASN L 222 60.88 -11.30 -18.61
CA ASN L 222 61.25 -11.38 -20.04
C ASN L 222 62.71 -11.09 -20.45
N LEU L 223 63.64 -11.26 -19.53
CA LEU L 223 65.07 -11.20 -19.85
C LEU L 223 65.46 -12.15 -20.98
N GLN L 224 64.93 -13.37 -20.88
CA GLN L 224 65.28 -14.49 -21.75
C GLN L 224 65.05 -14.18 -23.22
N ARG L 225 63.79 -13.93 -23.59
CA ARG L 225 63.41 -13.75 -24.99
C ARG L 225 64.22 -12.66 -25.68
N ILE L 226 64.63 -11.68 -24.89
CA ILE L 226 65.45 -10.59 -25.41
C ILE L 226 66.83 -11.14 -25.78
N LEU L 227 67.50 -11.73 -24.80
CA LEU L 227 68.80 -12.38 -25.01
C LEU L 227 68.72 -13.50 -26.04
N GLU L 228 67.74 -14.40 -25.86
CA GLU L 228 67.56 -15.54 -26.75
C GLU L 228 67.11 -15.12 -28.14
N GLY L 229 66.37 -14.01 -28.19
CA GLY L 229 65.91 -13.47 -29.46
C GLY L 229 67.01 -12.77 -30.23
N SER L 230 67.63 -11.77 -29.59
CA SER L 230 68.63 -10.92 -30.26
C SER L 230 70.06 -11.47 -30.23
N GLY L 231 70.45 -12.07 -29.11
CA GLY L 231 71.83 -12.52 -28.92
C GLY L 231 72.65 -11.41 -28.32
N ALA L 232 72.15 -10.83 -27.23
CA ALA L 232 72.76 -9.69 -26.59
C ALA L 232 73.85 -10.12 -25.61
N THR L 233 75.05 -9.59 -25.84
CA THR L 233 76.18 -9.86 -24.97
C THR L 233 76.06 -9.00 -23.71
N GLU L 234 75.49 -7.81 -23.87
CA GLU L 234 75.33 -6.87 -22.76
C GLU L 234 73.93 -6.24 -22.77
N PHE L 235 73.40 -5.95 -21.59
CA PHE L 235 72.06 -5.38 -21.49
C PHE L 235 71.87 -4.38 -20.33
N HIS L 236 70.97 -3.42 -20.54
CA HIS L 236 70.61 -2.42 -19.54
C HIS L 236 69.22 -2.64 -18.96
N CYS L 237 69.08 -2.33 -17.67
CA CYS L 237 67.81 -2.43 -16.97
C CYS L 237 67.88 -1.61 -15.68
N SER L 238 66.92 -1.83 -14.79
CA SER L 238 66.85 -1.15 -13.49
C SER L 238 65.77 -1.82 -12.65
N ALA L 239 66.17 -2.35 -11.50
CA ALA L 239 65.25 -3.11 -10.67
C ALA L 239 64.80 -2.30 -9.45
N ARG L 240 63.87 -1.38 -9.67
CA ARG L 240 63.35 -0.50 -8.62
C ARG L 240 62.05 -1.00 -8.01
N SER L 241 61.81 -0.62 -6.76
CA SER L 241 60.55 -0.89 -6.07
C SER L 241 60.25 0.22 -5.06
N THR L 242 59.00 0.69 -5.06
CA THR L 242 58.61 1.85 -4.26
C THR L 242 58.46 1.52 -2.77
N ARG L 243 59.33 2.10 -1.96
CA ARG L 243 59.22 1.96 -0.50
C ARG L 243 58.68 3.25 0.11
N ASP L 244 58.16 3.15 1.33
CA ASP L 244 57.63 4.33 2.05
C ASP L 244 58.75 5.24 2.52
N SER L 245 58.39 6.44 2.96
CA SER L 245 59.32 7.28 3.71
C SER L 245 59.21 6.84 5.16
N GLY L 246 60.17 7.25 5.99
CA GLY L 246 60.17 6.87 7.40
C GLY L 246 59.44 7.88 8.27
N MET L 247 58.94 8.94 7.65
CA MET L 247 58.40 10.08 8.39
C MET L 247 57.07 9.80 9.08
N LYS L 248 57.02 10.18 10.34
CA LYS L 248 55.83 9.97 11.18
C LYS L 248 54.79 11.07 10.95
N PHE L 249 55.21 12.33 11.04
CA PHE L 249 54.33 13.46 10.74
C PHE L 249 54.38 13.82 9.26
N ARG L 250 53.22 13.73 8.61
CA ARG L 250 53.08 14.02 7.19
C ARG L 250 52.13 15.19 6.97
N ASN L 251 52.33 15.91 5.87
CA ASN L 251 51.45 17.03 5.50
C ASN L 251 50.90 16.89 4.08
N SER L 252 51.80 16.76 3.11
CA SER L 252 51.46 16.45 1.70
C SER L 252 50.41 17.33 1.00
N SER L 253 49.77 18.22 1.77
CA SER L 253 48.87 19.22 1.20
C SER L 253 49.68 20.24 0.42
N VAL L 254 51.01 20.18 0.61
CA VAL L 254 51.96 21.01 -0.11
C VAL L 254 52.28 20.39 -1.48
N ALA L 255 53.05 19.31 -1.47
CA ALA L 255 53.46 18.59 -2.70
C ALA L 255 54.08 19.51 -3.77
N TYR L 265 57.50 11.13 -0.28
CA TYR L 265 57.12 9.87 0.37
C TYR L 265 57.34 8.65 -0.53
N SER L 266 57.13 8.82 -1.84
CA SER L 266 57.40 7.77 -2.82
C SER L 266 58.92 7.61 -2.98
N LEU L 267 59.34 6.40 -3.37
CA LEU L 267 60.77 6.12 -3.44
C LEU L 267 61.14 5.27 -4.66
N LYS L 268 62.38 5.39 -5.10
CA LYS L 268 62.84 4.73 -6.32
C LYS L 268 64.14 3.96 -6.13
N VAL L 269 64.45 3.60 -4.88
CA VAL L 269 65.64 2.78 -4.59
C VAL L 269 65.51 1.42 -5.27
N THR L 270 66.60 0.97 -5.89
CA THR L 270 66.63 -0.36 -6.49
C THR L 270 66.65 -1.46 -5.43
N ASP L 271 65.74 -2.41 -5.58
CA ASP L 271 65.53 -3.50 -4.63
C ASP L 271 66.69 -4.49 -4.69
N VAL L 272 67.21 -4.83 -3.51
CA VAL L 272 68.31 -5.80 -3.41
C VAL L 272 67.98 -7.14 -4.08
N THR L 273 66.80 -7.68 -3.75
CA THR L 273 66.33 -8.97 -4.25
C THR L 273 66.13 -8.97 -5.76
N LYS L 274 65.37 -7.99 -6.25
CA LYS L 274 65.00 -7.88 -7.67
C LYS L 274 66.21 -7.98 -8.60
N VAL L 275 67.31 -7.37 -8.17
CA VAL L 275 68.55 -7.36 -8.94
C VAL L 275 69.17 -8.76 -9.01
N ARG L 276 69.19 -9.46 -7.88
CA ARG L 276 69.71 -10.84 -7.82
C ARG L 276 69.06 -11.75 -8.86
N THR L 277 67.72 -11.66 -8.92
CA THR L 277 66.90 -12.48 -9.80
C THR L 277 67.33 -12.38 -11.26
N LEU L 278 67.83 -11.22 -11.64
CA LEU L 278 68.23 -10.96 -13.02
C LEU L 278 69.53 -11.68 -13.42
N ASN L 279 70.47 -11.82 -12.49
CA ASN L 279 71.70 -12.60 -12.74
C ASN L 279 71.39 -14.08 -12.74
N ALA L 280 70.43 -14.47 -11.90
CA ALA L 280 69.91 -15.84 -11.84
C ALA L 280 69.30 -16.26 -13.17
N ILE L 281 69.13 -15.28 -14.07
CA ILE L 281 68.58 -15.50 -15.39
C ILE L 281 69.63 -15.23 -16.47
N ALA L 282 70.57 -14.34 -16.18
CA ALA L 282 71.69 -14.04 -17.09
C ALA L 282 72.91 -14.92 -16.81
N LYS L 283 73.24 -15.78 -17.77
CA LYS L 283 74.34 -16.77 -17.69
C LYS L 283 74.01 -18.08 -16.97
N ASN L 284 72.72 -18.33 -16.72
CA ASN L 284 72.27 -19.61 -16.17
C ASN L 284 71.34 -20.30 -17.17
N ILE L 285 71.77 -21.44 -17.68
CA ILE L 285 71.08 -22.18 -18.75
C ILE L 285 70.68 -21.24 -19.90
N LEU L 286 71.69 -20.58 -20.48
CA LEU L 286 71.47 -19.65 -21.59
C LEU L 286 72.11 -20.11 -22.89
#